data_7U8M
#
_entry.id   7U8M
#
_cell.length_a   272.922
_cell.length_b   155.729
_cell.length_c   156.893
_cell.angle_alpha   90.000
_cell.angle_beta   94.630
_cell.angle_gamma   90.000
#
_symmetry.space_group_name_H-M   'C 1 2 1'
#
loop_
_entity.id
_entity.type
_entity.pdbx_description
1 polymer 'hemagglutinin HA1 subunit'
2 polymer 'hemagglutinin HA2 subunit'
3 polymer 'Antibody 31.a.83 Fab light chain'
4 polymer 'antibody 31.a.83 Fab heavy chain'
5 polymer 'antibody FluA-20 Fab heavy chain'
6 polymer 'antibody FluA-20 Fab light chain'
#
loop_
_entity_poly.entity_id
_entity_poly.type
_entity_poly.pdbx_seq_one_letter_code
_entity_poly.pdbx_strand_id
1 'polypeptide(L)'
;DPGATLCLGHHAVPNGTIVKTITNDRIEVTNATELVQNSSIGEICTKGKKAVDLGSCGILGTIIGPPQCDLHLEFKADLI
IERRNSSDICYPGRFTNEEALRQIIRESGGIDKESMGFRYSGIRTDGATSACKRTVSSFYSEMKWLSSSMNNQVFPQLNQ
TYRNTRKEPALIVWGVHHSSSLDEQNKLYGTGNKLITVGSSKYQQSFSPSPGARPKVNGQAGRIDFHWMLLDPGDTVTFT
FNGAFIAPDRATFLRSNAPSGIEYNGKSLGIQSDAQIDESCKSECFTPNGSIPNDKPFQNVNRITYGACPRYVKHSTLKL
ATGMRNVPEKQTR
;
A,C,G
2 'polypeptide(L)'
;GIFGAIAGFIENGWEGMVDGWYGFRHQNSEGRGQAADLKSTQAAIDQINGKLNRLIGKTNEKFHQIEKEFSEVEGRIQDL
EKYVEDTKIDLWSYNAELLVALENQHTIDLTDSEMNKLFEKTKKQLRENAEDMGNGCFKIYHKCDNACIGSIRNGTYDHN
VYRDEALNNRFQIKGV
;
B,D,I
3 'polypeptide(L)'
;EIVMTQSPVTLSVSPGETATLSCRASQSVRSNLAWYQQKPGQAPRLLIYGASTRATDIPARFSGSGSGTEFTLSISSLQS
DDFAVYYCQQYNHWLRTFGQGTKLEIKRTVAAPSVFIFPPSDEQLKSGTASVVCLLNNFYPREAKVQWKVDNALQSGNSQ
ESVTEQDSKDSTYSLSSTLTLSKADYEKHKVYACEVTHQGLSSPVTKSFNRGEC
;
L,E,J
4 'polypeptide(L)'
;EVQLLESGGGLVQPGESLRVSCAASGFTFRDSALSWVRQAPGKGLEWVSAISGNGGATYYADTVKGRFTISRDNSQTTLY
LQMNSLRADDTATYYCAKDESPPIYNLMPGYYSTYYYMDVWGKGTTVTVSSASTKGPSVFPLAPSSKSTSGGTAALGCLV
KDYFPEPVTVSWNSGALTSGVHTFPAVLQSSGLYSLSSVVTVPSSSLGTQTYICNVNHKPSNTKVDKRVEPKSC
;
H,F,K
5 'polypeptide(L)'
;QVQLEESGPGLVKPSETLSLTCSVSGVSVTSDIYYWTWIRQPPGKGLEWIGYIFYNGDTNYNPSLKSRVTMSIDTSKNEF
SLRLTSVTAADTAVYFCARGTEDLGYCSSGSCPNHWGQGTLVTVSSASTKGPSVFPLAPSSKSTSGGTAALGCLVKDYFP
EPVTVSWNSGALTSGVHTFPAVLQSSGLYSLSSVVTVPSSSLGTQTYICNVNHKPSNTKVDKRVEPKSC
;
N,Q,T
6 'polypeptide(L)'
;DIVMTQSPSSLSASIGDRVTITCRPSQNIRSFLNWFQHKPGKAPKLLIYAASNLQSGVPSRFSGSGSGTEFTLTIRSLQP
EDFATYYCQQSYNTPPTFGQGTKVEIKRTVAAPSVFIFPPSDEQLKSGTASVVCLLNNFYPREAKVQWKVDNALQSGNSQ
ESVTEQDSKDSTYSLSSTLTLSKADYEKHKVYACEVTHQGLSSPVTKSFNRGEC
;
O,R,U
#
# COMPACT_ATOMS: atom_id res chain seq x y z
N ALA A 4 -41.14 7.89 -47.82
CA ALA A 4 -40.55 8.87 -46.91
C ALA A 4 -39.23 8.32 -46.40
N THR A 5 -38.45 9.19 -45.76
CA THR A 5 -37.17 8.78 -45.20
C THR A 5 -37.13 9.18 -43.73
N LEU A 6 -36.69 8.26 -42.87
CA LEU A 6 -36.51 8.56 -41.45
C LEU A 6 -35.11 8.17 -41.03
N CYS A 7 -34.34 9.16 -40.58
CA CYS A 7 -32.94 8.93 -40.22
C CYS A 7 -32.74 9.03 -38.72
N LEU A 8 -31.99 8.10 -38.17
CA LEU A 8 -31.64 8.10 -36.75
C LEU A 8 -30.25 8.73 -36.60
N GLY A 9 -30.03 9.46 -35.53
CA GLY A 9 -28.75 10.13 -35.37
C GLY A 9 -28.43 10.55 -33.96
N HIS A 10 -27.30 11.20 -33.80
CA HIS A 10 -26.89 11.66 -32.49
C HIS A 10 -26.26 13.03 -32.66
N HIS A 11 -26.08 13.76 -31.56
CA HIS A 11 -25.53 15.10 -31.65
C HIS A 11 -24.02 15.10 -31.80
N ALA A 12 -23.48 16.27 -32.11
CA ALA A 12 -22.04 16.49 -32.13
C ALA A 12 -21.80 17.95 -31.74
N VAL A 13 -20.56 18.27 -31.37
CA VAL A 13 -20.21 19.65 -31.03
C VAL A 13 -18.98 20.07 -31.82
N PRO A 14 -18.81 21.39 -32.02
CA PRO A 14 -17.60 21.92 -32.67
C PRO A 14 -16.39 21.90 -31.74
N ASN A 15 -16.62 22.05 -30.43
CA ASN A 15 -15.51 22.07 -29.48
C ASN A 15 -15.38 20.79 -28.65
N GLY A 16 -14.86 19.73 -29.25
CA GLY A 16 -14.71 18.46 -28.56
C GLY A 16 -13.52 18.41 -27.62
N THR A 17 -13.46 17.38 -26.78
CA THR A 17 -12.38 17.23 -25.80
C THR A 17 -11.74 15.86 -25.97
N ILE A 18 -10.41 15.81 -25.88
CA ILE A 18 -9.67 14.56 -26.05
C ILE A 18 -9.59 13.81 -24.73
N VAL A 19 -9.95 12.53 -24.73
CA VAL A 19 -9.79 11.71 -23.53
C VAL A 19 -9.02 10.42 -23.84
N LYS A 20 -8.57 9.74 -22.79
CA LYS A 20 -7.89 8.45 -22.93
C LYS A 20 -8.85 7.30 -22.64
N THR A 21 -8.72 6.21 -23.39
CA THR A 21 -9.50 5.00 -23.12
C THR A 21 -8.55 3.80 -23.03
N ILE A 22 -9.12 2.62 -22.81
CA ILE A 22 -8.36 1.38 -22.75
C ILE A 22 -7.63 1.07 -24.07
N THR A 23 -8.28 1.38 -25.19
CA THR A 23 -7.75 1.00 -26.49
C THR A 23 -7.18 2.16 -27.30
N ASN A 24 -7.31 3.38 -26.77
CA ASN A 24 -6.90 4.55 -27.54
C ASN A 24 -6.43 5.72 -26.67
N ASP A 25 -5.23 6.20 -26.97
CA ASP A 25 -4.59 7.27 -26.21
C ASP A 25 -5.32 8.60 -26.37
N ARG A 26 -5.93 8.78 -27.54
CA ARG A 26 -6.50 10.08 -27.91
C ARG A 26 -7.81 9.91 -28.66
N ILE A 27 -8.93 10.06 -27.96
CA ILE A 27 -10.22 9.98 -28.62
C ILE A 27 -11.09 11.16 -28.20
N GLU A 28 -11.77 11.78 -29.16
CA GLU A 28 -12.55 12.99 -28.91
C GLU A 28 -13.98 12.68 -28.47
N VAL A 29 -14.40 13.25 -27.34
CA VAL A 29 -15.78 13.10 -26.89
C VAL A 29 -16.44 14.48 -26.85
N THR A 30 -17.76 14.52 -26.73
CA THR A 30 -18.48 15.80 -26.77
C THR A 30 -18.23 16.66 -25.54
N ASN A 31 -17.88 16.03 -24.43
CA ASN A 31 -17.72 16.75 -23.16
C ASN A 31 -16.94 15.87 -22.20
N ALA A 32 -16.17 16.51 -21.31
CA ALA A 32 -15.43 15.78 -20.29
C ALA A 32 -15.30 16.66 -19.05
N THR A 33 -14.96 16.04 -17.92
CA THR A 33 -14.67 16.81 -16.71
C THR A 33 -13.32 16.42 -16.13
N GLU A 34 -12.66 17.38 -15.49
CA GLU A 34 -11.33 17.18 -14.92
C GLU A 34 -11.42 16.49 -13.56
N LEU A 35 -10.61 15.45 -13.35
CA LEU A 35 -10.65 14.74 -12.08
C LEU A 35 -9.49 15.09 -11.14
N VAL A 36 -8.51 15.84 -11.64
CA VAL A 36 -7.38 16.23 -10.80
C VAL A 36 -7.41 17.72 -10.45
N GLN A 37 -7.53 18.03 -9.16
CA GLN A 37 -7.45 19.40 -8.68
C GLN A 37 -5.99 19.85 -8.73
N ASN A 38 -5.70 20.91 -9.48
CA ASN A 38 -4.31 21.31 -9.68
C ASN A 38 -3.95 22.68 -9.10
N SER A 39 -4.91 23.36 -8.49
CA SER A 39 -4.67 24.71 -8.00
C SER A 39 -5.21 24.94 -6.60
N SER A 40 -4.58 25.88 -5.90
CA SER A 40 -5.04 26.37 -4.61
C SER A 40 -5.25 27.88 -4.71
N ILE A 41 -6.13 28.44 -3.88
CA ILE A 41 -6.34 29.88 -3.85
C ILE A 41 -5.25 30.60 -3.05
N GLY A 42 -4.34 29.83 -2.47
CA GLY A 42 -3.15 30.39 -1.84
C GLY A 42 -3.32 30.75 -0.38
N GLU A 43 -4.54 30.59 0.13
CA GLU A 43 -4.84 30.90 1.53
C GLU A 43 -5.28 29.63 2.27
N ILE A 44 -4.88 29.52 3.54
CA ILE A 44 -5.46 28.50 4.42
C ILE A 44 -6.71 29.08 5.06
N CYS A 45 -7.88 28.55 4.68
CA CYS A 45 -9.14 29.03 5.25
C CYS A 45 -9.22 28.71 6.74
N LYS A 47 -10.39 32.49 5.77
CA LYS A 47 -11.64 32.83 6.43
C LYS A 47 -11.86 31.89 7.59
N GLY A 48 -12.26 32.43 8.73
CA GLY A 48 -12.56 31.63 9.90
C GLY A 48 -11.36 30.97 10.55
N LYS A 49 -10.20 31.39 10.10
CA LYS A 49 -8.96 30.86 10.60
C LYS A 49 -8.19 32.06 11.06
N LYS A 50 -7.27 31.85 12.01
CA LYS A 50 -6.41 32.91 12.50
C LYS A 50 -5.06 32.84 11.86
N ALA A 51 -4.77 33.76 10.97
CA ALA A 51 -3.57 33.64 10.14
C ALA A 51 -2.57 34.78 10.31
N VAL A 52 -1.28 34.47 10.22
CA VAL A 52 -0.23 35.51 10.24
C VAL A 52 0.72 35.42 9.04
N ASP A 53 0.92 36.54 8.39
CA ASP A 53 1.83 36.63 7.27
C ASP A 53 3.11 37.26 7.78
N LEU A 54 4.14 36.44 7.88
CA LEU A 54 5.43 36.90 8.39
C LEU A 54 6.03 37.90 7.41
N GLY A 55 5.79 37.70 6.12
CA GLY A 55 6.31 38.61 5.12
C GLY A 55 7.81 38.58 5.13
N SER A 56 8.42 39.76 5.32
CA SER A 56 9.88 39.92 5.31
C SER A 56 10.53 39.11 6.39
N CYS A 57 9.79 38.86 7.46
CA CYS A 57 10.25 38.02 8.55
C CYS A 57 10.56 36.61 8.13
N GLY A 58 11.76 36.15 8.45
CA GLY A 58 12.06 34.73 8.33
C GLY A 58 11.34 34.11 9.50
N ILE A 59 11.03 32.83 9.44
CA ILE A 59 10.29 32.23 10.56
C ILE A 59 11.09 32.05 11.86
N LEU A 60 12.35 31.59 11.74
CA LEU A 60 13.23 31.33 12.89
C LEU A 60 13.55 32.61 13.63
N GLY A 61 13.48 33.70 12.88
CA GLY A 61 13.68 35.04 13.39
C GLY A 61 12.65 35.41 14.44
N THR A 62 11.48 34.79 14.41
CA THR A 62 10.48 35.06 15.44
C THR A 62 11.02 34.73 16.82
N ILE A 63 11.88 33.71 16.89
CA ILE A 63 12.44 33.29 18.16
C ILE A 63 13.39 34.31 18.78
N ILE A 64 14.29 34.87 17.96
CA ILE A 64 15.37 35.74 18.45
C ILE A 64 15.28 37.22 18.09
N GLY A 65 14.25 37.65 17.37
CA GLY A 65 14.04 39.08 17.18
C GLY A 65 14.87 40.10 16.42
N PRO A 66 15.16 39.84 15.14
CA PRO A 66 15.78 40.86 14.28
C PRO A 66 14.82 42.05 14.17
N PRO A 67 15.20 43.18 13.56
CA PRO A 67 14.21 44.26 13.50
C PRO A 67 12.95 43.85 12.68
N GLN A 68 13.15 43.04 11.64
CA GLN A 68 12.10 42.49 10.77
C GLN A 68 10.92 41.83 11.47
N CYS A 69 11.30 41.01 12.44
CA CYS A 69 10.40 40.18 13.19
C CYS A 69 9.88 40.91 14.38
N ASP A 70 9.90 42.24 14.35
CA ASP A 70 9.50 42.95 15.55
C ASP A 70 8.02 42.75 15.86
N LEU A 71 7.19 42.73 14.82
CA LEU A 71 5.76 42.57 15.06
C LEU A 71 5.43 41.21 15.64
N HIS A 72 6.13 40.17 15.16
CA HIS A 72 5.76 38.78 15.37
C HIS A 72 6.50 38.07 16.52
N LEU A 73 6.96 38.79 17.53
CA LEU A 73 7.67 38.10 18.61
C LEU A 73 6.81 37.16 19.44
N GLU A 74 5.55 37.53 19.66
CA GLU A 74 4.68 36.73 20.51
C GLU A 74 3.39 36.33 19.78
N PHE A 75 3.51 36.10 18.47
CA PHE A 75 2.34 35.86 17.61
C PHE A 75 1.49 34.63 17.97
N LYS A 76 0.19 34.77 17.79
CA LYS A 76 -0.72 33.65 17.96
C LYS A 76 -1.41 33.28 16.63
N ALA A 77 -1.14 32.08 16.12
CA ALA A 77 -1.65 31.74 14.79
C ALA A 77 -2.13 30.28 14.61
N ASP A 78 -3.28 30.13 13.95
CA ASP A 78 -3.73 28.84 13.40
C ASP A 78 -3.02 28.47 12.08
N LEU A 79 -2.87 29.45 11.20
CA LEU A 79 -2.13 29.27 9.96
C LEU A 79 -0.97 30.28 9.83
N ILE A 80 0.24 29.77 9.57
CA ILE A 80 1.44 30.58 9.48
C ILE A 80 2.03 30.56 8.07
N ILE A 81 2.19 31.73 7.48
CA ILE A 81 2.69 31.82 6.11
C ILE A 81 4.13 32.38 6.00
N GLU A 82 5.06 31.55 5.58
CA GLU A 82 6.42 31.99 5.32
C GLU A 82 6.41 32.65 3.97
N ARG A 83 7.43 33.46 3.68
CA ARG A 83 7.53 34.15 2.40
C ARG A 83 8.92 34.00 1.86
N ARG A 84 9.13 34.22 0.56
CA ARG A 84 10.37 33.86 -0.08
C ARG A 84 11.66 34.68 0.23
N ASN A 85 11.60 36.01 0.25
CA ASN A 85 12.88 36.74 0.42
C ASN A 85 13.19 36.97 1.89
N SER A 86 12.37 36.38 2.76
CA SER A 86 12.51 36.57 4.19
C SER A 86 13.86 36.12 4.76
N SER A 87 14.40 36.92 5.69
CA SER A 87 15.70 36.63 6.28
C SER A 87 15.55 36.34 7.76
N ASP A 88 15.98 35.17 8.19
CA ASP A 88 15.81 34.78 9.58
C ASP A 88 16.72 35.64 10.50
N ILE A 89 17.82 36.16 9.94
CA ILE A 89 18.90 36.86 10.67
C ILE A 89 19.21 38.30 10.22
N CYS A 90 19.50 39.20 11.18
CA CYS A 90 20.11 40.52 10.88
C CYS A 90 21.65 40.54 10.81
N TYR A 91 22.29 39.83 11.73
CA TYR A 91 23.75 39.74 11.71
C TYR A 91 24.08 38.33 11.26
N PRO A 92 24.92 38.22 10.20
CA PRO A 92 25.09 36.96 9.48
C PRO A 92 25.47 35.81 10.38
N GLY A 93 24.69 34.75 10.25
CA GLY A 93 24.88 33.53 11.00
C GLY A 93 23.88 32.49 10.50
N ARG A 94 24.01 31.26 10.96
CA ARG A 94 22.95 30.29 10.73
C ARG A 94 22.67 29.37 11.92
N PHE A 95 21.39 28.99 12.04
CA PHE A 95 20.92 28.06 13.06
C PHE A 95 21.43 26.65 12.82
N THR A 96 21.85 26.00 13.90
CA THR A 96 22.17 24.59 13.82
C THR A 96 20.83 23.84 13.82
N ASN A 97 20.72 22.79 12.99
CA ASN A 97 19.45 22.06 12.84
C ASN A 97 18.29 22.97 12.36
N GLU A 98 18.56 23.82 11.36
CA GLU A 98 17.64 24.90 11.04
C GLU A 98 16.29 24.41 10.56
N GLU A 99 16.30 23.50 9.56
CA GLU A 99 15.05 22.99 8.95
C GLU A 99 14.18 22.26 9.96
N ALA A 100 14.83 21.55 10.88
CA ALA A 100 14.19 20.89 11.98
C ALA A 100 13.58 21.87 12.97
N LEU A 101 14.24 23.01 13.16
CA LEU A 101 13.74 23.99 14.12
C LEU A 101 12.44 24.65 13.64
N ARG A 102 12.37 24.98 12.35
CA ARG A 102 11.21 25.67 11.79
C ARG A 102 9.94 24.79 11.91
N GLN A 103 10.08 23.51 11.57
CA GLN A 103 8.98 22.58 11.57
C GLN A 103 8.36 22.56 12.95
N ILE A 104 9.16 22.78 13.97
CA ILE A 104 8.61 22.92 15.31
C ILE A 104 7.71 24.14 15.40
N ILE A 105 8.19 25.25 14.88
CA ILE A 105 7.51 26.54 14.98
C ILE A 105 6.25 26.60 14.15
N ARG A 106 6.29 25.99 12.98
CA ARG A 106 5.14 26.04 12.09
C ARG A 106 3.94 25.44 12.78
N GLU A 107 4.14 24.34 13.48
CA GLU A 107 3.03 23.64 14.12
C GLU A 107 2.80 24.08 15.55
N SER A 108 3.52 25.10 15.99
CA SER A 108 3.46 25.56 17.37
C SER A 108 2.09 26.06 17.81
N GLY A 109 1.44 26.81 16.94
CA GLY A 109 0.26 27.55 17.33
C GLY A 109 0.59 29.01 17.51
N GLY A 110 1.88 29.29 17.46
CA GLY A 110 2.38 30.59 17.82
C GLY A 110 3.29 30.43 19.01
N ILE A 111 3.80 31.52 19.56
CA ILE A 111 4.73 31.41 20.66
C ILE A 111 4.55 32.48 21.72
N ASP A 112 4.73 32.08 22.97
CA ASP A 112 4.65 33.01 24.08
C ASP A 112 6.06 33.22 24.62
N LYS A 113 6.39 34.45 25.00
CA LYS A 113 7.72 34.69 25.57
C LYS A 113 7.66 35.16 27.01
N GLU A 114 8.64 34.70 27.79
CA GLU A 114 8.82 35.10 29.17
C GLU A 114 10.32 35.23 29.41
N SER A 115 10.71 36.14 30.29
CA SER A 115 12.12 36.39 30.55
C SER A 115 12.79 35.25 31.33
N MET A 116 14.00 34.86 30.91
CA MET A 116 14.81 33.84 31.60
C MET A 116 15.45 34.35 32.91
N GLY A 117 15.36 35.67 33.13
CA GLY A 117 15.74 36.28 34.39
C GLY A 117 17.21 36.56 34.60
N PHE A 118 18.01 36.37 33.55
CA PHE A 118 19.46 36.56 33.65
C PHE A 118 19.78 38.02 34.00
N ARG A 119 20.82 38.20 34.81
CA ARG A 119 21.35 39.50 35.12
C ARG A 119 22.86 39.43 35.07
N TYR A 120 23.50 40.57 34.82
CA TYR A 120 24.95 40.65 34.61
C TYR A 120 25.62 41.71 35.51
N SER A 121 26.87 41.45 35.91
CA SER A 121 27.64 42.35 36.79
C SER A 121 28.64 43.39 36.18
N GLY A 122 29.63 42.90 35.44
CA GLY A 122 30.73 43.75 34.98
C GLY A 122 30.98 43.89 33.49
N ILE A 123 29.96 43.55 32.70
CA ILE A 123 30.10 43.36 31.26
C ILE A 123 29.27 44.39 30.47
N ARG A 124 29.69 44.71 29.25
CA ARG A 124 28.80 45.37 28.28
C ARG A 124 27.73 44.35 27.82
N THR A 125 26.45 44.64 27.95
CA THR A 125 25.43 43.70 27.50
C THR A 125 24.65 44.29 26.34
N ASP A 126 24.99 45.51 26.01
CA ASP A 126 24.21 46.37 25.13
C ASP A 126 24.76 46.37 23.71
N GLY A 127 25.47 45.30 23.37
CA GLY A 127 26.17 45.23 22.11
C GLY A 127 25.26 45.50 20.94
N ALA A 128 25.73 46.33 20.02
CA ALA A 128 24.92 46.86 18.94
C ALA A 128 25.70 46.65 17.68
N THR A 129 25.01 46.64 16.56
CA THR A 129 25.68 46.41 15.30
C THR A 129 25.04 47.24 14.20
N SER A 130 25.81 47.52 13.15
CA SER A 130 25.31 48.18 11.96
C SER A 130 24.22 47.32 11.31
N ALA A 131 24.39 46.01 11.45
CA ALA A 131 23.51 44.99 10.87
C ALA A 131 22.05 45.04 11.37
N CYS A 132 21.86 45.22 12.67
CA CYS A 132 20.51 45.37 13.22
C CYS A 132 20.06 46.82 13.39
N LYS A 133 19.99 47.62 12.31
CA LYS A 133 19.60 49.02 12.51
C LYS A 133 18.10 49.03 12.85
N ARG A 134 17.65 50.07 13.53
CA ARG A 134 16.38 50.07 14.20
C ARG A 134 16.23 51.40 14.88
N THR A 135 16.12 52.46 14.09
CA THR A 135 16.28 53.88 14.51
C THR A 135 17.80 54.14 14.62
N VAL A 136 18.48 53.46 15.55
CA VAL A 136 19.95 53.47 15.73
C VAL A 136 20.46 52.04 15.80
N SER A 137 21.73 51.80 15.51
CA SER A 137 22.26 50.44 15.55
C SER A 137 21.84 49.68 16.82
N SER A 138 21.59 48.40 16.64
CA SER A 138 20.87 47.57 17.61
C SER A 138 21.28 46.11 17.47
N PHE A 139 20.60 45.27 18.22
CA PHE A 139 20.85 43.84 18.19
C PHE A 139 19.51 43.08 18.15
N TYR A 140 19.58 41.76 18.02
CA TYR A 140 18.46 40.86 18.33
C TYR A 140 17.67 41.27 19.57
N SER A 141 16.37 41.33 19.40
CA SER A 141 15.45 41.84 20.39
C SER A 141 15.47 40.96 21.63
N GLU A 142 15.60 39.65 21.41
CA GLU A 142 15.49 38.63 22.46
C GLU A 142 16.79 38.14 23.08
N MET A 143 17.91 38.75 22.71
CA MET A 143 19.23 38.34 23.21
C MET A 143 20.05 39.54 23.69
N LYS A 144 21.11 39.26 24.44
CA LYS A 144 22.05 40.29 24.85
C LYS A 144 23.43 39.97 24.26
N TRP A 145 24.13 40.98 23.73
CA TRP A 145 25.49 40.76 23.25
C TRP A 145 26.49 41.16 24.32
N LEU A 146 27.34 40.21 24.75
CA LEU A 146 28.19 40.43 25.92
C LEU A 146 29.65 40.74 25.55
N SER A 147 30.14 41.87 26.07
CA SER A 147 31.45 42.44 25.72
C SER A 147 32.25 42.80 26.97
N SER A 148 33.55 42.96 26.82
CA SER A 148 34.43 43.12 27.98
C SER A 148 34.26 44.35 28.89
N SER A 149 33.54 45.38 28.43
CA SER A 149 33.36 46.69 29.13
C SER A 149 34.57 47.61 29.11
N MET A 150 35.65 47.13 28.55
CA MET A 150 36.84 47.93 28.30
C MET A 150 37.58 47.17 27.22
N ASN A 151 37.88 47.81 26.11
CA ASN A 151 38.52 47.12 25.00
C ASN A 151 39.83 46.40 25.36
N ASN A 152 39.89 45.16 24.90
CA ASN A 152 41.01 44.24 25.08
C ASN A 152 41.16 43.70 26.47
N GLN A 153 40.12 43.85 27.28
CA GLN A 153 40.11 43.35 28.65
C GLN A 153 39.63 41.90 28.71
N VAL A 154 40.43 41.02 29.32
CA VAL A 154 40.13 39.59 29.29
C VAL A 154 38.78 39.36 30.00
N PHE A 155 37.91 38.61 29.31
CA PHE A 155 36.54 38.36 29.74
C PHE A 155 36.45 37.29 30.83
N PRO A 156 35.58 37.53 31.84
CA PRO A 156 35.24 36.72 33.02
C PRO A 156 34.69 35.33 32.77
N GLN A 157 35.20 34.35 33.50
CA GLN A 157 34.58 33.01 33.51
C GLN A 157 33.27 33.08 34.26
N LEU A 158 32.16 32.96 33.54
CA LEU A 158 30.84 33.08 34.16
C LEU A 158 29.98 31.86 33.98
N ASN A 159 29.03 31.71 34.90
CA ASN A 159 28.08 30.61 34.86
C ASN A 159 26.64 31.09 35.05
N GLN A 160 25.73 30.51 34.28
CA GLN A 160 24.31 30.77 34.43
C GLN A 160 23.54 29.49 34.44
N THR A 161 22.57 29.40 35.33
CA THR A 161 21.61 28.32 35.33
C THR A 161 20.22 28.90 35.22
N TYR A 162 19.45 28.37 34.29
CA TYR A 162 18.04 28.68 34.18
C TYR A 162 17.28 27.38 34.19
N ARG A 163 16.19 27.35 34.95
CA ARG A 163 15.41 26.13 35.11
C ARG A 163 13.97 26.27 34.62
N ASN A 164 13.49 25.26 33.89
CA ASN A 164 12.19 25.32 33.22
C ASN A 164 11.04 25.09 34.19
N THR A 165 10.57 26.20 34.77
CA THR A 165 9.46 26.20 35.72
C THR A 165 8.13 25.68 35.11
N ARG A 166 7.81 26.18 33.93
CA ARG A 166 6.55 25.84 33.23
C ARG A 166 6.39 24.36 32.79
N LYS A 167 5.14 23.92 32.70
CA LYS A 167 4.77 22.58 32.25
C LYS A 167 5.15 22.26 30.80
N GLU A 168 5.00 23.26 29.92
CA GLU A 168 5.41 23.11 28.55
C GLU A 168 6.93 23.11 28.45
N PRO A 169 7.49 22.25 27.59
CA PRO A 169 8.94 22.34 27.40
C PRO A 169 9.32 23.69 26.78
N ALA A 170 10.29 24.38 27.39
CA ALA A 170 10.77 25.67 26.88
C ALA A 170 11.67 25.55 25.66
N LEU A 171 11.70 26.61 24.86
CA LEU A 171 12.64 26.67 23.75
C LEU A 171 13.70 27.71 24.12
N ILE A 172 14.95 27.28 24.08
CA ILE A 172 16.09 28.09 24.49
C ILE A 172 17.07 28.28 23.33
N VAL A 173 17.42 29.52 23.00
CA VAL A 173 18.41 29.73 21.94
C VAL A 173 19.61 30.57 22.39
N TRP A 174 20.80 30.18 21.96
CA TRP A 174 22.03 30.85 22.36
C TRP A 174 22.98 31.04 21.20
N GLY A 175 23.93 31.94 21.37
CA GLY A 175 24.82 32.24 20.28
C GLY A 175 26.29 32.08 20.57
N VAL A 176 27.02 31.74 19.52
CA VAL A 176 28.47 31.71 19.52
C VAL A 176 28.94 32.74 18.51
N HIS A 177 29.84 33.64 18.89
CA HIS A 177 30.25 34.68 17.97
C HIS A 177 31.64 34.40 17.40
N HIS A 178 31.74 34.36 16.08
CA HIS A 178 33.00 34.19 15.41
C HIS A 178 33.38 35.57 14.89
N SER A 179 34.42 36.15 15.49
CA SER A 179 34.78 37.54 15.26
C SER A 179 35.44 37.73 13.92
N SER A 180 35.31 38.95 13.40
CA SER A 180 35.73 39.27 12.04
C SER A 180 37.18 38.96 11.80
N SER A 181 38.00 39.26 12.80
CA SER A 181 39.45 39.09 12.79
C SER A 181 39.90 38.43 14.08
N LEU A 182 41.13 37.94 14.09
CA LEU A 182 41.69 37.45 15.35
C LEU A 182 41.82 38.65 16.31
N ASP A 183 42.12 39.83 15.77
CA ASP A 183 42.09 41.08 16.53
C ASP A 183 40.75 41.38 17.20
N GLU A 184 39.68 41.35 16.41
CA GLU A 184 38.37 41.73 16.92
C GLU A 184 37.92 40.86 18.08
N GLN A 185 38.32 39.60 18.06
CA GLN A 185 37.96 38.74 19.16
C GLN A 185 38.64 39.30 20.40
N ASN A 186 39.91 39.69 20.23
CA ASN A 186 40.73 40.21 21.30
C ASN A 186 40.18 41.49 21.87
N LYS A 187 39.80 42.39 20.97
CA LYS A 187 39.25 43.69 21.34
C LYS A 187 37.96 43.51 22.12
N LEU A 188 37.11 42.62 21.62
CA LEU A 188 35.83 42.28 22.24
C LEU A 188 35.92 41.44 23.50
N TYR A 189 36.61 40.30 23.44
CA TYR A 189 36.52 39.36 24.55
C TYR A 189 37.85 39.17 25.31
N GLY A 190 38.83 40.00 25.02
CA GLY A 190 40.12 39.80 25.63
C GLY A 190 40.88 38.72 24.88
N THR A 191 41.89 38.14 25.53
CA THR A 191 42.84 37.31 24.83
C THR A 191 42.99 35.95 25.50
N GLY A 192 43.52 34.96 24.77
CA GLY A 192 43.65 33.62 25.32
C GLY A 192 42.51 32.68 24.91
N ASN A 193 42.50 31.49 25.51
CA ASN A 193 41.53 30.47 25.12
C ASN A 193 40.11 30.86 25.40
N LYS A 194 39.23 30.62 24.43
CA LYS A 194 37.79 30.87 24.59
C LYS A 194 36.97 29.57 24.47
N LEU A 195 36.24 29.26 25.55
CA LEU A 195 35.39 28.06 25.62
C LEU A 195 33.95 28.37 26.07
N ILE A 196 32.96 27.83 25.35
CA ILE A 196 31.57 27.90 25.81
C ILE A 196 30.96 26.52 25.96
N THR A 197 30.39 26.24 27.12
CA THR A 197 29.72 24.96 27.34
C THR A 197 28.26 25.11 27.79
N VAL A 198 27.38 24.35 27.13
CA VAL A 198 25.95 24.35 27.44
C VAL A 198 25.51 23.00 27.98
N GLY A 199 24.91 23.03 29.17
CA GLY A 199 24.51 21.84 29.88
C GLY A 199 23.05 21.77 30.28
N SER A 200 22.43 20.66 29.90
CA SER A 200 21.06 20.34 30.24
C SER A 200 21.08 18.88 30.63
N SER A 201 20.02 18.43 31.28
CA SER A 201 19.92 17.02 31.70
C SER A 201 19.95 16.03 30.54
N LYS A 202 19.44 16.43 29.38
CA LYS A 202 19.61 15.63 28.16
C LYS A 202 20.69 16.19 27.22
N TYR A 203 21.13 17.43 27.45
CA TYR A 203 21.99 18.14 26.50
C TYR A 203 23.30 18.59 27.15
N GLN A 204 24.42 18.31 26.50
CA GLN A 204 25.67 19.03 26.79
C GLN A 204 26.57 19.14 25.58
N GLN A 205 27.12 20.33 25.35
CA GLN A 205 28.10 20.51 24.29
C GLN A 205 28.96 21.74 24.57
N SER A 206 30.13 21.76 23.96
CA SER A 206 31.11 22.83 24.14
C SER A 206 31.45 23.51 22.80
N PHE A 207 31.45 24.83 22.80
CA PHE A 207 31.68 25.59 21.59
C PHE A 207 32.85 26.54 21.75
N SER A 208 33.63 26.66 20.69
CA SER A 208 34.70 27.64 20.69
C SER A 208 34.69 28.48 19.42
N PRO A 209 34.99 29.78 19.54
CA PRO A 209 34.99 30.57 18.33
C PRO A 209 36.10 30.12 17.44
N SER A 210 35.88 30.13 16.14
CA SER A 210 36.96 29.97 15.19
C SER A 210 37.05 31.24 14.33
N PRO A 211 37.68 32.29 14.87
CA PRO A 211 37.67 33.65 14.35
C PRO A 211 38.39 33.75 13.03
N GLY A 212 37.79 34.43 12.06
CA GLY A 212 38.43 34.66 10.77
C GLY A 212 37.57 35.58 9.94
N ALA A 213 38.09 36.12 8.85
CA ALA A 213 37.24 36.78 7.86
C ALA A 213 36.37 35.78 7.07
N ARG A 214 35.15 36.19 6.72
CA ARG A 214 34.26 35.40 5.89
C ARG A 214 33.62 36.42 4.96
N PRO A 215 33.04 35.98 3.83
CA PRO A 215 32.54 36.96 2.84
C PRO A 215 31.55 37.96 3.43
N LYS A 216 31.63 39.20 2.98
CA LYS A 216 30.96 40.25 3.70
C LYS A 216 29.45 40.26 3.36
N VAL A 217 28.64 39.87 4.33
CA VAL A 217 27.19 39.91 4.21
C VAL A 217 26.59 40.81 5.27
N ASN A 218 25.79 41.77 4.82
CA ASN A 218 25.15 42.74 5.70
C ASN A 218 26.23 43.68 6.22
N GLY A 219 27.38 43.66 5.56
CA GLY A 219 28.51 44.46 5.96
C GLY A 219 29.37 43.84 7.04
N GLN A 220 29.09 42.59 7.39
CA GLN A 220 29.86 41.92 8.43
C GLN A 220 30.59 40.67 7.97
N ALA A 221 31.91 40.66 8.14
CA ALA A 221 32.75 39.47 7.99
C ALA A 221 32.53 38.44 9.11
N GLY A 222 32.18 38.93 10.31
CA GLY A 222 31.91 38.09 11.46
C GLY A 222 30.58 37.33 11.36
N ARG A 223 30.47 36.23 12.10
CA ARG A 223 29.25 35.43 12.11
C ARG A 223 28.76 35.10 13.52
N ILE A 224 27.46 34.97 13.70
CA ILE A 224 26.89 34.44 14.95
C ILE A 224 26.09 33.19 14.68
N ASP A 225 26.37 32.11 15.40
CA ASP A 225 25.69 30.86 15.15
C ASP A 225 24.78 30.53 16.33
N PHE A 226 23.56 30.12 15.99
CA PHE A 226 22.55 29.89 17.02
C PHE A 226 22.32 28.42 17.19
N HIS A 227 22.30 28.03 18.44
CA HIS A 227 22.05 26.65 18.79
C HIS A 227 20.89 26.66 19.75
N TRP A 228 20.01 25.68 19.61
CA TRP A 228 18.80 25.71 20.39
C TRP A 228 18.59 24.37 21.05
N MET A 229 17.77 24.38 22.09
CA MET A 229 17.42 23.14 22.73
C MET A 229 15.97 23.18 23.21
N LEU A 230 15.41 22.00 23.44
CA LEU A 230 14.13 21.90 24.14
C LEU A 230 14.36 21.47 25.59
N LEU A 231 13.80 22.22 26.51
CA LEU A 231 14.04 21.96 27.92
C LEU A 231 12.79 21.41 28.60
N ASP A 232 12.88 20.19 29.14
CA ASP A 232 11.75 19.58 29.83
C ASP A 232 11.42 20.41 31.06
N PRO A 233 10.19 20.28 31.58
CA PRO A 233 9.87 21.03 32.80
C PRO A 233 10.82 20.62 33.93
N GLY A 234 11.16 21.53 34.83
CA GLY A 234 11.96 21.18 36.00
C GLY A 234 13.42 20.87 35.69
N ASP A 235 13.86 21.23 34.49
CA ASP A 235 15.23 20.99 34.03
C ASP A 235 16.09 22.27 33.95
N THR A 236 17.36 22.17 34.34
CA THR A 236 18.22 23.33 34.29
C THR A 236 19.11 23.26 33.07
N VAL A 237 19.17 24.39 32.38
CA VAL A 237 20.17 24.58 31.36
C VAL A 237 21.25 25.41 32.07
N THR A 238 22.49 24.96 32.00
CA THR A 238 23.57 25.72 32.62
C THR A 238 24.48 26.33 31.55
N PHE A 239 24.66 27.64 31.64
CA PHE A 239 25.46 28.33 30.66
C PHE A 239 26.78 28.70 31.32
N THR A 240 27.88 28.25 30.72
CA THR A 240 29.21 28.58 31.22
C THR A 240 30.10 29.01 30.06
N PHE A 241 30.72 30.16 30.21
CA PHE A 241 31.45 30.79 29.12
C PHE A 241 32.50 31.84 29.59
N ASN A 242 33.66 31.87 28.94
CA ASN A 242 34.64 32.94 29.14
C ASN A 242 34.52 34.04 28.09
N GLY A 243 33.59 33.89 27.14
CA GLY A 243 33.30 34.91 26.14
C GLY A 243 32.85 34.40 24.79
N ALA A 244 32.59 35.33 23.87
CA ALA A 244 32.13 35.04 22.49
C ALA A 244 30.69 34.54 22.48
N PHE A 245 30.01 34.79 23.58
CA PHE A 245 28.73 34.17 23.86
C PHE A 245 27.58 35.16 23.74
N ILE A 246 26.57 34.77 22.96
CA ILE A 246 25.33 35.55 22.81
C ILE A 246 24.22 34.91 23.62
N ALA A 247 23.65 35.68 24.56
CA ALA A 247 22.88 35.09 25.65
C ALA A 247 21.37 35.25 25.48
N PRO A 248 20.61 34.17 25.72
CA PRO A 248 19.16 34.33 25.68
C PRO A 248 18.64 35.23 26.79
N ASP A 249 17.77 36.18 26.45
CA ASP A 249 17.07 36.97 27.45
C ASP A 249 15.71 36.40 27.75
N ARG A 250 15.12 35.73 26.75
CA ARG A 250 13.75 35.25 26.89
C ARG A 250 13.61 33.82 26.39
N ALA A 251 12.76 33.06 27.07
CA ALA A 251 12.47 31.70 26.68
C ALA A 251 11.23 31.64 25.80
N THR A 252 11.24 30.74 24.84
CA THR A 252 10.12 30.63 23.93
C THR A 252 9.28 29.42 24.26
N PHE A 253 7.99 29.67 24.46
CA PHE A 253 7.04 28.62 24.82
C PHE A 253 5.98 28.47 23.71
N LEU A 254 5.75 27.22 23.30
CA LEU A 254 4.74 26.96 22.29
C LEU A 254 3.36 27.15 22.91
N ARG A 255 2.41 27.52 22.07
CA ARG A 255 1.07 27.84 22.50
C ARG A 255 0.19 26.59 22.55
N SER A 256 0.60 25.57 21.79
CA SER A 256 -0.11 24.29 21.77
C SER A 256 0.38 23.34 22.85
N ASN A 257 1.08 23.88 23.84
CA ASN A 257 1.52 23.14 25.00
C ASN A 257 0.97 23.85 26.23
N ALA A 258 0.23 24.90 25.99
CA ALA A 258 -0.41 25.67 27.03
C ALA A 258 -1.53 24.84 27.65
N PRO A 259 -1.92 25.21 28.87
CA PRO A 259 -2.94 24.49 29.62
C PRO A 259 -4.35 25.00 29.41
N SER A 260 -4.63 25.65 28.28
CA SER A 260 -5.95 26.21 28.06
C SER A 260 -6.18 27.35 29.05
N GLY A 261 -5.09 28.09 29.32
CA GLY A 261 -5.09 29.23 30.22
C GLY A 261 -5.18 30.56 29.49
N ILE A 262 -5.80 30.50 28.31
CA ILE A 262 -6.10 31.55 27.28
C ILE A 262 -4.88 32.12 26.55
N GLU A 263 -3.76 31.40 26.55
CA GLU A 263 -2.63 31.86 25.76
C GLU A 263 -2.86 30.87 24.61
N TYR A 264 -3.17 29.69 25.11
CA TYR A 264 -3.39 28.48 24.37
C TYR A 264 -4.09 28.81 23.12
N ASN A 265 -3.42 28.54 22.03
CA ASN A 265 -4.13 28.62 20.75
C ASN A 265 -3.64 27.39 19.98
N GLY A 266 -4.27 26.24 20.08
CA GLY A 266 -3.71 25.06 19.45
C GLY A 266 -3.53 24.67 17.98
N LYS A 267 -2.45 23.91 17.73
CA LYS A 267 -2.14 23.26 16.44
C LYS A 267 -2.05 23.87 15.02
N SER A 268 -1.17 24.82 14.78
CA SER A 268 -1.04 25.41 13.44
C SER A 268 -0.38 24.59 12.30
N LEU A 269 -0.71 24.98 11.06
CA LEU A 269 -0.16 24.49 9.83
C LEU A 269 0.65 25.61 9.25
N GLY A 270 1.92 25.37 9.04
CA GLY A 270 2.75 26.38 8.43
C GLY A 270 2.96 26.12 6.96
N ILE A 271 2.60 27.07 6.11
CA ILE A 271 2.73 26.87 4.67
C ILE A 271 3.77 27.81 4.09
N GLN A 272 4.19 27.55 2.85
CA GLN A 272 5.04 28.49 2.11
C GLN A 272 4.29 29.00 0.89
N SER A 273 4.00 30.29 0.81
CA SER A 273 3.12 30.78 -0.26
C SER A 273 3.55 32.08 -0.91
N ASP A 274 3.33 32.19 -2.22
CA ASP A 274 3.60 33.43 -2.93
C ASP A 274 2.36 34.28 -3.13
N ALA A 275 1.26 33.89 -2.52
CA ALA A 275 -0.03 34.46 -2.86
C ALA A 275 -0.48 35.43 -1.81
N GLN A 276 -1.46 36.27 -2.13
CA GLN A 276 -1.87 37.29 -1.18
C GLN A 276 -2.73 36.62 -0.15
N ILE A 277 -3.40 37.36 0.70
CA ILE A 277 -4.27 36.74 1.68
C ILE A 277 -5.70 37.19 1.37
N ASP A 278 -6.68 36.46 1.87
CA ASP A 278 -8.05 36.69 1.52
C ASP A 278 -8.83 36.06 2.64
N GLU A 279 -9.48 36.89 3.45
CA GLU A 279 -10.28 36.43 4.58
C GLU A 279 -11.72 36.22 4.16
N SER A 280 -12.03 36.49 2.90
CA SER A 280 -13.36 36.23 2.41
C SER A 280 -13.52 34.75 1.98
N GLU A 284 -12.67 22.60 3.47
CA GLU A 284 -12.45 21.40 4.26
C GLU A 284 -11.05 20.81 4.10
N CYS A 285 -10.44 21.03 2.93
CA CYS A 285 -9.12 20.45 2.66
C CYS A 285 -8.04 21.51 2.71
N PHE A 286 -7.01 21.25 3.51
CA PHE A 286 -5.88 22.17 3.66
C PHE A 286 -4.60 21.51 3.13
N THR A 287 -3.83 22.25 2.35
CA THR A 287 -2.47 21.84 1.96
C THR A 287 -1.55 22.98 2.35
N PRO A 288 -0.23 22.71 2.42
CA PRO A 288 0.73 23.80 2.71
C PRO A 288 0.71 24.90 1.65
N ASN A 289 0.17 24.61 0.47
CA ASN A 289 0.05 25.61 -0.60
C ASN A 289 -1.17 26.50 -0.34
N GLY A 290 -2.06 26.03 0.55
CA GLY A 290 -3.33 26.69 0.77
C GLY A 290 -4.46 25.69 0.69
N SER A 291 -5.67 26.13 1.03
CA SER A 291 -6.84 25.25 0.95
C SER A 291 -7.17 24.95 -0.51
N ILE A 292 -7.71 23.76 -0.76
CA ILE A 292 -8.13 23.39 -2.12
C ILE A 292 -9.55 22.86 -2.10
N PRO A 293 -10.30 23.08 -3.20
CA PRO A 293 -11.63 22.47 -3.33
C PRO A 293 -11.53 20.95 -3.26
N ASN A 294 -12.57 20.28 -2.77
CA ASN A 294 -12.54 18.82 -2.68
C ASN A 294 -13.63 18.14 -3.48
N ASP A 295 -14.16 18.83 -4.48
CA ASP A 295 -15.14 18.23 -5.38
C ASP A 295 -14.52 17.11 -6.23
N LYS A 296 -13.25 17.24 -6.55
CA LYS A 296 -12.57 16.25 -7.39
C LYS A 296 -11.98 15.13 -6.54
N PRO A 297 -11.93 13.89 -7.08
CA PRO A 297 -11.41 12.75 -6.30
C PRO A 297 -9.89 12.79 -6.16
N PHE A 298 -9.20 13.47 -7.08
CA PHE A 298 -7.74 13.49 -7.05
C PHE A 298 -7.18 14.92 -7.05
N GLN A 299 -5.92 15.05 -6.67
CA GLN A 299 -5.28 16.36 -6.64
C GLN A 299 -3.79 16.20 -6.85
N ASN A 300 -3.19 17.26 -7.36
CA ASN A 300 -1.82 17.27 -7.83
C ASN A 300 -1.06 18.36 -7.07
N VAL A 301 -1.72 18.93 -6.07
CA VAL A 301 -1.19 20.14 -5.40
C VAL A 301 -0.10 19.81 -4.38
N ASN A 302 -0.39 18.89 -3.46
CA ASN A 302 0.58 18.54 -2.44
C ASN A 302 0.26 17.19 -1.83
N ARG A 303 1.29 16.37 -1.61
CA ARG A 303 1.11 15.08 -0.92
C ARG A 303 0.78 15.29 0.56
N ILE A 304 1.10 16.46 1.09
CA ILE A 304 0.77 16.80 2.48
C ILE A 304 -0.61 17.44 2.52
N THR A 305 -1.55 16.83 3.25
CA THR A 305 -2.91 17.37 3.33
C THR A 305 -3.49 17.20 4.74
N TYR A 306 -4.56 17.94 5.02
CA TYR A 306 -5.31 17.76 6.26
C TYR A 306 -6.79 17.96 5.94
N GLY A 307 -7.65 17.05 6.42
CA GLY A 307 -9.08 17.21 6.23
C GLY A 307 -9.66 16.27 5.19
N ALA A 308 -10.86 16.61 4.71
CA ALA A 308 -11.52 15.84 3.66
C ALA A 308 -10.92 16.23 2.32
N CYS A 309 -9.93 15.47 1.88
CA CYS A 309 -9.11 15.89 0.73
C CYS A 309 -9.13 14.90 -0.42
N PRO A 310 -8.98 15.41 -1.65
CA PRO A 310 -8.81 14.49 -2.79
C PRO A 310 -7.49 13.77 -2.61
N ARG A 311 -7.34 12.60 -3.22
CA ARG A 311 -6.11 11.85 -3.05
C ARG A 311 -5.01 12.36 -3.96
N TYR A 312 -3.80 12.45 -3.42
CA TYR A 312 -2.67 12.95 -4.19
C TYR A 312 -2.25 11.94 -5.26
N VAL A 313 -2.12 12.41 -6.50
CA VAL A 313 -1.64 11.57 -7.60
C VAL A 313 -0.56 12.32 -8.38
N LYS A 314 0.24 11.61 -9.16
CA LYS A 314 1.31 12.21 -9.97
C LYS A 314 0.82 12.88 -11.27
N HIS A 315 -0.31 12.44 -11.82
CA HIS A 315 -0.82 13.04 -13.06
C HIS A 315 -1.25 14.49 -12.86
N SER A 316 -1.00 15.34 -13.86
CA SER A 316 -1.41 16.74 -13.78
C SER A 316 -2.86 16.92 -14.26
N THR A 317 -3.34 15.94 -15.03
CA THR A 317 -4.69 16.01 -15.55
C THR A 317 -5.22 14.61 -15.84
N LEU A 318 -6.53 14.43 -15.64
CA LEU A 318 -7.20 13.16 -15.93
C LEU A 318 -8.64 13.47 -16.31
N LYS A 319 -8.94 13.38 -17.60
CA LYS A 319 -10.25 13.76 -18.10
C LYS A 319 -11.21 12.58 -18.15
N LEU A 320 -12.34 12.73 -17.46
CA LEU A 320 -13.40 11.73 -17.49
C LEU A 320 -14.43 12.14 -18.51
N ALA A 321 -14.65 11.31 -19.53
CA ALA A 321 -15.67 11.61 -20.53
C ALA A 321 -17.03 11.68 -19.88
N THR A 322 -17.82 12.69 -20.26
CA THR A 322 -19.18 12.84 -19.76
C THR A 322 -20.15 12.95 -20.93
N GLY A 323 -19.68 12.54 -22.11
CA GLY A 323 -20.52 12.55 -23.30
C GLY A 323 -20.05 11.51 -24.30
N MET A 324 -20.79 11.35 -25.39
CA MET A 324 -20.45 10.36 -26.41
C MET A 324 -19.24 10.76 -27.23
N ARG A 325 -18.75 9.84 -28.04
CA ARG A 325 -17.72 10.16 -29.01
C ARG A 325 -18.18 11.30 -29.92
N ASN A 326 -17.30 12.27 -30.17
CA ASN A 326 -17.66 13.39 -31.03
C ASN A 326 -17.28 13.12 -32.49
N VAL A 327 -18.28 13.00 -33.35
CA VAL A 327 -18.02 12.70 -34.76
C VAL A 327 -18.60 13.80 -35.64
N PRO A 328 -17.77 14.80 -35.97
CA PRO A 328 -18.28 15.91 -36.77
C PRO A 328 -18.12 15.63 -38.26
N GLU A 329 -18.64 16.54 -39.08
CA GLU A 329 -18.38 16.67 -40.52
C GLU A 329 -19.54 17.43 -41.15
N GLY B 1 -17.14 2.33 -31.13
CA GLY B 1 -17.80 1.54 -30.10
C GLY B 1 -17.99 0.10 -30.54
N ILE B 2 -18.24 -0.77 -29.57
CA ILE B 2 -18.37 -2.20 -29.83
C ILE B 2 -19.63 -2.57 -30.60
N PHE B 3 -20.61 -1.67 -30.66
CA PHE B 3 -21.84 -1.96 -31.38
C PHE B 3 -21.79 -1.48 -32.83
N GLY B 4 -20.89 -0.54 -33.13
CA GLY B 4 -20.62 -0.16 -34.49
C GLY B 4 -21.58 0.86 -35.07
N ALA B 5 -22.31 1.55 -34.20
CA ALA B 5 -23.21 2.61 -34.67
C ALA B 5 -22.48 3.96 -34.72
N ILE B 6 -22.15 4.49 -33.54
CA ILE B 6 -21.43 5.76 -33.46
C ILE B 6 -20.00 5.57 -33.95
N ALA B 7 -19.56 6.46 -34.84
CA ALA B 7 -18.29 6.30 -35.57
C ALA B 7 -18.23 4.96 -36.32
N GLY B 8 -19.42 4.45 -36.65
CA GLY B 8 -19.56 3.19 -37.37
C GLY B 8 -20.45 3.36 -38.58
N PHE B 9 -21.58 2.65 -38.64
CA PHE B 9 -22.48 2.80 -39.79
C PHE B 9 -23.22 4.15 -39.82
N ILE B 10 -23.21 4.85 -38.70
CA ILE B 10 -23.63 6.24 -38.70
C ILE B 10 -22.40 7.10 -38.97
N GLU B 11 -22.35 7.69 -40.16
CA GLU B 11 -21.12 8.35 -40.65
C GLU B 11 -20.60 9.47 -39.75
N ASN B 12 -21.51 10.30 -39.24
CA ASN B 12 -21.10 11.37 -38.34
C ASN B 12 -22.24 11.88 -37.48
N GLY B 13 -21.89 12.65 -36.44
CA GLY B 13 -22.88 13.26 -35.57
C GLY B 13 -23.47 14.53 -36.17
N TRP B 14 -24.54 15.02 -35.56
CA TRP B 14 -25.25 16.22 -36.01
C TRP B 14 -24.98 17.38 -35.05
N GLU B 15 -24.23 18.40 -35.49
CA GLU B 15 -24.01 19.57 -34.64
C GLU B 15 -25.29 20.37 -34.45
N GLY B 16 -26.17 20.32 -35.44
CA GLY B 16 -27.43 21.03 -35.38
C GLY B 16 -28.46 20.44 -34.45
N MET B 17 -28.13 19.32 -33.80
CA MET B 17 -29.04 18.74 -32.81
C MET B 17 -28.58 19.15 -31.41
N VAL B 18 -29.25 20.15 -30.84
CA VAL B 18 -28.83 20.74 -29.58
C VAL B 18 -29.89 20.57 -28.48
N ASP B 19 -30.94 19.80 -28.76
CA ASP B 19 -31.99 19.54 -27.79
C ASP B 19 -32.01 18.07 -27.32
N GLY B 20 -30.99 17.31 -27.71
CA GLY B 20 -30.92 15.91 -27.33
C GLY B 20 -29.66 15.26 -27.88
N TRP B 21 -29.37 14.06 -27.40
CA TRP B 21 -28.15 13.35 -27.79
C TRP B 21 -28.39 12.43 -28.98
N TYR B 22 -29.62 11.94 -29.09
CA TYR B 22 -30.00 11.03 -30.17
C TYR B 22 -31.27 11.61 -30.77
N GLY B 23 -31.56 11.27 -32.02
CA GLY B 23 -32.76 11.78 -32.65
C GLY B 23 -33.04 11.28 -34.05
N PHE B 24 -34.04 11.88 -34.68
CA PHE B 24 -34.48 11.48 -36.00
C PHE B 24 -34.39 12.66 -36.95
N ARG B 25 -33.98 12.36 -38.18
CA ARG B 25 -34.11 13.30 -39.28
C ARG B 25 -34.90 12.60 -40.36
N HIS B 26 -35.82 13.32 -40.97
CA HIS B 26 -36.70 12.71 -41.95
C HIS B 26 -36.77 13.57 -43.19
N GLN B 27 -37.16 12.96 -44.29
CA GLN B 27 -37.57 13.69 -45.47
C GLN B 27 -38.84 13.03 -46.01
N ASN B 28 -39.88 13.84 -46.20
CA ASN B 28 -41.12 13.35 -46.76
C ASN B 28 -41.71 14.36 -47.74
N SER B 29 -42.99 14.19 -48.06
CA SER B 29 -43.69 15.08 -48.99
C SER B 29 -43.78 16.51 -48.47
N GLU B 30 -43.89 16.67 -47.15
CA GLU B 30 -44.06 17.97 -46.52
C GLU B 30 -42.73 18.69 -46.23
N GLY B 31 -41.60 18.03 -46.47
CA GLY B 31 -40.31 18.65 -46.20
C GLY B 31 -39.28 17.79 -45.47
N ARG B 32 -38.33 18.45 -44.81
CA ARG B 32 -37.25 17.80 -44.08
C ARG B 32 -37.26 18.31 -42.65
N GLY B 33 -37.12 17.40 -41.67
CA GLY B 33 -37.18 17.81 -40.28
C GLY B 33 -36.23 17.08 -39.38
N GLN B 34 -36.12 17.56 -38.14
CA GLN B 34 -35.24 16.97 -37.14
C GLN B 34 -35.96 17.00 -35.80
N ALA B 35 -35.80 15.94 -35.01
CA ALA B 35 -36.43 15.85 -33.70
C ALA B 35 -35.63 14.93 -32.78
N ALA B 36 -35.38 15.38 -31.56
CA ALA B 36 -34.61 14.59 -30.60
C ALA B 36 -35.44 13.47 -29.98
N ASP B 37 -34.78 12.38 -29.60
CA ASP B 37 -35.43 11.31 -28.85
C ASP B 37 -35.05 11.45 -27.37
N LEU B 38 -36.03 11.69 -26.53
CA LEU B 38 -35.77 12.07 -25.14
C LEU B 38 -35.40 10.87 -24.28
N LYS B 39 -36.10 9.75 -24.50
CA LYS B 39 -35.91 8.54 -23.69
C LYS B 39 -34.49 7.96 -23.81
N SER B 40 -34.00 7.83 -25.04
CA SER B 40 -32.63 7.35 -25.24
C SER B 40 -31.62 8.36 -24.74
N THR B 41 -31.87 9.65 -24.99
CA THR B 41 -31.03 10.70 -24.43
C THR B 41 -30.92 10.59 -22.91
N GLN B 42 -32.06 10.46 -22.24
CA GLN B 42 -32.09 10.41 -20.77
C GLN B 42 -31.44 9.12 -20.24
N ALA B 43 -31.60 8.03 -20.98
CA ALA B 43 -31.02 6.74 -20.58
C ALA B 43 -29.50 6.83 -20.54
N ALA B 44 -28.90 7.47 -21.54
CA ALA B 44 -27.46 7.67 -21.56
C ALA B 44 -27.02 8.60 -20.43
N ILE B 45 -27.72 9.71 -20.28
CA ILE B 45 -27.39 10.70 -19.26
C ILE B 45 -27.49 10.12 -17.85
N ASP B 46 -28.52 9.32 -17.59
CA ASP B 46 -28.68 8.69 -16.28
C ASP B 46 -27.51 7.77 -15.93
N GLN B 47 -27.02 7.00 -16.91
CA GLN B 47 -25.90 6.11 -16.67
C GLN B 47 -24.62 6.87 -16.39
N ILE B 48 -24.39 7.96 -17.12
CA ILE B 48 -23.20 8.78 -16.90
C ILE B 48 -23.27 9.48 -15.54
N ASN B 49 -24.45 9.98 -15.17
CA ASN B 49 -24.63 10.57 -13.85
C ASN B 49 -24.43 9.56 -12.71
N GLY B 50 -24.77 8.30 -12.98
CA GLY B 50 -24.50 7.22 -12.04
C GLY B 50 -23.01 7.06 -11.78
N LYS B 51 -22.22 7.19 -12.84
CA LYS B 51 -20.76 7.13 -12.69
C LYS B 51 -20.26 8.33 -11.91
N LEU B 52 -20.78 9.51 -12.25
CA LEU B 52 -20.36 10.74 -11.57
C LEU B 52 -20.69 10.67 -10.08
N ASN B 53 -21.86 10.13 -9.75
CA ASN B 53 -22.28 10.01 -8.35
C ASN B 53 -21.33 9.15 -7.52
N ARG B 54 -20.67 8.19 -8.17
CA ARG B 54 -19.69 7.33 -7.51
C ARG B 54 -18.35 8.03 -7.29
N LEU B 55 -18.08 9.07 -8.08
CA LEU B 55 -16.75 9.69 -8.09
C LEU B 55 -16.73 11.09 -7.50
N ILE B 56 -17.81 11.83 -7.70
CA ILE B 56 -17.87 13.24 -7.30
C ILE B 56 -18.47 13.42 -5.89
N GLY B 57 -17.78 14.20 -5.06
CA GLY B 57 -18.26 14.57 -3.74
C GLY B 57 -18.35 13.43 -2.73
N LYS B 58 -17.34 12.56 -2.72
CA LYS B 58 -17.34 11.41 -1.81
C LYS B 58 -15.99 11.16 -1.15
N THR B 59 -15.22 12.23 -0.91
CA THR B 59 -13.88 12.08 -0.36
C THR B 59 -13.89 11.57 1.08
N ASN B 60 -12.75 11.06 1.53
CA ASN B 60 -12.65 10.47 2.87
C ASN B 60 -11.72 11.25 3.81
N GLU B 61 -12.16 11.37 5.06
CA GLU B 61 -11.47 12.19 6.05
C GLU B 61 -10.21 11.53 6.59
N LYS B 62 -9.09 12.25 6.51
CA LYS B 62 -7.88 11.84 7.20
C LYS B 62 -7.44 12.97 8.12
N PHE B 63 -6.89 12.61 9.27
CA PHE B 63 -6.46 13.64 10.22
C PHE B 63 -4.97 13.51 10.51
N HIS B 64 -4.59 13.08 11.71
CA HIS B 64 -3.16 12.93 12.00
C HIS B 64 -2.55 11.74 11.29
N GLN B 65 -1.47 11.98 10.55
CA GLN B 65 -0.85 10.92 9.78
C GLN B 65 0.63 10.80 10.13
N ILE B 66 1.48 10.64 9.13
CA ILE B 66 2.92 10.63 9.34
C ILE B 66 3.49 11.87 8.66
N GLU B 67 4.72 12.23 9.04
CA GLU B 67 5.40 13.34 8.37
C GLU B 67 5.84 12.88 6.98
N LYS B 68 5.90 13.83 6.04
CA LYS B 68 6.16 13.47 4.64
C LYS B 68 7.22 14.36 4.01
N GLU B 69 7.69 15.34 4.78
CA GLU B 69 8.84 16.17 4.42
C GLU B 69 9.79 16.24 5.61
N PHE B 70 11.07 16.31 5.34
CA PHE B 70 12.08 16.19 6.39
C PHE B 70 13.21 17.19 6.16
N SER B 71 13.63 17.84 7.25
CA SER B 71 14.69 18.85 7.16
C SER B 71 16.08 18.26 7.43
N GLU B 72 16.13 17.10 8.07
CA GLU B 72 17.41 16.45 8.35
C GLU B 72 17.47 14.98 7.95
N VAL B 73 18.67 14.57 7.53
CA VAL B 73 18.99 13.16 7.26
C VAL B 73 18.89 12.34 8.54
N GLU B 74 18.19 11.22 8.50
CA GLU B 74 18.01 10.36 9.68
C GLU B 74 18.32 8.90 9.40
N GLY B 75 18.24 8.52 8.12
CA GLY B 75 18.48 7.14 7.75
C GLY B 75 17.24 6.27 7.87
N ARG B 76 17.39 5.14 8.56
CA ARG B 76 16.45 4.02 8.50
C ARG B 76 14.96 4.34 8.62
N ILE B 77 14.57 4.99 9.71
CA ILE B 77 13.16 5.26 9.97
C ILE B 77 12.58 6.23 8.93
N GLN B 78 13.37 7.22 8.54
CA GLN B 78 12.96 8.17 7.52
C GLN B 78 12.84 7.49 6.14
N ASP B 79 13.74 6.55 5.86
CA ASP B 79 13.66 5.77 4.63
C ASP B 79 12.32 5.04 4.59
N LEU B 80 11.91 4.50 5.74
CA LEU B 80 10.67 3.73 5.83
C LEU B 80 9.45 4.64 5.65
N GLU B 81 9.43 5.79 6.33
CA GLU B 81 8.32 6.74 6.19
C GLU B 81 8.16 7.23 4.74
N LYS B 82 9.28 7.50 4.08
CA LYS B 82 9.26 7.95 2.68
C LYS B 82 8.76 6.85 1.75
N TYR B 83 9.22 5.63 1.99
CA TYR B 83 8.88 4.48 1.15
C TYR B 83 7.41 4.15 1.27
N VAL B 84 6.88 4.27 2.49
CA VAL B 84 5.46 4.00 2.73
C VAL B 84 4.60 4.97 1.94
N GLU B 85 4.94 6.25 2.00
CA GLU B 85 4.17 7.26 1.30
C GLU B 85 4.30 7.12 -0.22
N ASP B 86 5.51 6.86 -0.70
CA ASP B 86 5.74 6.67 -2.13
C ASP B 86 4.98 5.44 -2.68
N THR B 87 4.93 4.38 -1.88
CA THR B 87 4.19 3.17 -2.23
C THR B 87 2.71 3.48 -2.35
N LYS B 88 2.18 4.20 -1.38
CA LYS B 88 0.78 4.56 -1.35
C LYS B 88 0.38 5.42 -2.55
N ILE B 89 1.19 6.42 -2.87
CA ILE B 89 0.88 7.33 -3.98
C ILE B 89 0.89 6.62 -5.34
N ASP B 90 1.85 5.72 -5.55
CA ASP B 90 1.92 4.96 -6.79
C ASP B 90 0.69 4.06 -6.94
N LEU B 91 0.22 3.50 -5.84
CA LEU B 91 -0.94 2.60 -5.90
C LEU B 91 -2.23 3.36 -6.16
N TRP B 92 -2.36 4.54 -5.57
CA TRP B 92 -3.51 5.40 -5.87
C TRP B 92 -3.42 6.01 -7.27
N SER B 93 -2.22 6.34 -7.71
CA SER B 93 -2.03 6.89 -9.05
C SER B 93 -2.42 5.83 -10.08
N TYR B 94 -2.09 4.57 -9.79
CA TYR B 94 -2.53 3.47 -10.65
C TYR B 94 -4.04 3.34 -10.67
N ASN B 95 -4.65 3.33 -9.48
CA ASN B 95 -6.11 3.21 -9.39
C ASN B 95 -6.81 4.29 -10.20
N ALA B 96 -6.32 5.51 -10.08
CA ALA B 96 -6.93 6.65 -10.78
C ALA B 96 -6.79 6.51 -12.29
N GLU B 97 -5.62 6.09 -12.74
CA GLU B 97 -5.37 5.93 -14.18
C GLU B 97 -6.28 4.87 -14.79
N LEU B 98 -6.37 3.72 -14.14
CA LEU B 98 -7.19 2.61 -14.63
C LEU B 98 -8.68 2.95 -14.59
N LEU B 99 -9.11 3.59 -13.50
CA LEU B 99 -10.51 3.99 -13.35
C LEU B 99 -10.97 4.81 -14.54
N VAL B 100 -10.21 5.85 -14.87
CA VAL B 100 -10.58 6.72 -15.98
C VAL B 100 -10.56 5.99 -17.32
N ALA B 101 -9.52 5.19 -17.56
CA ALA B 101 -9.44 4.44 -18.82
C ALA B 101 -10.61 3.48 -18.98
N LEU B 102 -10.96 2.78 -17.90
CA LEU B 102 -12.09 1.84 -17.89
C LEU B 102 -13.46 2.50 -18.04
N GLU B 103 -13.71 3.53 -17.25
CA GLU B 103 -14.99 4.26 -17.30
C GLU B 103 -15.19 4.89 -18.67
N ASN B 104 -14.12 5.42 -19.23
CA ASN B 104 -14.21 6.09 -20.53
C ASN B 104 -14.53 5.10 -21.63
N GLN B 105 -13.83 3.97 -21.62
CA GLN B 105 -14.14 2.91 -22.58
C GLN B 105 -15.62 2.51 -22.46
N HIS B 106 -16.08 2.35 -21.22
CA HIS B 106 -17.47 1.99 -20.98
C HIS B 106 -18.46 3.08 -21.39
N THR B 107 -18.13 4.34 -21.10
CA THR B 107 -19.00 5.45 -21.49
C THR B 107 -19.17 5.51 -23.02
N ILE B 108 -18.07 5.38 -23.73
CA ILE B 108 -18.13 5.36 -25.19
C ILE B 108 -18.93 4.16 -25.68
N ASP B 109 -18.80 3.01 -25.02
CA ASP B 109 -19.60 1.83 -25.40
C ASP B 109 -21.08 1.93 -25.04
N LEU B 110 -21.41 2.53 -23.89
CA LEU B 110 -22.83 2.63 -23.52
C LEU B 110 -23.56 3.65 -24.39
N THR B 111 -22.89 4.72 -24.79
CA THR B 111 -23.51 5.71 -25.65
C THR B 111 -23.72 5.15 -27.05
N ASP B 112 -22.77 4.34 -27.50
CA ASP B 112 -22.91 3.64 -28.79
C ASP B 112 -24.06 2.66 -28.70
N SER B 113 -24.15 1.96 -27.57
CA SER B 113 -25.26 1.04 -27.32
C SER B 113 -26.64 1.69 -27.39
N GLU B 114 -26.80 2.85 -26.72
CA GLU B 114 -28.10 3.53 -26.77
C GLU B 114 -28.49 3.90 -28.18
N MET B 115 -27.51 4.30 -28.99
CA MET B 115 -27.79 4.63 -30.39
C MET B 115 -28.27 3.39 -31.12
N ASN B 116 -27.59 2.27 -30.88
CA ASN B 116 -27.96 1.03 -31.53
C ASN B 116 -29.35 0.56 -31.13
N LYS B 117 -29.68 0.68 -29.85
CA LYS B 117 -31.01 0.27 -29.36
C LYS B 117 -32.13 1.07 -30.03
N LEU B 118 -31.91 2.37 -30.20
CA LEU B 118 -32.91 3.23 -30.82
C LEU B 118 -33.10 2.81 -32.28
N PHE B 119 -32.00 2.54 -32.96
CA PHE B 119 -32.06 2.08 -34.34
C PHE B 119 -32.81 0.75 -34.46
N GLU B 120 -32.49 -0.20 -33.58
CA GLU B 120 -33.13 -1.53 -33.62
C GLU B 120 -34.62 -1.46 -33.31
N LYS B 121 -34.98 -0.63 -32.33
CA LYS B 121 -36.37 -0.41 -31.95
C LYS B 121 -37.18 0.18 -33.11
N THR B 122 -36.59 1.14 -33.79
CA THR B 122 -37.24 1.79 -34.93
C THR B 122 -37.41 0.79 -36.06
N LYS B 123 -36.39 -0.03 -36.30
CA LYS B 123 -36.45 -1.04 -37.35
C LYS B 123 -37.60 -2.00 -37.14
N LYS B 124 -37.75 -2.46 -35.90
CA LYS B 124 -38.82 -3.44 -35.60
C LYS B 124 -40.19 -2.79 -35.77
N GLN B 125 -40.30 -1.53 -35.38
CA GLN B 125 -41.54 -0.77 -35.54
C GLN B 125 -42.04 -0.77 -36.97
N LEU B 126 -41.13 -0.59 -37.91
CA LEU B 126 -41.49 -0.41 -39.31
C LEU B 126 -41.85 -1.72 -40.01
N ARG B 127 -41.52 -2.85 -39.38
CA ARG B 127 -41.85 -4.18 -39.89
C ARG B 127 -41.43 -4.35 -41.35
N GLU B 128 -42.39 -4.68 -42.21
CA GLU B 128 -42.11 -4.86 -43.63
C GLU B 128 -42.30 -3.59 -44.45
N ASN B 129 -42.48 -2.46 -43.79
CA ASN B 129 -42.83 -1.22 -44.51
C ASN B 129 -41.62 -0.36 -44.90
N ALA B 130 -40.42 -0.82 -44.54
CA ALA B 130 -39.20 -0.04 -44.76
C ALA B 130 -37.98 -0.94 -44.91
N GLU B 131 -36.90 -0.38 -45.46
CA GLU B 131 -35.64 -1.10 -45.56
C GLU B 131 -34.49 -0.25 -45.04
N ASP B 132 -33.54 -0.91 -44.39
CA ASP B 132 -32.34 -0.28 -43.82
C ASP B 132 -31.38 0.02 -44.97
N MET B 133 -31.01 1.29 -45.11
CA MET B 133 -30.13 1.68 -46.19
C MET B 133 -28.66 1.52 -45.81
N GLY B 134 -28.41 1.12 -44.55
CA GLY B 134 -27.07 0.78 -44.11
C GLY B 134 -26.26 1.90 -43.49
N ASN B 135 -26.84 3.10 -43.45
CA ASN B 135 -26.16 4.27 -42.89
C ASN B 135 -26.97 4.90 -41.76
N GLY B 136 -27.79 4.08 -41.11
CA GLY B 136 -28.67 4.58 -40.06
C GLY B 136 -29.96 5.15 -40.61
N CYS B 137 -30.16 5.05 -41.92
CA CYS B 137 -31.38 5.59 -42.52
C CYS B 137 -32.31 4.49 -42.99
N PHE B 138 -33.62 4.72 -42.86
CA PHE B 138 -34.61 3.79 -43.39
C PHE B 138 -35.28 4.39 -44.61
N LYS B 139 -35.41 3.60 -45.66
CA LYS B 139 -36.26 4.01 -46.77
C LYS B 139 -37.64 3.48 -46.47
N ILE B 140 -38.59 4.39 -46.28
CA ILE B 140 -39.96 4.02 -45.95
C ILE B 140 -40.79 3.92 -47.22
N TYR B 141 -41.34 2.75 -47.50
CA TYR B 141 -41.96 2.50 -48.80
C TYR B 141 -43.42 2.91 -48.91
N HIS B 142 -43.77 4.00 -48.24
CA HIS B 142 -45.11 4.54 -48.36
C HIS B 142 -45.10 6.04 -48.07
N LYS B 143 -46.17 6.71 -48.51
CA LYS B 143 -46.40 8.10 -48.18
C LYS B 143 -46.45 8.24 -46.67
N CYS B 144 -45.58 9.09 -46.10
CA CYS B 144 -45.57 9.28 -44.65
C CYS B 144 -45.46 10.77 -44.34
N ASP B 145 -46.60 11.42 -44.14
CA ASP B 145 -46.64 12.83 -43.77
C ASP B 145 -46.07 13.10 -42.38
N ASN B 146 -46.12 14.36 -41.94
CA ASN B 146 -45.53 14.73 -40.64
C ASN B 146 -46.12 13.97 -39.45
N ALA B 147 -47.43 13.77 -39.46
CA ALA B 147 -48.09 13.03 -38.39
C ALA B 147 -47.67 11.56 -38.40
N CYS B 148 -47.49 11.00 -39.59
CA CYS B 148 -47.02 9.63 -39.71
C CYS B 148 -45.59 9.49 -39.15
N ILE B 149 -44.70 10.39 -39.55
CA ILE B 149 -43.34 10.41 -39.02
C ILE B 149 -43.38 10.56 -37.51
N GLY B 150 -44.22 11.48 -37.04
CA GLY B 150 -44.41 11.70 -35.61
C GLY B 150 -44.86 10.46 -34.87
N SER B 151 -45.75 9.68 -35.49
CA SER B 151 -46.24 8.44 -34.88
C SER B 151 -45.12 7.41 -34.71
N ILE B 152 -44.20 7.38 -35.66
CA ILE B 152 -43.02 6.52 -35.56
C ILE B 152 -42.14 6.96 -34.39
N ARG B 153 -41.88 8.27 -34.30
CA ARG B 153 -41.03 8.78 -33.23
C ARG B 153 -41.64 8.58 -31.83
N ASN B 154 -42.97 8.61 -31.72
CA ASN B 154 -43.60 8.45 -30.41
C ASN B 154 -44.21 7.07 -30.15
N GLY B 155 -43.89 6.12 -31.02
CA GLY B 155 -44.22 4.72 -30.81
C GLY B 155 -45.67 4.34 -30.99
N THR B 156 -46.40 5.08 -31.83
CA THR B 156 -47.80 4.79 -32.08
C THR B 156 -48.05 4.41 -33.55
N TYR B 157 -46.97 4.25 -34.31
CA TYR B 157 -47.05 3.87 -35.72
C TYR B 157 -47.71 2.50 -35.88
N ASP B 158 -48.77 2.44 -36.67
CA ASP B 158 -49.44 1.18 -36.96
C ASP B 158 -49.05 0.70 -38.35
N HIS B 159 -48.17 -0.30 -38.40
CA HIS B 159 -47.62 -0.76 -39.67
C HIS B 159 -48.67 -1.39 -40.59
N ASN B 160 -49.69 -2.03 -40.00
CA ASN B 160 -50.75 -2.66 -40.76
C ASN B 160 -51.49 -1.69 -41.68
N VAL B 161 -51.58 -0.44 -41.24
CA VAL B 161 -52.26 0.61 -42.01
C VAL B 161 -51.60 0.82 -43.39
N TYR B 162 -50.28 0.67 -43.45
CA TYR B 162 -49.54 1.02 -44.66
C TYR B 162 -48.99 -0.20 -45.39
N ARG B 163 -49.12 -1.37 -44.76
CA ARG B 163 -48.44 -2.57 -45.24
C ARG B 163 -48.71 -2.90 -46.72
N ASP B 164 -49.96 -2.84 -47.13
CA ASP B 164 -50.31 -3.11 -48.53
C ASP B 164 -49.62 -2.15 -49.49
N GLU B 165 -49.70 -0.86 -49.21
CA GLU B 165 -49.02 0.15 -50.02
C GLU B 165 -47.52 -0.13 -50.04
N ALA B 166 -46.95 -0.42 -48.87
CA ALA B 166 -45.51 -0.62 -48.76
C ALA B 166 -45.03 -1.85 -49.51
N LEU B 167 -45.69 -2.98 -49.31
CA LEU B 167 -45.33 -4.22 -50.01
C LEU B 167 -45.37 -4.08 -51.54
N ASN B 168 -46.39 -3.40 -52.05
CA ASN B 168 -46.49 -3.19 -53.49
C ASN B 168 -45.30 -2.38 -54.03
N ASN B 169 -44.90 -1.36 -53.28
CA ASN B 169 -43.74 -0.55 -53.64
C ASN B 169 -42.41 -1.31 -53.56
N ARG B 170 -42.24 -2.10 -52.51
CA ARG B 170 -41.00 -2.86 -52.30
C ARG B 170 -40.82 -3.96 -53.33
N PHE B 171 -41.88 -4.73 -53.56
CA PHE B 171 -41.81 -5.93 -54.36
C PHE B 171 -42.50 -5.76 -55.70
N GLN B 172 -41.73 -5.28 -56.68
CA GLN B 172 -42.24 -5.00 -58.01
C GLN B 172 -41.11 -5.22 -59.00
N ILE B 173 -41.14 -4.51 -60.13
CA ILE B 173 -40.07 -4.57 -61.12
C ILE B 173 -39.72 -3.17 -61.64
N GLU C 1 -38.90 3.17 0.16
CA GLU C 1 -38.10 1.95 0.00
C GLU C 1 -36.74 2.11 0.66
N ILE C 2 -36.54 3.24 1.33
CA ILE C 2 -35.34 3.50 2.10
C ILE C 2 -35.71 4.42 3.25
N VAL C 3 -35.96 3.84 4.43
CA VAL C 3 -36.60 4.58 5.51
C VAL C 3 -35.61 5.53 6.16
N MET C 4 -36.13 6.66 6.65
CA MET C 4 -35.35 7.66 7.38
C MET C 4 -35.93 7.79 8.77
N THR C 5 -35.06 7.77 9.78
CA THR C 5 -35.48 7.85 11.18
C THR C 5 -34.70 8.97 11.86
N GLN C 6 -35.40 9.98 12.35
CA GLN C 6 -34.78 11.07 13.09
C GLN C 6 -34.90 10.84 14.59
N SER C 7 -33.92 11.33 15.33
CA SER C 7 -33.89 11.16 16.78
C SER C 7 -33.39 12.42 17.47
N PRO C 8 -34.10 12.84 18.54
CA PRO C 8 -35.33 12.22 19.03
C PRO C 8 -36.58 12.79 18.37
N VAL C 9 -37.76 12.41 18.86
CA VAL C 9 -39.00 12.94 18.30
C VAL C 9 -39.14 14.42 18.63
N THR C 10 -38.66 14.83 19.80
CA THR C 10 -38.71 16.23 20.21
C THR C 10 -37.63 16.46 21.26
N LEU C 11 -36.99 17.63 21.19
CA LEU C 11 -35.92 17.98 22.11
C LEU C 11 -36.15 19.38 22.68
N SER C 12 -35.72 19.57 23.92
CA SER C 12 -35.82 20.85 24.60
C SER C 12 -34.42 21.41 24.79
N VAL C 13 -34.17 22.59 24.24
CA VAL C 13 -32.86 23.23 24.29
C VAL C 13 -33.05 24.69 24.67
N SER C 14 -32.28 25.15 25.65
CA SER C 14 -32.33 26.55 26.05
C SER C 14 -31.82 27.45 24.93
N PRO C 15 -32.36 28.67 24.81
CA PRO C 15 -31.90 29.57 23.74
C PRO C 15 -30.44 29.97 23.93
N GLY C 16 -29.64 29.76 22.88
CA GLY C 16 -28.23 30.04 22.95
C GLY C 16 -27.40 28.77 22.86
N GLU C 17 -27.89 27.69 23.46
CA GLU C 17 -27.18 26.42 23.43
C GLU C 17 -27.27 25.80 22.05
N THR C 18 -26.37 24.85 21.79
CA THR C 18 -26.32 24.15 20.52
C THR C 18 -27.21 22.92 20.58
N ALA C 19 -28.06 22.76 19.57
CA ALA C 19 -29.01 21.66 19.50
C ALA C 19 -28.59 20.72 18.37
N THR C 20 -28.14 19.53 18.72
CA THR C 20 -27.70 18.53 17.75
C THR C 20 -28.85 17.57 17.46
N LEU C 21 -29.16 17.39 16.18
CA LEU C 21 -30.20 16.50 15.72
C LEU C 21 -29.59 15.28 15.05
N SER C 22 -30.41 14.23 14.92
CA SER C 22 -29.97 12.98 14.32
C SER C 22 -30.87 12.62 13.13
N CYS C 23 -30.27 11.99 12.11
CA CYS C 23 -30.97 11.54 10.91
C CYS C 23 -30.36 10.20 10.48
N ARG C 24 -30.66 9.15 11.23
CA ARG C 24 -30.17 7.82 10.88
C ARG C 24 -30.93 7.28 9.68
N ALA C 25 -30.20 6.71 8.73
CA ALA C 25 -30.77 6.27 7.47
C ALA C 25 -30.33 4.84 7.17
N SER C 26 -31.30 3.97 6.91
CA SER C 26 -30.98 2.62 6.47
C SER C 26 -30.37 2.66 5.07
N GLN C 27 -29.39 1.80 4.84
CA GLN C 27 -28.63 1.73 3.59
C GLN C 27 -27.80 2.99 3.37
N SER C 28 -26.74 2.88 2.58
CA SER C 28 -25.79 3.97 2.43
C SER C 28 -26.42 5.15 1.68
N VAL C 29 -26.04 6.36 2.07
CA VAL C 29 -26.49 7.59 1.43
C VAL C 29 -25.52 8.71 1.82
N ARG C 30 -24.91 9.36 0.83
CA ARG C 30 -23.91 10.38 1.10
C ARG C 30 -24.05 11.58 0.17
N SER C 31 -24.22 11.32 -1.13
CA SER C 31 -24.22 12.38 -2.13
C SER C 31 -25.30 13.42 -1.86
N ASN C 32 -26.51 12.98 -1.58
CA ASN C 32 -27.66 13.87 -1.45
C ASN C 32 -28.30 13.71 -0.09
N LEU C 33 -28.43 14.82 0.63
CA LEU C 33 -29.06 14.87 1.95
C LEU C 33 -29.40 16.31 2.24
N ALA C 34 -30.68 16.61 2.43
CA ALA C 34 -31.12 17.99 2.58
C ALA C 34 -31.88 18.15 3.90
N TRP C 35 -31.57 19.23 4.62
CA TRP C 35 -32.24 19.58 5.85
C TRP C 35 -33.22 20.72 5.59
N TYR C 36 -34.30 20.75 6.38
CA TYR C 36 -35.37 21.73 6.18
C TYR C 36 -35.86 22.25 7.53
N GLN C 37 -36.37 23.48 7.50
CA GLN C 37 -36.89 24.17 8.68
C GLN C 37 -38.32 24.59 8.37
N GLN C 38 -39.27 23.74 8.72
CA GLN C 38 -40.70 24.00 8.46
C GLN C 38 -41.30 24.61 9.72
N LYS C 39 -41.45 25.93 9.71
CA LYS C 39 -42.13 26.59 10.81
C LYS C 39 -43.64 26.35 10.73
N PRO C 40 -44.32 26.26 11.87
CA PRO C 40 -45.75 25.97 11.85
C PRO C 40 -46.53 26.99 11.01
N GLY C 41 -47.44 26.48 10.20
CA GLY C 41 -48.22 27.34 9.32
C GLY C 41 -47.46 27.88 8.13
N GLN C 42 -46.32 27.26 7.80
CA GLN C 42 -45.51 27.71 6.68
C GLN C 42 -44.96 26.50 5.92
N ALA C 43 -44.47 26.76 4.71
CA ALA C 43 -43.86 25.73 3.90
C ALA C 43 -42.43 25.48 4.36
N PRO C 44 -41.90 24.27 4.10
CA PRO C 44 -40.51 23.99 4.48
C PRO C 44 -39.54 24.90 3.74
N ARG C 45 -38.41 25.19 4.39
CA ARG C 45 -37.37 26.03 3.84
C ARG C 45 -36.05 25.27 3.85
N LEU C 46 -35.35 25.28 2.71
CA LEU C 46 -34.10 24.54 2.59
C LEU C 46 -33.01 25.19 3.44
N LEU C 47 -32.29 24.36 4.20
CA LEU C 47 -31.17 24.81 5.02
C LEU C 47 -29.84 24.30 4.49
N ILE C 48 -29.66 22.99 4.43
CA ILE C 48 -28.43 22.36 3.97
C ILE C 48 -28.79 21.33 2.90
N TYR C 49 -27.93 21.21 1.89
CA TYR C 49 -28.08 20.17 0.88
C TYR C 49 -26.78 19.41 0.73
N GLY C 50 -26.89 18.19 0.18
CA GLY C 50 -25.75 17.31 0.03
C GLY C 50 -25.41 16.61 1.33
N ALA C 51 -24.86 17.35 2.29
CA ALA C 51 -24.53 16.83 3.61
C ALA C 51 -24.14 17.98 4.52
N SER C 52 -23.23 18.83 4.05
CA SER C 52 -22.76 19.97 4.80
C SER C 52 -22.96 21.31 4.11
N THR C 53 -23.14 21.32 2.79
CA THR C 53 -23.28 22.56 2.05
C THR C 53 -24.62 23.20 2.35
N ARG C 54 -24.59 24.35 3.01
CA ARG C 54 -25.82 25.03 3.39
C ARG C 54 -26.40 25.81 2.20
N ALA C 55 -27.70 26.09 2.29
CA ALA C 55 -28.39 26.79 1.22
C ALA C 55 -27.93 28.24 1.16
N THR C 56 -28.42 28.94 0.15
CA THR C 56 -28.04 30.33 -0.06
C THR C 56 -28.67 31.22 1.01
N ASP C 57 -27.89 32.21 1.47
CA ASP C 57 -28.30 33.22 2.44
C ASP C 57 -29.09 32.61 3.60
N ILE C 58 -28.52 31.60 4.23
CA ILE C 58 -29.05 31.06 5.47
C ILE C 58 -27.99 31.27 6.55
N PRO C 59 -28.37 31.41 7.82
CA PRO C 59 -27.38 31.74 8.86
C PRO C 59 -26.30 30.67 8.98
N ALA C 60 -25.11 31.11 9.38
CA ALA C 60 -23.98 30.21 9.55
C ALA C 60 -24.09 29.35 10.80
N ARG C 61 -25.08 29.60 11.66
CA ARG C 61 -25.25 28.79 12.86
C ARG C 61 -25.83 27.42 12.54
N PHE C 62 -26.39 27.24 11.35
CA PHE C 62 -26.90 25.94 10.92
C PHE C 62 -25.74 25.14 10.32
N SER C 63 -25.36 24.06 11.00
CA SER C 63 -24.24 23.22 10.58
C SER C 63 -24.75 21.83 10.21
N GLY C 64 -24.12 21.23 9.21
CA GLY C 64 -24.50 19.91 8.76
C GLY C 64 -23.29 19.01 8.61
N SER C 65 -23.50 17.73 8.90
CA SER C 65 -22.44 16.73 8.82
C SER C 65 -23.08 15.35 8.74
N GLY C 66 -22.24 14.35 8.48
CA GLY C 66 -22.69 12.98 8.39
C GLY C 66 -22.14 12.24 7.19
N SER C 67 -22.25 10.91 7.19
CA SER C 67 -21.71 10.10 6.11
C SER C 67 -22.41 8.75 6.08
N GLY C 68 -22.90 8.37 4.90
CA GLY C 68 -23.42 7.04 4.69
C GLY C 68 -24.69 6.67 5.44
N THR C 69 -24.63 6.68 6.76
CA THR C 69 -25.75 6.20 7.58
C THR C 69 -26.15 7.21 8.63
N GLU C 70 -25.19 7.64 9.45
CA GLU C 70 -25.44 8.58 10.53
C GLU C 70 -25.24 10.00 10.05
N PHE C 71 -26.24 10.85 10.29
CA PHE C 71 -26.18 12.25 9.90
C PHE C 71 -26.65 13.12 11.07
N THR C 72 -26.04 14.29 11.21
CA THR C 72 -26.32 15.19 12.31
C THR C 72 -26.59 16.60 11.79
N LEU C 73 -27.33 17.36 12.59
CA LEU C 73 -27.64 18.75 12.31
C LEU C 73 -27.57 19.54 13.60
N SER C 74 -26.63 20.47 13.69
CA SER C 74 -26.40 21.25 14.90
C SER C 74 -26.70 22.71 14.63
N ILE C 75 -27.49 23.32 15.51
CA ILE C 75 -27.82 24.74 15.44
C ILE C 75 -26.99 25.45 16.49
N SER C 76 -25.99 26.21 16.05
CA SER C 76 -25.02 26.84 16.95
C SER C 76 -25.71 27.77 17.95
N SER C 77 -25.98 29.01 17.53
CA SER C 77 -26.66 29.98 18.39
C SER C 77 -28.15 29.88 18.15
N LEU C 78 -28.89 29.41 19.15
CA LEU C 78 -30.32 29.19 19.01
C LEU C 78 -31.10 30.46 19.28
N GLN C 79 -32.16 30.67 18.52
CA GLN C 79 -33.04 31.82 18.67
C GLN C 79 -34.45 31.34 18.99
N SER C 80 -35.23 32.24 19.58
CA SER C 80 -36.60 31.90 19.98
C SER C 80 -37.50 31.60 18.78
N ASP C 81 -37.14 32.07 17.59
CA ASP C 81 -37.93 31.81 16.39
C ASP C 81 -37.59 30.49 15.71
N ASP C 82 -36.68 29.71 16.29
CA ASP C 82 -36.28 28.42 15.72
C ASP C 82 -37.15 27.27 16.21
N PHE C 83 -38.42 27.54 16.55
CA PHE C 83 -39.28 26.54 17.17
C PHE C 83 -39.89 25.66 16.09
N ALA C 84 -39.24 25.59 14.94
CA ALA C 84 -39.79 24.89 13.81
C ALA C 84 -39.52 23.39 13.93
N VAL C 85 -40.03 22.63 12.98
CA VAL C 85 -39.79 21.20 12.84
C VAL C 85 -38.81 20.98 11.71
N TYR C 86 -37.88 20.04 11.90
CA TYR C 86 -36.78 19.81 10.97
C TYR C 86 -36.88 18.42 10.36
N TYR C 87 -36.57 18.32 9.08
CA TYR C 87 -36.67 17.07 8.33
C TYR C 87 -35.41 16.85 7.51
N CYS C 88 -35.23 15.62 7.05
CA CYS C 88 -34.08 15.26 6.23
C CYS C 88 -34.53 14.27 5.15
N GLN C 89 -34.06 14.49 3.92
CA GLN C 89 -34.36 13.63 2.78
C GLN C 89 -33.08 12.96 2.29
N GLN C 90 -33.22 12.13 1.25
CA GLN C 90 -32.11 11.27 0.85
C GLN C 90 -32.20 10.95 -0.64
N TYR C 91 -31.07 10.51 -1.19
CA TYR C 91 -31.02 9.87 -2.50
C TYR C 91 -30.73 8.38 -2.31
N ASN C 92 -31.19 7.53 -3.23
CA ASN C 92 -32.04 7.93 -4.34
C ASN C 92 -33.11 6.86 -4.55
N HIS C 93 -32.67 5.65 -4.89
CA HIS C 93 -33.58 4.53 -5.18
C HIS C 93 -34.67 4.96 -6.16
N TRP C 94 -34.33 5.90 -7.04
CA TRP C 94 -35.24 6.70 -7.86
C TRP C 94 -36.44 7.22 -7.08
N LEU C 95 -36.41 7.12 -5.76
CA LEU C 95 -37.56 7.43 -4.90
C LEU C 95 -37.03 8.10 -3.64
N ARG C 96 -37.08 9.42 -3.60
CA ARG C 96 -36.63 10.14 -2.42
C ARG C 96 -37.61 9.93 -1.27
N THR C 97 -37.07 9.82 -0.06
CA THR C 97 -37.89 9.69 1.14
C THR C 97 -37.52 10.79 2.12
N PHE C 98 -38.50 11.18 2.94
CA PHE C 98 -38.30 12.20 3.96
C PHE C 98 -38.13 11.55 5.33
N GLY C 99 -37.71 12.38 6.30
CA GLY C 99 -37.60 11.93 7.67
C GLY C 99 -38.90 12.07 8.44
N GLN C 100 -38.89 11.54 9.66
CA GLN C 100 -40.09 11.62 10.51
C GLN C 100 -40.31 13.04 11.01
N GLY C 101 -39.25 13.72 11.42
CA GLY C 101 -39.37 15.08 11.92
C GLY C 101 -38.90 15.23 13.35
N THR C 102 -38.23 16.34 13.64
CA THR C 102 -37.71 16.62 14.98
C THR C 102 -38.23 17.97 15.44
N LYS C 103 -39.02 17.97 16.50
CA LYS C 103 -39.56 19.21 17.06
C LYS C 103 -38.55 19.84 18.01
N LEU C 104 -38.33 21.15 17.86
CA LEU C 104 -37.37 21.87 18.67
C LEU C 104 -38.10 22.81 19.61
N GLU C 105 -37.74 22.75 20.89
CA GLU C 105 -38.32 23.62 21.92
C GLU C 105 -37.30 24.65 22.37
N ILE C 106 -37.80 25.71 22.98
CA ILE C 106 -37.00 26.79 23.54
C ILE C 106 -37.16 26.78 25.04
N ARG C 108 -37.94 27.06 29.46
CA ARG C 108 -38.28 28.11 30.38
C ARG C 108 -38.47 27.45 31.72
N THR C 109 -38.78 28.24 32.72
CA THR C 109 -38.99 27.68 34.05
C THR C 109 -40.21 26.74 34.09
N VAL C 110 -40.09 25.67 34.85
CA VAL C 110 -41.21 24.77 35.02
C VAL C 110 -42.43 25.59 35.48
N ALA C 111 -43.58 25.32 34.88
CA ALA C 111 -44.82 26.01 35.25
C ALA C 111 -45.95 25.01 35.29
N ALA C 112 -46.61 24.93 36.45
CA ALA C 112 -47.79 24.09 36.62
C ALA C 112 -48.94 24.62 35.79
N PRO C 113 -49.77 23.72 35.26
CA PRO C 113 -50.97 24.20 34.57
C PRO C 113 -51.96 24.85 35.52
N SER C 114 -52.66 25.86 35.03
CA SER C 114 -53.90 26.27 35.67
C SER C 114 -55.00 25.46 35.01
N VAL C 115 -55.84 24.84 35.85
CA VAL C 115 -56.79 23.84 35.36
C VAL C 115 -58.22 24.35 35.56
N PHE C 116 -59.00 24.24 34.47
CA PHE C 116 -60.41 24.64 34.44
C PHE C 116 -61.24 23.51 33.87
N ILE C 117 -62.43 23.30 34.44
CA ILE C 117 -63.37 22.34 33.92
C ILE C 117 -64.69 23.05 33.51
N PHE C 118 -65.21 22.64 32.36
CA PHE C 118 -66.43 23.20 31.80
C PHE C 118 -67.49 22.12 31.59
N PRO C 119 -68.65 22.27 32.25
CA PRO C 119 -69.80 21.41 31.93
C PRO C 119 -70.30 21.64 30.52
N PRO C 120 -71.04 20.67 29.97
CA PRO C 120 -71.72 20.93 28.70
C PRO C 120 -72.74 22.05 28.82
N SER C 121 -72.94 22.77 27.72
CA SER C 121 -73.94 23.80 27.69
C SER C 121 -75.30 23.15 27.58
N ASP C 122 -76.33 23.84 28.05
CA ASP C 122 -77.71 23.39 27.86
C ASP C 122 -78.04 23.27 26.37
N GLU C 123 -77.46 24.16 25.56
CA GLU C 123 -77.68 24.11 24.12
C GLU C 123 -77.18 22.79 23.54
N GLN C 124 -76.00 22.36 23.96
CA GLN C 124 -75.48 21.12 23.43
C GLN C 124 -76.31 19.93 23.88
N LEU C 125 -76.69 19.92 25.15
CA LEU C 125 -77.46 18.82 25.68
C LEU C 125 -78.78 18.64 24.93
N LYS C 126 -79.41 19.73 24.48
CA LYS C 126 -80.64 19.60 23.71
C LYS C 126 -80.41 18.88 22.38
N SER C 127 -79.19 18.92 21.87
CA SER C 127 -78.89 18.19 20.61
C SER C 127 -78.55 16.72 20.87
N GLY C 128 -78.50 16.32 22.13
CA GLY C 128 -78.36 14.92 22.47
C GLY C 128 -76.98 14.46 22.87
N THR C 129 -76.02 15.37 22.91
CA THR C 129 -74.69 14.98 23.35
C THR C 129 -74.15 15.94 24.41
N ALA C 130 -73.13 15.48 25.13
CA ALA C 130 -72.56 16.25 26.22
C ALA C 130 -71.05 16.23 26.11
N SER C 131 -70.46 17.39 25.91
CA SER C 131 -69.01 17.47 25.92
C SER C 131 -68.58 18.16 27.19
N VAL C 132 -67.76 17.47 27.97
CA VAL C 132 -67.17 18.06 29.15
C VAL C 132 -65.73 18.39 28.80
N VAL C 133 -65.33 19.63 29.05
CA VAL C 133 -64.00 20.09 28.63
C VAL C 133 -63.10 20.40 29.83
N CYS C 134 -61.86 19.91 29.77
CA CYS C 134 -60.87 20.21 30.77
C CYS C 134 -59.75 20.99 30.08
N LEU C 135 -59.42 22.15 30.63
CA LEU C 135 -58.39 23.00 30.09
C LEU C 135 -57.20 23.05 31.02
N LEU C 136 -56.02 22.77 30.48
CA LEU C 136 -54.77 22.88 31.22
C LEU C 136 -54.03 24.03 30.60
N ASN C 137 -53.90 25.14 31.32
CA ASN C 137 -53.43 26.35 30.68
C ASN C 137 -52.03 26.73 31.11
N ASN C 138 -51.21 27.08 30.10
CA ASN C 138 -49.91 27.73 30.28
C ASN C 138 -48.94 26.96 31.18
N PHE C 139 -48.60 25.76 30.75
CA PHE C 139 -47.71 24.91 31.53
C PHE C 139 -46.42 24.62 30.76
N TYR C 140 -45.40 24.16 31.49
CA TYR C 140 -44.14 23.80 30.91
C TYR C 140 -43.45 22.87 31.90
N PRO C 141 -42.89 21.76 31.41
CA PRO C 141 -42.74 21.32 30.03
C PRO C 141 -44.03 20.72 29.48
N ARG C 142 -43.94 20.21 28.25
CA ARG C 142 -45.12 19.80 27.49
C ARG C 142 -45.83 18.56 28.03
N GLU C 143 -45.08 17.68 28.70
CA GLU C 143 -45.61 16.41 29.20
C GLU C 143 -46.64 16.63 30.31
N ALA C 144 -47.84 16.13 30.08
CA ALA C 144 -48.94 16.32 31.03
C ALA C 144 -49.89 15.18 30.80
N LYS C 145 -50.58 14.77 31.85
CA LYS C 145 -51.54 13.68 31.74
C LYS C 145 -52.88 14.13 32.32
N VAL C 146 -53.95 13.80 31.61
CA VAL C 146 -55.29 14.07 32.09
C VAL C 146 -56.02 12.75 32.24
N GLN C 147 -56.73 12.59 33.35
CA GLN C 147 -57.61 11.46 33.55
C GLN C 147 -59.01 11.99 33.86
N TRP C 148 -60.01 11.35 33.30
CA TRP C 148 -61.39 11.73 33.54
C TRP C 148 -62.06 10.71 34.43
N LYS C 149 -62.78 11.20 35.43
CA LYS C 149 -63.60 10.34 36.25
C LYS C 149 -65.04 10.83 36.28
N VAL C 150 -65.97 9.88 36.22
CA VAL C 150 -67.40 10.16 36.29
C VAL C 150 -67.90 9.32 37.45
N ASP C 151 -68.43 9.99 38.47
CA ASP C 151 -68.76 9.35 39.75
C ASP C 151 -67.62 8.42 40.19
N ASN C 152 -66.40 8.94 40.10
CA ASN C 152 -65.15 8.28 40.54
C ASN C 152 -64.72 7.08 39.69
N ALA C 153 -65.39 6.85 38.57
CA ALA C 153 -65.00 5.78 37.66
C ALA C 153 -64.18 6.33 36.52
N LEU C 154 -62.95 5.81 36.37
CA LEU C 154 -62.06 6.24 35.29
C LEU C 154 -62.67 5.98 33.92
N GLN C 155 -62.69 7.00 33.09
CA GLN C 155 -63.19 6.90 31.74
C GLN C 155 -62.09 6.47 30.80
N SER C 156 -62.43 5.56 29.89
CA SER C 156 -61.50 5.16 28.86
C SER C 156 -62.21 5.12 27.50
N GLY C 157 -61.57 5.72 26.51
CA GLY C 157 -62.01 5.57 25.12
C GLY C 157 -62.97 6.65 24.64
N ASN C 158 -63.41 7.50 25.55
CA ASN C 158 -64.41 8.52 25.24
C ASN C 158 -63.88 9.92 25.48
N SER C 159 -62.56 10.10 25.44
CA SER C 159 -61.99 11.45 25.42
C SER C 159 -61.00 11.64 24.30
N GLN C 160 -60.80 12.90 23.95
CA GLN C 160 -59.78 13.28 22.98
C GLN C 160 -59.12 14.53 23.48
N GLU C 161 -57.84 14.69 23.16
CA GLU C 161 -57.15 15.89 23.61
C GLU C 161 -56.29 16.46 22.48
N SER C 162 -55.97 17.74 22.62
CA SER C 162 -54.96 18.31 21.75
C SER C 162 -54.21 19.37 22.51
N VAL C 163 -53.02 19.70 22.00
CA VAL C 163 -52.07 20.53 22.69
C VAL C 163 -51.64 21.62 21.71
N THR C 164 -51.54 22.84 22.19
CA THR C 164 -51.08 23.94 21.34
C THR C 164 -49.57 23.83 21.06
N GLU C 165 -49.14 24.51 20.01
CA GLU C 165 -47.72 24.75 19.78
C GLU C 165 -47.20 25.55 20.98
N GLN C 166 -45.90 25.48 21.22
CA GLN C 166 -45.31 26.33 22.24
C GLN C 166 -45.67 27.79 21.98
N ASP C 167 -46.15 28.47 23.01
CA ASP C 167 -46.61 29.86 22.86
C ASP C 167 -45.42 30.78 22.70
N SER C 168 -45.41 31.62 21.66
CA SER C 168 -44.27 32.50 21.47
C SER C 168 -44.11 33.49 22.62
N LYS C 169 -45.22 33.88 23.23
CA LYS C 169 -45.22 34.98 24.20
C LYS C 169 -44.67 34.57 25.55
N ASP C 170 -44.83 33.31 25.92
CA ASP C 170 -44.34 32.88 27.24
C ASP C 170 -43.74 31.49 27.28
N SER C 171 -43.59 30.88 26.11
CA SER C 171 -42.92 29.60 25.97
C SER C 171 -43.65 28.45 26.67
N THR C 172 -44.95 28.65 26.93
CA THR C 172 -45.75 27.61 27.56
C THR C 172 -46.57 26.82 26.56
N TYR C 173 -47.20 25.77 27.05
CA TYR C 173 -48.13 24.96 26.27
C TYR C 173 -49.47 24.98 26.97
N SER C 174 -50.52 24.66 26.22
CA SER C 174 -51.83 24.48 26.84
C SER C 174 -52.44 23.25 26.19
N LEU C 175 -53.43 22.67 26.87
CA LEU C 175 -53.97 21.39 26.47
C LEU C 175 -55.45 21.43 26.77
N SER C 176 -56.23 20.96 25.82
CA SER C 176 -57.68 20.83 25.96
C SER C 176 -58.07 19.38 25.83
N SER C 177 -58.83 18.86 26.79
CA SER C 177 -59.34 17.51 26.70
C SER C 177 -60.86 17.55 26.76
N THR C 178 -61.49 16.75 25.92
CA THR C 178 -62.95 16.69 25.85
C THR C 178 -63.40 15.28 26.12
N LEU C 179 -64.26 15.15 27.11
CA LEU C 179 -64.95 13.90 27.43
C LEU C 179 -66.32 13.99 26.78
N THR C 180 -66.68 13.02 25.95
CA THR C 180 -67.94 13.09 25.23
C THR C 180 -68.85 11.96 25.70
N LEU C 181 -70.04 12.32 26.16
CA LEU C 181 -71.03 11.37 26.60
C LEU C 181 -72.33 11.64 25.82
N SER C 182 -73.18 10.63 25.73
CA SER C 182 -74.55 10.87 25.25
C SER C 182 -75.27 11.73 26.31
N LYS C 183 -76.33 12.42 25.90
CA LYS C 183 -77.15 13.12 26.87
C LYS C 183 -77.64 12.18 27.98
N ALA C 184 -78.16 11.02 27.59
CA ALA C 184 -78.73 10.10 28.55
C ALA C 184 -77.70 9.71 29.61
N ASP C 185 -76.48 9.41 29.17
CA ASP C 185 -75.41 9.03 30.09
C ASP C 185 -75.00 10.18 31.00
N TYR C 186 -74.85 11.36 30.42
CA TYR C 186 -74.49 12.53 31.20
C TYR C 186 -75.49 12.78 32.33
N GLU C 187 -76.78 12.62 32.05
CA GLU C 187 -77.80 12.90 33.04
C GLU C 187 -77.96 11.77 34.04
N LYS C 188 -77.20 10.69 33.88
CA LYS C 188 -77.30 9.55 34.78
C LYS C 188 -76.29 9.65 35.92
N HIS C 189 -75.34 10.57 35.78
CA HIS C 189 -74.25 10.68 36.74
C HIS C 189 -74.14 12.08 37.31
N LYS C 190 -73.45 12.20 38.45
CA LYS C 190 -73.41 13.46 39.20
C LYS C 190 -72.06 14.17 39.14
N VAL C 191 -70.98 13.48 39.53
CA VAL C 191 -69.64 14.09 39.66
C VAL C 191 -68.76 13.89 38.44
N TYR C 192 -68.33 15.00 37.85
CA TYR C 192 -67.47 14.97 36.68
C TYR C 192 -66.16 15.58 37.08
N ALA C 193 -65.07 14.85 36.87
CA ALA C 193 -63.79 15.32 37.32
C ALA C 193 -62.69 15.08 36.31
N CYS C 194 -61.81 16.07 36.21
CA CYS C 194 -60.58 16.02 35.45
C CYS C 194 -59.43 15.98 36.47
N GLU C 195 -58.54 14.99 36.35
CA GLU C 195 -57.35 14.90 37.22
C GLU C 195 -56.10 15.11 36.38
N VAL C 196 -55.26 16.05 36.80
CA VAL C 196 -54.11 16.45 36.01
C VAL C 196 -52.81 16.17 36.71
N THR C 197 -51.90 15.52 35.98
CA THR C 197 -50.58 15.23 36.48
C THR C 197 -49.58 16.02 35.65
N HIS C 198 -48.63 16.65 36.32
CA HIS C 198 -47.64 17.47 35.66
C HIS C 198 -46.49 17.74 36.62
N GLN C 199 -45.29 17.86 36.06
CA GLN C 199 -44.07 18.02 36.83
C GLN C 199 -44.10 19.21 37.78
N GLY C 200 -44.81 20.26 37.38
CA GLY C 200 -44.94 21.46 38.19
C GLY C 200 -45.87 21.36 39.36
N LEU C 201 -46.60 20.25 39.45
CA LEU C 201 -47.55 20.02 40.54
C LEU C 201 -46.99 18.95 41.47
N SER C 202 -46.87 19.27 42.75
CA SER C 202 -46.35 18.32 43.72
C SER C 202 -47.28 17.12 43.91
N SER C 203 -48.58 17.32 43.67
CA SER C 203 -49.55 16.22 43.65
C SER C 203 -50.50 16.48 42.50
N PRO C 204 -51.07 15.43 41.91
CA PRO C 204 -52.07 15.64 40.84
C PRO C 204 -53.22 16.50 41.33
N VAL C 205 -53.75 17.34 40.45
CA VAL C 205 -54.82 18.27 40.79
C VAL C 205 -56.11 17.82 40.11
N THR C 206 -57.18 17.80 40.90
CA THR C 206 -58.50 17.49 40.39
C THR C 206 -59.40 18.71 40.38
N LYS C 207 -60.04 18.97 39.23
CA LYS C 207 -61.11 19.94 39.14
C LYS C 207 -62.37 19.16 38.81
N SER C 208 -63.46 19.52 39.44
CA SER C 208 -64.69 18.77 39.26
C SER C 208 -65.88 19.65 39.42
N PHE C 209 -67.01 19.15 38.97
CA PHE C 209 -68.31 19.76 39.26
C PHE C 209 -69.35 18.68 39.45
N ASN C 210 -70.42 19.07 40.12
CA ASN C 210 -71.59 18.23 40.28
C ASN C 210 -72.65 18.68 39.31
N ARG C 211 -73.16 17.76 38.49
CA ARG C 211 -74.15 18.13 37.49
C ARG C 211 -75.35 18.68 38.23
N GLY C 212 -75.83 19.83 37.77
CA GLY C 212 -77.01 20.43 38.35
C GLY C 212 -76.74 21.25 39.60
N GLU C 213 -75.47 21.57 39.84
CA GLU C 213 -75.09 22.44 40.96
C GLU C 213 -74.19 23.58 40.49
N CYS C 214 -74.41 24.77 41.04
CA CYS C 214 -73.53 25.91 40.84
C CYS C 214 -74.08 27.14 41.57
N GLU D 1 -37.59 36.22 -7.88
CA GLU D 1 -38.89 35.62 -7.57
C GLU D 1 -39.05 34.31 -8.34
N VAL D 2 -39.24 33.21 -7.61
CA VAL D 2 -39.37 31.90 -8.22
C VAL D 2 -40.59 31.18 -7.66
N GLN D 3 -41.53 31.93 -7.12
CA GLN D 3 -42.69 31.33 -6.46
C GLN D 3 -43.61 30.66 -7.48
N LEU D 4 -44.20 29.55 -7.05
CA LEU D 4 -45.25 28.87 -7.82
C LEU D 4 -46.51 28.81 -6.96
N LEU D 5 -47.65 28.70 -7.63
CA LEU D 5 -48.95 28.72 -6.97
C LEU D 5 -49.71 27.44 -7.28
N GLU D 6 -50.20 26.79 -6.24
CA GLU D 6 -50.97 25.55 -6.38
C GLU D 6 -52.46 25.87 -6.34
N SER D 7 -53.18 25.42 -7.36
CA SER D 7 -54.62 25.59 -7.45
C SER D 7 -55.30 24.24 -7.50
N GLY D 8 -56.59 24.23 -7.13
CA GLY D 8 -57.36 23.01 -7.15
C GLY D 8 -57.56 22.41 -5.77
N GLY D 9 -57.62 21.09 -5.70
CA GLY D 9 -57.85 20.41 -4.43
C GLY D 9 -59.27 20.56 -3.95
N GLY D 10 -59.52 20.05 -2.76
CA GLY D 10 -60.82 20.12 -2.12
C GLY D 10 -61.21 18.78 -1.53
N LEU D 11 -62.52 18.60 -1.35
CA LEU D 11 -63.07 17.37 -0.76
C LEU D 11 -63.52 16.44 -1.88
N VAL D 12 -63.12 15.18 -1.81
CA VAL D 12 -63.49 14.18 -2.79
C VAL D 12 -63.81 12.86 -2.11
N GLN D 13 -64.73 12.12 -2.71
CA GLN D 13 -65.07 10.80 -2.19
C GLN D 13 -63.96 9.81 -2.56
N PRO D 14 -63.63 8.86 -1.68
CA PRO D 14 -62.62 7.85 -2.03
C PRO D 14 -62.99 7.10 -3.30
N GLY D 15 -62.00 6.91 -4.17
CA GLY D 15 -62.19 6.28 -5.45
C GLY D 15 -62.28 7.24 -6.62
N GLU D 16 -62.43 8.53 -6.35
CA GLU D 16 -62.56 9.52 -7.41
C GLU D 16 -61.19 10.01 -7.87
N SER D 17 -61.20 10.86 -8.89
CA SER D 17 -59.99 11.47 -9.40
C SER D 17 -59.99 12.97 -9.11
N LEU D 18 -58.79 13.53 -9.10
CA LEU D 18 -58.59 14.97 -8.92
C LEU D 18 -57.19 15.40 -9.36
N ARG D 19 -57.07 16.41 -10.22
CA ARG D 19 -55.76 16.89 -10.64
C ARG D 19 -55.50 18.26 -10.03
N VAL D 20 -54.26 18.49 -9.62
CA VAL D 20 -53.85 19.74 -8.98
C VAL D 20 -52.87 20.45 -9.91
N SER D 21 -53.08 21.74 -10.09
CA SER D 21 -52.23 22.55 -10.95
C SER D 21 -51.15 23.25 -10.14
N CYS D 22 -50.09 23.65 -10.83
CA CYS D 22 -48.97 24.35 -10.19
C CYS D 22 -48.41 25.35 -11.20
N ALA D 23 -48.85 26.60 -11.08
CA ALA D 23 -48.42 27.66 -11.98
C ALA D 23 -46.97 28.01 -11.67
N ALA D 24 -46.05 27.53 -12.50
CA ALA D 24 -44.63 27.79 -12.31
C ALA D 24 -44.30 29.18 -12.86
N SER D 25 -44.17 30.15 -11.98
CA SER D 25 -43.89 31.53 -12.36
C SER D 25 -42.50 31.93 -11.87
N GLY D 26 -41.88 32.85 -12.60
CA GLY D 26 -40.64 33.46 -12.14
C GLY D 26 -39.38 33.00 -12.83
N PHE D 27 -38.31 32.83 -12.04
CA PHE D 27 -36.99 32.53 -12.60
C PHE D 27 -36.98 31.22 -13.37
N THR D 28 -37.85 30.27 -13.01
CA THR D 28 -37.86 28.95 -13.63
C THR D 28 -38.16 29.03 -15.12
N PHE D 29 -37.16 28.76 -15.94
CA PHE D 29 -37.38 28.67 -17.39
C PHE D 29 -38.14 27.42 -17.78
N ARG D 30 -38.33 26.49 -16.83
CA ARG D 30 -39.04 25.22 -17.06
C ARG D 30 -38.31 24.34 -18.06
N ASP D 31 -36.98 24.41 -18.05
CA ASP D 31 -36.15 23.31 -18.50
C ASP D 31 -35.55 22.56 -17.31
N SER D 32 -35.97 22.92 -16.10
CA SER D 32 -35.55 22.28 -14.86
C SER D 32 -36.68 21.42 -14.33
N ALA D 33 -36.34 20.51 -13.43
CA ALA D 33 -37.30 19.54 -12.92
C ALA D 33 -38.23 20.17 -11.88
N LEU D 34 -39.36 19.52 -11.69
CA LEU D 34 -40.34 19.91 -10.67
C LEU D 34 -40.85 18.65 -9.98
N SER D 35 -41.36 18.82 -8.77
CA SER D 35 -41.80 17.68 -7.97
C SER D 35 -43.05 18.03 -7.17
N TRP D 36 -43.74 17.00 -6.71
CA TRP D 36 -44.88 17.12 -5.81
C TRP D 36 -44.55 16.41 -4.51
N VAL D 37 -44.92 17.05 -3.39
CA VAL D 37 -44.70 16.49 -2.06
C VAL D 37 -45.95 16.74 -1.23
N ARG D 38 -46.49 15.69 -0.63
CA ARG D 38 -47.71 15.78 0.16
C ARG D 38 -47.40 15.60 1.64
N GLN D 39 -48.22 16.24 2.48
CA GLN D 39 -48.08 16.15 3.93
C GLN D 39 -49.46 16.24 4.56
N ALA D 40 -49.81 15.26 5.37
CA ALA D 40 -51.07 15.37 6.10
C ALA D 40 -50.82 16.02 7.45
N PRO D 41 -51.71 16.94 7.86
CA PRO D 41 -51.59 17.54 9.20
C PRO D 41 -51.60 16.45 10.27
N GLY D 42 -50.53 16.42 11.06
CA GLY D 42 -50.30 15.33 11.99
C GLY D 42 -49.28 14.31 11.51
N LYS D 43 -48.76 14.46 10.28
CA LYS D 43 -47.73 13.60 9.73
C LYS D 43 -46.65 14.46 9.09
N GLY D 44 -45.52 13.83 8.78
CA GLY D 44 -44.39 14.50 8.21
C GLY D 44 -44.47 14.59 6.70
N LEU D 45 -43.37 15.06 6.10
CA LEU D 45 -43.30 15.20 4.65
C LEU D 45 -43.12 13.84 3.99
N GLU D 46 -43.51 13.78 2.72
CA GLU D 46 -43.36 12.57 1.92
C GLU D 46 -43.29 12.95 0.45
N TRP D 47 -42.20 12.61 -0.21
CA TRP D 47 -42.05 12.89 -1.63
C TRP D 47 -43.03 12.03 -2.44
N VAL D 48 -43.70 12.66 -3.40
CA VAL D 48 -44.72 11.98 -4.19
C VAL D 48 -44.17 11.58 -5.55
N SER D 49 -43.65 12.55 -6.30
CA SER D 49 -43.29 12.30 -7.70
C SER D 49 -42.39 13.42 -8.19
N ALA D 50 -42.02 13.34 -9.48
CA ALA D 50 -41.16 14.33 -10.11
C ALA D 50 -41.39 14.30 -11.61
N ILE D 51 -41.00 15.40 -12.27
CA ILE D 51 -41.12 15.58 -13.70
C ILE D 51 -39.82 16.15 -14.22
N SER D 52 -39.50 15.85 -15.49
CA SER D 52 -38.26 16.33 -16.08
C SER D 52 -38.45 16.55 -17.57
N GLY D 53 -37.98 17.69 -18.06
CA GLY D 53 -37.97 17.99 -19.47
C GLY D 53 -39.31 17.77 -20.14
N ASN D 54 -39.43 16.64 -20.85
CA ASN D 54 -40.69 16.24 -21.44
C ASN D 54 -41.18 15.00 -20.70
N GLY D 55 -41.08 13.82 -21.29
CA GLY D 55 -41.57 12.61 -20.66
C GLY D 55 -40.51 11.77 -19.99
N GLY D 56 -39.53 12.41 -19.35
CA GLY D 56 -38.49 11.68 -18.63
C GLY D 56 -38.85 11.22 -17.24
N ALA D 57 -40.08 11.46 -16.79
CA ALA D 57 -40.50 11.10 -15.43
C ALA D 57 -42.03 11.07 -15.35
N THR D 58 -42.71 9.93 -15.09
CA THR D 58 -42.25 8.52 -14.94
C THR D 58 -41.57 8.23 -13.58
N TYR D 59 -41.47 9.22 -12.70
CA TYR D 59 -40.94 9.02 -11.34
C TYR D 59 -42.07 9.18 -10.33
N TYR D 60 -42.55 8.07 -9.78
CA TYR D 60 -43.63 8.07 -8.80
C TYR D 60 -43.24 7.24 -7.59
N ALA D 61 -43.74 7.64 -6.42
CA ALA D 61 -43.49 6.89 -5.20
C ALA D 61 -44.30 5.59 -5.19
N ASP D 62 -43.83 4.63 -4.40
CA ASP D 62 -44.49 3.33 -4.32
C ASP D 62 -45.91 3.42 -3.77
N THR D 63 -46.22 4.46 -3.00
CA THR D 63 -47.58 4.61 -2.48
C THR D 63 -48.56 4.91 -3.60
N VAL D 64 -48.15 5.68 -4.60
CA VAL D 64 -49.00 6.11 -5.69
C VAL D 64 -48.51 5.58 -7.05
N LYS D 65 -47.75 4.47 -7.02
CA LYS D 65 -47.13 3.97 -8.24
C LYS D 65 -48.15 3.66 -9.33
N GLY D 66 -49.32 3.18 -8.97
CA GLY D 66 -50.36 2.89 -9.94
C GLY D 66 -51.55 3.82 -9.94
N ARG D 67 -51.50 4.94 -9.23
CA ARG D 67 -52.64 5.84 -9.11
C ARG D 67 -52.35 7.22 -9.66
N PHE D 68 -51.24 7.84 -9.27
CA PHE D 68 -50.95 9.21 -9.65
C PHE D 68 -50.16 9.25 -10.96
N THR D 69 -50.45 10.28 -11.77
CA THR D 69 -49.75 10.50 -13.03
C THR D 69 -49.45 11.99 -13.16
N ILE D 70 -48.23 12.31 -13.58
CA ILE D 70 -47.70 13.67 -13.55
C ILE D 70 -47.64 14.20 -14.98
N SER D 71 -48.27 15.36 -15.19
CA SER D 71 -48.29 16.03 -16.48
C SER D 71 -47.48 17.32 -16.42
N ARG D 72 -47.02 17.76 -17.58
CA ARG D 72 -46.29 19.01 -17.70
C ARG D 72 -46.72 19.72 -18.97
N ASP D 73 -47.07 20.99 -18.85
CA ASP D 73 -47.51 21.82 -19.97
C ASP D 73 -46.61 23.04 -20.01
N ASN D 74 -45.48 22.94 -20.71
CA ASN D 74 -44.53 24.03 -20.79
C ASN D 74 -45.06 25.22 -21.59
N SER D 75 -46.01 25.00 -22.50
CA SER D 75 -46.55 26.11 -23.27
C SER D 75 -47.29 27.11 -22.38
N GLN D 76 -48.04 26.62 -21.39
CA GLN D 76 -48.71 27.48 -20.44
C GLN D 76 -48.00 27.53 -19.09
N THR D 77 -46.86 26.86 -18.96
CA THR D 77 -46.01 26.90 -17.77
C THR D 77 -46.79 26.50 -16.52
N THR D 78 -47.33 25.28 -16.55
CA THR D 78 -48.11 24.76 -15.43
C THR D 78 -47.82 23.28 -15.26
N LEU D 79 -47.60 22.87 -14.01
CA LEU D 79 -47.34 21.47 -13.67
C LEU D 79 -48.61 20.86 -13.08
N TYR D 80 -48.92 19.63 -13.48
CA TYR D 80 -50.14 18.96 -13.08
C TYR D 80 -49.83 17.66 -12.36
N LEU D 81 -50.88 17.08 -11.76
CA LEU D 81 -50.76 15.81 -11.03
C LEU D 81 -52.17 15.22 -10.95
N GLN D 82 -52.47 14.26 -11.82
CA GLN D 82 -53.77 13.61 -11.84
C GLN D 82 -53.79 12.49 -10.81
N MET D 83 -54.54 12.69 -9.73
CA MET D 83 -54.60 11.74 -8.62
C MET D 83 -55.86 10.90 -8.75
N ASN D 84 -55.71 9.71 -9.34
CA ASN D 84 -56.83 8.81 -9.57
C ASN D 84 -56.88 7.72 -8.50
N SER D 85 -58.06 7.14 -8.33
CA SER D 85 -58.30 6.07 -7.35
C SER D 85 -57.84 6.49 -5.96
N LEU D 86 -58.29 7.66 -5.55
CA LEU D 86 -57.88 8.22 -4.27
C LEU D 86 -58.43 7.40 -3.11
N ARG D 87 -57.57 7.13 -2.13
CA ARG D 87 -57.94 6.41 -0.91
C ARG D 87 -57.98 7.38 0.26
N ALA D 88 -58.30 6.84 1.44
CA ALA D 88 -58.47 7.69 2.61
C ALA D 88 -57.16 8.34 3.02
N ASP D 89 -56.06 7.59 3.00
CA ASP D 89 -54.77 8.12 3.45
C ASP D 89 -54.18 9.15 2.49
N ASP D 90 -54.82 9.41 1.35
CA ASP D 90 -54.33 10.41 0.42
C ASP D 90 -54.64 11.84 0.85
N THR D 91 -55.36 12.02 1.96
CA THR D 91 -55.66 13.35 2.47
C THR D 91 -54.38 14.00 2.98
N ALA D 92 -53.96 15.08 2.32
CA ALA D 92 -52.70 15.73 2.66
C ALA D 92 -52.68 17.12 2.03
N THR D 93 -51.71 17.93 2.44
CA THR D 93 -51.46 19.24 1.86
C THR D 93 -50.40 19.07 0.78
N TYR D 94 -50.82 18.94 -0.47
CA TYR D 94 -49.90 18.65 -1.56
C TYR D 94 -49.10 19.90 -1.92
N TYR D 95 -47.77 19.82 -1.76
CA TYR D 95 -46.87 20.92 -2.05
C TYR D 95 -46.21 20.69 -3.41
N CYS D 96 -46.16 21.74 -4.22
CA CYS D 96 -45.41 21.75 -5.46
C CYS D 96 -44.06 22.40 -5.18
N ALA D 97 -42.99 21.67 -5.45
CA ALA D 97 -41.65 22.10 -5.04
C ALA D 97 -40.73 22.17 -6.24
N LYS D 98 -39.91 23.23 -6.28
CA LYS D 98 -38.83 23.33 -7.25
C LYS D 98 -37.82 22.22 -7.03
N ASP D 99 -37.00 21.96 -8.05
CA ASP D 99 -35.98 20.93 -7.98
C ASP D 99 -34.67 21.49 -8.55
N GLU D 100 -33.60 21.38 -7.77
CA GLU D 100 -32.28 21.83 -8.19
C GLU D 100 -31.29 20.70 -8.01
N SER D 101 -30.27 20.68 -8.87
CA SER D 101 -29.23 19.66 -8.84
C SER D 101 -27.86 20.32 -8.87
N PRO D 102 -26.84 19.65 -8.34
CA PRO D 102 -25.47 20.16 -8.46
C PRO D 102 -25.10 20.34 -9.92
N PRO D 103 -24.36 21.41 -10.25
CA PRO D 103 -24.07 21.69 -11.66
C PRO D 103 -23.22 20.62 -12.35
N ILE D 104 -22.58 19.72 -11.59
CA ILE D 104 -21.81 18.67 -12.23
C ILE D 104 -22.73 17.67 -12.92
N TYR D 105 -23.92 17.44 -12.36
CA TYR D 105 -24.90 16.57 -13.00
C TYR D 105 -25.67 17.39 -14.03
N ASN D 106 -26.78 16.82 -14.52
CA ASN D 106 -27.64 17.44 -15.52
C ASN D 106 -26.82 17.86 -16.75
N LEU D 107 -26.38 16.84 -17.48
CA LEU D 107 -25.57 17.06 -18.67
C LEU D 107 -26.35 17.81 -19.74
N MET D 108 -27.40 17.18 -20.27
CA MET D 108 -28.30 17.89 -21.17
C MET D 108 -29.30 18.70 -20.35
N PRO D 109 -29.51 19.98 -20.70
CA PRO D 109 -30.32 20.85 -19.82
C PRO D 109 -31.73 20.35 -19.58
N GLY D 110 -32.32 19.64 -20.54
CA GLY D 110 -33.71 19.23 -20.40
C GLY D 110 -33.94 18.00 -19.56
N TYR D 111 -33.08 16.99 -19.72
CA TYR D 111 -33.35 15.68 -19.13
C TYR D 111 -33.16 15.72 -17.61
N TYR D 112 -33.39 14.56 -16.99
CA TYR D 112 -33.43 14.44 -15.53
C TYR D 112 -32.04 14.18 -14.99
N SER D 113 -31.65 14.93 -13.95
CA SER D 113 -30.49 14.63 -13.14
C SER D 113 -30.94 13.87 -11.91
N THR D 114 -30.51 12.62 -11.77
CA THR D 114 -31.12 11.73 -10.79
C THR D 114 -30.78 12.10 -9.34
N TYR D 115 -30.31 13.33 -9.11
CA TYR D 115 -30.01 13.82 -7.76
C TYR D 115 -30.54 15.25 -7.64
N TYR D 116 -31.73 15.39 -7.07
CA TYR D 116 -32.37 16.69 -6.91
C TYR D 116 -32.65 16.98 -5.44
N TYR D 117 -32.56 18.26 -5.09
CA TYR D 117 -32.98 18.79 -3.81
C TYR D 117 -33.90 19.97 -4.05
N MET D 118 -35.01 20.02 -3.30
CA MET D 118 -36.01 21.06 -3.49
C MET D 118 -35.65 22.31 -2.71
N ASP D 119 -35.66 23.45 -3.40
CA ASP D 119 -35.21 24.72 -2.84
C ASP D 119 -36.36 25.71 -2.60
N VAL D 120 -37.22 25.89 -3.59
CA VAL D 120 -38.34 26.84 -3.48
C VAL D 120 -39.62 26.03 -3.38
N TRP D 121 -40.29 26.15 -2.23
CA TRP D 121 -41.56 25.47 -1.99
C TRP D 121 -42.73 26.39 -2.28
N GLY D 122 -43.89 25.77 -2.52
CA GLY D 122 -45.10 26.51 -2.82
C GLY D 122 -45.99 26.70 -1.61
N LYS D 123 -47.10 27.41 -1.84
CA LYS D 123 -48.05 27.67 -0.77
C LYS D 123 -48.80 26.40 -0.36
N GLY D 124 -49.02 25.48 -1.28
CA GLY D 124 -49.68 24.23 -0.97
C GLY D 124 -51.18 24.26 -1.11
N THR D 125 -51.76 23.16 -1.57
CA THR D 125 -53.20 23.01 -1.69
C THR D 125 -53.64 21.80 -0.87
N THR D 126 -54.64 21.98 -0.03
CA THR D 126 -55.13 20.92 0.84
C THR D 126 -56.18 20.10 0.11
N VAL D 127 -55.99 18.78 0.13
CA VAL D 127 -56.92 17.83 -0.50
C VAL D 127 -57.39 16.87 0.58
N THR D 128 -58.71 16.81 0.79
CA THR D 128 -59.31 15.94 1.78
C THR D 128 -60.11 14.85 1.08
N VAL D 129 -59.83 13.59 1.42
CA VAL D 129 -60.50 12.44 0.83
C VAL D 129 -61.25 11.74 1.96
N SER D 130 -62.57 11.88 1.94
CA SER D 130 -63.45 11.16 2.85
C SER D 130 -64.74 10.79 2.14
N SER D 131 -65.64 10.19 2.91
CA SER D 131 -67.03 10.05 2.52
C SER D 131 -67.85 11.09 3.27
N ALA D 132 -67.18 12.05 3.88
CA ALA D 132 -67.83 13.06 4.65
C ALA D 132 -68.80 13.80 3.77
N SER D 133 -69.42 14.82 4.34
CA SER D 133 -70.43 15.57 3.64
C SER D 133 -70.57 16.86 4.39
N THR D 134 -70.11 17.92 3.76
CA THR D 134 -69.81 19.15 4.48
C THR D 134 -70.88 19.43 5.52
N LYS D 135 -70.45 19.90 6.68
CA LYS D 135 -71.34 20.22 7.79
C LYS D 135 -70.79 21.36 8.64
N GLY D 136 -71.63 22.36 8.91
CA GLY D 136 -71.25 23.47 9.76
C GLY D 136 -71.25 23.13 11.25
N PRO D 137 -70.49 23.90 12.04
CA PRO D 137 -70.36 23.57 13.47
C PRO D 137 -71.52 24.05 14.34
N SER D 138 -71.67 23.38 15.48
CA SER D 138 -72.43 23.89 16.61
C SER D 138 -71.43 24.58 17.53
N VAL D 139 -71.84 25.69 18.12
CA VAL D 139 -70.91 26.44 18.98
C VAL D 139 -71.51 26.53 20.36
N PHE D 140 -70.76 26.04 21.35
CA PHE D 140 -71.25 26.00 22.71
C PHE D 140 -70.35 26.80 23.63
N PRO D 141 -70.94 27.43 24.64
CA PRO D 141 -70.08 28.24 25.51
C PRO D 141 -69.32 27.39 26.53
N LEU D 142 -68.11 27.81 26.82
CA LEU D 142 -67.33 27.31 27.97
C LEU D 142 -67.35 28.44 28.99
N ALA D 143 -68.29 28.37 29.91
CA ALA D 143 -68.61 29.53 30.74
C ALA D 143 -67.66 29.65 31.91
N PRO D 144 -67.25 30.89 32.22
CA PRO D 144 -66.38 31.11 33.38
C PRO D 144 -67.17 30.91 34.65
N SER D 145 -66.57 30.28 35.64
CA SER D 145 -67.28 30.03 36.89
C SER D 145 -66.44 30.48 38.07
N GLY D 152 -58.25 36.21 40.61
CA GLY D 152 -58.01 37.41 39.82
C GLY D 152 -58.21 37.16 38.33
N THR D 153 -57.94 35.93 37.90
CA THR D 153 -58.01 35.56 36.48
C THR D 153 -59.02 34.45 36.21
N ALA D 154 -59.85 34.66 35.21
CA ALA D 154 -60.85 33.66 34.80
C ALA D 154 -60.61 33.19 33.38
N ALA D 155 -61.02 31.95 33.11
CA ALA D 155 -60.94 31.44 31.75
C ALA D 155 -62.35 31.22 31.21
N LEU D 156 -62.54 31.54 29.95
CA LEU D 156 -63.82 31.27 29.29
C LEU D 156 -63.50 30.87 27.86
N GLY D 157 -64.47 30.34 27.13
CA GLY D 157 -64.18 29.86 25.80
C GLY D 157 -65.42 29.42 25.04
N CYS D 158 -65.17 28.82 23.88
CA CYS D 158 -66.24 28.31 23.02
C CYS D 158 -65.77 26.97 22.53
N LEU D 159 -66.67 26.01 22.51
CA LEU D 159 -66.42 24.72 21.90
C LEU D 159 -67.12 24.72 20.54
N VAL D 160 -66.34 24.45 19.50
CA VAL D 160 -66.84 24.42 18.14
C VAL D 160 -66.85 22.98 17.69
N LYS D 161 -68.04 22.41 17.64
CA LYS D 161 -68.16 20.97 17.56
C LYS D 161 -68.92 20.51 16.32
N ASP D 162 -68.51 19.34 15.83
CA ASP D 162 -69.23 18.60 14.83
C ASP D 162 -69.30 19.29 13.49
N TYR D 163 -68.14 19.67 12.99
CA TYR D 163 -68.06 20.26 11.65
C TYR D 163 -67.14 19.47 10.75
N PHE D 164 -67.27 19.74 9.46
CA PHE D 164 -66.46 19.06 8.46
C PHE D 164 -66.57 19.80 7.15
N PRO D 165 -65.45 19.93 6.44
CA PRO D 165 -64.06 19.62 6.76
C PRO D 165 -63.43 20.77 7.51
N GLU D 166 -62.16 20.62 7.86
CA GLU D 166 -61.38 21.77 8.29
C GLU D 166 -61.27 22.77 7.15
N PRO D 167 -60.98 24.03 7.46
CA PRO D 167 -60.76 24.56 8.82
C PRO D 167 -61.91 25.42 9.29
N VAL D 168 -61.86 25.81 10.57
CA VAL D 168 -62.71 26.88 11.08
C VAL D 168 -61.80 27.99 11.58
N THR D 169 -62.33 29.21 11.63
CA THR D 169 -61.60 30.32 12.25
C THR D 169 -62.37 30.78 13.45
N VAL D 170 -61.65 31.14 14.51
CA VAL D 170 -62.29 31.68 15.68
C VAL D 170 -61.63 33.00 16.03
N SER D 171 -62.44 34.02 16.28
CA SER D 171 -61.93 35.27 16.85
C SER D 171 -62.78 35.61 18.07
N TRP D 172 -62.32 36.56 18.86
CA TRP D 172 -63.06 37.03 20.01
C TRP D 172 -63.36 38.52 19.92
N ASN D 173 -64.62 38.87 20.20
CA ASN D 173 -65.07 40.27 20.16
C ASN D 173 -64.69 40.93 18.84
N SER D 174 -64.96 40.20 17.76
CA SER D 174 -64.67 40.64 16.41
C SER D 174 -63.21 40.99 16.22
N GLY D 175 -62.32 40.27 16.92
CA GLY D 175 -60.90 40.52 16.78
C GLY D 175 -60.33 41.62 17.68
N ALA D 176 -61.18 42.18 18.54
CA ALA D 176 -60.74 43.20 19.49
C ALA D 176 -60.07 42.58 20.73
N LEU D 177 -60.27 41.28 20.92
CA LEU D 177 -59.68 40.57 22.04
C LEU D 177 -58.68 39.55 21.50
N THR D 178 -57.41 39.77 21.82
CA THR D 178 -56.30 38.95 21.31
C THR D 178 -55.48 38.39 22.47
N SER D 179 -55.19 39.23 23.45
CA SER D 179 -54.36 38.84 24.57
C SER D 179 -55.00 37.66 25.26
N GLY D 180 -54.23 36.59 25.42
CA GLY D 180 -54.67 35.50 26.26
C GLY D 180 -55.52 34.49 25.54
N VAL D 181 -55.72 34.68 24.23
CA VAL D 181 -56.51 33.74 23.46
C VAL D 181 -55.66 32.55 23.01
N HIS D 182 -56.22 31.37 23.18
CA HIS D 182 -55.65 30.14 22.64
C HIS D 182 -56.72 29.40 21.88
N THR D 183 -56.51 29.20 20.60
CA THR D 183 -57.38 28.35 19.80
C THR D 183 -56.62 27.09 19.49
N PHE D 184 -57.18 25.96 19.92
CA PHE D 184 -56.47 24.70 19.85
C PHE D 184 -56.65 24.00 18.50
N PRO D 185 -55.71 23.10 18.19
CA PRO D 185 -55.92 22.26 17.00
C PRO D 185 -57.19 21.43 17.18
N ALA D 186 -57.93 21.23 16.09
CA ALA D 186 -59.12 20.44 16.12
C ALA D 186 -58.75 18.99 16.32
N VAL D 187 -59.68 18.22 16.86
CA VAL D 187 -59.51 16.79 16.91
C VAL D 187 -60.62 16.19 16.06
N LEU D 188 -60.35 15.00 15.51
CA LEU D 188 -61.28 14.30 14.67
C LEU D 188 -61.98 13.26 15.52
N GLN D 189 -63.29 13.35 15.60
CA GLN D 189 -64.08 12.38 16.33
C GLN D 189 -64.40 11.12 15.50
N SER D 190 -64.88 10.07 16.16
CA SER D 190 -65.18 8.79 15.53
C SER D 190 -66.31 8.89 14.49
N SER D 191 -67.10 9.94 14.59
CA SER D 191 -68.16 10.23 13.63
C SER D 191 -67.57 10.76 12.33
N GLY D 192 -66.31 11.17 12.41
CA GLY D 192 -65.63 11.74 11.27
C GLY D 192 -65.76 13.26 11.22
N LEU D 193 -66.36 13.85 12.25
CA LEU D 193 -66.46 15.32 12.37
C LEU D 193 -65.41 15.88 13.33
N TYR D 194 -65.03 17.14 13.11
CA TYR D 194 -64.02 17.80 13.95
C TYR D 194 -64.63 18.55 15.12
N SER D 195 -63.81 18.75 16.16
CA SER D 195 -64.20 19.51 17.34
C SER D 195 -62.98 20.28 17.80
N LEU D 196 -63.14 21.56 18.11
CA LEU D 196 -62.04 22.34 18.65
C LEU D 196 -62.53 23.31 19.70
N SER D 197 -61.61 23.76 20.54
CA SER D 197 -61.95 24.73 21.54
C SER D 197 -61.10 25.98 21.38
N SER D 198 -61.67 27.11 21.74
CA SER D 198 -60.92 28.35 21.78
C SER D 198 -61.18 28.94 23.14
N VAL D 199 -60.13 29.40 23.80
CA VAL D 199 -60.31 29.92 25.15
C VAL D 199 -59.63 31.25 25.31
N VAL D 200 -60.03 31.97 26.32
CA VAL D 200 -59.34 33.21 26.63
C VAL D 200 -59.32 33.36 28.13
N THR D 201 -58.24 33.92 28.65
CA THR D 201 -58.17 34.23 30.09
C THR D 201 -58.35 35.71 30.21
N VAL D 202 -59.13 36.12 31.20
CA VAL D 202 -59.45 37.54 31.35
C VAL D 202 -59.51 37.84 32.83
N PRO D 203 -59.46 39.13 33.20
CA PRO D 203 -59.57 39.45 34.63
C PRO D 203 -60.94 39.04 35.15
N SER D 204 -60.98 38.38 36.31
CA SER D 204 -62.26 38.02 36.94
C SER D 204 -63.17 39.23 37.05
N SER D 205 -62.57 40.39 37.30
CA SER D 205 -63.34 41.61 37.52
C SER D 205 -64.06 42.12 36.25
N SER D 206 -63.71 41.58 35.09
CA SER D 206 -64.30 42.05 33.84
C SER D 206 -65.61 41.34 33.53
N LEU D 207 -65.88 40.27 34.28
CA LEU D 207 -67.08 39.48 34.04
C LEU D 207 -68.22 40.17 34.79
N GLY D 208 -69.09 40.84 34.04
CA GLY D 208 -70.13 41.65 34.64
C GLY D 208 -70.21 42.98 33.95
N THR D 209 -69.05 43.49 33.54
CA THR D 209 -69.00 44.73 32.77
C THR D 209 -68.80 44.44 31.29
N GLN D 210 -67.97 43.44 30.99
CA GLN D 210 -67.47 43.22 29.65
C GLN D 210 -68.12 42.00 28.97
N THR D 211 -68.63 42.20 27.76
CA THR D 211 -69.18 41.09 27.00
C THR D 211 -68.11 40.37 26.18
N TYR D 212 -68.15 39.05 26.22
CA TYR D 212 -67.25 38.23 25.44
C TYR D 212 -68.06 37.41 24.46
N ILE D 213 -67.70 37.52 23.19
CA ILE D 213 -68.39 36.81 22.13
C ILE D 213 -67.34 36.13 21.28
N CYS D 214 -67.51 34.83 21.03
CA CYS D 214 -66.63 34.18 20.09
C CYS D 214 -67.29 34.16 18.71
N ASN D 215 -66.49 34.49 17.70
CA ASN D 215 -66.98 34.58 16.32
C ASN D 215 -66.38 33.44 15.55
N VAL D 216 -67.22 32.54 15.05
CA VAL D 216 -66.73 31.31 14.44
C VAL D 216 -67.11 31.35 12.97
N ASN D 217 -66.15 31.07 12.09
CA ASN D 217 -66.40 31.05 10.65
C ASN D 217 -65.97 29.72 10.07
N HIS D 218 -66.90 29.05 9.39
CA HIS D 218 -66.61 27.80 8.70
C HIS D 218 -66.97 28.02 7.24
N LYS D 219 -66.00 28.46 6.48
CA LYS D 219 -66.20 28.88 5.11
C LYS D 219 -66.66 27.74 4.20
N PRO D 220 -66.21 26.50 4.49
CA PRO D 220 -66.66 25.41 3.62
C PRO D 220 -68.18 25.24 3.61
N SER D 221 -68.86 25.58 4.70
CA SER D 221 -70.32 25.50 4.71
C SER D 221 -70.95 26.89 4.74
N ASN D 222 -70.13 27.91 4.51
CA ASN D 222 -70.54 29.30 4.62
C ASN D 222 -71.42 29.52 5.83
N THR D 223 -70.94 29.05 6.98
CA THR D 223 -71.67 29.19 8.22
C THR D 223 -70.90 30.14 9.10
N LYS D 224 -71.64 30.95 9.86
CA LYS D 224 -71.04 32.04 10.61
C LYS D 224 -71.83 32.17 11.90
N VAL D 225 -71.14 32.00 13.03
CA VAL D 225 -71.82 32.01 14.31
C VAL D 225 -71.13 32.97 15.26
N ASP D 226 -71.90 33.86 15.88
CA ASP D 226 -71.41 34.58 17.06
C ASP D 226 -72.08 34.00 18.30
N LYS D 227 -71.28 33.67 19.30
CA LYS D 227 -71.80 33.09 20.53
C LYS D 227 -71.34 33.86 21.74
N ARG D 228 -72.27 34.52 22.41
CA ARG D 228 -71.93 35.23 23.63
C ARG D 228 -71.75 34.24 24.77
N VAL D 229 -70.64 34.40 25.48
CA VAL D 229 -70.27 33.53 26.58
C VAL D 229 -70.44 34.27 27.90
N GLU D 230 -71.41 33.82 28.69
CA GLU D 230 -71.77 34.50 29.93
C GLU D 230 -71.45 33.64 31.14
N PRO D 231 -71.04 34.27 32.24
CA PRO D 231 -70.97 33.53 33.51
C PRO D 231 -72.35 33.00 33.85
N LYS D 232 -72.44 31.82 34.47
CA LYS D 232 -73.76 31.21 34.74
C LYS D 232 -73.95 30.84 36.21
N ALA E 4 -49.06 -18.72 -35.81
CA ALA E 4 -48.74 -19.04 -34.42
C ALA E 4 -47.87 -17.94 -33.86
N THR E 5 -47.69 -17.94 -32.55
CA THR E 5 -46.84 -16.96 -31.88
C THR E 5 -45.80 -17.67 -31.03
N LEU E 6 -44.55 -17.24 -31.12
CA LEU E 6 -43.50 -17.79 -30.27
C LEU E 6 -42.77 -16.65 -29.58
N CYS E 7 -42.82 -16.65 -28.25
CA CYS E 7 -42.24 -15.57 -27.47
C CYS E 7 -41.00 -16.04 -26.72
N LEU E 8 -39.95 -15.22 -26.76
CA LEU E 8 -38.72 -15.51 -26.02
C LEU E 8 -38.77 -14.72 -24.72
N GLY E 9 -38.23 -15.29 -23.64
CA GLY E 9 -38.29 -14.61 -22.37
C GLY E 9 -37.29 -15.10 -21.36
N HIS E 10 -37.36 -14.54 -20.17
CA HIS E 10 -36.46 -14.92 -19.10
C HIS E 10 -37.24 -14.96 -17.81
N HIS E 11 -36.68 -15.57 -16.77
CA HIS E 11 -37.40 -15.69 -15.52
C HIS E 11 -37.35 -14.41 -14.69
N ALA E 12 -38.16 -14.37 -13.64
CA ALA E 12 -38.12 -13.30 -12.66
C ALA E 12 -38.54 -13.91 -11.32
N VAL E 13 -38.26 -13.20 -10.23
CA VAL E 13 -38.65 -13.67 -8.89
C VAL E 13 -39.39 -12.56 -8.18
N PRO E 14 -40.23 -12.93 -7.19
CA PRO E 14 -40.91 -11.94 -6.36
C PRO E 14 -39.97 -11.31 -5.31
N ASN E 15 -38.99 -12.07 -4.85
CA ASN E 15 -38.06 -11.56 -3.84
C ASN E 15 -36.67 -11.22 -4.38
N GLY E 16 -36.56 -10.09 -5.07
CA GLY E 16 -35.29 -9.67 -5.65
C GLY E 16 -34.34 -9.06 -4.64
N THR E 17 -33.08 -8.88 -5.04
CA THR E 17 -32.04 -8.33 -4.17
C THR E 17 -31.38 -7.14 -4.84
N ILE E 18 -31.13 -6.09 -4.08
CA ILE E 18 -30.53 -4.87 -4.60
C ILE E 18 -29.01 -4.98 -4.60
N VAL E 19 -28.38 -4.70 -5.75
CA VAL E 19 -26.91 -4.68 -5.80
C VAL E 19 -26.41 -3.37 -6.41
N LYS E 20 -25.11 -3.11 -6.26
CA LYS E 20 -24.48 -1.93 -6.84
C LYS E 20 -23.74 -2.31 -8.12
N THR E 21 -23.77 -1.43 -9.12
CA THR E 21 -23.00 -1.62 -10.35
C THR E 21 -22.18 -0.36 -10.63
N ILE E 22 -21.45 -0.39 -11.74
CA ILE E 22 -20.65 0.76 -12.17
C ILE E 22 -21.51 2.00 -12.46
N THR E 23 -22.70 1.78 -13.03
CA THR E 23 -23.52 2.88 -13.48
C THR E 23 -24.75 3.14 -12.60
N ASN E 24 -24.96 2.28 -11.61
CA ASN E 24 -26.18 2.40 -10.81
C ASN E 24 -26.01 1.92 -9.36
N ASP E 25 -26.38 2.79 -8.43
CA ASP E 25 -26.22 2.53 -7.01
C ASP E 25 -27.14 1.42 -6.52
N ARG E 26 -28.29 1.30 -7.17
CA ARG E 26 -29.35 0.41 -6.71
C ARG E 26 -30.05 -0.27 -7.87
N ILE E 27 -29.67 -1.52 -8.15
CA ILE E 27 -30.35 -2.27 -9.20
C ILE E 27 -30.71 -3.66 -8.69
N GLU E 28 -31.93 -4.10 -9.00
CA GLU E 28 -32.45 -5.36 -8.48
C GLU E 28 -32.08 -6.55 -9.37
N VAL E 29 -31.48 -7.59 -8.79
CA VAL E 29 -31.18 -8.80 -9.52
C VAL E 29 -31.96 -9.97 -8.90
N THR E 30 -32.03 -11.10 -9.60
CA THR E 30 -32.82 -12.23 -9.10
C THR E 30 -32.22 -12.89 -7.86
N ASN E 31 -30.91 -12.77 -7.71
CA ASN E 31 -30.21 -13.46 -6.63
C ASN E 31 -28.83 -12.81 -6.45
N ALA E 32 -28.33 -12.82 -5.22
CA ALA E 32 -27.01 -12.31 -4.93
C ALA E 32 -26.41 -13.07 -3.76
N THR E 33 -25.09 -12.97 -3.59
CA THR E 33 -24.45 -13.55 -2.41
C THR E 33 -23.59 -12.51 -1.69
N GLU E 34 -23.49 -12.66 -0.37
CA GLU E 34 -22.74 -11.73 0.45
C GLU E 34 -21.25 -12.03 0.41
N LEU E 35 -20.43 -11.00 0.22
CA LEU E 35 -18.99 -11.20 0.15
C LEU E 35 -18.24 -10.80 1.43
N VAL E 36 -18.94 -10.15 2.35
CA VAL E 36 -18.31 -9.74 3.60
C VAL E 36 -18.80 -10.57 4.79
N GLN E 37 -17.89 -11.30 5.42
CA GLN E 37 -18.20 -12.03 6.65
C GLN E 37 -18.31 -11.04 7.80
N ASN E 38 -19.47 -10.98 8.46
CA ASN E 38 -19.68 -9.95 9.48
C ASN E 38 -19.87 -10.50 10.89
N SER E 39 -19.83 -11.82 11.05
CA SER E 39 -20.10 -12.43 12.36
C SER E 39 -19.10 -13.51 12.74
N SER E 40 -18.93 -13.69 14.05
CA SER E 40 -18.16 -14.79 14.61
C SER E 40 -19.07 -15.58 15.54
N ILE E 41 -18.76 -16.86 15.74
CA ILE E 41 -19.53 -17.68 16.68
C ILE E 41 -19.12 -17.44 18.13
N GLY E 42 -18.10 -16.59 18.32
CA GLY E 42 -17.74 -16.13 19.65
C GLY E 42 -16.72 -17.00 20.35
N GLU E 43 -16.34 -18.12 19.71
CA GLU E 43 -15.36 -19.04 20.28
C GLU E 43 -14.12 -19.12 19.39
N ILE E 44 -12.95 -19.25 20.01
CA ILE E 44 -11.74 -19.60 19.27
C ILE E 44 -11.66 -21.12 19.19
N CYS E 45 -11.83 -21.68 17.99
CA CYS E 45 -11.75 -23.13 17.83
C CYS E 45 -10.34 -23.64 18.09
N LYS E 47 -13.11 -25.47 19.54
CA LYS E 47 -12.89 -26.89 19.34
C LYS E 47 -11.43 -27.11 18.97
N GLY E 48 -10.81 -28.10 19.57
CA GLY E 48 -9.44 -28.45 19.27
C GLY E 48 -8.40 -27.43 19.72
N LYS E 49 -8.87 -26.50 20.52
CA LYS E 49 -8.03 -25.44 21.03
C LYS E 49 -8.19 -25.52 22.52
N LYS E 50 -7.18 -25.05 23.24
CA LYS E 50 -7.23 -24.99 24.70
C LYS E 50 -7.59 -23.62 25.17
N ALA E 51 -8.80 -23.44 25.67
CA ALA E 51 -9.29 -22.09 25.94
C ALA E 51 -9.64 -21.83 27.41
N VAL E 52 -9.40 -20.62 27.89
CA VAL E 52 -9.82 -20.22 29.24
C VAL E 52 -10.67 -18.94 29.24
N ASP E 53 -11.79 -19.03 29.94
CA ASP E 53 -12.68 -17.89 30.09
C ASP E 53 -12.43 -17.32 31.47
N LEU E 54 -11.80 -16.17 31.50
CA LEU E 54 -11.48 -15.50 32.76
C LEU E 54 -12.76 -15.07 33.46
N GLY E 55 -13.76 -14.69 32.68
CA GLY E 55 -15.02 -14.28 33.26
C GLY E 55 -14.84 -13.05 34.10
N SER E 56 -15.23 -13.14 35.36
CA SER E 56 -15.16 -12.01 36.31
C SER E 56 -13.75 -11.54 36.51
N CYS E 57 -12.80 -12.45 36.31
CA CYS E 57 -11.39 -12.13 36.39
C CYS E 57 -10.96 -11.09 35.38
N GLY E 58 -10.32 -10.05 35.83
CA GLY E 58 -9.63 -9.15 34.94
C GLY E 58 -8.39 -9.91 34.52
N ILE E 59 -7.79 -9.58 33.38
CA ILE E 59 -6.62 -10.35 32.97
C ILE E 59 -5.34 -10.11 33.80
N LEU E 60 -5.06 -8.86 34.13
CA LEU E 60 -3.87 -8.46 34.87
C LEU E 60 -3.88 -9.05 36.27
N GLY E 61 -5.10 -9.28 36.74
CA GLY E 61 -5.36 -9.90 38.02
C GLY E 61 -4.79 -11.30 38.12
N THR E 62 -4.61 -11.97 36.98
CA THR E 62 -4.00 -13.30 37.00
C THR E 62 -2.61 -13.24 37.60
N ILE E 63 -1.92 -12.13 37.37
CA ILE E 63 -0.56 -11.99 37.87
C ILE E 63 -0.48 -11.89 39.39
N ILE E 64 -1.36 -11.08 40.00
CA ILE E 64 -1.28 -10.77 41.43
C ILE E 64 -2.39 -11.34 42.32
N GLY E 65 -3.33 -12.09 41.78
CA GLY E 65 -4.28 -12.83 42.61
C GLY E 65 -5.36 -12.30 43.54
N PRO E 66 -6.27 -11.45 43.04
CA PRO E 66 -7.47 -11.07 43.80
C PRO E 66 -8.29 -12.33 44.06
N PRO E 67 -9.36 -12.26 44.87
CA PRO E 67 -10.10 -13.51 45.07
C PRO E 67 -10.71 -14.05 43.74
N GLN E 68 -11.13 -13.14 42.88
CA GLN E 68 -11.70 -13.41 41.54
C GLN E 68 -10.89 -14.37 40.66
N CYS E 69 -9.59 -14.07 40.65
CA CYS E 69 -8.63 -14.73 39.81
C CYS E 69 -8.08 -15.93 40.51
N ASP E 70 -8.80 -16.48 41.47
CA ASP E 70 -8.21 -17.58 42.23
C ASP E 70 -8.02 -18.81 41.36
N LEU E 71 -8.96 -19.07 40.47
CA LEU E 71 -8.85 -20.26 39.63
C LEU E 71 -7.67 -20.16 38.68
N HIS E 72 -7.44 -18.96 38.14
CA HIS E 72 -6.56 -18.75 36.99
C HIS E 72 -5.15 -18.27 37.34
N LEU E 73 -4.63 -18.59 38.51
CA LEU E 73 -3.28 -18.13 38.84
C LEU E 73 -2.18 -18.74 37.98
N GLU E 74 -2.33 -20.01 37.62
CA GLU E 74 -1.30 -20.70 36.86
C GLU E 74 -1.84 -21.30 35.56
N PHE E 75 -2.80 -20.60 34.96
CA PHE E 75 -3.52 -21.12 33.78
C PHE E 75 -2.67 -21.41 32.54
N LYS E 76 -3.04 -22.46 31.84
CA LYS E 76 -2.41 -22.77 30.57
C LYS E 76 -3.40 -22.67 29.40
N ALA E 77 -3.16 -21.73 28.48
CA ALA E 77 -4.15 -21.49 27.42
C ALA E 77 -3.59 -21.17 26.03
N ASP E 78 -4.19 -21.78 25.02
CA ASP E 78 -4.02 -21.39 23.61
C ASP E 78 -4.85 -20.14 23.24
N LEU E 79 -6.10 -20.11 23.70
CA LEU E 79 -6.95 -18.94 23.51
C LEU E 79 -7.47 -18.39 24.86
N ILE E 80 -7.28 -17.09 25.07
CA ILE E 80 -7.66 -16.42 26.32
C ILE E 80 -8.75 -15.41 26.10
N ILE E 81 -9.86 -15.54 26.81
CA ILE E 81 -11.00 -14.65 26.63
C ILE E 81 -11.23 -13.69 27.81
N GLU E 82 -11.04 -12.40 27.58
CA GLU E 82 -11.33 -11.39 28.59
C GLU E 82 -12.82 -11.16 28.54
N ARG E 83 -13.38 -10.57 29.59
CA ARG E 83 -14.81 -10.30 29.67
C ARG E 83 -15.02 -8.88 30.14
N ARG E 84 -16.21 -8.33 29.92
CA ARG E 84 -16.41 -6.89 30.12
C ARG E 84 -16.44 -6.32 31.57
N ASN E 85 -17.15 -6.96 32.51
CA ASN E 85 -17.24 -6.31 33.82
C ASN E 85 -16.10 -6.72 34.74
N SER E 86 -15.14 -7.46 34.18
CA SER E 86 -14.02 -7.99 34.94
C SER E 86 -13.16 -6.91 35.61
N SER E 87 -12.75 -7.17 36.85
CA SER E 87 -11.94 -6.22 37.60
C SER E 87 -10.57 -6.78 37.88
N ASP E 88 -9.53 -6.09 37.44
CA ASP E 88 -8.17 -6.58 37.59
C ASP E 88 -7.77 -6.58 39.08
N ILE E 89 -8.37 -5.69 39.87
CA ILE E 89 -8.02 -5.39 41.27
C ILE E 89 -9.13 -5.60 42.33
N CYS E 90 -8.78 -6.11 43.51
CA CYS E 90 -9.66 -6.08 44.71
C CYS E 90 -9.54 -4.82 45.57
N TYR E 91 -8.32 -4.32 45.78
CA TYR E 91 -8.12 -3.09 46.53
C TYR E 91 -7.73 -2.05 45.52
N PRO E 92 -8.46 -0.92 45.51
CA PRO E 92 -8.38 0.07 44.42
C PRO E 92 -6.96 0.53 44.14
N GLY E 93 -6.60 0.41 42.87
CA GLY E 93 -5.30 0.80 42.38
C GLY E 93 -5.29 0.63 40.87
N ARG E 94 -4.22 1.09 40.22
CA ARG E 94 -4.02 0.75 38.83
C ARG E 94 -2.57 0.45 38.46
N PHE E 95 -2.41 -0.47 37.50
CA PHE E 95 -1.11 -0.83 36.95
C PHE E 95 -0.51 0.27 36.11
N THR E 96 0.79 0.49 36.29
CA THR E 96 1.51 1.39 35.42
C THR E 96 1.75 0.62 34.11
N ASN E 97 1.61 1.31 32.96
CA ASN E 97 1.72 0.66 31.65
C ASN E 97 0.70 -0.50 31.48
N GLU E 98 -0.55 -0.26 31.86
CA GLU E 98 -1.49 -1.36 32.01
C GLU E 98 -1.80 -2.06 30.69
N GLU E 99 -2.15 -1.28 29.65
CA GLU E 99 -2.53 -1.84 28.34
C GLU E 99 -1.39 -2.61 27.70
N ALA E 100 -0.17 -2.13 27.91
CA ALA E 100 1.04 -2.79 27.48
C ALA E 100 1.27 -4.09 28.22
N LEU E 101 0.90 -4.13 29.50
CA LEU E 101 1.13 -5.33 30.31
C LEU E 101 0.23 -6.49 29.86
N ARG E 102 -1.03 -6.19 29.57
CA ARG E 102 -2.00 -7.22 29.19
C ARG E 102 -1.58 -7.91 27.88
N GLN E 103 -1.18 -7.12 26.90
CA GLN E 103 -0.81 -7.61 25.58
C GLN E 103 0.30 -8.64 25.75
N ILE E 104 1.14 -8.47 26.75
CA ILE E 104 2.12 -9.49 27.06
C ILE E 104 1.45 -10.79 27.46
N ILE E 105 0.47 -10.68 28.35
CA ILE E 105 -0.21 -11.83 28.95
C ILE E 105 -1.07 -12.58 27.94
N ARG E 106 -1.73 -11.82 27.07
CA ARG E 106 -2.64 -12.44 26.13
C ARG E 106 -1.86 -13.43 25.26
N GLU E 107 -0.67 -13.05 24.84
CA GLU E 107 0.11 -13.90 23.96
C GLU E 107 1.05 -14.83 24.69
N SER E 108 0.96 -14.84 26.01
CA SER E 108 1.87 -15.62 26.84
C SER E 108 1.82 -17.13 26.59
N GLY E 109 0.62 -17.65 26.44
CA GLY E 109 0.41 -19.08 26.44
C GLY E 109 -0.17 -19.51 27.77
N GLY E 110 -0.23 -18.56 28.69
CA GLY E 110 -0.54 -18.87 30.06
C GLY E 110 0.65 -18.52 30.91
N ILE E 111 0.58 -18.79 32.21
CA ILE E 111 1.67 -18.40 33.08
C ILE E 111 1.98 -19.43 34.15
N ASP E 112 3.25 -19.58 34.45
CA ASP E 112 3.69 -20.47 35.51
C ASP E 112 4.18 -19.62 36.67
N LYS E 113 3.89 -20.03 37.90
CA LYS E 113 4.39 -19.28 39.05
C LYS E 113 5.35 -20.09 39.91
N GLU E 114 6.35 -19.39 40.42
CA GLU E 114 7.32 -19.94 41.35
C GLU E 114 7.61 -18.88 42.39
N SER E 115 7.92 -19.29 43.61
CA SER E 115 8.16 -18.34 44.69
C SER E 115 9.50 -17.61 44.55
N MET E 116 9.49 -16.29 44.79
CA MET E 116 10.70 -15.46 44.78
C MET E 116 11.60 -15.66 46.01
N GLY E 117 11.08 -16.38 47.01
CA GLY E 117 11.86 -16.83 48.14
C GLY E 117 12.05 -15.83 49.26
N PHE E 118 11.35 -14.69 49.18
CA PHE E 118 11.50 -13.65 50.19
C PHE E 118 11.05 -14.14 51.57
N ARG E 119 11.76 -13.69 52.59
CA ARG E 119 11.39 -13.95 53.97
C ARG E 119 11.56 -12.65 54.75
N TYR E 120 10.81 -12.54 55.85
CA TYR E 120 10.76 -11.31 56.66
C TYR E 120 11.02 -11.57 58.14
N SER E 121 11.64 -10.59 58.82
CA SER E 121 11.98 -10.70 60.26
C SER E 121 11.04 -10.10 61.35
N GLY E 122 10.78 -8.79 61.28
CA GLY E 122 10.08 -8.09 62.33
C GLY E 122 8.78 -7.38 62.00
N ILE E 123 8.17 -7.77 60.88
CA ILE E 123 7.08 -7.01 60.28
C ILE E 123 5.78 -7.83 60.25
N ARG E 124 4.63 -7.15 60.25
CA ARG E 124 3.37 -7.80 59.86
C ARG E 124 3.40 -8.04 58.33
N THR E 125 3.21 -9.27 57.86
CA THR E 125 3.22 -9.51 56.42
C THR E 125 1.85 -9.96 55.95
N ASP E 126 0.96 -10.09 56.92
CA ASP E 126 -0.33 -10.75 56.76
C ASP E 126 -1.45 -9.76 56.54
N GLY E 127 -1.09 -8.59 56.02
CA GLY E 127 -2.04 -7.50 55.89
C GLY E 127 -3.28 -7.92 55.11
N ALA E 128 -4.43 -7.54 55.64
CA ALA E 128 -5.70 -8.01 55.15
C ALA E 128 -6.57 -6.81 54.96
N THR E 129 -7.58 -6.94 54.13
CA THR E 129 -8.45 -5.80 53.85
C THR E 129 -9.89 -6.26 53.67
N SER E 130 -10.82 -5.35 53.91
CA SER E 130 -12.23 -5.59 53.65
C SER E 130 -12.44 -5.85 52.15
N ALA E 131 -11.60 -5.20 51.34
CA ALA E 131 -11.65 -5.25 49.89
C ALA E 131 -11.42 -6.64 49.29
N CYS E 132 -10.44 -7.38 49.81
CA CYS E 132 -10.22 -8.76 49.36
C CYS E 132 -10.90 -9.82 50.22
N LYS E 133 -12.23 -9.83 50.35
CA LYS E 133 -12.85 -10.81 51.22
C LYS E 133 -12.74 -12.18 50.51
N ARG E 134 -12.77 -13.25 51.26
CA ARG E 134 -12.35 -14.55 50.80
C ARG E 134 -12.50 -15.50 51.95
N THR E 135 -13.75 -15.76 52.35
CA THR E 135 -14.13 -16.40 53.64
C THR E 135 -14.01 -15.32 54.74
N VAL E 136 -12.79 -14.83 54.98
CA VAL E 136 -12.48 -13.71 55.89
C VAL E 136 -11.59 -12.69 55.17
N SER E 137 -11.56 -11.44 55.62
CA SER E 137 -10.75 -10.43 54.93
C SER E 137 -9.34 -10.94 54.64
N SER E 138 -8.83 -10.52 53.49
CA SER E 138 -7.65 -11.11 52.84
C SER E 138 -6.95 -10.09 51.96
N PHE E 139 -5.95 -10.57 51.25
CA PHE E 139 -5.19 -9.73 50.34
C PHE E 139 -4.97 -10.48 49.02
N TYR E 140 -4.37 -9.79 48.04
CA TYR E 140 -3.78 -10.43 46.87
C TYR E 140 -3.03 -11.73 47.19
N SER E 141 -3.35 -12.75 46.44
CA SER E 141 -2.89 -14.10 46.67
C SER E 141 -1.37 -14.18 46.51
N GLU E 142 -0.87 -13.42 45.54
CA GLU E 142 0.55 -13.46 45.15
C GLU E 142 1.49 -12.44 45.77
N MET E 143 0.98 -11.65 46.70
CA MET E 143 1.76 -10.59 47.35
C MET E 143 1.62 -10.62 48.88
N LYS E 144 2.52 -9.92 49.55
CA LYS E 144 2.44 -9.76 51.00
C LYS E 144 2.25 -8.28 51.33
N TRP E 145 1.35 -7.94 52.26
CA TRP E 145 1.22 -6.54 52.69
C TRP E 145 2.02 -6.32 53.96
N LEU E 146 2.98 -5.39 53.91
CA LEU E 146 3.94 -5.24 55.01
C LEU E 146 3.63 -4.04 55.92
N SER E 147 3.52 -4.32 57.22
CA SER E 147 3.07 -3.38 58.24
C SER E 147 4.02 -3.37 59.45
N SER E 148 3.96 -2.31 60.25
CA SER E 148 4.95 -2.12 61.30
C SER E 148 5.03 -3.14 62.44
N SER E 149 4.02 -4.00 62.61
CA SER E 149 3.89 -4.99 63.72
C SER E 149 3.53 -4.39 65.08
N MET E 150 3.44 -3.08 65.14
CA MET E 150 2.93 -2.37 66.30
C MET E 150 2.51 -1.03 65.74
N ASN E 151 1.27 -0.63 65.96
CA ASN E 151 0.78 0.62 65.40
C ASN E 151 1.61 1.86 65.76
N ASN E 152 1.89 2.63 64.71
CA ASN E 152 2.65 3.87 64.74
C ASN E 152 4.13 3.70 64.97
N GLN E 153 4.61 2.47 64.80
CA GLN E 153 6.02 2.16 64.96
C GLN E 153 6.79 2.38 63.66
N VAL E 154 7.86 3.17 63.71
CA VAL E 154 8.56 3.55 62.48
C VAL E 154 9.14 2.29 61.83
N PHE E 155 8.85 2.17 60.52
CA PHE E 155 9.19 0.99 59.71
C PHE E 155 10.66 0.96 59.31
N PRO E 156 11.28 -0.24 59.37
CA PRO E 156 12.67 -0.61 59.05
C PRO E 156 13.13 -0.35 57.62
N GLN E 157 14.33 0.20 57.46
CA GLN E 157 14.97 0.28 56.16
C GLN E 157 15.42 -1.11 55.76
N LEU E 158 14.75 -1.68 54.76
CA LEU E 158 15.06 -3.05 54.33
C LEU E 158 15.45 -3.15 52.88
N ASN E 159 16.20 -4.21 52.59
CA ASN E 159 16.66 -4.49 51.23
C ASN E 159 16.40 -5.94 50.83
N GLN E 160 15.96 -6.14 49.60
CA GLN E 160 15.78 -7.47 49.04
C GLN E 160 16.39 -7.54 47.67
N THR E 161 17.06 -8.64 47.40
CA THR E 161 17.53 -8.94 46.06
C THR E 161 16.97 -10.29 45.66
N TYR E 162 16.40 -10.32 44.47
CA TYR E 162 15.97 -11.57 43.85
C TYR E 162 16.58 -11.63 42.47
N ARG E 163 17.12 -12.79 42.13
CA ARG E 163 17.81 -12.96 40.85
C ARG E 163 17.15 -14.00 39.95
N ASN E 164 17.03 -13.68 38.66
CA ASN E 164 16.28 -14.51 37.71
C ASN E 164 17.10 -15.72 37.27
N THR E 165 16.95 -16.80 38.02
CA THR E 165 17.62 -18.07 37.74
C THR E 165 17.24 -18.69 36.40
N ARG E 166 15.93 -18.72 36.11
CA ARG E 166 15.40 -19.33 34.88
C ARG E 166 15.78 -18.65 33.55
N LYS E 167 15.80 -19.44 32.48
CA LYS E 167 16.10 -18.98 31.12
C LYS E 167 15.08 -17.98 30.55
N GLU E 168 13.80 -18.20 30.85
CA GLU E 168 12.77 -17.26 30.45
C GLU E 168 12.87 -15.99 31.28
N PRO E 169 12.67 -14.83 30.65
CA PRO E 169 12.62 -13.62 31.46
C PRO E 169 11.42 -13.65 32.42
N ALA E 170 11.68 -13.40 33.71
CA ALA E 170 10.62 -13.38 34.73
C ALA E 170 9.76 -12.12 34.68
N LEU E 171 8.53 -12.24 35.16
CA LEU E 171 7.67 -11.09 35.32
C LEU E 171 7.56 -10.83 36.82
N ILE E 172 7.88 -9.60 37.20
CA ILE E 172 7.93 -9.17 38.60
C ILE E 172 6.96 -8.02 38.85
N VAL E 173 6.07 -8.15 39.83
CA VAL E 173 5.19 -7.03 40.14
C VAL E 173 5.24 -6.59 41.60
N TRP E 174 5.24 -5.27 41.83
CA TRP E 174 5.34 -4.73 43.18
C TRP E 174 4.37 -3.59 43.40
N GLY E 175 4.14 -3.27 44.66
CA GLY E 175 3.17 -2.26 44.97
C GLY E 175 3.67 -1.10 45.80
N VAL E 176 3.05 0.05 45.57
CA VAL E 176 3.23 1.24 46.37
C VAL E 176 1.88 1.56 47.00
N HIS E 177 1.83 1.75 48.31
CA HIS E 177 0.55 1.99 48.95
C HIS E 177 0.38 3.46 49.32
N HIS E 178 -0.70 4.06 48.83
CA HIS E 178 -1.03 5.43 49.19
C HIS E 178 -2.17 5.34 50.19
N SER E 179 -1.84 5.69 51.44
CA SER E 179 -2.74 5.48 52.57
C SER E 179 -3.89 6.45 52.57
N SER E 180 -4.98 6.02 53.18
CA SER E 180 -6.25 6.74 53.13
C SER E 180 -6.13 8.16 53.64
N SER E 181 -5.34 8.30 54.70
CA SER E 181 -5.10 9.56 55.41
C SER E 181 -3.63 9.72 55.68
N LEU E 182 -3.21 10.93 56.02
CA LEU E 182 -1.83 11.11 56.47
C LEU E 182 -1.65 10.33 57.78
N ASP E 183 -2.70 10.27 58.60
CA ASP E 183 -2.72 9.40 59.79
C ASP E 183 -2.47 7.93 59.50
N GLU E 184 -3.23 7.37 58.56
CA GLU E 184 -3.15 5.94 58.29
C GLU E 184 -1.78 5.52 57.84
N GLN E 185 -1.07 6.39 57.14
CA GLN E 185 0.26 6.05 56.74
C GLN E 185 1.08 5.89 58.02
N ASN E 186 0.88 6.82 58.95
CA ASN E 186 1.60 6.85 60.22
C ASN E 186 1.33 5.61 61.05
N LYS E 187 0.05 5.26 61.14
CA LYS E 187 -0.39 4.11 61.91
C LYS E 187 0.22 2.84 61.35
N LEU E 188 0.17 2.73 60.02
CA LEU E 188 0.73 1.59 59.28
C LEU E 188 2.26 1.55 59.22
N TYR E 189 2.87 2.63 58.76
CA TYR E 189 4.29 2.55 58.45
C TYR E 189 5.19 3.42 59.35
N GLY E 190 4.62 3.96 60.41
CA GLY E 190 5.37 4.87 61.24
C GLY E 190 5.41 6.24 60.60
N THR E 191 6.37 7.06 60.99
CA THR E 191 6.32 8.48 60.65
C THR E 191 7.63 8.93 60.00
N GLY E 192 7.61 10.07 59.32
CA GLY E 192 8.79 10.54 58.62
C GLY E 192 8.83 10.19 57.14
N ASN E 193 9.96 10.46 56.49
CA ASN E 193 10.06 10.27 55.05
C ASN E 193 9.93 8.82 54.63
N LYS E 194 9.14 8.59 53.58
CA LYS E 194 8.98 7.25 53.01
C LYS E 194 9.48 7.19 51.55
N LEU E 195 10.47 6.32 51.32
CA LEU E 195 11.06 6.12 49.99
C LEU E 195 11.12 4.64 49.56
N ILE E 196 10.69 4.34 48.34
CA ILE E 196 10.88 3.01 47.77
C ILE E 196 11.67 3.05 46.48
N THR E 197 12.73 2.25 46.39
CA THR E 197 13.52 2.19 45.17
C THR E 197 13.65 0.76 44.62
N VAL E 198 13.40 0.63 43.31
CA VAL E 198 13.49 -0.66 42.62
C VAL E 198 14.61 -0.63 41.59
N GLY E 199 15.53 -1.59 41.73
CA GLY E 199 16.71 -1.67 40.91
C GLY E 199 16.94 -2.99 40.19
N SER E 200 17.13 -2.87 38.88
CA SER E 200 17.42 -3.97 37.99
C SER E 200 18.53 -3.48 37.10
N SER E 201 19.21 -4.39 36.40
CA SER E 201 20.29 -4.02 35.49
C SER E 201 19.85 -3.10 34.34
N LYS E 202 18.60 -3.25 33.91
CA LYS E 202 18.02 -2.31 32.94
C LYS E 202 17.06 -1.31 33.61
N TYR E 203 16.65 -1.57 34.85
CA TYR E 203 15.57 -0.81 35.48
C TYR E 203 16.01 -0.20 36.82
N GLN E 204 15.74 1.09 36.99
CA GLN E 204 15.75 1.67 38.35
C GLN E 204 14.77 2.84 38.47
N GLN E 205 14.02 2.86 39.56
CA GLN E 205 13.14 3.98 39.85
C GLN E 205 12.82 4.03 41.33
N SER E 206 12.43 5.22 41.78
CA SER E 206 12.12 5.48 43.19
C SER E 206 10.68 5.97 43.36
N PHE E 207 9.98 5.40 44.33
CA PHE E 207 8.58 5.72 44.53
C PHE E 207 8.34 6.21 45.95
N SER E 208 7.47 7.20 46.09
CA SER E 208 7.07 7.64 47.41
C SER E 208 5.55 7.75 47.53
N PRO E 209 5.01 7.39 48.69
CA PRO E 209 3.56 7.50 48.80
C PRO E 209 3.18 8.95 48.77
N SER E 210 2.06 9.25 48.15
CA SER E 210 1.46 10.58 48.27
C SER E 210 0.08 10.43 48.91
N PRO E 211 0.06 10.28 50.26
CA PRO E 211 -1.12 9.87 51.04
C PRO E 211 -2.19 10.92 51.00
N GLY E 212 -3.43 10.52 50.79
CA GLY E 212 -4.56 11.43 50.83
C GLY E 212 -5.84 10.64 50.69
N ALA E 213 -7.00 11.26 50.96
CA ALA E 213 -8.27 10.66 50.58
C ALA E 213 -8.50 10.69 49.06
N ARG E 214 -9.15 9.64 48.53
CA ARG E 214 -9.53 9.58 47.12
C ARG E 214 -10.92 8.98 47.15
N PRO E 215 -11.71 9.13 46.06
CA PRO E 215 -13.11 8.68 46.11
C PRO E 215 -13.25 7.22 46.50
N LYS E 216 -14.29 6.92 47.27
CA LYS E 216 -14.32 5.63 47.94
C LYS E 216 -14.78 4.53 46.95
N VAL E 217 -13.84 3.66 46.58
CA VAL E 217 -14.13 2.51 45.74
C VAL E 217 -13.79 1.22 46.46
N ASN E 218 -14.76 0.33 46.53
CA ASN E 218 -14.62 -0.95 47.19
C ASN E 218 -14.55 -0.68 48.70
N GLY E 219 -14.97 0.53 49.08
CA GLY E 219 -14.93 0.94 50.47
C GLY E 219 -13.60 1.49 50.93
N GLN E 220 -12.67 1.67 49.99
CA GLN E 220 -11.35 2.19 50.34
C GLN E 220 -10.99 3.52 49.66
N ALA E 221 -10.69 4.52 50.48
CA ALA E 221 -10.10 5.78 50.03
C ALA E 221 -8.63 5.62 49.58
N GLY E 222 -7.93 4.66 50.21
CA GLY E 222 -6.54 4.37 49.87
C GLY E 222 -6.37 3.65 48.53
N ARG E 223 -5.18 3.75 47.95
CA ARG E 223 -4.88 3.10 46.67
C ARG E 223 -3.58 2.30 46.71
N ILE E 224 -3.51 1.22 45.93
CA ILE E 224 -2.25 0.52 45.71
C ILE E 224 -1.89 0.52 44.23
N ASP E 225 -0.68 0.94 43.89
CA ASP E 225 -0.30 1.02 42.49
C ASP E 225 0.76 -0.02 42.19
N PHE E 226 0.56 -0.71 41.08
CA PHE E 226 1.43 -1.83 40.72
C PHE E 226 2.32 -1.44 39.59
N HIS E 227 3.58 -1.76 39.76
CA HIS E 227 4.57 -1.50 38.76
C HIS E 227 5.25 -2.83 38.47
N TRP E 228 5.55 -3.06 37.21
CA TRP E 228 6.05 -4.36 36.82
C TRP E 228 7.30 -4.21 35.99
N MET E 229 8.07 -5.27 35.93
CA MET E 229 9.23 -5.26 35.07
C MET E 229 9.45 -6.65 34.47
N LEU E 230 10.21 -6.68 33.38
CA LEU E 230 10.70 -7.95 32.85
C LEU E 230 12.17 -8.13 33.20
N LEU E 231 12.48 -9.26 33.80
CA LEU E 231 13.84 -9.50 34.29
C LEU E 231 14.56 -10.53 33.43
N ASP E 232 15.67 -10.14 32.80
CA ASP E 232 16.45 -11.07 31.98
C ASP E 232 17.00 -12.17 32.87
N PRO E 233 17.37 -13.31 32.28
CA PRO E 233 17.96 -14.36 33.11
C PRO E 233 19.22 -13.84 33.79
N GLY E 234 19.54 -14.31 34.99
CA GLY E 234 20.79 -13.95 35.63
C GLY E 234 20.87 -12.52 36.12
N ASP E 235 19.72 -11.85 36.18
CA ASP E 235 19.61 -10.45 36.60
C ASP E 235 18.97 -10.28 38.00
N THR E 236 19.49 -9.35 38.78
CA THR E 236 18.94 -9.14 40.11
C THR E 236 18.04 -7.91 40.10
N VAL E 237 16.87 -8.10 40.68
CA VAL E 237 16.03 -6.96 41.00
C VAL E 237 16.29 -6.72 42.48
N THR E 238 16.62 -5.49 42.85
CA THR E 238 16.86 -5.18 44.25
C THR E 238 15.74 -4.29 44.80
N PHE E 239 15.15 -4.75 45.90
CA PHE E 239 14.04 -4.03 46.47
C PHE E 239 14.55 -3.35 47.75
N THR E 240 14.40 -2.03 47.81
CA THR E 240 14.80 -1.29 49.00
C THR E 240 13.69 -0.30 49.36
N PHE E 241 13.28 -0.36 50.63
CA PHE E 241 12.11 0.39 51.08
C PHE E 241 12.07 0.59 52.61
N ASN E 242 11.64 1.78 53.05
CA ASN E 242 11.35 2.03 54.47
C ASN E 242 9.87 1.87 54.79
N GLY E 243 9.05 1.53 53.79
CA GLY E 243 7.64 1.24 54.00
C GLY E 243 6.72 1.61 52.84
N ALA E 244 5.42 1.35 53.01
CA ALA E 244 4.37 1.63 52.02
C ALA E 244 4.47 0.67 50.83
N PHE E 245 5.18 -0.41 51.04
CA PHE E 245 5.60 -1.29 49.98
C PHE E 245 4.85 -2.60 50.00
N ILE E 246 4.27 -2.96 48.83
CA ILE E 246 3.60 -4.25 48.63
C ILE E 246 4.49 -5.20 47.86
N ALA E 247 4.81 -6.34 48.45
CA ALA E 247 5.94 -7.14 47.99
C ALA E 247 5.55 -8.38 47.19
N PRO E 248 6.25 -8.62 46.07
CA PRO E 248 5.96 -9.84 45.34
C PRO E 248 6.36 -11.09 46.13
N ASP E 249 5.47 -12.08 46.18
CA ASP E 249 5.81 -13.38 46.76
C ASP E 249 6.20 -14.36 45.67
N ARG E 250 5.67 -14.16 44.46
CA ARG E 250 5.88 -15.12 43.39
C ARG E 250 6.20 -14.42 42.08
N ALA E 251 7.07 -15.05 41.31
CA ALA E 251 7.45 -14.53 39.99
C ALA E 251 6.59 -15.18 38.92
N THR E 252 6.28 -14.41 37.90
CA THR E 252 5.44 -14.93 36.83
C THR E 252 6.26 -15.21 35.59
N PHE E 253 6.15 -16.45 35.12
CA PHE E 253 6.90 -16.90 33.96
C PHE E 253 5.94 -17.28 32.83
N LEU E 254 6.22 -16.76 31.62
CA LEU E 254 5.40 -17.09 30.47
C LEU E 254 5.66 -18.53 30.07
N ARG E 255 4.66 -19.14 29.47
CA ARG E 255 4.69 -20.54 29.10
C ARG E 255 5.30 -20.73 27.72
N SER E 256 5.25 -19.66 26.92
CA SER E 256 5.83 -19.67 25.58
C SER E 256 7.30 -19.27 25.57
N ASN E 257 7.92 -19.32 26.74
CA ASN E 257 9.34 -19.09 26.89
C ASN E 257 9.95 -20.31 27.57
N ALA E 258 9.09 -21.28 27.82
CA ALA E 258 9.49 -22.55 28.41
C ALA E 258 10.31 -23.34 27.42
N PRO E 259 11.10 -24.28 27.93
CA PRO E 259 12.01 -25.09 27.12
C PRO E 259 11.39 -26.38 26.60
N SER E 260 10.08 -26.45 26.48
CA SER E 260 9.44 -27.68 26.05
C SER E 260 9.65 -28.75 27.13
N GLY E 261 9.60 -28.29 28.39
CA GLY E 261 9.75 -29.12 29.57
C GLY E 261 8.42 -29.50 30.20
N ILE E 262 7.39 -29.52 29.36
CA ILE E 262 5.94 -29.82 29.56
C ILE E 262 5.15 -28.80 30.38
N GLU E 263 5.66 -27.58 30.50
CA GLU E 263 4.88 -26.55 31.17
C GLU E 263 4.42 -25.86 29.88
N TYR E 264 5.43 -25.80 29.04
CA TYR E 264 5.42 -25.17 27.75
C TYR E 264 4.12 -25.40 27.11
N ASN E 265 3.43 -24.32 26.89
CA ASN E 265 2.22 -24.43 26.05
C ASN E 265 2.29 -23.21 25.14
N GLY E 266 2.91 -23.27 23.98
CA GLY E 266 3.07 -22.04 23.20
C GLY E 266 2.06 -21.17 22.45
N LYS E 267 2.38 -19.87 22.41
CA LYS E 267 1.68 -18.83 21.63
C LYS E 267 0.17 -18.49 21.56
N SER E 268 -0.44 -18.08 22.66
CA SER E 268 -1.86 -17.72 22.66
C SER E 268 -2.32 -16.39 22.01
N LEU E 269 -3.59 -16.34 21.62
CA LEU E 269 -4.31 -15.22 21.10
C LEU E 269 -5.30 -14.82 22.16
N GLY E 270 -5.20 -13.60 22.63
CA GLY E 270 -6.15 -13.12 23.61
C GLY E 270 -7.23 -12.29 22.96
N GLN E 272 -11.31 -10.33 23.14
CA GLN E 272 -12.33 -9.75 24.02
C GLN E 272 -13.71 -10.11 23.49
N SER E 273 -14.49 -10.89 24.24
CA SER E 273 -15.74 -11.40 23.69
C SER E 273 -16.94 -11.37 24.62
N ASP E 274 -18.12 -11.10 24.07
CA ASP E 274 -19.34 -11.13 24.86
C ASP E 274 -20.10 -12.45 24.69
N ALA E 275 -19.50 -13.40 24.02
CA ALA E 275 -20.25 -14.57 23.57
C ALA E 275 -19.93 -15.76 24.42
N GLN E 276 -20.75 -16.80 24.34
CA GLN E 276 -20.54 -17.94 25.22
C GLN E 276 -19.40 -18.75 24.64
N ILE E 277 -19.17 -19.95 25.12
CA ILE E 277 -18.11 -20.77 24.56
C ILE E 277 -18.78 -22.00 23.95
N ASP E 278 -18.08 -22.67 23.05
CA ASP E 278 -18.65 -23.75 22.31
C ASP E 278 -17.46 -24.54 21.82
N GLU E 279 -17.29 -25.75 22.38
CA GLU E 279 -16.20 -26.64 22.02
C GLU E 279 -16.59 -27.56 20.89
N SER E 280 -17.83 -27.44 20.43
CA SER E 280 -18.26 -28.23 19.29
C SER E 280 -17.86 -27.54 17.95
N GLU E 284 -10.29 -22.42 10.45
CA GLU E 284 -8.95 -22.02 10.00
C GLU E 284 -8.62 -20.56 10.34
N CYS E 285 -9.63 -19.72 10.41
CA CYS E 285 -9.41 -18.30 10.65
C CYS E 285 -9.80 -17.90 12.07
N PHE E 286 -8.87 -17.28 12.78
CA PHE E 286 -9.09 -16.83 14.15
C PHE E 286 -9.03 -15.31 14.23
N THR E 287 -9.99 -14.70 14.92
CA THR E 287 -9.94 -13.29 15.26
C THR E 287 -10.12 -13.19 16.78
N PRO E 288 -9.75 -12.03 17.37
CA PRO E 288 -9.96 -11.86 18.81
C PRO E 288 -11.44 -11.94 19.21
N ASN E 289 -12.35 -11.80 18.24
CA ASN E 289 -13.78 -11.92 18.51
C ASN E 289 -14.18 -13.40 18.54
N GLY E 290 -13.30 -14.25 18.02
CA GLY E 290 -13.60 -15.66 17.84
C GLY E 290 -13.27 -16.10 16.42
N SER E 291 -13.36 -17.39 16.16
CA SER E 291 -13.11 -17.91 14.82
C SER E 291 -14.21 -17.47 13.87
N ILE E 292 -13.87 -17.28 12.59
CA ILE E 292 -14.86 -16.92 11.59
C ILE E 292 -14.74 -17.84 10.37
N PRO E 293 -15.87 -18.10 9.69
CA PRO E 293 -15.81 -18.87 8.44
C PRO E 293 -14.94 -18.14 7.42
N ASN E 294 -14.30 -18.87 6.51
CA ASN E 294 -13.45 -18.23 5.51
C ASN E 294 -13.88 -18.49 4.08
N ASP E 295 -15.16 -18.83 3.90
CA ASP E 295 -15.72 -19.00 2.56
C ASP E 295 -15.77 -17.68 1.80
N LYS E 296 -15.95 -16.57 2.51
CA LYS E 296 -16.05 -15.26 1.87
C LYS E 296 -14.68 -14.61 1.72
N PRO E 297 -14.48 -13.82 0.65
CA PRO E 297 -13.17 -13.20 0.43
C PRO E 297 -12.89 -12.05 1.38
N PHE E 298 -13.94 -11.43 1.93
CA PHE E 298 -13.74 -10.28 2.81
C PHE E 298 -14.42 -10.47 4.15
N GLN E 299 -14.03 -9.65 5.13
CA GLN E 299 -14.61 -9.73 6.46
C GLN E 299 -14.54 -8.38 7.14
N ASN E 300 -15.46 -8.17 8.06
CA ASN E 300 -15.69 -6.88 8.69
C ASN E 300 -15.55 -7.05 10.21
N VAL E 301 -15.08 -8.23 10.62
CA VAL E 301 -15.08 -8.60 12.03
C VAL E 301 -13.93 -7.98 12.81
N ASN E 302 -12.71 -8.17 12.33
CA ASN E 302 -11.54 -7.61 13.01
C ASN E 302 -10.35 -7.52 12.07
N ARG E 303 -9.62 -6.42 12.15
CA ARG E 303 -8.39 -6.25 11.37
C ARG E 303 -7.27 -7.19 11.88
N ILE E 304 -7.41 -7.66 13.12
CA ILE E 304 -6.47 -8.62 13.68
C ILE E 304 -6.93 -10.04 13.37
N THR E 305 -6.12 -10.81 12.65
CA THR E 305 -6.49 -12.18 12.28
C THR E 305 -5.28 -13.12 12.34
N TYR E 306 -5.56 -14.42 12.37
CA TYR E 306 -4.51 -15.44 12.26
C TYR E 306 -5.06 -16.59 11.42
N GLY E 307 -4.28 -17.06 10.45
CA GLY E 307 -4.68 -18.21 9.66
C GLY E 307 -5.14 -17.86 8.26
N ALA E 308 -5.86 -18.78 7.63
CA ALA E 308 -6.42 -18.55 6.30
C ALA E 308 -7.68 -17.72 6.43
N CYS E 309 -7.55 -16.42 6.29
CA CYS E 309 -8.63 -15.50 6.64
C CYS E 309 -9.07 -14.62 5.48
N PRO E 310 -10.37 -14.25 5.48
CA PRO E 310 -10.82 -13.26 4.50
C PRO E 310 -10.12 -11.94 4.80
N ARG E 311 -10.01 -11.05 3.82
CA ARG E 311 -9.32 -9.80 4.04
C ARG E 311 -10.23 -8.79 4.72
N TYR E 312 -9.68 -8.06 5.69
CA TYR E 312 -10.46 -7.07 6.42
C TYR E 312 -10.77 -5.87 5.54
N VAL E 313 -12.04 -5.49 5.48
CA VAL E 313 -12.48 -4.29 4.75
C VAL E 313 -13.40 -3.46 5.63
N LYS E 314 -13.58 -2.18 5.29
CA LYS E 314 -14.46 -1.28 6.04
C LYS E 314 -15.96 -1.46 5.77
N HIS E 315 -16.33 -1.96 4.58
CA HIS E 315 -17.75 -2.15 4.26
C HIS E 315 -18.40 -3.22 5.14
N SER E 316 -19.65 -3.01 5.52
CA SER E 316 -20.38 -3.99 6.33
C SER E 316 -21.04 -5.04 5.44
N THR E 317 -21.24 -4.70 4.17
CA THR E 317 -21.87 -5.61 3.23
C THR E 317 -21.44 -5.31 1.81
N LEU E 318 -21.32 -6.35 1.00
CA LEU E 318 -20.98 -6.22 -0.42
C LEU E 318 -21.64 -7.37 -1.19
N LYS E 319 -22.70 -7.05 -1.91
CA LYS E 319 -23.49 -8.09 -2.57
C LYS E 319 -23.03 -8.33 -4.00
N LEU E 320 -22.66 -9.57 -4.29
CA LEU E 320 -22.28 -9.96 -5.64
C LEU E 320 -23.48 -10.57 -6.33
N ALA E 321 -23.92 -9.98 -7.43
CA ALA E 321 -25.04 -10.55 -8.18
C ALA E 321 -24.69 -11.94 -8.68
N THR E 322 -25.64 -12.87 -8.55
CA THR E 322 -25.45 -14.22 -9.05
C THR E 322 -26.61 -14.59 -9.95
N GLY E 323 -27.33 -13.58 -10.42
CA GLY E 323 -28.44 -13.79 -11.34
C GLY E 323 -28.68 -12.55 -12.19
N MET E 324 -29.60 -12.65 -13.16
CA MET E 324 -29.88 -11.54 -14.05
C MET E 324 -30.65 -10.43 -13.35
N ARG E 325 -30.78 -9.30 -14.04
CA ARG E 325 -31.65 -8.24 -13.56
C ARG E 325 -33.07 -8.75 -13.35
N ASN E 326 -33.69 -8.38 -12.24
CA ASN E 326 -35.04 -8.83 -11.94
C ASN E 326 -36.08 -7.84 -12.47
N VAL E 327 -36.87 -8.25 -13.46
CA VAL E 327 -37.86 -7.35 -14.06
C VAL E 327 -39.25 -7.97 -13.91
N PRO E 328 -39.96 -7.62 -12.83
CA PRO E 328 -41.27 -8.20 -12.61
C PRO E 328 -42.36 -7.38 -13.29
N GLU E 329 -43.60 -7.87 -13.23
CA GLU E 329 -44.85 -7.16 -13.53
C GLU E 329 -45.92 -8.18 -13.89
N GLY F 1 -29.53 -3.60 -19.75
CA GLY F 1 -28.31 -4.13 -20.34
C GLY F 1 -27.96 -3.46 -21.65
N ILE F 2 -26.71 -3.62 -22.07
CA ILE F 2 -26.22 -2.96 -23.27
C ILE F 2 -26.80 -3.52 -24.55
N PHE F 3 -27.42 -4.71 -24.50
CA PHE F 3 -28.01 -5.30 -25.70
C PHE F 3 -29.49 -4.95 -25.86
N GLY F 4 -30.12 -4.55 -24.77
CA GLY F 4 -31.46 -4.00 -24.84
C GLY F 4 -32.57 -5.03 -24.87
N ALA F 5 -32.26 -6.27 -24.48
CA ALA F 5 -33.29 -7.30 -24.41
C ALA F 5 -33.95 -7.32 -23.03
N ILE F 6 -33.19 -7.73 -22.02
CA ILE F 6 -33.69 -7.77 -20.65
C ILE F 6 -33.87 -6.35 -20.12
N ALA F 7 -35.05 -6.07 -19.55
CA ALA F 7 -35.46 -4.71 -19.19
C ALA F 7 -35.41 -3.77 -20.40
N GLY F 8 -35.56 -4.36 -21.59
CA GLY F 8 -35.52 -3.63 -22.85
C GLY F 8 -36.74 -3.98 -23.69
N PHE F 9 -36.54 -4.54 -24.88
CA PHE F 9 -37.68 -4.91 -25.73
C PHE F 9 -38.48 -6.11 -25.19
N ILE F 10 -37.87 -6.85 -24.27
CA ILE F 10 -38.63 -7.83 -23.50
C ILE F 10 -39.17 -7.13 -22.27
N GLU F 11 -40.49 -6.92 -22.24
CA GLU F 11 -41.11 -6.06 -21.24
C GLU F 11 -40.88 -6.49 -19.79
N ASN F 12 -40.96 -7.80 -19.53
CA ASN F 12 -40.70 -8.30 -18.18
C ASN F 12 -40.34 -9.78 -18.16
N GLY F 13 -39.82 -10.23 -17.02
CA GLY F 13 -39.49 -11.64 -16.84
C GLY F 13 -40.71 -12.47 -16.49
N TRP F 14 -40.54 -13.79 -16.53
CA TRP F 14 -41.60 -14.74 -16.24
C TRP F 14 -41.35 -15.42 -14.90
N GLU F 15 -42.17 -15.12 -13.89
CA GLU F 15 -42.02 -15.80 -12.60
C GLU F 15 -42.40 -17.28 -12.69
N GLY F 16 -43.31 -17.59 -13.62
CA GLY F 16 -43.74 -18.97 -13.80
C GLY F 16 -42.74 -19.86 -14.50
N MET F 17 -41.58 -19.31 -14.88
CA MET F 17 -40.53 -20.15 -15.46
C MET F 17 -39.51 -20.49 -14.39
N VAL F 18 -39.60 -21.70 -13.85
CA VAL F 18 -38.78 -22.11 -12.72
C VAL F 18 -37.85 -23.28 -13.05
N ASP F 19 -37.81 -23.66 -14.32
CA ASP F 19 -36.94 -24.75 -14.76
C ASP F 19 -35.80 -24.27 -15.67
N GLY F 20 -35.64 -22.95 -15.77
CA GLY F 20 -34.59 -22.38 -16.59
C GLY F 20 -34.61 -20.87 -16.53
N TRP F 21 -33.55 -20.25 -17.05
CA TRP F 21 -33.40 -18.81 -17.00
C TRP F 21 -33.96 -18.13 -18.24
N TYR F 22 -33.93 -18.85 -19.35
CA TYR F 22 -34.43 -18.34 -20.62
C TYR F 22 -35.36 -19.40 -21.18
N GLY F 23 -36.28 -19.01 -22.05
CA GLY F 23 -37.19 -19.99 -22.61
C GLY F 23 -38.15 -19.45 -23.65
N PHE F 24 -39.10 -20.31 -24.04
CA PHE F 24 -40.07 -19.99 -25.07
C PHE F 24 -41.47 -20.10 -24.52
N ARG F 25 -42.33 -19.19 -24.93
CA ARG F 25 -43.76 -19.32 -24.73
C ARG F 25 -44.40 -19.23 -26.10
N HIS F 26 -45.38 -20.08 -26.35
CA HIS F 26 -45.99 -20.14 -27.66
C HIS F 26 -47.50 -20.14 -27.54
N GLN F 27 -48.16 -19.76 -28.62
CA GLN F 27 -49.59 -20.00 -28.76
C GLN F 27 -49.83 -20.51 -30.16
N ASN F 28 -50.49 -21.65 -30.26
CA ASN F 28 -50.85 -22.23 -31.56
C ASN F 28 -52.26 -22.80 -31.54
N SER F 29 -52.58 -23.64 -32.51
CA SER F 29 -53.89 -24.26 -32.62
C SER F 29 -54.20 -25.19 -31.45
N GLU F 30 -53.15 -25.84 -30.92
CA GLU F 30 -53.30 -26.81 -29.84
C GLU F 30 -53.30 -26.18 -28.44
N GLY F 31 -53.05 -24.88 -28.34
CA GLY F 31 -53.01 -24.23 -27.04
C GLY F 31 -51.85 -23.27 -26.79
N ARG F 32 -51.53 -23.06 -25.52
CA ARG F 32 -50.48 -22.15 -25.08
C ARG F 32 -49.51 -22.92 -24.19
N GLY F 33 -48.21 -22.77 -24.41
CA GLY F 33 -47.24 -23.52 -23.64
C GLY F 33 -45.98 -22.74 -23.28
N GLN F 34 -45.17 -23.33 -22.41
CA GLN F 34 -43.93 -22.72 -21.96
C GLN F 34 -42.87 -23.81 -21.86
N ALA F 35 -41.64 -23.48 -22.25
CA ALA F 35 -40.53 -24.44 -22.21
C ALA F 35 -39.20 -23.70 -22.07
N ALA F 36 -38.36 -24.16 -21.14
CA ALA F 36 -37.07 -23.53 -20.90
C ALA F 36 -36.05 -23.91 -21.98
N ASP F 37 -35.10 -23.01 -22.24
CA ASP F 37 -33.97 -23.32 -23.12
C ASP F 37 -32.75 -23.62 -22.25
N LEU F 38 -32.25 -24.85 -22.34
CA LEU F 38 -31.23 -25.32 -21.40
C LEU F 38 -29.84 -24.79 -21.74
N LYS F 39 -29.53 -24.75 -23.03
CA LYS F 39 -28.20 -24.35 -23.50
C LYS F 39 -27.87 -22.89 -23.14
N SER F 40 -28.80 -21.97 -23.40
CA SER F 40 -28.59 -20.57 -23.03
C SER F 40 -28.58 -20.41 -21.50
N THR F 41 -29.48 -21.13 -20.83
CA THR F 41 -29.46 -21.13 -19.36
C THR F 41 -28.10 -21.56 -18.82
N GLN F 42 -27.57 -22.67 -19.34
CA GLN F 42 -26.30 -23.20 -18.85
C GLN F 42 -25.12 -22.29 -19.21
N ALA F 43 -25.20 -21.64 -20.36
CA ALA F 43 -24.14 -20.72 -20.80
C ALA F 43 -24.00 -19.55 -19.84
N ALA F 44 -25.13 -19.00 -19.39
CA ALA F 44 -25.11 -17.92 -18.41
C ALA F 44 -24.58 -18.41 -17.07
N ILE F 45 -25.10 -19.54 -16.61
CA ILE F 45 -24.69 -20.12 -15.33
C ILE F 45 -23.20 -20.46 -15.29
N ASP F 46 -22.67 -21.01 -16.39
CA ASP F 46 -21.24 -21.32 -16.44
C ASP F 46 -20.36 -20.08 -16.30
N GLN F 47 -20.76 -18.98 -16.93
CA GLN F 47 -19.98 -17.75 -16.83
C GLN F 47 -20.01 -17.17 -15.43
N ILE F 48 -21.17 -17.23 -14.78
CA ILE F 48 -21.29 -16.74 -13.40
C ILE F 48 -20.49 -17.61 -12.44
N ASN F 49 -20.54 -18.92 -12.63
CA ASN F 49 -19.74 -19.84 -11.83
C ASN F 49 -18.24 -19.63 -12.03
N GLY F 50 -17.85 -19.22 -13.23
CA GLY F 50 -16.47 -18.86 -13.50
C GLY F 50 -16.02 -17.68 -12.66
N LYS F 51 -16.91 -16.70 -12.48
CA LYS F 51 -16.61 -15.55 -11.63
C LYS F 51 -16.52 -16.00 -10.18
N LEU F 52 -17.45 -16.83 -9.75
CA LEU F 52 -17.46 -17.32 -8.38
C LEU F 52 -16.19 -18.11 -8.05
N ASN F 53 -15.75 -18.92 -9.01
CA ASN F 53 -14.53 -19.72 -8.84
C ASN F 53 -13.30 -18.87 -8.60
N ARG F 54 -13.29 -17.65 -9.15
CA ARG F 54 -12.19 -16.70 -8.95
C ARG F 54 -12.22 -16.03 -7.58
N LEU F 55 -13.41 -16.00 -6.96
CA LEU F 55 -13.61 -15.21 -5.74
C LEU F 55 -13.82 -16.06 -4.49
N ILE F 56 -14.48 -17.20 -4.66
CA ILE F 56 -14.85 -18.06 -3.53
C ILE F 56 -13.82 -19.14 -3.23
N GLY F 57 -13.44 -19.25 -1.96
CA GLY F 57 -12.53 -20.31 -1.50
C GLY F 57 -11.10 -20.21 -2.00
N LYS F 58 -10.55 -19.01 -2.04
CA LYS F 58 -9.19 -18.82 -2.54
C LYS F 58 -8.37 -17.86 -1.67
N THR F 59 -8.64 -17.82 -0.37
CA THR F 59 -7.95 -16.87 0.51
C THR F 59 -6.46 -17.18 0.66
N ASN F 60 -5.71 -16.19 1.14
CA ASN F 60 -4.25 -16.32 1.25
C ASN F 60 -3.76 -16.30 2.70
N GLU F 61 -2.79 -17.16 2.99
CA GLU F 61 -2.30 -17.35 4.34
C GLU F 61 -1.39 -16.24 4.81
N LYS F 62 -1.72 -15.63 5.95
CA LYS F 62 -0.79 -14.73 6.62
C LYS F 62 -0.54 -15.24 8.03
N PHE F 63 0.68 -15.06 8.52
CA PHE F 63 1.00 -15.53 9.85
C PHE F 63 1.46 -14.38 10.75
N HIS F 64 2.74 -14.32 11.09
CA HIS F 64 3.20 -13.22 11.93
C HIS F 64 3.26 -11.89 11.17
N GLN F 65 2.62 -10.87 11.70
CA GLN F 65 2.57 -9.58 11.02
C GLN F 65 3.08 -8.48 11.92
N ILE F 66 2.38 -7.34 11.93
CA ILE F 66 2.70 -6.25 12.85
C ILE F 66 1.55 -6.11 13.82
N GLU F 67 1.80 -5.44 14.94
CA GLU F 67 0.74 -5.16 15.90
C GLU F 67 -0.18 -4.08 15.33
N LYS F 68 -1.45 -4.12 15.68
CA LYS F 68 -2.44 -3.23 15.06
C LYS F 68 -3.33 -2.55 16.10
N GLU F 69 -3.13 -2.91 17.37
CA GLU F 69 -3.75 -2.23 18.50
C GLU F 69 -2.68 -1.95 19.54
N PHE F 70 -2.82 -0.83 20.25
CA PHE F 70 -1.77 -0.37 21.14
C PHE F 70 -2.36 0.17 22.43
N GLU F 72 -0.40 1.85 24.78
CA GLU F 72 0.30 3.08 25.16
C GLU F 72 0.71 3.96 23.99
N VAL F 73 0.68 5.27 24.22
CA VAL F 73 1.21 6.28 23.29
C VAL F 73 2.71 6.10 23.13
N GLU F 74 3.18 6.08 21.88
CA GLU F 74 4.61 5.89 21.60
C GLU F 74 5.14 6.92 20.61
N GLY F 75 4.24 7.51 19.83
CA GLY F 75 4.67 8.47 18.84
C GLY F 75 5.08 7.83 17.52
N ARG F 76 6.27 8.23 17.05
CA ARG F 76 6.70 8.01 15.66
C ARG F 76 6.49 6.61 15.07
N ILE F 77 7.06 5.59 15.71
CA ILE F 77 6.99 4.23 15.18
C ILE F 77 5.56 3.71 15.16
N GLN F 78 4.79 4.04 16.19
CA GLN F 78 3.39 3.63 16.25
C GLN F 78 2.56 4.37 15.20
N ASP F 79 2.88 5.64 14.95
CA ASP F 79 2.23 6.39 13.87
C ASP F 79 2.44 5.65 12.55
N LEU F 80 3.66 5.15 12.35
CA LEU F 80 4.01 4.47 11.10
C LEU F 80 3.27 3.14 10.97
N GLU F 81 3.26 2.34 12.04
CA GLU F 81 2.54 1.06 12.03
C GLU F 81 1.04 1.24 11.76
N LYS F 82 0.44 2.26 12.37
CA LYS F 82 -0.98 2.55 12.17
C LYS F 82 -1.27 3.01 10.74
N TYR F 83 -0.39 3.86 10.20
CA TYR F 83 -0.54 4.42 8.87
C TYR F 83 -0.42 3.35 7.82
N VAL F 84 0.51 2.41 8.04
CA VAL F 84 0.71 1.31 7.10
C VAL F 84 -0.55 0.46 7.01
N GLU F 85 -1.11 0.11 8.16
CA GLU F 85 -2.32 -0.72 8.18
C GLU F 85 -3.52 0.02 7.59
N ASP F 86 -3.67 1.29 7.94
CA ASP F 86 -4.78 2.09 7.41
C ASP F 86 -4.69 2.25 5.89
N THR F 87 -3.47 2.41 5.38
CA THR F 87 -3.22 2.50 3.94
C THR F 87 -3.63 1.21 3.24
N LYS F 88 -3.21 0.09 3.82
CA LYS F 88 -3.51 -1.22 3.27
C LYS F 88 -5.02 -1.50 3.22
N ILE F 89 -5.72 -1.19 4.30
CA ILE F 89 -7.16 -1.44 4.37
C ILE F 89 -7.96 -0.60 3.36
N ASP F 90 -7.59 0.67 3.21
CA ASP F 90 -8.24 1.53 2.23
C ASP F 90 -8.03 1.02 0.81
N LEU F 91 -6.84 0.48 0.52
CA LEU F 91 -6.55 -0.01 -0.82
C LEU F 91 -7.30 -1.30 -1.12
N TRP F 92 -7.41 -2.18 -0.12
CA TRP F 92 -8.21 -3.39 -0.28
C TRP F 92 -9.71 -3.08 -0.32
N SER F 93 -10.15 -2.09 0.48
CA SER F 93 -11.55 -1.71 0.48
C SER F 93 -11.92 -1.15 -0.89
N TYR F 94 -11.01 -0.41 -1.50
CA TYR F 94 -11.21 0.07 -2.87
C TYR F 94 -11.31 -1.09 -3.86
N ASN F 95 -10.35 -2.02 -3.79
CA ASN F 95 -10.36 -3.17 -4.68
C ASN F 95 -11.66 -3.93 -4.61
N ALA F 96 -12.14 -4.15 -3.40
CA ALA F 96 -13.38 -4.91 -3.19
C ALA F 96 -14.58 -4.17 -3.76
N GLU F 97 -14.64 -2.86 -3.55
CA GLU F 97 -15.75 -2.06 -4.04
C GLU F 97 -15.84 -2.08 -5.57
N LEU F 98 -14.69 -1.85 -6.21
CA LEU F 98 -14.63 -1.81 -7.68
C LEU F 98 -14.90 -3.19 -8.28
N LEU F 99 -14.35 -4.23 -7.68
CA LEU F 99 -14.56 -5.61 -8.15
C LEU F 99 -16.05 -5.92 -8.27
N VAL F 100 -16.78 -5.66 -7.19
CA VAL F 100 -18.21 -5.95 -7.17
C VAL F 100 -18.97 -5.10 -8.19
N ALA F 101 -18.67 -3.80 -8.25
CA ALA F 101 -19.36 -2.93 -9.21
C ALA F 101 -19.11 -3.36 -10.66
N LEU F 102 -17.87 -3.71 -10.96
CA LEU F 102 -17.49 -4.19 -12.30
C LEU F 102 -18.09 -5.55 -12.68
N GLU F 103 -17.96 -6.53 -11.79
CA GLU F 103 -18.50 -7.87 -12.03
C GLU F 103 -20.01 -7.82 -12.19
N ASN F 104 -20.67 -6.99 -11.38
CA ASN F 104 -22.12 -6.90 -11.43
C ASN F 104 -22.59 -6.29 -12.74
N GLN F 105 -21.92 -5.20 -13.15
CA GLN F 105 -22.24 -4.61 -14.45
C GLN F 105 -22.07 -5.66 -15.55
N HIS F 106 -20.98 -6.42 -15.48
CA HIS F 106 -20.72 -7.46 -16.47
C HIS F 106 -21.73 -8.60 -16.40
N THR F 107 -22.10 -9.02 -15.20
CA THR F 107 -23.09 -10.10 -15.05
C THR F 107 -24.43 -9.71 -15.67
N ILE F 108 -24.87 -8.50 -15.38
CA ILE F 108 -26.11 -7.99 -15.96
C ILE F 108 -25.99 -7.89 -17.49
N ASP F 109 -24.82 -7.51 -17.98
CA ASP F 109 -24.63 -7.46 -19.44
C ASP F 109 -24.51 -8.83 -20.11
N LEU F 110 -23.88 -9.80 -19.45
CA LEU F 110 -23.75 -11.13 -20.07
C LEU F 110 -25.09 -11.87 -20.09
N THR F 111 -25.91 -11.67 -19.05
CA THR F 111 -27.21 -12.32 -19.02
C THR F 111 -28.14 -11.71 -20.06
N ASP F 112 -28.02 -10.41 -20.26
CA ASP F 112 -28.76 -9.71 -21.32
C ASP F 112 -28.29 -10.22 -22.67
N SER F 113 -26.98 -10.40 -22.81
CA SER F 113 -26.41 -10.94 -24.04
C SER F 113 -26.93 -12.34 -24.40
N GLU F 114 -26.98 -13.24 -23.41
CA GLU F 114 -27.49 -14.59 -23.70
C GLU F 114 -28.93 -14.55 -24.18
N MET F 115 -29.72 -13.65 -23.61
CA MET F 115 -31.10 -13.52 -24.05
C MET F 115 -31.15 -13.04 -25.49
N ASN F 116 -30.31 -12.07 -25.81
CA ASN F 116 -30.26 -11.55 -27.17
C ASN F 116 -29.82 -12.61 -28.18
N LYS F 117 -28.81 -13.41 -27.81
CA LYS F 117 -28.32 -14.47 -28.70
C LYS F 117 -29.42 -15.48 -29.04
N LEU F 118 -30.20 -15.85 -28.02
CA LEU F 118 -31.27 -16.82 -28.21
C LEU F 118 -32.32 -16.25 -29.16
N PHE F 119 -32.65 -14.98 -28.97
CA PHE F 119 -33.59 -14.31 -29.85
C PHE F 119 -33.08 -14.25 -31.29
N GLU F 120 -31.82 -13.87 -31.46
CA GLU F 120 -31.23 -13.76 -32.81
C GLU F 120 -31.16 -15.12 -33.52
N LYS F 121 -30.78 -16.15 -32.77
CA LYS F 121 -30.70 -17.51 -33.28
C LYS F 121 -32.07 -18.00 -33.75
N THR F 122 -33.08 -17.73 -32.96
CA THR F 122 -34.45 -18.12 -33.29
C THR F 122 -34.92 -17.38 -34.54
N LYS F 123 -34.61 -16.09 -34.61
CA LYS F 123 -35.00 -15.29 -35.76
C LYS F 123 -34.43 -15.84 -37.06
N LYS F 124 -33.16 -16.22 -37.03
CA LYS F 124 -32.51 -16.73 -38.24
C LYS F 124 -33.11 -18.07 -38.64
N GLN F 125 -33.44 -18.88 -37.65
CA GLN F 125 -34.07 -20.18 -37.89
C GLN F 125 -35.35 -20.06 -38.70
N LEU F 126 -36.16 -19.05 -38.39
CA LEU F 126 -37.49 -18.91 -38.98
C LEU F 126 -37.44 -18.34 -40.41
N ARG F 127 -36.29 -17.78 -40.79
CA ARG F 127 -36.08 -17.24 -42.14
C ARG F 127 -37.19 -16.29 -42.55
N GLU F 128 -37.85 -16.59 -43.66
CA GLU F 128 -38.95 -15.75 -44.15
C GLU F 128 -40.32 -16.19 -43.64
N ASN F 129 -40.36 -17.11 -42.68
CA ASN F 129 -41.64 -17.68 -42.25
C ASN F 129 -42.28 -16.97 -41.07
N ALA F 130 -41.63 -15.92 -40.57
CA ALA F 130 -42.10 -15.22 -39.38
C ALA F 130 -41.65 -13.76 -39.36
N GLU F 131 -42.30 -12.95 -38.53
CA GLU F 131 -41.89 -11.56 -38.36
C GLU F 131 -41.77 -11.22 -36.87
N ASP F 132 -40.78 -10.39 -36.56
CA ASP F 132 -40.50 -9.93 -35.20
C ASP F 132 -41.54 -8.87 -34.84
N MET F 133 -42.27 -9.10 -33.76
CA MET F 133 -43.32 -8.18 -33.35
C MET F 133 -42.76 -7.06 -32.48
N GLY F 134 -41.47 -7.14 -32.15
CA GLY F 134 -40.78 -6.06 -31.46
C GLY F 134 -40.75 -6.16 -29.95
N ASN F 135 -41.38 -7.20 -29.40
CA ASN F 135 -41.44 -7.40 -27.95
C ASN F 135 -40.88 -8.76 -27.56
N GLY F 136 -39.98 -9.29 -28.38
CA GLY F 136 -39.42 -10.62 -28.15
C GLY F 136 -40.31 -11.72 -28.71
N CYS F 137 -41.41 -11.35 -29.37
CA CYS F 137 -42.31 -12.36 -29.91
C CYS F 137 -42.24 -12.42 -31.43
N PHE F 138 -42.38 -13.63 -31.98
CA PHE F 138 -42.45 -13.81 -33.42
C PHE F 138 -43.86 -14.16 -33.83
N LYS F 139 -44.36 -13.52 -34.86
CA LYS F 139 -45.60 -13.98 -35.47
C LYS F 139 -45.21 -14.96 -36.55
N ILE F 140 -45.61 -16.22 -36.38
CA ILE F 140 -45.26 -17.27 -37.33
C ILE F 140 -46.39 -17.41 -38.34
N TYR F 141 -46.07 -17.22 -39.62
CA TYR F 141 -47.12 -17.11 -40.64
C TYR F 141 -47.57 -18.45 -41.24
N HIS F 142 -47.58 -19.48 -40.41
CA HIS F 142 -48.09 -20.76 -40.84
C HIS F 142 -48.61 -21.56 -39.65
N LYS F 143 -49.44 -22.56 -39.96
CA LYS F 143 -49.90 -23.52 -38.96
C LYS F 143 -48.68 -24.18 -38.33
N CYS F 144 -48.54 -24.08 -37.01
CA CYS F 144 -47.40 -24.71 -36.32
C CYS F 144 -47.88 -25.41 -35.06
N ASP F 145 -48.16 -26.71 -35.19
CA ASP F 145 -48.58 -27.53 -34.06
C ASP F 145 -47.48 -27.72 -33.02
N ASN F 146 -47.75 -28.50 -31.97
CA ASN F 146 -46.77 -28.68 -30.88
C ASN F 146 -45.43 -29.24 -31.34
N ALA F 147 -45.45 -30.21 -32.25
CA ALA F 147 -44.22 -30.78 -32.78
C ALA F 147 -43.44 -29.76 -33.60
N CYS F 148 -44.16 -28.92 -34.34
CA CYS F 148 -43.51 -27.86 -35.10
C CYS F 148 -42.81 -26.86 -34.16
N ILE F 149 -43.54 -26.40 -33.14
CA ILE F 149 -42.97 -25.51 -32.13
C ILE F 149 -41.75 -26.18 -31.49
N GLY F 150 -41.91 -27.45 -31.14
CA GLY F 150 -40.82 -28.23 -30.57
C GLY F 150 -39.59 -28.30 -31.46
N SER F 151 -39.81 -28.42 -32.77
CA SER F 151 -38.70 -28.47 -33.72
C SER F 151 -37.92 -27.15 -33.75
N ILE F 152 -38.63 -26.04 -33.59
CA ILE F 152 -37.98 -24.74 -33.48
C ILE F 152 -37.12 -24.67 -32.22
N ARG F 153 -37.69 -25.09 -31.10
CA ARG F 153 -36.97 -25.05 -29.83
C ARG F 153 -35.73 -25.96 -29.81
N ASN F 154 -35.77 -27.08 -30.54
CA ASN F 154 -34.63 -28.00 -30.53
C ASN F 154 -33.77 -27.95 -31.80
N GLY F 155 -34.00 -26.93 -32.62
CA GLY F 155 -33.13 -26.63 -33.75
C GLY F 155 -33.23 -27.56 -34.95
N THR F 156 -34.39 -28.17 -35.13
CA THR F 156 -34.60 -29.07 -36.26
C THR F 156 -35.68 -28.55 -37.21
N TYR F 157 -36.14 -27.33 -36.97
CA TYR F 157 -37.16 -26.69 -37.81
C TYR F 157 -36.66 -26.53 -39.24
N ASP F 158 -37.40 -27.08 -40.20
CA ASP F 158 -37.07 -26.93 -41.62
C ASP F 158 -37.97 -25.87 -42.24
N HIS F 159 -37.42 -24.68 -42.47
CA HIS F 159 -38.20 -23.55 -42.95
C HIS F 159 -38.77 -23.76 -44.35
N ASN F 160 -38.04 -24.51 -45.19
CA ASN F 160 -38.48 -24.78 -46.56
C ASN F 160 -39.83 -25.49 -46.63
N VAL F 161 -40.09 -26.31 -45.60
CA VAL F 161 -41.36 -27.05 -45.53
C VAL F 161 -42.57 -26.11 -45.50
N TYR F 162 -42.42 -24.96 -44.85
CA TYR F 162 -43.56 -24.07 -44.62
C TYR F 162 -43.52 -22.80 -45.44
N ARG F 163 -42.39 -22.58 -46.14
CA ARG F 163 -42.11 -21.30 -46.79
C ARG F 163 -43.23 -20.82 -47.72
N ASP F 164 -43.74 -21.73 -48.57
CA ASP F 164 -44.83 -21.35 -49.48
C ASP F 164 -46.07 -20.88 -48.73
N GLU F 165 -46.50 -21.65 -47.74
CA GLU F 165 -47.64 -21.26 -46.90
C GLU F 165 -47.37 -19.91 -46.23
N ALA F 166 -46.18 -19.76 -45.69
CA ALA F 166 -45.83 -18.55 -44.95
C ALA F 166 -45.79 -17.31 -45.84
N LEU F 167 -45.10 -17.40 -46.97
CA LEU F 167 -45.04 -16.28 -47.91
C LEU F 167 -46.41 -15.81 -48.40
N ASN F 168 -47.30 -16.75 -48.70
CA ASN F 168 -48.64 -16.40 -49.13
C ASN F 168 -49.40 -15.62 -48.05
N ASN F 169 -49.24 -16.04 -46.79
CA ASN F 169 -49.86 -15.35 -45.68
C ASN F 169 -49.27 -13.96 -45.41
N ARG F 170 -47.95 -13.84 -45.49
CA ARG F 170 -47.26 -12.56 -45.24
C ARG F 170 -47.56 -11.53 -46.30
N PHE F 171 -47.47 -11.95 -47.57
CA PHE F 171 -47.52 -11.03 -48.70
C PHE F 171 -48.83 -11.17 -49.47
N GLN F 172 -49.83 -10.42 -49.03
CA GLN F 172 -51.16 -10.47 -49.61
C GLN F 172 -51.79 -9.09 -49.47
N ILE F 173 -53.11 -9.03 -49.39
CA ILE F 173 -53.82 -7.77 -49.18
C ILE F 173 -54.94 -7.94 -48.15
N GLU G 1 -6.28 -33.55 -20.78
CA GLU G 1 -5.72 -32.29 -21.26
C GLU G 1 -5.06 -31.52 -20.13
N ILE G 2 -5.03 -32.14 -18.95
CA ILE G 2 -4.35 -31.56 -17.80
C ILE G 2 -3.87 -32.72 -16.93
N VAL G 3 -2.61 -33.11 -17.10
CA VAL G 3 -2.11 -34.36 -16.55
C VAL G 3 -1.90 -34.25 -15.04
N MET G 4 -2.13 -35.36 -14.35
CA MET G 4 -1.89 -35.47 -12.92
C MET G 4 -0.83 -36.53 -12.66
N THR G 5 0.15 -36.19 -11.83
CA THR G 5 1.25 -37.09 -11.52
C THR G 5 1.38 -37.23 -10.02
N GLN G 6 1.22 -38.45 -9.51
CA GLN G 6 1.38 -38.73 -8.09
C GLN G 6 2.77 -39.29 -7.81
N SER G 7 3.27 -39.00 -6.62
CA SER G 7 4.61 -39.44 -6.23
C SER G 7 4.64 -39.89 -4.77
N PRO G 8 5.26 -41.05 -4.50
CA PRO G 8 5.84 -41.94 -5.51
C PRO G 8 4.84 -42.96 -6.03
N VAL G 9 5.31 -43.91 -6.83
CA VAL G 9 4.42 -44.95 -7.35
C VAL G 9 3.94 -45.86 -6.23
N THR G 10 4.80 -46.11 -5.24
CA THR G 10 4.45 -46.93 -4.09
C THR G 10 5.37 -46.57 -2.94
N LEU G 11 4.81 -46.57 -1.73
CA LEU G 11 5.55 -46.21 -0.53
C LEU G 11 5.30 -47.25 0.56
N SER G 12 6.34 -47.46 1.38
CA SER G 12 6.26 -48.39 2.50
C SER G 12 6.32 -47.58 3.80
N VAL G 13 5.29 -47.72 4.62
CA VAL G 13 5.17 -46.97 5.87
C VAL G 13 4.74 -47.93 6.97
N SER G 14 5.45 -47.88 8.10
CA SER G 14 5.10 -48.72 9.23
C SER G 14 3.73 -48.29 9.80
N PRO G 15 2.96 -49.23 10.36
CA PRO G 15 1.65 -48.88 10.90
C PRO G 15 1.78 -47.95 12.11
N GLY G 16 1.09 -46.82 12.06
CA GLY G 16 1.18 -45.83 13.11
C GLY G 16 1.84 -44.55 12.63
N GLU G 17 2.84 -44.69 11.76
CA GLU G 17 3.52 -43.53 11.23
C GLU G 17 2.64 -42.78 10.23
N THR G 18 3.00 -41.53 9.98
CA THR G 18 2.26 -40.69 9.04
C THR G 18 2.82 -40.89 7.63
N ALA G 19 1.93 -41.10 6.67
CA ALA G 19 2.30 -41.34 5.28
C ALA G 19 1.85 -40.15 4.45
N THR G 20 2.80 -39.36 3.95
CA THR G 20 2.51 -38.20 3.13
C THR G 20 2.60 -38.57 1.66
N LEU G 21 1.56 -38.24 0.91
CA LEU G 21 1.48 -38.52 -0.52
C LEU G 21 1.59 -37.21 -1.31
N SER G 22 1.91 -37.34 -2.59
CA SER G 22 2.06 -36.19 -3.47
C SER G 22 1.11 -36.31 -4.65
N CYS G 23 0.62 -35.15 -5.13
CA CYS G 23 -0.27 -35.06 -6.29
C CYS G 23 0.10 -33.79 -7.07
N ARG G 24 1.23 -33.83 -7.76
CA ARG G 24 1.66 -32.70 -8.57
C ARG G 24 0.80 -32.61 -9.84
N ALA G 25 0.36 -31.40 -10.15
CA ALA G 25 -0.58 -31.18 -11.26
C ALA G 25 -0.07 -30.07 -12.15
N SER G 26 0.02 -30.35 -13.44
CA SER G 26 0.36 -29.31 -14.40
C SER G 26 -0.78 -28.31 -14.50
N GLN G 27 -0.43 -27.04 -14.64
CA GLN G 27 -1.38 -25.92 -14.70
C GLN G 27 -2.10 -25.75 -13.36
N SER G 28 -2.60 -24.54 -13.10
CA SER G 28 -3.16 -24.22 -11.80
C SER G 28 -4.46 -24.98 -11.56
N VAL G 29 -4.68 -25.37 -10.30
CA VAL G 29 -5.90 -26.06 -9.88
C VAL G 29 -6.01 -25.94 -8.36
N ARG G 30 -7.10 -25.36 -7.87
CA ARG G 30 -7.27 -25.13 -6.44
C ARG G 30 -8.68 -25.43 -5.96
N SER G 31 -9.69 -24.96 -6.70
CA SER G 31 -11.08 -25.06 -6.26
C SER G 31 -11.48 -26.51 -6.02
N ASN G 32 -11.18 -27.40 -6.97
CA ASN G 32 -11.65 -28.77 -6.92
C ASN G 32 -10.46 -29.73 -6.94
N LEU G 33 -10.43 -30.62 -5.95
CA LEU G 33 -9.38 -31.65 -5.84
C LEU G 33 -9.91 -32.69 -4.85
N ALA G 34 -10.05 -33.93 -5.31
CA ALA G 34 -10.66 -34.98 -4.51
C ALA G 34 -9.69 -36.15 -4.36
N TRP G 35 -9.57 -36.66 -3.15
CA TRP G 35 -8.78 -37.84 -2.86
C TRP G 35 -9.68 -39.06 -2.67
N TYR G 36 -9.15 -40.23 -2.99
CA TYR G 36 -9.93 -41.46 -2.97
C TYR G 36 -9.10 -42.60 -2.40
N GLN G 37 -9.80 -43.57 -1.80
CA GLN G 37 -9.19 -44.74 -1.18
C GLN G 37 -9.83 -45.97 -1.82
N GLN G 38 -9.23 -46.49 -2.88
CA GLN G 38 -9.74 -47.65 -3.59
C GLN G 38 -9.05 -48.90 -3.06
N LYS G 39 -9.73 -49.62 -2.18
CA LYS G 39 -9.19 -50.88 -1.70
C LYS G 39 -9.33 -51.95 -2.79
N PRO G 40 -8.38 -52.89 -2.85
CA PRO G 40 -8.43 -53.91 -3.91
C PRO G 40 -9.75 -54.67 -3.89
N GLY G 41 -10.30 -54.88 -5.08
CA GLY G 41 -11.57 -55.56 -5.20
C GLY G 41 -12.77 -54.73 -4.77
N GLN G 42 -12.62 -53.41 -4.68
CA GLN G 42 -13.71 -52.54 -4.27
C GLN G 42 -13.68 -51.26 -5.10
N ALA G 43 -14.79 -50.54 -5.06
CA ALA G 43 -14.91 -49.27 -5.74
C ALA G 43 -14.21 -48.17 -4.94
N PRO G 44 -13.77 -47.10 -5.60
CA PRO G 44 -13.14 -45.99 -4.87
C PRO G 44 -14.11 -45.34 -3.89
N ARG G 45 -13.56 -44.82 -2.80
CA ARG G 45 -14.34 -44.15 -1.76
C ARG G 45 -13.79 -42.75 -1.56
N LEU G 46 -14.67 -41.76 -1.54
CA LEU G 46 -14.26 -40.37 -1.40
C LEU G 46 -13.72 -40.10 0.00
N LEU G 47 -12.57 -39.43 0.07
CA LEU G 47 -11.96 -39.05 1.34
C LEU G 47 -12.01 -37.54 1.55
N ILE G 48 -11.38 -36.77 0.66
CA ILE G 48 -11.31 -35.32 0.76
C ILE G 48 -11.77 -34.74 -0.57
N TYR G 49 -12.46 -33.60 -0.52
CA TYR G 49 -12.83 -32.88 -1.72
C TYR G 49 -12.42 -31.42 -1.58
N GLY G 50 -12.31 -30.75 -2.73
CA GLY G 50 -11.86 -29.37 -2.76
C GLY G 50 -10.36 -29.27 -2.65
N ALA G 51 -9.83 -29.53 -1.45
CA ALA G 51 -8.40 -29.51 -1.19
C ALA G 51 -8.14 -30.07 0.21
N SER G 52 -8.86 -29.55 1.20
CA SER G 52 -8.72 -29.98 2.59
C SER G 52 -10.02 -30.50 3.20
N THR G 53 -11.17 -30.13 2.65
CA THR G 53 -12.45 -30.53 3.23
C THR G 53 -12.66 -32.03 3.03
N ARG G 54 -12.68 -32.78 4.12
CA ARG G 54 -12.83 -34.22 4.04
C ARG G 54 -14.30 -34.59 3.86
N ALA G 55 -14.52 -35.79 3.34
CA ALA G 55 -15.87 -36.27 3.10
C ALA G 55 -16.60 -36.55 4.41
N THR G 56 -17.88 -36.87 4.29
CA THR G 56 -18.70 -37.13 5.47
C THR G 56 -18.30 -38.44 6.13
N ASP G 57 -18.31 -38.43 7.46
CA ASP G 57 -18.02 -39.60 8.31
C ASP G 57 -16.82 -40.40 7.80
N ILE G 58 -15.70 -39.71 7.61
CA ILE G 58 -14.43 -40.36 7.33
C ILE G 58 -13.48 -40.02 8.48
N PRO G 59 -12.50 -40.86 8.80
CA PRO G 59 -11.67 -40.60 9.98
C PRO G 59 -10.90 -39.29 9.85
N ALA G 60 -10.63 -38.69 11.01
CA ALA G 60 -9.90 -37.43 11.06
C ALA G 60 -8.41 -37.60 10.79
N ARG G 61 -7.91 -38.84 10.72
CA ARG G 61 -6.51 -39.06 10.43
C ARG G 61 -6.16 -38.78 8.97
N PHE G 62 -7.16 -38.70 8.10
CA PHE G 62 -6.94 -38.35 6.69
C PHE G 62 -6.91 -36.83 6.56
N SER G 63 -5.75 -36.27 6.23
CA SER G 63 -5.56 -34.84 6.11
C SER G 63 -5.24 -34.47 4.68
N GLY G 64 -5.74 -33.32 4.25
CA GLY G 64 -5.51 -32.85 2.90
C GLY G 64 -5.03 -31.42 2.88
N SER G 65 -4.17 -31.10 1.91
CA SER G 65 -3.63 -29.76 1.77
C SER G 65 -3.07 -29.61 0.36
N GLY G 66 -2.70 -28.38 0.02
CA GLY G 66 -2.15 -28.08 -1.29
C GLY G 66 -2.75 -26.85 -1.93
N SER G 67 -2.11 -26.33 -2.98
CA SER G 67 -2.57 -25.12 -3.64
C SER G 67 -2.01 -25.05 -5.05
N GLY G 68 -2.88 -24.84 -6.02
CA GLY G 68 -2.46 -24.56 -7.38
C GLY G 68 -1.80 -25.70 -8.12
N THR G 69 -0.64 -26.16 -7.63
CA THR G 69 0.15 -27.14 -8.35
C THR G 69 0.52 -28.33 -7.46
N GLU G 70 1.11 -28.06 -6.30
CA GLU G 70 1.55 -29.11 -5.40
C GLU G 70 0.45 -29.41 -4.39
N PHE G 71 0.10 -30.69 -4.26
CA PHE G 71 -0.92 -31.14 -3.32
C PHE G 71 -0.41 -32.35 -2.56
N THR G 72 -0.79 -32.44 -1.29
CA THR G 72 -0.32 -33.50 -0.40
C THR G 72 -1.51 -34.17 0.29
N LEU G 73 -1.29 -35.41 0.70
CA LEU G 73 -2.27 -36.19 1.45
C LEU G 73 -1.54 -36.99 2.51
N SER G 74 -1.80 -36.68 3.78
CA SER G 74 -1.12 -37.31 4.90
C SER G 74 -2.12 -38.12 5.72
N ILE G 75 -1.77 -39.37 6.02
CA ILE G 75 -2.58 -40.25 6.83
C ILE G 75 -1.93 -40.31 8.21
N SER G 76 -2.57 -39.68 9.20
CA SER G 76 -1.99 -39.53 10.53
C SER G 76 -1.68 -40.89 11.17
N SER G 77 -2.68 -41.51 11.78
CA SER G 77 -2.52 -42.82 12.40
C SER G 77 -2.85 -43.89 11.37
N LEU G 78 -1.85 -44.65 10.95
CA LEU G 78 -2.03 -45.64 9.91
C LEU G 78 -2.52 -46.95 10.49
N GLN G 79 -3.41 -47.62 9.76
CA GLN G 79 -3.96 -48.91 10.14
C GLN G 79 -3.62 -49.96 9.09
N SER G 80 -3.65 -51.21 9.50
CA SER G 80 -3.31 -52.31 8.60
C SER G 80 -4.29 -52.44 7.43
N ASP G 81 -5.51 -51.92 7.57
CA ASP G 81 -6.50 -51.99 6.52
C ASP G 81 -6.38 -50.85 5.50
N ASP G 82 -5.39 -49.98 5.66
CA ASP G 82 -5.19 -48.86 4.74
C ASP G 82 -4.30 -49.22 3.57
N PHE G 83 -4.30 -50.48 3.14
CA PHE G 83 -3.36 -50.96 2.11
C PHE G 83 -3.92 -50.64 0.74
N ALA G 84 -4.80 -49.65 0.68
CA ALA G 84 -5.50 -49.35 -0.56
C ALA G 84 -4.61 -48.49 -1.46
N VAL G 85 -5.11 -48.20 -2.66
CA VAL G 85 -4.48 -47.29 -3.61
C VAL G 85 -5.23 -45.98 -3.60
N TYR G 86 -4.48 -44.87 -3.68
CA TYR G 86 -5.04 -43.54 -3.54
C TYR G 86 -4.87 -42.75 -4.84
N TYR G 87 -5.89 -41.96 -5.18
CA TYR G 87 -5.92 -41.20 -6.42
C TYR G 87 -6.37 -39.77 -6.13
N CYS G 88 -6.12 -38.89 -7.09
CA CYS G 88 -6.51 -37.48 -6.97
C CYS G 88 -7.00 -36.99 -8.33
N GLN G 89 -8.11 -36.25 -8.32
CA GLN G 89 -8.70 -35.67 -9.52
C GLN G 89 -8.62 -34.15 -9.45
N GLN G 90 -9.13 -33.49 -10.50
CA GLN G 90 -8.91 -32.05 -10.63
C GLN G 90 -10.04 -31.41 -11.42
N TYR G 91 -10.15 -30.09 -11.29
CA TYR G 91 -10.96 -29.26 -12.19
C TYR G 91 -10.01 -28.42 -13.05
N ASN G 92 -10.44 -28.06 -14.26
CA ASN G 92 -11.69 -28.50 -14.85
C ASN G 92 -11.47 -28.80 -16.32
N HIS G 93 -11.11 -27.76 -17.09
CA HIS G 93 -10.91 -27.88 -18.53
C HIS G 93 -12.10 -28.58 -19.20
N TRP G 94 -13.28 -28.39 -18.60
CA TRP G 94 -14.50 -29.18 -18.82
C TRP G 94 -14.23 -30.69 -18.88
N LEU G 95 -13.03 -31.11 -18.47
CA LEU G 95 -12.59 -32.50 -18.62
C LEU G 95 -11.77 -32.86 -17.38
N ARG G 96 -12.40 -33.52 -16.42
CA ARG G 96 -11.70 -33.94 -15.22
C ARG G 96 -10.73 -35.07 -15.54
N THR G 97 -9.57 -35.05 -14.90
CA THR G 97 -8.57 -36.08 -15.05
C THR G 97 -8.23 -36.67 -13.68
N PHE G 98 -7.84 -37.94 -13.68
CA PHE G 98 -7.45 -38.63 -12.46
C PHE G 98 -5.93 -38.71 -12.36
N GLY G 99 -5.45 -39.12 -11.18
CA GLY G 99 -4.03 -39.34 -10.97
C GLY G 99 -3.60 -40.74 -11.35
N GLN G 100 -2.29 -40.96 -11.31
CA GLN G 100 -1.75 -42.28 -11.65
C GLN G 100 -2.05 -43.30 -10.56
N GLY G 101 -1.91 -42.91 -9.30
CA GLY G 101 -2.17 -43.82 -8.20
C GLY G 101 -0.96 -44.05 -7.31
N THR G 102 -1.18 -44.13 -6.00
CA THR G 102 -0.10 -44.33 -5.04
C THR G 102 -0.45 -45.54 -4.18
N LYS G 103 0.37 -46.59 -4.28
CA LYS G 103 0.15 -47.80 -3.49
C LYS G 103 0.78 -47.63 -2.11
N LEU G 104 0.03 -47.98 -1.07
CA LEU G 104 0.47 -47.85 0.30
C LEU G 104 0.73 -49.22 0.90
N GLU G 105 1.91 -49.40 1.50
CA GLU G 105 2.28 -50.63 2.16
C GLU G 105 2.28 -50.46 3.68
N ILE G 106 2.22 -51.59 4.37
CA ILE G 106 2.25 -51.64 5.83
C ILE G 106 3.53 -52.34 6.26
N ARG G 108 7.08 -54.75 7.53
CA ARG G 108 7.31 -55.85 8.43
C ARG G 108 8.77 -56.21 8.30
N THR G 109 9.20 -57.20 9.05
CA THR G 109 10.60 -57.61 8.96
C THR G 109 10.95 -58.19 7.60
N VAL G 110 12.16 -57.89 7.14
CA VAL G 110 12.61 -58.45 5.88
C VAL G 110 12.46 -59.98 5.93
N ALA G 111 11.93 -60.56 4.85
CA ALA G 111 11.76 -62.00 4.77
C ALA G 111 12.16 -62.48 3.39
N ALA G 112 13.11 -63.40 3.36
CA ALA G 112 13.53 -64.04 2.11
C ALA G 112 12.41 -64.90 1.54
N PRO G 113 12.32 -64.96 0.22
CA PRO G 113 11.34 -65.88 -0.36
C PRO G 113 11.71 -67.33 -0.13
N SER G 114 10.71 -68.17 0.04
CA SER G 114 10.90 -69.60 -0.16
C SER G 114 10.62 -69.87 -1.63
N VAL G 115 11.52 -70.58 -2.27
CA VAL G 115 11.50 -70.71 -3.73
C VAL G 115 11.24 -72.16 -4.12
N PHE G 116 10.27 -72.32 -5.04
CA PHE G 116 9.87 -73.62 -5.56
C PHE G 116 9.84 -73.58 -7.08
N ILE G 117 10.30 -74.65 -7.72
CA ILE G 117 10.21 -74.78 -9.16
C ILE G 117 9.36 -76.00 -9.54
N PHE G 118 8.49 -75.81 -10.54
CA PHE G 118 7.60 -76.83 -11.03
C PHE G 118 7.83 -77.11 -12.52
N PRO G 119 8.17 -78.36 -12.86
CA PRO G 119 8.20 -78.77 -14.26
C PRO G 119 6.81 -78.75 -14.87
N PRO G 120 6.73 -78.69 -16.20
CA PRO G 120 5.43 -78.88 -16.86
C PRO G 120 4.86 -80.26 -16.57
N SER G 121 3.53 -80.33 -16.54
CA SER G 121 2.87 -81.60 -16.38
C SER G 121 2.93 -82.36 -17.69
N ASP G 122 2.87 -83.69 -17.60
CA ASP G 122 2.76 -84.50 -18.80
C ASP G 122 1.51 -84.16 -19.61
N GLU G 123 0.44 -83.79 -18.89
CA GLU G 123 -0.80 -83.40 -19.55
C GLU G 123 -0.58 -82.18 -20.43
N GLN G 124 0.14 -81.19 -19.92
CA GLN G 124 0.36 -80.00 -20.70
C GLN G 124 1.24 -80.30 -21.91
N LEU G 125 2.28 -81.08 -21.70
CA LEU G 125 3.20 -81.42 -22.78
C LEU G 125 2.49 -82.11 -23.93
N LYS G 126 1.49 -82.93 -23.66
CA LYS G 126 0.73 -83.58 -24.74
C LYS G 126 -0.02 -82.56 -25.59
N SER G 127 -0.33 -81.40 -25.04
CA SER G 127 -1.01 -80.35 -25.82
C SER G 127 -0.02 -79.51 -26.63
N GLY G 128 1.27 -79.76 -26.45
CA GLY G 128 2.28 -79.13 -27.29
C GLY G 128 3.01 -77.96 -26.69
N THR G 129 2.73 -77.63 -25.45
CA THR G 129 3.45 -76.53 -24.80
C THR G 129 3.94 -76.94 -23.42
N ALA G 130 4.91 -76.19 -22.92
CA ALA G 130 5.54 -76.48 -21.64
C ALA G 130 5.63 -75.21 -20.82
N SER G 131 4.94 -75.19 -19.69
CA SER G 131 5.09 -74.06 -18.79
C SER G 131 5.90 -74.52 -17.58
N VAL G 132 6.99 -73.83 -17.35
CA VAL G 132 7.80 -74.08 -16.17
C VAL G 132 7.50 -72.95 -15.20
N VAL G 133 7.15 -73.27 -13.98
CA VAL G 133 6.73 -72.26 -13.01
C VAL G 133 7.69 -72.12 -11.84
N CYS G 134 8.04 -70.88 -11.51
CA CYS G 134 8.87 -70.60 -10.36
C CYS G 134 8.03 -69.78 -9.39
N LEU G 135 7.96 -70.26 -8.15
CA LEU G 135 7.20 -69.61 -7.11
C LEU G 135 8.12 -69.03 -6.06
N LEU G 136 7.94 -67.74 -5.77
CA LEU G 136 8.67 -67.07 -4.71
C LEU G 136 7.65 -66.76 -3.64
N ASN G 137 7.73 -67.44 -2.51
CA ASN G 137 6.63 -67.37 -1.55
C ASN G 137 6.97 -66.58 -0.32
N ASN G 138 6.04 -65.69 0.06
CA ASN G 138 6.03 -65.02 1.35
C ASN G 138 7.30 -64.23 1.67
N PHE G 139 7.57 -63.25 0.84
CA PHE G 139 8.78 -62.43 1.00
C PHE G 139 8.41 -60.96 1.27
N TYR G 140 9.38 -60.21 1.76
CA TYR G 140 9.21 -58.80 2.04
C TYR G 140 10.61 -58.20 2.09
N PRO G 141 10.82 -57.06 1.44
CA PRO G 141 9.86 -56.22 0.72
C PRO G 141 9.54 -56.77 -0.67
N ARG G 142 8.74 -56.01 -1.42
CA ARG G 142 8.15 -56.48 -2.67
C ARG G 142 9.15 -56.70 -3.80
N GLU G 143 10.25 -55.95 -3.79
CA GLU G 143 11.25 -55.98 -4.85
C GLU G 143 11.96 -57.33 -4.91
N ALA G 144 11.88 -57.99 -6.04
CA ALA G 144 12.47 -59.31 -6.23
C ALA G 144 12.72 -59.46 -7.69
N LYS G 145 13.74 -60.24 -8.03
CA LYS G 145 14.08 -60.47 -9.44
C LYS G 145 14.19 -61.97 -9.68
N VAL G 146 13.62 -62.42 -10.78
CA VAL G 146 13.73 -63.80 -11.20
C VAL G 146 14.44 -63.84 -12.54
N GLN G 147 15.39 -64.76 -12.68
CA GLN G 147 16.01 -65.02 -13.97
C GLN G 147 15.84 -66.50 -14.27
N TRP G 148 15.56 -66.82 -15.53
CA TRP G 148 15.42 -68.19 -15.95
C TRP G 148 16.60 -68.60 -16.78
N LYS G 149 17.13 -69.78 -16.51
CA LYS G 149 18.18 -70.35 -17.33
C LYS G 149 17.78 -71.75 -17.79
N VAL G 150 18.08 -72.04 -19.05
CA VAL G 150 17.83 -73.35 -19.66
C VAL G 150 19.19 -73.82 -20.16
N ASP G 151 19.67 -74.93 -19.61
CA ASP G 151 21.05 -75.37 -19.84
C ASP G 151 22.02 -74.20 -19.71
N ASN G 152 21.84 -73.43 -18.65
CA ASN G 152 22.69 -72.28 -18.26
C ASN G 152 22.61 -71.06 -19.18
N ALA G 153 21.68 -71.08 -20.13
CA ALA G 153 21.49 -69.93 -21.01
C ALA G 153 20.33 -69.09 -20.52
N LEU G 154 20.61 -67.81 -20.25
CA LEU G 154 19.58 -66.88 -19.80
C LEU G 154 18.46 -66.74 -20.81
N GLN G 155 17.22 -66.91 -20.35
CA GLN G 155 16.06 -66.76 -21.18
C GLN G 155 15.59 -65.31 -21.19
N SER G 156 15.22 -64.82 -22.37
CA SER G 156 14.66 -63.50 -22.49
C SER G 156 13.42 -63.55 -23.39
N GLY G 157 12.34 -62.93 -22.93
CA GLY G 157 11.18 -62.69 -23.77
C GLY G 157 10.11 -63.77 -23.71
N ASN G 158 10.42 -64.87 -23.02
CA ASN G 158 9.52 -66.01 -22.95
C ASN G 158 9.09 -66.33 -21.54
N SER G 159 9.13 -65.33 -20.65
CA SER G 159 8.50 -65.48 -19.33
C SER G 159 7.58 -64.33 -19.00
N GLN G 160 6.66 -64.61 -18.07
CA GLN G 160 5.76 -63.60 -17.55
C GLN G 160 5.65 -63.84 -16.07
N GLU G 161 5.45 -62.76 -15.32
CA GLU G 161 5.32 -62.92 -13.87
C GLU G 161 4.19 -62.07 -13.34
N SER G 162 3.69 -62.43 -12.17
CA SER G 162 2.78 -61.56 -11.46
C SER G 162 3.00 -61.72 -9.98
N VAL G 163 2.55 -60.73 -9.23
CA VAL G 163 2.83 -60.61 -7.82
C VAL G 163 1.50 -60.38 -7.12
N THR G 164 1.32 -61.04 -5.98
CA THR G 164 0.10 -60.85 -5.20
C THR G 164 0.10 -59.47 -4.51
N GLU G 165 -1.10 -59.05 -4.11
CA GLU G 165 -1.25 -57.92 -3.20
C GLU G 165 -0.56 -58.33 -1.89
N GLN G 166 -0.15 -57.34 -1.10
CA GLN G 166 0.36 -57.64 0.21
C GLN G 166 -0.62 -58.49 0.99
N ASP G 167 -0.13 -59.58 1.58
CA ASP G 167 -1.01 -60.53 2.28
C ASP G 167 -1.46 -59.93 3.59
N SER G 168 -2.78 -59.92 3.85
CA SER G 168 -3.24 -59.32 5.11
C SER G 168 -2.72 -60.08 6.32
N LYS G 169 -2.54 -61.39 6.17
CA LYS G 169 -2.25 -62.25 7.33
C LYS G 169 -0.80 -62.12 7.81
N ASP G 170 0.11 -61.82 6.92
CA ASP G 170 1.52 -61.73 7.35
C ASP G 170 2.31 -60.63 6.68
N SER G 171 1.64 -59.79 5.91
CA SER G 171 2.24 -58.61 5.31
C SER G 171 3.31 -58.95 4.28
N THR G 172 3.29 -60.17 3.77
CA THR G 172 4.25 -60.58 2.75
C THR G 172 3.68 -60.51 1.35
N TYR G 173 4.55 -60.72 0.37
CA TYR G 173 4.18 -60.80 -1.03
C TYR G 173 4.60 -62.14 -1.55
N SER G 174 3.99 -62.57 -2.64
CA SER G 174 4.45 -63.78 -3.33
C SER G 174 4.44 -63.47 -4.81
N LEU G 175 5.20 -64.24 -5.59
CA LEU G 175 5.42 -63.96 -6.99
C LEU G 175 5.49 -65.27 -7.71
N SER G 176 4.81 -65.34 -8.84
CA SER G 176 4.82 -66.49 -9.73
C SER G 176 5.38 -66.09 -11.06
N SER G 177 6.37 -66.83 -11.55
CA SER G 177 6.90 -66.59 -12.88
C SER G 177 6.76 -67.86 -13.71
N THR G 178 6.35 -67.68 -14.96
CA THR G 178 6.15 -68.80 -15.87
C THR G 178 7.03 -68.62 -17.08
N LEU G 179 7.85 -69.63 -17.33
CA LEU G 179 8.65 -69.73 -18.55
C LEU G 179 7.89 -70.63 -19.49
N THR G 180 7.61 -70.17 -20.70
CA THR G 180 6.81 -70.96 -21.64
C THR G 180 7.68 -71.34 -22.84
N LEU G 181 7.74 -72.64 -23.09
CA LEU G 181 8.48 -73.17 -24.23
C LEU G 181 7.53 -74.03 -25.04
N SER G 182 7.84 -74.24 -26.32
CA SER G 182 7.15 -75.28 -27.09
C SER G 182 7.53 -76.63 -26.52
N LYS G 183 6.72 -77.65 -26.76
CA LYS G 183 7.10 -79.00 -26.39
C LYS G 183 8.45 -79.39 -26.98
N ALA G 184 8.63 -79.13 -28.27
CA ALA G 184 9.85 -79.53 -28.95
C ALA G 184 11.08 -78.92 -28.27
N ASP G 185 11.00 -77.64 -27.94
CA ASP G 185 12.11 -76.94 -27.29
C ASP G 185 12.37 -77.48 -25.88
N TYR G 186 11.30 -77.68 -25.13
CA TYR G 186 11.43 -78.22 -23.78
C TYR G 186 12.16 -79.57 -23.78
N GLU G 187 11.84 -80.42 -24.76
CA GLU G 187 12.43 -81.75 -24.79
C GLU G 187 13.83 -81.74 -25.38
N LYS G 188 14.32 -80.57 -25.77
CA LYS G 188 15.64 -80.47 -26.37
C LYS G 188 16.70 -80.15 -25.32
N HIS G 189 16.24 -79.74 -24.14
CA HIS G 189 17.15 -79.27 -23.08
C HIS G 189 16.95 -80.04 -21.79
N LYS G 190 17.94 -79.97 -20.90
CA LYS G 190 17.96 -80.80 -19.69
C LYS G 190 17.72 -80.01 -18.41
N VAL G 191 18.54 -78.97 -18.16
CA VAL G 191 18.50 -78.23 -16.90
C VAL G 191 17.66 -76.96 -16.94
N TYR G 192 16.64 -76.90 -16.09
CA TYR G 192 15.77 -75.75 -16.02
C TYR G 192 15.96 -75.12 -14.66
N ALA G 193 16.27 -73.84 -14.64
CA ALA G 193 16.59 -73.18 -13.39
C ALA G 193 15.97 -71.81 -13.28
N CYS G 194 15.50 -71.52 -12.08
CA CYS G 194 15.02 -70.22 -11.67
C CYS G 194 16.05 -69.65 -10.67
N GLU G 195 16.55 -68.45 -10.93
CA GLU G 195 17.48 -67.77 -10.00
C GLU G 195 16.80 -66.54 -9.42
N VAL G 196 16.80 -66.45 -8.09
CA VAL G 196 16.06 -65.42 -7.40
C VAL G 196 16.95 -64.50 -6.61
N THR G 197 16.75 -63.20 -6.82
CA THR G 197 17.50 -62.18 -6.09
C THR G 197 16.51 -61.43 -5.22
N HIS G 198 16.89 -61.21 -3.96
CA HIS G 198 16.02 -60.53 -3.02
C HIS G 198 16.85 -60.09 -1.81
N GLN G 199 16.45 -58.97 -1.23
CA GLN G 199 17.19 -58.35 -0.13
C GLN G 199 17.40 -59.29 1.06
N GLY G 200 16.45 -60.17 1.28
CA GLY G 200 16.53 -61.13 2.38
C GLY G 200 17.49 -62.28 2.16
N LEU G 201 18.03 -62.40 0.94
CA LEU G 201 18.96 -63.48 0.60
C LEU G 201 20.36 -62.88 0.46
N SER G 202 21.30 -63.41 1.21
CA SER G 202 22.69 -62.93 1.15
C SER G 202 23.34 -63.20 -0.21
N SER G 203 22.87 -64.24 -0.89
CA SER G 203 23.28 -64.53 -2.28
C SER G 203 22.04 -64.97 -3.03
N PRO G 204 22.00 -64.73 -4.35
CA PRO G 204 20.85 -65.22 -5.13
C PRO G 204 20.71 -66.72 -4.99
N VAL G 205 19.48 -67.20 -5.00
CA VAL G 205 19.16 -68.62 -4.81
C VAL G 205 18.66 -69.19 -6.13
N THR G 206 19.22 -70.35 -6.49
CA THR G 206 18.78 -71.08 -7.67
C THR G 206 18.04 -72.36 -7.30
N LYS G 207 16.85 -72.55 -7.87
CA LYS G 207 16.17 -73.83 -7.80
C LYS G 207 16.12 -74.36 -9.23
N SER G 208 16.35 -75.65 -9.38
CA SER G 208 16.42 -76.22 -10.70
C SER G 208 15.98 -77.64 -10.68
N PHE G 209 15.69 -78.15 -11.87
CA PHE G 209 15.49 -79.58 -12.07
C PHE G 209 16.07 -80.01 -13.40
N ASN G 210 16.32 -81.30 -13.51
CA ASN G 210 16.73 -81.92 -14.75
C ASN G 210 15.54 -82.60 -15.37
N ARG G 211 15.25 -82.29 -16.63
CA ARG G 211 14.09 -82.88 -17.28
C ARG G 211 14.29 -84.37 -17.31
N GLY G 212 13.27 -85.11 -16.91
CA GLY G 212 13.33 -86.55 -16.94
C GLY G 212 14.03 -87.18 -15.75
N GLU G 213 14.23 -86.40 -14.70
CA GLU G 213 14.80 -86.91 -13.44
C GLU G 213 13.94 -86.53 -12.25
N CYS G 214 13.79 -87.47 -11.31
CA CYS G 214 13.15 -87.20 -10.01
C CYS G 214 13.10 -88.48 -9.19
N GLU H 1 -29.10 -44.10 1.83
CA GLU H 1 -28.71 -45.01 0.76
C GLU H 1 -28.75 -44.27 -0.58
N VAL H 2 -27.61 -44.21 -1.26
CA VAL H 2 -27.50 -43.50 -2.54
C VAL H 2 -26.83 -44.39 -3.57
N GLN H 3 -26.86 -45.70 -3.36
CA GLN H 3 -26.16 -46.61 -4.24
C GLN H 3 -26.83 -46.68 -5.61
N LEU H 4 -26.00 -46.82 -6.64
CA LEU H 4 -26.45 -47.08 -8.00
C LEU H 4 -25.86 -48.40 -8.46
N LEU H 5 -26.53 -49.03 -9.43
CA LEU H 5 -26.15 -50.34 -9.93
C LEU H 5 -25.89 -50.27 -11.43
N GLU H 6 -24.74 -50.77 -11.85
CA GLU H 6 -24.36 -50.80 -13.25
C GLU H 6 -24.67 -52.16 -13.85
N SER H 7 -25.43 -52.15 -14.95
CA SER H 7 -25.79 -53.36 -15.66
C SER H 7 -25.25 -53.30 -17.09
N GLY H 8 -25.11 -54.47 -17.69
CA GLY H 8 -24.62 -54.55 -19.07
C GLY H 8 -23.17 -54.97 -19.15
N GLY H 9 -22.47 -54.47 -20.15
CA GLY H 9 -21.07 -54.83 -20.36
C GLY H 9 -20.93 -56.24 -20.89
N GLY H 10 -19.68 -56.66 -21.02
CA GLY H 10 -19.35 -57.99 -21.48
C GLY H 10 -18.24 -57.95 -22.50
N LEU H 11 -18.16 -58.99 -23.33
CA LEU H 11 -17.14 -59.12 -24.36
C LEU H 11 -17.70 -58.65 -25.69
N VAL H 12 -16.95 -57.79 -26.39
CA VAL H 12 -17.36 -57.27 -27.68
C VAL H 12 -16.17 -57.21 -28.62
N GLN H 13 -16.43 -57.39 -29.91
CA GLN H 13 -15.39 -57.28 -30.90
C GLN H 13 -15.07 -55.81 -31.15
N PRO H 14 -13.79 -55.46 -31.36
CA PRO H 14 -13.47 -54.04 -31.66
C PRO H 14 -14.23 -53.53 -32.86
N GLY H 15 -14.76 -52.31 -32.73
CA GLY H 15 -15.57 -51.69 -33.75
C GLY H 15 -17.06 -51.75 -33.49
N GLU H 16 -17.49 -52.54 -32.51
CA GLU H 16 -18.90 -52.69 -32.21
C GLU H 16 -19.35 -51.62 -31.21
N SER H 17 -20.65 -51.61 -30.93
CA SER H 17 -21.23 -50.70 -29.95
C SER H 17 -21.72 -51.48 -28.74
N LEU H 18 -21.82 -50.76 -27.63
CA LEU H 18 -22.36 -51.31 -26.38
C LEU H 18 -22.75 -50.19 -25.41
N ARG H 19 -23.97 -50.22 -24.89
CA ARG H 19 -24.40 -49.21 -23.91
C ARG H 19 -24.52 -49.84 -22.54
N VAL H 20 -24.10 -49.09 -21.51
CA VAL H 20 -24.11 -49.56 -20.13
C VAL H 20 -25.13 -48.72 -19.36
N SER H 21 -25.95 -49.39 -18.57
CA SER H 21 -26.98 -48.74 -17.77
C SER H 21 -26.48 -48.49 -16.36
N CYS H 22 -27.12 -47.53 -15.69
CA CYS H 22 -26.76 -47.17 -14.31
C CYS H 22 -28.05 -46.79 -13.59
N ALA H 23 -28.63 -47.75 -12.86
CA ALA H 23 -29.87 -47.52 -12.13
C ALA H 23 -29.58 -46.63 -10.93
N ALA H 24 -29.92 -45.35 -11.05
CA ALA H 24 -29.70 -44.38 -9.97
C ALA H 24 -30.82 -44.53 -8.95
N SER H 25 -30.52 -45.19 -7.84
CA SER H 25 -31.48 -45.43 -6.77
C SER H 25 -31.07 -44.67 -5.52
N GLY H 26 -32.06 -44.28 -4.73
CA GLY H 26 -31.80 -43.73 -3.41
C GLY H 26 -32.01 -42.24 -3.28
N PHE H 27 -31.11 -41.60 -2.52
CA PHE H 27 -31.26 -40.18 -2.18
C PHE H 27 -31.27 -39.30 -3.42
N THR H 28 -30.60 -39.72 -4.49
CA THR H 28 -30.49 -38.91 -5.70
C THR H 28 -31.85 -38.62 -6.32
N PHE H 29 -32.30 -37.37 -6.24
CA PHE H 29 -33.52 -36.96 -6.92
C PHE H 29 -33.34 -36.88 -8.43
N ARG H 30 -32.10 -36.97 -8.90
CA ARG H 30 -31.77 -36.90 -10.33
C ARG H 30 -32.09 -35.53 -10.92
N ASP H 31 -31.93 -34.50 -10.10
CA ASP H 31 -31.67 -33.16 -10.61
C ASP H 31 -30.20 -32.80 -10.42
N SER H 32 -29.39 -33.75 -9.98
CA SER H 32 -27.95 -33.60 -9.80
C SER H 32 -27.22 -34.35 -10.90
N ALA H 33 -25.95 -34.01 -11.09
CA ALA H 33 -25.17 -34.55 -12.19
C ALA H 33 -24.71 -35.97 -11.89
N LEU H 34 -24.38 -36.69 -12.96
CA LEU H 34 -23.83 -38.04 -12.88
C LEU H 34 -22.69 -38.16 -13.88
N SER H 35 -21.80 -39.11 -13.64
CA SER H 35 -20.60 -39.26 -14.45
C SER H 35 -20.26 -40.74 -14.64
N TRP H 36 -19.45 -41.01 -15.66
CA TRP H 36 -18.90 -42.33 -15.90
C TRP H 36 -17.38 -42.26 -15.81
N VAL H 37 -16.78 -43.26 -15.16
CA VAL H 37 -15.33 -43.34 -14.99
C VAL H 37 -14.91 -44.78 -15.24
N ARG H 38 -13.94 -44.98 -16.13
CA ARG H 38 -13.48 -46.31 -16.49
C ARG H 38 -12.07 -46.55 -15.94
N GLN H 39 -11.78 -47.81 -15.65
CA GLN H 39 -10.47 -48.21 -15.15
C GLN H 39 -10.16 -49.62 -15.64
N ALA H 40 -9.02 -49.77 -16.30
CA ALA H 40 -8.61 -51.11 -16.69
C ALA H 40 -7.75 -51.73 -15.60
N PRO H 41 -7.97 -53.01 -15.28
CA PRO H 41 -7.10 -53.69 -14.32
C PRO H 41 -5.64 -53.63 -14.77
N GLY H 42 -4.80 -53.05 -13.92
CA GLY H 42 -3.44 -52.72 -14.28
C GLY H 42 -3.21 -51.27 -14.63
N LYS H 43 -4.27 -50.45 -14.64
CA LYS H 43 -4.17 -49.02 -14.88
C LYS H 43 -5.00 -48.28 -13.84
N GLY H 44 -4.80 -46.97 -13.77
CA GLY H 44 -5.49 -46.12 -12.82
C GLY H 44 -6.84 -45.66 -13.31
N LEU H 45 -7.43 -44.75 -12.53
CA LEU H 45 -8.74 -44.20 -12.88
C LEU H 45 -8.61 -43.19 -14.03
N GLU H 46 -9.72 -43.00 -14.74
CA GLU H 46 -9.79 -42.03 -15.82
C GLU H 46 -11.24 -41.59 -15.99
N TRP H 47 -11.49 -40.30 -15.85
CA TRP H 47 -12.82 -39.76 -16.04
C TRP H 47 -13.22 -39.87 -17.51
N VAL H 48 -14.46 -40.31 -17.74
CA VAL H 48 -14.93 -40.54 -19.10
C VAL H 48 -15.84 -39.39 -19.55
N SER H 49 -16.88 -39.12 -18.78
CA SER H 49 -17.92 -38.19 -19.24
C SER H 49 -18.77 -37.76 -18.05
N ALA H 50 -19.79 -36.95 -18.35
CA ALA H 50 -20.70 -36.44 -17.34
C ALA H 50 -22.01 -36.04 -17.99
N ILE H 51 -23.06 -35.96 -17.16
CA ILE H 51 -24.40 -35.59 -17.60
C ILE H 51 -24.96 -34.58 -16.59
N SER H 52 -25.85 -33.73 -17.07
CA SER H 52 -26.43 -32.69 -16.21
C SER H 52 -27.84 -32.37 -16.66
N GLY H 53 -28.76 -32.31 -15.70
CA GLY H 53 -30.13 -31.91 -15.95
C GLY H 53 -30.77 -32.63 -17.11
N ASN H 54 -30.84 -31.97 -18.27
CA ASN H 54 -31.33 -32.58 -19.48
C ASN H 54 -30.15 -32.71 -20.43
N GLY H 55 -30.05 -31.87 -21.47
CA GLY H 55 -28.98 -31.97 -22.43
C GLY H 55 -27.85 -31.00 -22.24
N GLY H 56 -27.48 -30.74 -20.98
CA GLY H 56 -26.37 -29.84 -20.69
C GLY H 56 -24.99 -30.46 -20.77
N ALA H 57 -24.88 -31.74 -21.13
CA ALA H 57 -23.59 -32.44 -21.19
C ALA H 57 -23.72 -33.70 -22.05
N THR H 58 -23.03 -33.83 -23.20
CA THR H 58 -22.14 -32.90 -23.93
C THR H 58 -20.74 -32.74 -23.30
N TYR H 59 -20.44 -33.44 -22.21
CA TYR H 59 -19.11 -33.43 -21.60
C TYR H 59 -18.47 -34.80 -21.77
N TYR H 60 -17.52 -34.91 -22.69
CA TYR H 60 -16.83 -36.16 -22.98
C TYR H 60 -15.32 -35.95 -22.96
N ALA H 61 -14.58 -36.98 -22.55
CA ALA H 61 -13.13 -36.90 -22.56
C ALA H 61 -12.59 -36.99 -23.99
N ASP H 62 -11.36 -36.48 -24.17
CA ASP H 62 -10.75 -36.46 -25.49
C ASP H 62 -10.52 -37.87 -26.04
N THR H 63 -10.42 -38.87 -25.19
CA THR H 63 -10.22 -40.24 -25.67
C THR H 63 -11.46 -40.75 -26.38
N VAL H 64 -12.65 -40.36 -25.90
CA VAL H 64 -13.91 -40.84 -26.46
C VAL H 64 -14.74 -39.69 -27.02
N LYS H 65 -14.08 -38.58 -27.41
CA LYS H 65 -14.79 -37.39 -27.85
C LYS H 65 -15.73 -37.66 -29.02
N GLY H 66 -15.33 -38.55 -29.94
CA GLY H 66 -16.16 -38.88 -31.08
C GLY H 66 -16.78 -40.26 -31.06
N ARG H 67 -16.71 -40.99 -29.94
CA ARG H 67 -17.21 -42.35 -29.89
C ARG H 67 -18.32 -42.53 -28.87
N PHE H 68 -18.15 -42.05 -27.64
CA PHE H 68 -19.10 -42.28 -26.58
C PHE H 68 -20.15 -41.16 -26.54
N THR H 69 -21.38 -41.54 -26.21
CA THR H 69 -22.49 -40.59 -26.07
C THR H 69 -23.29 -40.96 -24.84
N ILE H 70 -23.66 -39.94 -24.05
CA ILE H 70 -24.22 -40.13 -22.73
C ILE H 70 -25.71 -39.77 -22.77
N SER H 71 -26.54 -40.71 -22.33
CA SER H 71 -27.98 -40.54 -22.29
C SER H 71 -28.45 -40.48 -20.84
N ARG H 72 -29.61 -39.85 -20.64
CA ARG H 72 -30.22 -39.78 -19.33
C ARG H 72 -31.73 -39.95 -19.48
N ASP H 73 -32.29 -40.85 -18.68
CA ASP H 73 -33.73 -41.14 -18.69
C ASP H 73 -34.25 -40.94 -17.28
N ASN H 74 -34.65 -39.71 -16.96
CA ASN H 74 -35.13 -39.39 -15.62
C ASN H 74 -36.47 -40.05 -15.30
N SER H 75 -37.26 -40.38 -16.32
CA SER H 75 -38.55 -41.01 -16.05
C SER H 75 -38.39 -42.39 -15.44
N GLN H 76 -37.40 -43.16 -15.89
CA GLN H 76 -37.09 -44.46 -15.30
C GLN H 76 -35.86 -44.41 -14.40
N THR H 77 -35.27 -43.24 -14.21
CA THR H 77 -34.15 -43.02 -13.29
C THR H 77 -32.97 -43.95 -13.61
N THR H 78 -32.47 -43.84 -14.84
CA THR H 78 -31.36 -44.67 -15.29
C THR H 78 -30.44 -43.84 -16.17
N LEU H 79 -29.14 -43.95 -15.93
CA LEU H 79 -28.12 -43.26 -16.71
C LEU H 79 -27.48 -44.24 -17.69
N TYR H 80 -27.26 -43.80 -18.92
CA TYR H 80 -26.75 -44.65 -19.99
C TYR H 80 -25.45 -44.09 -20.54
N LEU H 81 -24.79 -44.91 -21.37
CA LEU H 81 -23.52 -44.52 -22.01
C LEU H 81 -23.34 -45.44 -23.22
N GLN H 82 -23.67 -44.92 -24.41
CA GLN H 82 -23.55 -45.67 -25.65
C GLN H 82 -22.11 -45.59 -26.14
N MET H 83 -21.37 -46.71 -26.06
CA MET H 83 -19.96 -46.76 -26.41
C MET H 83 -19.84 -47.35 -27.81
N ASN H 84 -19.73 -46.48 -28.81
CA ASN H 84 -19.63 -46.89 -30.21
C ASN H 84 -18.18 -46.86 -30.68
N SER H 85 -17.91 -47.63 -31.73
CA SER H 85 -16.58 -47.72 -32.34
C SER H 85 -15.53 -48.07 -31.29
N LEU H 86 -15.82 -49.11 -30.52
CA LEU H 86 -14.93 -49.51 -29.44
C LEU H 86 -13.60 -50.03 -29.97
N ARG H 87 -12.51 -49.59 -29.36
CA ARG H 87 -11.17 -50.04 -29.69
C ARG H 87 -10.64 -50.95 -28.59
N ALA H 88 -9.40 -51.42 -28.78
CA ALA H 88 -8.83 -52.38 -27.85
C ALA H 88 -8.63 -51.77 -26.47
N ASP H 89 -8.12 -50.53 -26.40
CA ASP H 89 -7.82 -49.90 -25.12
C ASP H 89 -9.08 -49.51 -24.34
N ASP H 90 -10.27 -49.71 -24.90
CA ASP H 90 -11.50 -49.40 -24.19
C ASP H 90 -11.88 -50.45 -23.15
N THR H 91 -11.10 -51.53 -23.05
CA THR H 91 -11.36 -52.57 -22.05
C THR H 91 -11.08 -52.01 -20.66
N ALA H 92 -12.12 -51.89 -19.84
CA ALA H 92 -11.98 -51.29 -18.52
C ALA H 92 -13.21 -51.65 -17.69
N THR H 93 -13.12 -51.38 -16.39
CA THR H 93 -14.23 -51.55 -15.47
C THR H 93 -14.93 -50.19 -15.34
N TYR H 94 -15.99 -50.00 -16.11
CA TYR H 94 -16.67 -48.71 -16.18
C TYR H 94 -17.48 -48.47 -14.90
N TYR H 95 -17.12 -47.43 -14.16
CA TYR H 95 -17.80 -47.07 -12.92
C TYR H 95 -18.76 -45.92 -13.16
N CYS H 96 -19.97 -46.04 -12.63
CA CYS H 96 -20.94 -44.95 -12.62
C CYS H 96 -20.84 -44.25 -11.28
N ALA H 97 -20.57 -42.96 -11.29
CA ALA H 97 -20.24 -42.22 -10.08
C ALA H 97 -21.19 -41.04 -9.89
N LYS H 98 -21.62 -40.84 -8.66
CA LYS H 98 -22.37 -39.64 -8.30
C LYS H 98 -21.49 -38.41 -8.48
N ASP H 99 -22.13 -37.24 -8.55
CA ASP H 99 -21.44 -35.98 -8.70
C ASP H 99 -22.02 -34.95 -7.75
N GLU H 100 -21.15 -34.33 -6.95
CA GLU H 100 -21.56 -33.30 -6.01
C GLU H 100 -20.70 -32.06 -6.23
N SER H 101 -21.30 -30.90 -5.96
CA SER H 101 -20.63 -29.62 -6.12
C SER H 101 -20.79 -28.79 -4.85
N PRO H 102 -19.87 -27.86 -4.59
CA PRO H 102 -20.05 -26.94 -3.47
C PRO H 102 -21.34 -26.16 -3.62
N PRO H 103 -22.05 -25.90 -2.51
CA PRO H 103 -23.36 -25.25 -2.61
C PRO H 103 -23.31 -23.84 -3.16
N ILE H 104 -22.13 -23.20 -3.21
CA ILE H 104 -22.05 -21.87 -3.78
C ILE H 104 -22.28 -21.91 -5.28
N TYR H 105 -21.85 -22.98 -5.95
CA TYR H 105 -22.09 -23.14 -7.37
C TYR H 105 -23.49 -23.74 -7.56
N ASN H 106 -23.78 -24.20 -8.78
CA ASN H 106 -25.07 -24.80 -9.13
C ASN H 106 -26.22 -23.84 -8.77
N LEU H 107 -26.28 -22.76 -9.54
CA LEU H 107 -27.30 -21.74 -9.31
C LEU H 107 -28.69 -22.30 -9.57
N MET H 108 -28.98 -22.67 -10.81
CA MET H 108 -30.22 -23.37 -11.11
C MET H 108 -30.06 -24.85 -10.78
N PRO H 109 -31.02 -25.45 -10.07
CA PRO H 109 -30.80 -26.83 -9.57
C PRO H 109 -30.54 -27.85 -10.67
N GLY H 110 -31.09 -27.65 -11.86
CA GLY H 110 -30.96 -28.64 -12.92
C GLY H 110 -29.66 -28.61 -13.67
N TYR H 111 -29.18 -27.41 -14.00
CA TYR H 111 -28.07 -27.26 -14.93
C TYR H 111 -26.76 -27.70 -14.29
N TYR H 112 -25.68 -27.62 -15.07
CA TYR H 112 -24.38 -28.15 -14.68
C TYR H 112 -23.58 -27.11 -13.91
N SER H 113 -23.02 -27.53 -12.78
CA SER H 113 -22.02 -26.76 -12.05
C SER H 113 -20.65 -27.27 -12.47
N THR H 114 -19.85 -26.41 -13.11
CA THR H 114 -18.65 -26.88 -13.77
C THR H 114 -17.55 -27.33 -12.82
N TYR H 115 -17.89 -27.58 -11.56
CA TYR H 115 -16.93 -28.07 -10.56
C TYR H 115 -17.60 -29.18 -9.75
N TYR H 116 -17.35 -30.43 -10.13
CA TYR H 116 -17.93 -31.59 -9.46
C TYR H 116 -16.85 -32.50 -8.90
N TYR H 117 -17.17 -33.13 -7.78
CA TYR H 117 -16.38 -34.20 -7.19
C TYR H 117 -17.30 -35.38 -6.92
N MET H 118 -16.83 -36.58 -7.25
CA MET H 118 -17.64 -37.79 -7.12
C MET H 118 -17.54 -38.33 -5.70
N ASP H 119 -18.69 -38.59 -5.08
CA ASP H 119 -18.78 -39.01 -3.70
C ASP H 119 -19.21 -40.46 -3.53
N VAL H 120 -20.27 -40.88 -4.22
CA VAL H 120 -20.79 -42.23 -4.11
C VAL H 120 -20.48 -42.96 -5.41
N TRP H 121 -19.65 -43.99 -5.32
CA TRP H 121 -19.26 -44.80 -6.47
C TRP H 121 -20.13 -46.06 -6.54
N GLY H 122 -20.19 -46.63 -7.74
CA GLY H 122 -20.98 -47.82 -7.98
C GLY H 122 -20.14 -49.09 -7.94
N LYS H 123 -20.85 -50.21 -8.12
CA LYS H 123 -20.18 -51.51 -8.10
C LYS H 123 -19.30 -51.72 -9.33
N GLY H 124 -19.68 -51.13 -10.46
CA GLY H 124 -18.88 -51.23 -11.66
C GLY H 124 -19.23 -52.41 -12.55
N THR H 125 -19.15 -52.22 -13.86
CA THR H 125 -19.38 -53.27 -14.84
C THR H 125 -18.14 -53.39 -15.72
N THR H 126 -17.63 -54.61 -15.85
CA THR H 126 -16.43 -54.88 -16.63
C THR H 126 -16.79 -55.08 -18.10
N VAL H 127 -16.10 -54.35 -18.97
CA VAL H 127 -16.29 -54.44 -20.42
C VAL H 127 -14.96 -54.81 -21.04
N THR H 128 -14.93 -55.93 -21.77
CA THR H 128 -13.73 -56.42 -22.43
C THR H 128 -13.90 -56.30 -23.94
N VAL H 129 -12.95 -55.65 -24.60
CA VAL H 129 -12.98 -55.45 -26.05
C VAL H 129 -11.76 -56.19 -26.62
N SER H 130 -12.03 -57.31 -27.26
CA SER H 130 -11.01 -58.04 -27.99
C SER H 130 -11.62 -58.66 -29.26
N SER H 131 -10.79 -59.42 -29.95
CA SER H 131 -11.24 -60.34 -30.98
C SER H 131 -11.22 -61.75 -30.42
N ALA H 132 -11.07 -61.86 -29.10
CA ALA H 132 -10.99 -63.14 -28.46
C ALA H 132 -12.24 -63.91 -28.76
N SER H 133 -12.35 -65.08 -28.16
CA SER H 133 -13.45 -65.96 -28.41
C SER H 133 -13.47 -66.94 -27.27
N THR H 134 -14.47 -66.79 -26.43
CA THR H 134 -14.41 -67.37 -25.09
C THR H 134 -13.80 -68.77 -25.13
N LYS H 135 -12.98 -69.08 -24.13
CA LYS H 135 -12.29 -70.36 -24.04
C LYS H 135 -12.06 -70.75 -22.58
N GLY H 136 -12.43 -71.96 -22.22
CA GLY H 136 -12.19 -72.47 -20.88
C GLY H 136 -10.75 -72.90 -20.64
N PRO H 137 -10.34 -72.92 -19.36
CA PRO H 137 -8.94 -73.22 -19.04
C PRO H 137 -8.58 -74.70 -19.04
N SER H 138 -7.29 -74.96 -19.25
CA SER H 138 -6.68 -76.24 -18.91
C SER H 138 -6.08 -76.09 -17.52
N VAL H 139 -6.18 -77.13 -16.71
CA VAL H 139 -5.69 -77.04 -15.34
C VAL H 139 -4.63 -78.09 -15.14
N PHE H 140 -3.44 -77.65 -14.75
CA PHE H 140 -2.31 -78.55 -14.59
C PHE H 140 -1.79 -78.53 -13.16
N PRO H 141 -1.32 -79.67 -12.68
CA PRO H 141 -0.85 -79.66 -11.30
C PRO H 141 0.54 -79.06 -11.16
N LEU H 142 0.76 -78.37 -10.05
CA LEU H 142 2.08 -77.97 -9.60
C LEU H 142 2.41 -78.87 -8.40
N ALA H 143 3.10 -79.95 -8.67
CA ALA H 143 3.19 -81.04 -7.72
C ALA H 143 4.27 -80.78 -6.69
N PRO H 144 3.99 -81.10 -5.42
CA PRO H 144 4.99 -80.95 -4.36
C PRO H 144 6.07 -81.98 -4.53
N SER H 145 7.31 -81.59 -4.33
CA SER H 145 8.42 -82.53 -4.49
C SER H 145 9.33 -82.51 -3.28
N GLY H 152 9.79 -79.38 6.54
CA GLY H 152 8.55 -79.41 7.30
C GLY H 152 7.37 -78.90 6.50
N THR H 153 7.65 -77.96 5.58
CA THR H 153 6.59 -77.32 4.79
C THR H 153 6.77 -77.54 3.29
N ALA H 154 5.69 -77.92 2.62
CA ALA H 154 5.71 -78.14 1.19
C ALA H 154 4.76 -77.18 0.47
N ALA H 155 5.07 -76.86 -0.78
CA ALA H 155 4.16 -76.05 -1.58
C ALA H 155 3.62 -76.90 -2.71
N LEU H 156 2.35 -76.72 -3.02
CA LEU H 156 1.74 -77.37 -4.18
C LEU H 156 0.76 -76.39 -4.79
N GLY H 157 0.27 -76.66 -5.99
CA GLY H 157 -0.60 -75.71 -6.63
C GLY H 157 -1.21 -76.23 -7.91
N CYS H 158 -1.88 -75.32 -8.61
CA CYS H 158 -2.52 -75.63 -9.89
C CYS H 158 -2.20 -74.46 -10.80
N LEU H 159 -1.88 -74.77 -12.04
CA LEU H 159 -1.73 -73.76 -13.08
C LEU H 159 -2.99 -73.80 -13.94
N VAL H 160 -3.65 -72.65 -14.04
CA VAL H 160 -4.87 -72.52 -14.81
C VAL H 160 -4.54 -71.72 -16.05
N LYS H 161 -4.47 -72.42 -17.18
CA LYS H 161 -3.85 -71.84 -18.34
C LYS H 161 -4.78 -71.78 -19.55
N ASP H 162 -4.57 -70.74 -20.35
CA ASP H 162 -5.16 -70.62 -21.66
C ASP H 162 -6.67 -70.47 -21.63
N TYR H 163 -7.14 -69.50 -20.87
CA TYR H 163 -8.55 -69.19 -20.83
C TYR H 163 -8.82 -67.74 -21.19
N PHE H 164 -10.08 -67.47 -21.52
CA PHE H 164 -10.49 -66.14 -21.90
C PHE H 164 -11.99 -66.06 -21.85
N PRO H 165 -12.52 -64.94 -21.35
CA PRO H 165 -11.91 -63.80 -20.69
C PRO H 165 -11.75 -64.09 -19.21
N GLU H 166 -11.20 -63.13 -18.47
CA GLU H 166 -11.30 -63.16 -17.03
C GLU H 166 -12.75 -63.08 -16.61
N PRO H 167 -13.06 -63.53 -15.39
CA PRO H 167 -12.12 -64.10 -14.41
C PRO H 167 -12.30 -65.61 -14.26
N VAL H 168 -11.40 -66.21 -13.51
CA VAL H 168 -11.59 -67.58 -13.02
C VAL H 168 -11.59 -67.52 -11.50
N THR H 169 -12.22 -68.50 -10.87
CA THR H 169 -12.14 -68.65 -9.42
C THR H 169 -11.43 -69.94 -9.10
N VAL H 170 -10.61 -69.92 -8.07
CA VAL H 170 -9.94 -71.12 -7.62
C VAL H 170 -10.21 -71.30 -6.14
N SER H 171 -10.62 -72.51 -5.75
CA SER H 171 -10.66 -72.86 -4.34
C SER H 171 -9.89 -74.17 -4.15
N TRP H 172 -9.62 -74.52 -2.91
CA TRP H 172 -8.97 -75.77 -2.59
C TRP H 172 -9.82 -76.65 -1.67
N ASN H 173 -9.93 -77.92 -2.03
CA ASN H 173 -10.70 -78.90 -1.26
C ASN H 173 -12.12 -78.37 -0.99
N SER H 174 -12.72 -77.86 -2.06
CA SER H 174 -14.06 -77.30 -2.03
C SER H 174 -14.20 -76.19 -0.99
N GLY H 175 -13.12 -75.43 -0.79
CA GLY H 175 -13.16 -74.34 0.16
C GLY H 175 -12.87 -74.71 1.60
N ALA H 176 -12.52 -75.98 1.84
CA ALA H 176 -12.14 -76.43 3.18
C ALA H 176 -10.68 -76.08 3.52
N LEU H 177 -9.90 -75.74 2.49
CA LEU H 177 -8.51 -75.38 2.68
C LEU H 177 -8.34 -73.91 2.31
N THR H 178 -8.00 -73.10 3.30
CA THR H 178 -7.88 -71.65 3.15
C THR H 178 -6.50 -71.17 3.58
N SER H 179 -6.03 -71.68 4.71
CA SER H 179 -4.76 -71.26 5.27
C SER H 179 -3.67 -71.52 4.26
N GLY H 180 -2.91 -70.49 3.95
CA GLY H 180 -1.70 -70.68 3.17
C GLY H 180 -1.95 -70.64 1.68
N VAL H 181 -3.18 -70.39 1.27
CA VAL H 181 -3.50 -70.33 -0.15
C VAL H 181 -3.18 -68.94 -0.70
N HIS H 182 -2.53 -68.93 -1.85
CA HIS H 182 -2.32 -67.71 -2.63
C HIS H 182 -2.73 -67.96 -4.05
N THR H 183 -3.72 -67.20 -4.51
CA THR H 183 -4.10 -67.24 -5.92
C THR H 183 -3.64 -65.93 -6.53
N PHE H 184 -2.79 -66.05 -7.54
CA PHE H 184 -2.15 -64.90 -8.12
C PHE H 184 -2.97 -64.21 -9.20
N PRO H 185 -2.68 -62.93 -9.44
CA PRO H 185 -3.31 -62.29 -10.60
C PRO H 185 -2.92 -63.01 -11.89
N ALA H 186 -3.85 -63.10 -12.82
CA ALA H 186 -3.60 -63.73 -14.08
C ALA H 186 -2.67 -62.86 -14.88
N VAL H 187 -1.94 -63.48 -15.80
CA VAL H 187 -1.17 -62.74 -16.76
C VAL H 187 -1.76 -63.04 -18.13
N LEU H 188 -1.61 -62.08 -19.05
CA LEU H 188 -2.11 -62.20 -20.40
C LEU H 188 -0.96 -62.63 -21.29
N GLN H 189 -1.13 -63.76 -21.94
CA GLN H 189 -0.11 -64.25 -22.86
C GLN H 189 -0.26 -63.64 -24.27
N SER H 190 0.77 -63.81 -25.11
CA SER H 190 0.81 -63.25 -26.45
C SER H 190 -0.28 -63.81 -27.38
N SER H 191 -0.83 -64.94 -27.00
CA SER H 191 -1.93 -65.58 -27.71
C SER H 191 -3.23 -64.84 -27.43
N GLY H 192 -3.19 -64.02 -26.37
CA GLY H 192 -4.36 -63.29 -25.95
C GLY H 192 -5.17 -64.05 -24.90
N LEU H 193 -4.65 -65.20 -24.44
CA LEU H 193 -5.29 -65.97 -23.37
C LEU H 193 -4.61 -65.74 -22.02
N TYR H 194 -5.36 -65.91 -20.94
CA TYR H 194 -4.82 -65.71 -19.59
C TYR H 194 -4.27 -66.97 -18.98
N SER H 195 -3.36 -66.79 -18.00
CA SER H 195 -2.77 -67.90 -17.26
C SER H 195 -2.59 -67.43 -15.82
N LEU H 196 -2.98 -68.24 -14.85
CA LEU H 196 -2.75 -67.90 -13.46
C LEU H 196 -2.40 -69.13 -12.66
N SER H 197 -1.77 -68.91 -11.52
CA SER H 197 -1.43 -70.01 -10.64
C SER H 197 -2.08 -69.81 -9.28
N SER H 198 -2.40 -70.90 -8.63
CA SER H 198 -2.87 -70.85 -7.27
C SER H 198 -2.04 -71.85 -6.51
N VAL H 199 -1.56 -71.47 -5.34
CA VAL H 199 -0.67 -72.36 -4.60
C VAL H 199 -1.10 -72.44 -3.16
N VAL H 200 -0.64 -73.47 -2.50
CA VAL H 200 -0.89 -73.59 -1.09
C VAL H 200 0.33 -74.21 -0.44
N THR H 201 0.65 -73.78 0.77
CA THR H 201 1.74 -74.41 1.51
C THR H 201 1.09 -75.26 2.58
N VAL H 202 1.62 -76.46 2.77
CA VAL H 202 1.03 -77.40 3.71
C VAL H 202 2.14 -78.15 4.40
N PRO H 203 1.82 -78.83 5.51
CA PRO H 203 2.87 -79.60 6.17
C PRO H 203 3.34 -80.73 5.27
N SER H 204 4.66 -80.91 5.14
CA SER H 204 5.20 -82.02 4.36
C SER H 204 4.58 -83.35 4.78
N SER H 205 4.29 -83.47 6.07
CA SER H 205 3.78 -84.72 6.63
C SER H 205 2.35 -85.04 6.16
N SER H 206 1.66 -84.08 5.56
CA SER H 206 0.28 -84.29 5.17
C SER H 206 0.18 -84.91 3.78
N LEU H 207 1.31 -84.95 3.07
CA LEU H 207 1.34 -85.48 1.72
C LEU H 207 1.48 -86.99 1.84
N GLY H 208 0.39 -87.71 1.60
CA GLY H 208 0.38 -89.15 1.81
C GLY H 208 -0.88 -89.54 2.53
N THR H 209 -1.33 -88.67 3.42
CA THR H 209 -2.60 -88.87 4.12
C THR H 209 -3.70 -88.01 3.53
N GLN H 210 -3.35 -86.80 3.14
CA GLN H 210 -4.33 -85.78 2.80
C GLN H 210 -4.40 -85.51 1.29
N THR H 211 -5.60 -85.53 0.74
CA THR H 211 -5.80 -85.21 -0.67
C THR H 211 -6.00 -83.71 -0.86
N TYR H 212 -5.30 -83.17 -1.86
CA TYR H 212 -5.46 -81.77 -2.23
C TYR H 212 -6.01 -81.69 -3.64
N ILE H 213 -7.10 -80.97 -3.78
CA ILE H 213 -7.75 -80.80 -5.06
C ILE H 213 -8.01 -79.32 -5.28
N CYS H 214 -7.61 -78.79 -6.42
CA CYS H 214 -7.97 -77.42 -6.73
C CYS H 214 -9.24 -77.43 -7.59
N ASN H 215 -10.16 -76.55 -7.24
CA ASN H 215 -11.46 -76.45 -7.90
C ASN H 215 -11.48 -75.17 -8.69
N VAL H 216 -11.58 -75.26 -10.00
CA VAL H 216 -11.44 -74.08 -10.85
C VAL H 216 -12.76 -73.84 -11.54
N ASN H 217 -13.25 -72.60 -11.50
CA ASN H 217 -14.51 -72.25 -12.16
C ASN H 217 -14.30 -71.09 -13.09
N HIS H 218 -14.68 -71.29 -14.35
CA HIS H 218 -14.62 -70.23 -15.36
C HIS H 218 -16.03 -70.07 -15.91
N LYS H 219 -16.77 -69.17 -15.26
CA LYS H 219 -18.18 -69.01 -15.53
C LYS H 219 -18.46 -68.52 -16.96
N PRO H 220 -17.54 -67.72 -17.54
CA PRO H 220 -17.80 -67.28 -18.90
C PRO H 220 -17.94 -68.42 -19.91
N SER H 221 -17.27 -69.54 -19.66
CA SER H 221 -17.41 -70.70 -20.54
C SER H 221 -18.16 -71.84 -19.85
N ASN H 222 -18.75 -71.53 -18.70
CA ASN H 222 -19.40 -72.53 -17.86
C ASN H 222 -18.58 -73.80 -17.79
N THR H 223 -17.30 -73.64 -17.48
CA THR H 223 -16.40 -74.77 -17.37
C THR H 223 -16.01 -74.91 -15.91
N LYS H 224 -15.86 -76.15 -15.48
CA LYS H 224 -15.66 -76.44 -14.07
C LYS H 224 -14.72 -77.62 -13.97
N VAL H 225 -13.58 -77.42 -13.32
CA VAL H 225 -12.57 -78.47 -13.27
C VAL H 225 -12.15 -78.70 -11.83
N ASP H 226 -12.15 -79.96 -11.39
CA ASP H 226 -11.43 -80.33 -10.19
C ASP H 226 -10.16 -81.08 -10.58
N LYS H 227 -9.04 -80.68 -10.02
CA LYS H 227 -7.76 -81.30 -10.35
C LYS H 227 -7.04 -81.73 -9.09
N ARG H 228 -6.91 -83.04 -8.90
CA ARG H 228 -6.17 -83.55 -7.76
C ARG H 228 -4.67 -83.39 -8.01
N VAL H 229 -3.99 -82.85 -7.01
CA VAL H 229 -2.57 -82.57 -7.08
C VAL H 229 -1.82 -83.54 -6.18
N GLU H 230 -1.05 -84.43 -6.80
CA GLU H 230 -0.37 -85.50 -6.07
C GLU H 230 1.14 -85.32 -6.12
N PRO H 231 1.83 -85.68 -5.04
CA PRO H 231 3.29 -85.78 -5.13
C PRO H 231 3.67 -86.80 -6.20
N LYS H 232 4.77 -86.59 -6.93
CA LYS H 232 5.12 -87.49 -8.03
C LYS H 232 6.54 -88.04 -7.93
N ALA I 4 -25.94 -16.80 -55.39
CA ALA I 4 -24.56 -16.93 -54.93
C ALA I 4 -24.56 -16.99 -53.42
N THR I 5 -23.43 -17.35 -52.84
CA THR I 5 -23.28 -17.41 -51.39
C THR I 5 -22.07 -16.59 -50.97
N LEU I 6 -22.24 -15.76 -49.94
CA LEU I 6 -21.12 -15.00 -49.40
C LEU I 6 -21.04 -15.22 -47.90
N CYS I 7 -19.92 -15.79 -47.45
CA CYS I 7 -19.75 -16.14 -46.05
C CYS I 7 -18.74 -15.23 -45.38
N LEU I 8 -19.08 -14.77 -44.18
CA LEU I 8 -18.18 -13.95 -43.37
C LEU I 8 -17.47 -14.86 -42.37
N GLY I 9 -16.22 -14.58 -42.07
CA GLY I 9 -15.48 -15.46 -41.17
C GLY I 9 -14.26 -14.82 -40.55
N HIS I 10 -13.55 -15.60 -39.76
CA HIS I 10 -12.35 -15.12 -39.12
C HIS I 10 -11.32 -16.22 -39.16
N HIS I 11 -10.06 -15.90 -38.88
CA HIS I 11 -9.01 -16.90 -38.96
C HIS I 11 -8.96 -17.78 -37.73
N ALA I 12 -8.17 -18.84 -37.81
CA ALA I 12 -7.89 -19.71 -36.67
C ALA I 12 -6.48 -20.27 -36.87
N VAL I 13 -5.88 -20.80 -35.81
CA VAL I 13 -4.56 -21.40 -35.90
C VAL I 13 -4.60 -22.81 -35.30
N PRO I 14 -3.66 -23.67 -35.72
CA PRO I 14 -3.54 -25.01 -35.12
C PRO I 14 -2.88 -24.96 -33.75
N ASN I 15 -1.99 -24.00 -33.52
CA ASN I 15 -1.28 -23.91 -32.24
C ASN I 15 -1.78 -22.76 -31.34
N GLY I 16 -2.94 -22.94 -30.73
CA GLY I 16 -3.51 -21.91 -29.87
C GLY I 16 -2.86 -21.83 -28.50
N THR I 17 -3.16 -20.76 -27.76
CA THR I 17 -2.58 -20.55 -26.42
C THR I 17 -3.70 -20.33 -25.42
N ILE I 18 -3.57 -20.93 -24.24
CA ILE I 18 -4.59 -20.82 -23.20
C ILE I 18 -4.36 -19.56 -22.37
N VAL I 19 -5.41 -18.75 -22.19
CA VAL I 19 -5.31 -17.59 -21.31
C VAL I 19 -6.45 -17.57 -20.29
N LYS I 20 -6.30 -16.73 -19.26
CA LYS I 20 -7.34 -16.55 -18.25
C LYS I 20 -8.16 -15.29 -18.54
N THR I 21 -9.46 -15.35 -18.29
CA THR I 21 -10.32 -14.17 -18.38
C THR I 21 -11.12 -14.01 -17.11
N ILE I 22 -11.98 -13.00 -17.07
CA ILE I 22 -12.85 -12.74 -15.93
C ILE I 22 -13.83 -13.89 -15.66
N THR I 23 -14.32 -14.50 -16.73
CA THR I 23 -15.37 -15.50 -16.61
C THR I 23 -14.88 -16.93 -16.85
N ASN I 24 -13.62 -17.08 -17.24
CA ASN I 24 -13.13 -18.41 -17.61
C ASN I 24 -11.64 -18.61 -17.33
N ASP I 25 -11.34 -19.67 -16.61
CA ASP I 25 -9.98 -19.98 -16.17
C ASP I 25 -9.09 -20.37 -17.36
N ARG I 26 -9.71 -20.98 -18.37
CA ARG I 26 -8.97 -21.57 -19.48
C ARG I 26 -9.68 -21.35 -20.80
N ILE I 27 -9.23 -20.35 -21.55
CA ILE I 27 -9.81 -20.12 -22.87
C ILE I 27 -8.70 -19.95 -23.91
N GLU I 28 -8.86 -20.58 -25.07
CA GLU I 28 -7.83 -20.60 -26.10
C GLU I 28 -7.94 -19.40 -27.03
N VAL I 29 -6.84 -18.66 -27.21
CA VAL I 29 -6.80 -17.56 -28.16
C VAL I 29 -5.75 -17.87 -29.23
N THR I 30 -5.77 -17.12 -30.34
CA THR I 30 -4.85 -17.41 -31.44
C THR I 30 -3.40 -17.09 -31.10
N ASN I 31 -3.18 -16.18 -30.17
CA ASN I 31 -1.84 -15.71 -29.85
C ASN I 31 -1.86 -15.00 -28.50
N ALA I 32 -0.76 -15.08 -27.77
CA ALA I 32 -0.63 -14.39 -26.50
C ALA I 32 0.82 -14.01 -26.26
N THR I 33 1.05 -13.08 -25.34
CA THR I 33 2.42 -12.75 -24.95
C THR I 33 2.59 -12.85 -23.43
N GLU I 34 3.80 -13.21 -23.00
CA GLU I 34 4.10 -13.38 -21.59
C GLU I 34 4.38 -12.03 -20.91
N LEU I 35 3.76 -11.80 -19.76
CA LEU I 35 3.97 -10.54 -19.06
C LEU I 35 4.92 -10.64 -17.87
N VAL I 36 5.31 -11.86 -17.50
CA VAL I 36 6.22 -12.03 -16.38
C VAL I 36 7.61 -12.49 -16.84
N GLN I 37 8.62 -11.66 -16.59
CA GLN I 37 10.01 -12.06 -16.86
C GLN I 37 10.46 -13.06 -15.80
N ASN I 38 10.87 -14.25 -16.23
CA ASN I 38 11.18 -15.30 -15.26
C ASN I 38 12.64 -15.75 -15.26
N SER I 39 13.47 -15.15 -16.12
CA SER I 39 14.86 -15.58 -16.24
C SER I 39 15.84 -14.43 -16.28
N SER I 40 17.07 -14.72 -15.85
CA SER I 40 18.19 -13.81 -15.96
C SER I 40 19.30 -14.51 -16.75
N ILE I 41 20.17 -13.74 -17.40
CA ILE I 41 21.30 -14.32 -18.12
C ILE I 41 22.46 -14.67 -17.17
N GLY I 42 22.29 -14.34 -15.89
CA GLY I 42 23.22 -14.78 -14.87
C GLY I 42 24.38 -13.84 -14.62
N GLU I 43 24.45 -12.77 -15.41
CA GLU I 43 25.51 -11.77 -15.28
C GLU I 43 24.93 -10.42 -14.91
N ILE I 44 25.64 -9.67 -14.07
CA ILE I 44 25.34 -8.26 -13.87
C ILE I 44 26.06 -7.44 -14.93
N CYS I 45 25.31 -6.85 -15.86
CA CYS I 45 25.93 -6.03 -16.91
C CYS I 45 26.57 -4.78 -16.33
N LYS I 47 28.47 -6.22 -19.58
CA LYS I 47 29.03 -5.32 -20.56
C LYS I 47 29.06 -3.92 -19.98
N GLY I 48 30.17 -3.23 -20.16
CA GLY I 48 30.30 -1.86 -19.71
C GLY I 48 30.34 -1.67 -18.21
N LYS I 49 30.48 -2.80 -17.53
CA LYS I 49 30.53 -2.81 -16.09
C LYS I 49 31.80 -3.52 -15.75
N LYS I 50 32.35 -3.23 -14.58
CA LYS I 50 33.55 -3.90 -14.09
C LYS I 50 33.22 -4.98 -13.13
N ALA I 51 33.36 -6.23 -13.55
CA ALA I 51 32.84 -7.34 -12.75
C ALA I 51 33.91 -8.34 -12.29
N VAL I 52 33.74 -8.88 -11.09
CA VAL I 52 34.64 -9.95 -10.61
C VAL I 52 33.86 -11.21 -10.17
N ASP I 53 34.32 -12.35 -10.66
CA ASP I 53 33.74 -13.62 -10.29
C ASP I 53 34.67 -14.25 -9.28
N LEU I 54 34.23 -14.28 -8.03
CA LEU I 54 35.02 -14.84 -6.95
C LEU I 54 35.19 -16.34 -7.17
N GLY I 55 34.18 -16.98 -7.72
CA GLY I 55 34.28 -18.41 -7.97
C GLY I 55 34.40 -19.15 -6.68
N SER I 56 35.47 -19.95 -6.57
CA SER I 56 35.73 -20.79 -5.39
C SER I 56 35.88 -19.96 -4.14
N CYS I 57 36.32 -18.72 -4.32
CA CYS I 57 36.44 -17.77 -3.23
C CYS I 57 35.13 -17.49 -2.54
N GLY I 58 35.10 -17.64 -1.23
CA GLY I 58 34.00 -17.14 -0.45
C GLY I 58 34.22 -15.64 -0.42
N ILE I 59 33.18 -14.85 -0.19
CA ILE I 59 33.40 -13.40 -0.21
C ILE I 59 34.19 -12.83 0.98
N LEU I 60 33.89 -13.32 2.19
CA LEU I 60 34.51 -12.85 3.43
C LEU I 60 35.99 -13.17 3.43
N GLY I 61 36.32 -14.22 2.70
CA GLY I 61 37.68 -14.67 2.51
C GLY I 61 38.55 -13.62 1.83
N THR I 62 37.95 -12.71 1.08
CA THR I 62 38.71 -11.65 0.45
C THR I 62 39.41 -10.81 1.50
N ILE I 63 38.77 -10.67 2.67
CA ILE I 63 39.35 -9.86 3.73
C ILE I 63 40.61 -10.48 4.35
N ILE I 64 40.58 -11.79 4.63
CA ILE I 64 41.67 -12.45 5.36
C ILE I 64 42.54 -13.44 4.58
N GLY I 65 42.29 -13.62 3.29
CA GLY I 65 43.22 -14.39 2.46
C GLY I 65 43.58 -15.86 2.52
N PRO I 66 42.57 -16.76 2.44
CA PRO I 66 42.84 -18.19 2.26
C PRO I 66 43.58 -18.38 0.94
N PRO I 67 44.07 -19.59 0.62
CA PRO I 67 44.73 -19.70 -0.68
C PRO I 67 43.78 -19.39 -1.87
N GLN I 68 42.51 -19.78 -1.72
CA GLN I 68 41.43 -19.56 -2.68
C GLN I 68 41.28 -18.13 -3.21
N CYS I 69 41.33 -17.22 -2.23
CA CYS I 69 41.09 -15.82 -2.41
C CYS I 69 42.38 -15.13 -2.76
N ASP I 70 43.36 -15.85 -3.29
CA ASP I 70 44.64 -15.21 -3.50
C ASP I 70 44.54 -14.14 -4.58
N LEU I 71 43.77 -14.40 -5.63
CA LEU I 71 43.66 -13.44 -6.71
C LEU I 71 42.99 -12.15 -6.25
N HIS I 72 41.97 -12.30 -5.40
CA HIS I 72 41.02 -11.23 -5.09
C HIS I 72 41.31 -10.46 -3.79
N LEU I 73 42.55 -10.38 -3.35
CA LEU I 73 42.80 -9.65 -2.10
C LEU I 73 42.54 -8.15 -2.19
N GLU I 74 42.85 -7.55 -3.33
CA GLU I 74 42.72 -6.11 -3.48
C GLU I 74 41.81 -5.73 -4.67
N PHE I 75 40.80 -6.57 -4.91
CA PHE I 75 39.95 -6.42 -6.09
C PHE I 75 39.18 -5.10 -6.21
N LYS I 76 39.03 -4.64 -7.44
CA LYS I 76 38.21 -3.47 -7.71
C LYS I 76 37.00 -3.82 -8.59
N ALA I 77 35.79 -3.68 -8.06
CA ALA I 77 34.61 -4.15 -8.80
C ALA I 77 33.35 -3.28 -8.69
N ASP I 78 32.70 -3.05 -9.83
CA ASP I 78 31.32 -2.53 -9.89
C ASP I 78 30.27 -3.59 -9.57
N LEU I 79 30.44 -4.78 -10.13
CA LEU I 79 29.57 -5.90 -9.84
C LEU I 79 30.36 -7.12 -9.29
N ILE I 80 29.92 -7.64 -8.15
CA ILE I 80 30.59 -8.75 -7.48
C ILE I 80 29.73 -9.99 -7.43
N ILE I 81 30.23 -11.10 -7.96
CA ILE I 81 29.45 -12.33 -8.02
C ILE I 81 29.94 -13.43 -7.06
N GLU I 82 29.13 -13.76 -6.06
CA GLU I 82 29.43 -14.87 -5.17
C GLU I 82 29.04 -16.12 -5.89
N ARG I 83 29.56 -17.27 -5.45
CA ARG I 83 29.26 -18.56 -6.05
C ARG I 83 28.93 -19.56 -4.98
N ARG I 84 28.27 -20.66 -5.35
CA ARG I 84 27.70 -21.55 -4.34
C ARG I 84 28.65 -22.43 -3.48
N ASN I 85 29.65 -23.08 -4.04
CA ASN I 85 30.43 -23.99 -3.19
C ASN I 85 31.59 -23.27 -2.53
N SER I 86 31.64 -21.95 -2.70
CA SER I 86 32.74 -21.13 -2.18
C SER I 86 32.90 -21.21 -0.66
N SER I 87 34.15 -21.29 -0.20
CA SER I 87 34.44 -21.37 1.22
C SER I 87 35.18 -20.15 1.70
N ASP I 88 34.62 -19.45 2.68
CA ASP I 88 35.21 -18.22 3.16
C ASP I 88 36.55 -18.52 3.89
N ILE I 89 36.67 -19.72 4.45
CA ILE I 89 37.78 -20.15 5.33
C ILE I 89 38.60 -21.38 4.86
N CYS I 90 39.94 -21.34 5.08
CA CYS I 90 40.79 -22.55 4.97
C CYS I 90 40.92 -23.39 6.25
N TYR I 91 41.04 -22.72 7.40
CA TYR I 91 41.10 -23.43 8.67
C TYR I 91 39.78 -23.17 9.36
N PRO I 92 39.09 -24.25 9.76
CA PRO I 92 37.69 -24.18 10.17
C PRO I 92 37.44 -23.16 11.26
N GLY I 93 36.48 -22.29 10.98
CA GLY I 93 36.07 -21.23 11.87
C GLY I 93 34.87 -20.53 11.27
N ARG I 94 34.25 -19.63 12.02
CA ARG I 94 33.27 -18.74 11.43
C ARG I 94 33.33 -17.30 11.96
N PHE I 95 33.00 -16.37 11.05
CA PHE I 95 32.91 -14.95 11.36
C PHE I 95 31.74 -14.62 12.28
N THR I 96 31.99 -13.77 13.25
CA THR I 96 30.92 -13.25 14.06
C THR I 96 30.22 -12.17 13.21
N ASN I 97 28.88 -12.12 13.27
CA ASN I 97 28.11 -11.20 12.43
C ASN I 97 28.38 -11.41 10.91
N GLU I 98 28.38 -12.68 10.48
CA GLU I 98 28.91 -12.99 9.15
C GLU I 98 28.09 -12.37 8.03
N GLU I 99 26.76 -12.57 8.07
CA GLU I 99 25.86 -12.09 7.01
C GLU I 99 25.88 -10.58 6.89
N ALA I 100 26.00 -9.91 8.03
CA ALA I 100 26.16 -8.48 8.11
C ALA I 100 27.49 -8.01 7.53
N LEU I 101 28.52 -8.82 7.70
CA LEU I 101 29.85 -8.43 7.21
C LEU I 101 29.90 -8.43 5.67
N ARG I 102 29.31 -9.45 5.06
CA ARG I 102 29.34 -9.59 3.60
C ARG I 102 28.65 -8.40 2.91
N GLN I 103 27.47 -8.04 3.43
CA GLN I 103 26.65 -6.99 2.85
C GLN I 103 27.48 -5.72 2.79
N ILE I 104 28.38 -5.55 3.73
CA ILE I 104 29.32 -4.43 3.66
C ILE I 104 30.20 -4.54 2.43
N ILE I 105 30.74 -5.73 2.23
CA ILE I 105 31.72 -5.99 1.16
C ILE I 105 31.11 -5.94 -0.22
N ARG I 106 29.88 -6.44 -0.34
CA ARG I 106 29.23 -6.49 -1.64
C ARG I 106 29.12 -5.08 -2.19
N GLU I 107 28.76 -4.13 -1.34
CA GLU I 107 28.55 -2.76 -1.80
C GLU I 107 29.78 -1.90 -1.70
N SER I 108 30.91 -2.50 -1.34
CA SER I 108 32.15 -1.77 -1.11
C SER I 108 32.68 -1.04 -2.33
N GLY I 109 32.61 -1.69 -3.47
CA GLY I 109 33.30 -1.21 -4.65
C GLY I 109 34.55 -2.02 -4.89
N GLY I 110 34.86 -2.86 -3.92
CA GLY I 110 36.13 -3.55 -3.89
C GLY I 110 36.87 -3.11 -2.64
N ILE I 111 38.09 -3.57 -2.47
CA ILE I 111 38.82 -3.25 -1.26
C ILE I 111 40.29 -2.98 -1.49
N ASP I 112 40.82 -2.02 -0.76
CA ASP I 112 42.23 -1.71 -0.82
C ASP I 112 42.89 -2.17 0.47
N LYS I 113 44.09 -2.72 0.40
CA LYS I 113 44.77 -3.14 1.63
C LYS I 113 46.06 -2.37 1.87
N GLU I 114 46.32 -2.11 3.15
CA GLU I 114 47.53 -1.46 3.60
C GLU I 114 47.92 -2.14 4.90
N SER I 115 49.23 -2.22 5.18
CA SER I 115 49.72 -2.89 6.37
C SER I 115 49.43 -2.11 7.65
N MET I 116 48.98 -2.80 8.70
CA MET I 116 48.74 -2.21 10.03
C MET I 116 50.04 -1.91 10.81
N GLY I 117 51.17 -2.40 10.30
CA GLY I 117 52.48 -2.06 10.78
C GLY I 117 52.97 -2.82 12.00
N PHE I 118 52.22 -3.84 12.40
CA PHE I 118 52.58 -4.62 13.60
C PHE I 118 53.93 -5.31 13.41
N ARG I 119 54.69 -5.38 14.50
CA ARG I 119 55.93 -6.11 14.53
C ARG I 119 55.98 -6.89 15.84
N TYR I 120 56.74 -7.99 15.84
CA TYR I 120 56.81 -8.90 16.98
C TYR I 120 58.25 -9.18 17.43
N SER I 121 58.44 -9.42 18.73
CA SER I 121 59.78 -9.69 19.32
C SER I 121 60.25 -11.16 19.56
N GLY I 122 59.50 -11.92 20.35
CA GLY I 122 59.95 -13.24 20.80
C GLY I 122 59.10 -14.44 20.46
N ILE I 123 58.24 -14.29 19.45
CA ILE I 123 57.18 -15.25 19.17
C ILE I 123 57.35 -15.90 17.80
N ARG I 124 56.83 -17.11 17.62
CA ARG I 124 56.63 -17.67 16.28
C ARG I 124 55.44 -16.89 15.62
N THR I 125 55.63 -16.31 14.44
CA THR I 125 54.52 -15.60 13.81
C THR I 125 54.14 -16.29 12.51
N ASP I 126 54.88 -17.34 12.20
CA ASP I 126 54.87 -17.98 10.91
C ASP I 126 54.01 -19.24 10.91
N GLY I 127 53.04 -19.27 11.82
CA GLY I 127 52.23 -20.46 12.02
C GLY I 127 51.59 -20.93 10.74
N ALA I 128 51.67 -22.23 10.51
CA ALA I 128 51.29 -22.82 9.25
C ALA I 128 50.37 -23.97 9.57
N THR I 129 49.57 -24.37 8.61
CA THR I 129 48.64 -25.46 8.85
C THR I 129 48.49 -26.31 7.60
N SER I 130 48.09 -27.56 7.80
CA SER I 130 47.77 -28.48 6.72
C SER I 130 46.58 -27.92 5.91
N ALA I 131 45.71 -27.21 6.63
CA ALA I 131 44.48 -26.63 6.09
C ALA I 131 44.70 -25.56 5.00
N CYS I 132 45.66 -24.67 5.19
CA CYS I 132 46.01 -23.69 4.17
C CYS I 132 47.17 -24.11 3.25
N LYS I 133 47.06 -25.22 2.52
CA LYS I 133 48.20 -25.62 1.69
C LYS I 133 48.29 -24.63 0.52
N ARG I 134 49.46 -24.48 -0.05
CA ARG I 134 49.78 -23.37 -0.92
C ARG I 134 51.21 -23.53 -1.34
N THR I 135 51.49 -24.57 -2.13
CA THR I 135 52.84 -25.10 -2.42
C THR I 135 53.27 -25.95 -1.18
N VAL I 136 53.41 -25.30 -0.02
CA VAL I 136 53.69 -25.93 1.28
C VAL I 136 52.71 -25.40 2.31
N SER I 137 52.47 -26.12 3.41
CA SER I 137 51.51 -25.64 4.42
C SER I 137 51.74 -24.18 4.78
N SER I 138 50.62 -23.49 5.02
CA SER I 138 50.55 -22.03 5.06
C SER I 138 49.41 -21.57 5.94
N PHE I 139 49.20 -20.27 5.95
CA PHE I 139 48.12 -19.67 6.72
C PHE I 139 47.40 -18.61 5.87
N TYR I 140 46.32 -18.05 6.41
CA TYR I 140 45.73 -16.81 5.91
C TYR I 140 46.77 -15.77 5.50
N SER I 141 46.60 -15.25 4.30
CA SER I 141 47.54 -14.37 3.65
C SER I 141 47.68 -13.07 4.43
N GLU I 142 46.56 -12.61 4.98
CA GLU I 142 46.46 -11.31 5.65
C GLU I 142 46.63 -11.28 7.17
N MET I 143 46.95 -12.42 7.76
CA MET I 143 47.10 -12.54 9.21
C MET I 143 48.40 -13.26 9.59
N LYS I 144 48.76 -13.16 10.86
CA LYS I 144 49.90 -13.89 11.39
C LYS I 144 49.41 -14.84 12.49
N TRP I 145 49.90 -16.08 12.51
CA TRP I 145 49.55 -16.99 13.60
C TRP I 145 50.64 -16.97 14.66
N LEU I 146 50.29 -16.61 15.90
CA LEU I 146 51.31 -16.37 16.93
C LEU I 146 51.43 -17.54 17.93
N SER I 147 52.67 -18.03 18.07
CA SER I 147 52.99 -19.23 18.85
C SER I 147 54.17 -18.98 19.81
N SER I 148 54.32 -19.83 20.81
CA SER I 148 55.27 -19.56 21.88
C SER I 148 56.76 -19.51 21.54
N SER I 149 57.18 -19.99 20.36
CA SER I 149 58.60 -20.10 19.90
C SER I 149 59.41 -21.21 20.58
N MET I 150 58.78 -21.91 21.51
CA MET I 150 59.34 -23.10 22.11
C MET I 150 58.13 -23.82 22.69
N ASN I 151 57.92 -25.06 22.32
CA ASN I 151 56.74 -25.77 22.78
C ASN I 151 56.56 -25.83 24.30
N ASN I 152 55.33 -25.53 24.70
CA ASN I 152 54.86 -25.49 26.08
C ASN I 152 55.37 -24.34 26.89
N GLN I 153 55.91 -23.34 26.21
CA GLN I 153 56.43 -22.14 26.86
C GLN I 153 55.34 -21.09 27.05
N VAL I 154 55.15 -20.62 28.29
CA VAL I 154 54.02 -19.73 28.59
C VAL I 154 54.18 -18.45 27.77
N PHE I 155 53.08 -18.08 27.09
CA PHE I 155 53.03 -16.95 26.17
C PHE I 155 52.93 -15.60 26.88
N PRO I 156 53.68 -14.59 26.37
CA PRO I 156 53.82 -13.20 26.81
C PRO I 156 52.55 -12.36 26.80
N GLN I 157 52.33 -11.60 27.87
CA GLN I 157 51.27 -10.59 27.89
C GLN I 157 51.69 -9.44 26.99
N LEU I 158 51.02 -9.30 25.84
CA LEU I 158 51.39 -8.27 24.88
C LEU I 158 50.27 -7.31 24.57
N ASN I 159 50.67 -6.12 24.12
CA ASN I 159 49.72 -5.08 23.75
C ASN I 159 50.07 -4.46 22.39
N GLN I 160 49.04 -4.23 21.58
CA GLN I 160 49.19 -3.52 20.31
C GLN I 160 48.15 -2.46 20.17
N THR I 161 48.59 -1.31 19.67
CA THR I 161 47.67 -0.26 19.29
C THR I 161 47.91 0.07 17.83
N TYR I 162 46.82 0.11 17.07
CA TYR I 162 46.85 0.60 15.71
C TYR I 162 45.80 1.68 15.58
N ARG I 163 46.17 2.76 14.92
CA ARG I 163 45.27 3.91 14.79
C ARG I 163 44.93 4.24 13.34
N ASN I 164 43.65 4.52 13.09
CA ASN I 164 43.13 4.69 11.73
C ASN I 164 43.49 6.07 11.17
N THR I 165 44.65 6.12 10.52
CA THR I 165 45.15 7.33 9.89
C THR I 165 44.25 7.86 8.76
N ARG I 166 43.81 6.97 7.88
CA ARG I 166 42.98 7.32 6.72
C ARG I 166 41.57 7.86 7.02
N LYS I 167 41.05 8.67 6.10
CA LYS I 167 39.71 9.26 6.17
C LYS I 167 38.56 8.24 6.13
N GLU I 168 38.73 7.20 5.31
CA GLU I 168 37.76 6.13 5.27
C GLU I 168 37.85 5.28 6.53
N PRO I 169 36.70 4.87 7.07
CA PRO I 169 36.78 3.94 8.21
C PRO I 169 37.43 2.62 7.79
N ALA I 170 38.44 2.19 8.53
CA ALA I 170 39.12 0.92 8.27
C ALA I 170 38.33 -0.32 8.67
N LEU I 171 38.60 -1.43 8.01
CA LEU I 171 38.03 -2.70 8.42
C LEU I 171 39.16 -3.52 9.03
N ILE I 172 38.93 -3.97 10.25
CA ILE I 172 39.91 -4.70 11.05
C ILE I 172 39.40 -6.09 11.41
N VAL I 173 40.15 -7.15 11.11
CA VAL I 173 39.71 -8.48 11.52
C VAL I 173 40.75 -9.23 12.36
N TRP I 174 40.29 -9.92 13.40
CA TRP I 174 41.19 -10.63 14.30
C TRP I 174 40.66 -12.01 14.64
N GLY I 175 41.54 -12.85 15.15
CA GLY I 175 41.14 -14.21 15.44
C GLY I 175 41.36 -14.67 16.85
N VAL I 176 40.48 -15.58 17.26
CA VAL I 176 40.60 -16.31 18.51
C VAL I 176 40.76 -17.78 18.16
N HIS I 177 41.77 -18.45 18.70
CA HIS I 177 42.00 -19.83 18.33
C HIS I 177 41.55 -20.78 19.44
N HIS I 178 40.67 -21.70 19.10
CA HIS I 178 40.23 -22.73 20.02
C HIS I 178 40.97 -23.99 19.61
N SER I 179 41.89 -24.42 20.47
CA SER I 179 42.83 -25.50 20.15
C SER I 179 42.16 -26.84 20.19
N SER I 180 42.72 -27.77 19.42
CA SER I 180 42.12 -29.07 19.20
C SER I 180 41.86 -29.82 20.49
N SER I 181 42.83 -29.70 21.40
CA SER I 181 42.83 -30.38 22.70
C SER I 181 43.22 -29.38 23.77
N LEU I 182 42.98 -29.74 25.03
CA LEU I 182 43.49 -28.92 26.11
C LEU I 182 45.02 -28.96 26.07
N ASP I 183 45.59 -30.10 25.68
CA ASP I 183 47.02 -30.22 25.41
C ASP I 183 47.55 -29.23 24.37
N GLU I 184 46.91 -29.20 23.20
CA GLU I 184 47.41 -28.38 22.10
C GLU I 184 47.46 -26.92 22.45
N GLN I 185 46.54 -26.47 23.29
CA GLN I 185 46.58 -25.08 23.69
C GLN I 185 47.87 -24.89 24.47
N ASN I 186 48.17 -25.85 25.34
CA ASN I 186 49.35 -25.82 26.19
C ASN I 186 50.62 -25.81 25.39
N LYS I 187 50.69 -26.71 24.41
CA LYS I 187 51.85 -26.85 23.54
C LYS I 187 52.09 -25.57 22.77
N LEU I 188 51.01 -25.01 22.24
CA LEU I 188 51.04 -23.75 21.49
C LEU I 188 51.24 -22.49 22.33
N TYR I 189 50.41 -22.30 23.35
CA TYR I 189 50.41 -21.01 24.02
C TYR I 189 50.89 -21.06 25.48
N GLY I 190 51.43 -22.19 25.90
CA GLY I 190 51.80 -22.35 27.28
C GLY I 190 50.57 -22.67 28.11
N THR I 191 50.66 -22.44 29.41
CA THR I 191 49.65 -22.97 30.32
C THR I 191 49.08 -21.88 31.22
N GLY I 192 47.93 -22.12 31.83
CA GLY I 192 47.28 -21.12 32.65
C GLY I 192 46.20 -20.33 31.92
N ASN I 193 45.69 -19.28 32.57
CA ASN I 193 44.57 -18.53 32.04
C ASN I 193 44.92 -17.81 30.75
N LYS I 194 44.02 -17.90 29.77
CA LYS I 194 44.17 -17.18 28.50
C LYS I 194 43.03 -16.16 28.28
N LEU I 195 43.43 -14.89 28.13
CA LEU I 195 42.49 -13.78 27.92
C LEU I 195 42.88 -12.89 26.71
N ILE I 196 41.91 -12.60 25.85
CA ILE I 196 42.11 -11.62 24.78
C ILE I 196 41.12 -10.48 24.86
N THR I 197 41.61 -9.24 24.87
CA THR I 197 40.73 -8.08 24.88
C THR I 197 41.00 -7.11 23.73
N VAL I 198 39.90 -6.72 23.06
CA VAL I 198 39.97 -5.77 21.94
C VAL I 198 39.26 -4.47 22.28
N GLY I 199 40.00 -3.37 22.15
CA GLY I 199 39.53 -2.06 22.53
C GLY I 199 39.60 -1.00 21.45
N SER I 200 38.45 -0.37 21.23
CA SER I 200 38.30 0.73 20.29
C SER I 200 37.45 1.75 21.02
N SER I 201 37.44 2.98 20.52
CA SER I 201 36.65 4.05 21.14
C SER I 201 35.14 3.76 21.18
N LYS I 202 34.64 3.03 20.20
CA LYS I 202 33.26 2.53 20.25
C LYS I 202 33.17 1.04 20.63
N TYR I 203 34.31 0.32 20.59
CA TYR I 203 34.29 -1.13 20.73
C TYR I 203 35.19 -1.60 21.88
N GLN I 204 34.66 -2.47 22.73
CA GLN I 204 35.52 -3.28 23.60
C GLN I 204 34.89 -4.64 23.93
N GLN I 205 35.70 -5.69 23.85
CA GLN I 205 35.25 -7.01 24.26
C GLN I 205 36.43 -7.89 24.59
N SER I 206 36.16 -8.92 25.39
CA SER I 206 37.18 -9.86 25.86
C SER I 206 36.85 -11.30 25.42
N PHE I 207 37.85 -11.99 24.90
CA PHE I 207 37.64 -13.34 24.38
C PHE I 207 38.58 -14.32 25.06
N SER I 208 38.06 -15.52 25.32
CA SER I 208 38.91 -16.57 25.85
C SER I 208 38.70 -17.87 25.07
N PRO I 209 39.79 -18.61 24.86
CA PRO I 209 39.60 -19.86 24.14
C PRO I 209 38.78 -20.80 24.97
N SER I 210 37.93 -21.58 24.33
CA SER I 210 37.28 -22.69 25.01
C SER I 210 37.69 -23.99 24.30
N PRO I 211 38.90 -24.49 24.60
CA PRO I 211 39.59 -25.56 23.86
C PRO I 211 38.86 -26.87 24.00
N GLY I 212 38.69 -27.58 22.89
CA GLY I 212 38.09 -28.91 22.92
C GLY I 212 38.15 -29.51 21.53
N ALA I 213 37.90 -30.81 21.40
CA ALA I 213 37.67 -31.40 20.08
C ALA I 213 36.33 -30.97 19.47
N ARG I 214 36.29 -30.80 18.15
CA ARG I 214 35.06 -30.48 17.43
C ARG I 214 35.17 -31.33 16.17
N PRO I 215 34.04 -31.58 15.46
CA PRO I 215 34.08 -32.50 14.32
C PRO I 215 35.12 -32.12 13.27
N LYS I 216 35.77 -33.13 12.70
CA LYS I 216 36.98 -32.84 11.95
C LYS I 216 36.61 -32.31 10.53
N VAL I 217 36.87 -31.02 10.33
CA VAL I 217 36.68 -30.39 9.03
C VAL I 217 37.99 -29.83 8.51
N ASN I 218 38.34 -30.23 7.29
CA ASN I 218 39.57 -29.80 6.65
C ASN I 218 40.73 -30.50 7.38
N GLY I 219 40.39 -31.52 8.15
CA GLY I 219 41.37 -32.25 8.93
C GLY I 219 41.70 -31.64 10.27
N GLN I 220 40.96 -30.60 10.64
CA GLN I 220 41.20 -29.93 11.92
C GLN I 220 40.02 -29.96 12.90
N ALA I 221 40.26 -30.51 14.08
CA ALA I 221 39.35 -30.42 15.22
C ALA I 221 39.28 -29.00 15.82
N GLY I 222 40.40 -28.27 15.73
CA GLY I 222 40.49 -26.90 16.21
C GLY I 222 39.72 -25.89 15.36
N ARG I 223 39.36 -24.75 15.94
CA ARG I 223 38.65 -23.70 15.22
C ARG I 223 39.28 -22.32 15.39
N ILE I 224 39.16 -21.46 14.40
CA ILE I 224 39.53 -20.05 14.55
C ILE I 224 38.33 -19.17 14.27
N ASP I 225 38.01 -18.26 15.18
CA ASP I 225 36.84 -17.41 15.02
C ASP I 225 37.27 -15.98 14.76
N PHE I 226 36.63 -15.37 13.78
CA PHE I 226 37.03 -14.04 13.34
C PHE I 226 36.01 -13.04 13.80
N HIS I 227 36.52 -11.97 14.36
CA HIS I 227 35.70 -10.88 14.81
C HIS I 227 36.21 -9.64 14.13
N TRP I 228 35.30 -8.78 13.72
CA TRP I 228 35.70 -7.63 12.95
C TRP I 228 35.11 -6.37 13.52
N MET I 229 35.71 -5.25 13.15
CA MET I 229 35.17 -3.99 13.57
C MET I 229 35.37 -2.95 12.48
N LEU I 230 34.58 -1.88 12.54
CA LEU I 230 34.83 -0.69 11.72
C LEU I 230 35.46 0.40 12.57
N LEU I 231 36.59 0.92 12.11
CA LEU I 231 37.33 1.89 12.89
C LEU I 231 37.23 3.28 12.27
N ASP I 232 36.67 4.25 13.00
CA ASP I 232 36.55 5.62 12.51
C ASP I 232 37.96 6.18 12.32
N PRO I 233 38.08 7.24 11.49
CA PRO I 233 39.41 7.83 11.33
C PRO I 233 39.91 8.33 12.68
N GLY I 234 41.22 8.30 12.90
CA GLY I 234 41.80 8.87 14.12
C GLY I 234 41.51 8.08 15.39
N ASP I 235 41.04 6.85 15.22
CA ASP I 235 40.69 5.96 16.33
C ASP I 235 41.69 4.80 16.53
N THR I 236 41.98 4.47 17.78
CA THR I 236 42.92 3.39 18.04
C THR I 236 42.15 2.13 18.41
N VAL I 237 42.56 1.04 17.78
CA VAL I 237 42.13 -0.26 18.23
C VAL I 237 43.32 -0.77 19.04
N THR I 238 43.06 -1.21 20.27
CA THR I 238 44.14 -1.75 21.10
C THR I 238 44.00 -3.26 21.27
N PHE I 239 45.06 -3.97 20.93
CA PHE I 239 45.03 -5.41 21.00
C PHE I 239 45.85 -5.84 22.22
N THR I 240 45.22 -6.57 23.13
CA THR I 240 45.93 -7.08 24.30
C THR I 240 45.58 -8.55 24.50
N PHE I 241 46.62 -9.37 24.62
CA PHE I 241 46.44 -10.82 24.63
C PHE I 241 47.64 -11.57 25.27
N ASN I 242 47.36 -12.62 26.03
CA ASN I 242 48.38 -13.55 26.50
C ASN I 242 48.52 -14.79 25.61
N GLY I 243 47.69 -14.86 24.56
CA GLY I 243 47.79 -15.94 23.58
C GLY I 243 46.48 -16.37 22.94
N ALA I 244 46.55 -17.34 22.03
CA ALA I 244 45.40 -17.90 21.30
C ALA I 244 44.87 -16.90 20.27
N PHE I 245 45.72 -15.94 19.95
CA PHE I 245 45.31 -14.77 19.20
C PHE I 245 45.86 -14.79 17.79
N ILE I 246 44.96 -14.60 16.81
CA ILE I 246 45.32 -14.47 15.40
C ILE I 246 45.28 -13.02 14.97
N ALA I 247 46.40 -12.50 14.51
CA ALA I 247 46.59 -11.05 14.44
C ALA I 247 46.46 -10.48 13.03
N PRO I 248 45.73 -9.35 12.89
CA PRO I 248 45.69 -8.73 11.58
C PRO I 248 47.03 -8.17 11.14
N ASP I 249 47.44 -8.45 9.90
CA ASP I 249 48.62 -7.84 9.33
C ASP I 249 48.25 -6.63 8.49
N ARG I 250 47.04 -6.66 7.92
CA ARG I 250 46.63 -5.61 6.98
C ARG I 250 45.22 -5.14 7.28
N ALA I 251 45.01 -3.84 7.08
CA ALA I 251 43.69 -3.24 7.24
C ALA I 251 42.96 -3.18 5.91
N THR I 252 41.66 -3.37 5.97
CA THR I 252 40.87 -3.36 4.75
C THR I 252 40.09 -2.07 4.61
N PHE I 253 40.29 -1.40 3.48
CA PHE I 253 39.65 -0.13 3.22
C PHE I 253 38.71 -0.27 2.01
N LEU I 254 37.48 0.22 2.17
CA LEU I 254 36.53 0.19 1.07
C LEU I 254 36.95 1.22 0.02
N ARG I 255 36.58 0.94 -1.22
CA ARG I 255 36.97 1.75 -2.35
C ARG I 255 35.98 2.88 -2.58
N SER I 256 34.76 2.69 -2.08
CA SER I 256 33.71 3.72 -2.19
C SER I 256 33.75 4.70 -1.03
N ASN I 257 34.87 4.73 -0.31
CA ASN I 257 35.10 5.69 0.75
C ASN I 257 36.38 6.44 0.41
N ALA I 258 36.94 6.10 -0.73
CA ALA I 258 38.15 6.73 -1.24
C ALA I 258 37.81 8.16 -1.66
N PRO I 259 38.85 9.00 -1.72
CA PRO I 259 38.70 10.41 -2.06
C PRO I 259 38.81 10.72 -3.54
N SER I 260 38.52 9.75 -4.41
CA SER I 260 38.69 9.98 -5.84
C SER I 260 40.17 10.18 -6.15
N GLY I 261 40.99 9.42 -5.44
CA GLY I 261 42.44 9.44 -5.57
C GLY I 261 42.96 8.29 -6.44
N ILE I 262 42.09 7.82 -7.34
CA ILE I 262 42.18 6.73 -8.34
C ILE I 262 42.24 5.31 -7.78
N GLU I 263 41.82 5.12 -6.54
CA GLU I 263 41.75 3.76 -6.03
C GLU I 263 40.25 3.61 -6.20
N TYR I 264 39.65 4.73 -5.83
CA TYR I 264 38.24 4.97 -5.79
C TYR I 264 37.61 4.31 -6.94
N ASN I 265 36.76 3.36 -6.62
CA ASN I 265 35.91 2.80 -7.68
C ASN I 265 34.54 2.67 -7.03
N GLY I 266 33.68 3.67 -7.08
CA GLY I 266 32.43 3.57 -6.33
C GLY I 266 31.19 2.67 -6.52
N LYS I 267 30.57 2.36 -5.38
CA LYS I 267 29.27 1.66 -5.28
C LYS I 267 28.81 0.33 -5.94
N SER I 268 29.45 -0.78 -5.63
CA SER I 268 29.03 -2.07 -6.21
C SER I 268 27.74 -2.76 -5.70
N LEU I 269 27.19 -3.64 -6.54
CA LEU I 269 26.08 -4.50 -6.29
C LEU I 269 26.62 -5.90 -6.25
N GLY I 270 26.42 -6.56 -5.13
CA GLY I 270 26.87 -7.93 -5.02
C GLY I 270 25.73 -8.91 -5.24
N ILE I 271 25.86 -9.80 -6.21
CA ILE I 271 24.80 -10.75 -6.52
C ILE I 271 25.21 -12.17 -6.19
N GLN I 272 24.26 -13.10 -6.15
CA GLN I 272 24.57 -14.52 -6.04
C GLN I 272 24.08 -15.23 -7.27
N SER I 273 24.98 -15.81 -8.07
CA SER I 273 24.57 -16.34 -9.37
C SER I 273 25.16 -17.69 -9.75
N ASP I 274 24.37 -18.53 -10.41
CA ASP I 274 24.87 -19.80 -10.90
C ASP I 274 25.26 -19.75 -12.37
N ALA I 275 25.26 -18.56 -12.95
CA ALA I 275 25.34 -18.45 -14.40
C ALA I 275 26.71 -18.00 -14.82
N GLN I 276 27.03 -18.15 -16.10
CA GLN I 276 28.38 -17.84 -16.53
C GLN I 276 28.46 -16.34 -16.65
N ILE I 277 29.51 -15.80 -17.25
CA ILE I 277 29.60 -14.37 -17.42
C ILE I 277 29.59 -14.09 -18.91
N ASP I 278 29.27 -12.86 -19.29
CA ASP I 278 29.08 -12.52 -20.67
C ASP I 278 29.26 -11.02 -20.72
N GLU I 279 30.35 -10.57 -21.33
CA GLU I 279 30.67 -9.16 -21.46
C GLU I 279 30.10 -8.59 -22.74
N SER I 280 29.46 -9.44 -23.53
CA SER I 280 28.80 -8.97 -24.74
C SER I 280 27.40 -8.40 -24.43
N GLU I 284 19.46 -2.36 -18.15
CA GLU I 284 19.01 -1.31 -17.22
C GLU I 284 18.58 -1.86 -15.86
N CYS I 285 18.10 -3.10 -15.84
CA CYS I 285 17.59 -3.69 -14.61
C CYS I 285 18.56 -4.73 -14.06
N PHE I 286 18.93 -4.57 -12.79
CA PHE I 286 19.84 -5.49 -12.12
C PHE I 286 19.12 -6.20 -10.97
N THR I 287 19.30 -7.50 -10.86
CA THR I 287 18.87 -8.27 -9.71
C THR I 287 20.08 -9.04 -9.20
N PRO I 288 20.04 -9.53 -7.94
CA PRO I 288 21.14 -10.35 -7.43
C PRO I 288 21.36 -11.62 -8.23
N ASN I 289 20.37 -12.04 -9.02
CA ASN I 289 20.50 -13.21 -9.89
C ASN I 289 21.24 -12.84 -11.17
N GLY I 290 21.34 -11.54 -11.43
CA GLY I 290 21.89 -11.04 -12.68
C GLY I 290 20.94 -10.02 -13.30
N SER I 291 21.38 -9.38 -14.38
CA SER I 291 20.54 -8.41 -15.06
C SER I 291 19.38 -9.12 -15.76
N ILE I 292 18.24 -8.45 -15.87
CA ILE I 292 17.09 -9.01 -16.58
C ILE I 292 16.54 -8.01 -17.58
N PRO I 293 15.98 -8.51 -18.70
CA PRO I 293 15.31 -7.63 -19.65
C PRO I 293 14.17 -6.88 -18.98
N ASN I 294 13.84 -5.67 -19.44
CA ASN I 294 12.76 -4.92 -18.83
C ASN I 294 11.62 -4.58 -19.80
N ASP I 295 11.51 -5.36 -20.86
CA ASP I 295 10.40 -5.20 -21.79
C ASP I 295 9.06 -5.58 -21.16
N LYS I 296 9.08 -6.52 -20.23
CA LYS I 296 7.84 -6.97 -19.58
C LYS I 296 7.54 -6.12 -18.34
N PRO I 297 6.24 -5.93 -18.04
CA PRO I 297 5.87 -5.10 -16.88
C PRO I 297 6.11 -5.80 -15.54
N PHE I 298 6.15 -7.13 -15.55
CA PHE I 298 6.32 -7.87 -14.30
C PHE I 298 7.50 -8.84 -14.36
N GLN I 299 7.94 -9.29 -13.20
CA GLN I 299 9.05 -10.23 -13.12
C GLN I 299 8.92 -11.07 -11.87
N ASN I 300 9.51 -12.27 -11.95
CA ASN I 300 9.36 -13.29 -10.95
C ASN I 300 10.74 -13.69 -10.44
N VAL I 301 11.74 -12.92 -10.85
CA VAL I 301 13.15 -13.30 -10.62
C VAL I 301 13.62 -12.99 -9.19
N ASN I 302 13.43 -11.75 -8.76
CA ASN I 302 13.86 -11.35 -7.42
C ASN I 302 13.13 -10.09 -6.98
N ARG I 303 12.71 -10.06 -5.72
CA ARG I 303 12.10 -8.86 -5.14
C ARG I 303 13.14 -7.74 -4.96
N ILE I 304 14.41 -8.10 -4.93
CA ILE I 304 15.50 -7.12 -4.85
C ILE I 304 15.90 -6.69 -6.26
N THR I 305 15.78 -5.40 -6.56
CA THR I 305 16.13 -4.90 -7.90
C THR I 305 16.80 -3.53 -7.82
N TYR I 306 17.46 -3.14 -8.91
CA TYR I 306 18.01 -1.80 -9.03
C TYR I 306 17.84 -1.36 -10.48
N GLY I 307 17.34 -0.14 -10.70
CA GLY I 307 17.21 0.39 -12.05
C GLY I 307 15.79 0.41 -12.58
N ALA I 308 15.66 0.52 -13.89
CA ALA I 308 14.35 0.50 -14.54
C ALA I 308 13.90 -0.95 -14.67
N CYS I 309 13.12 -1.41 -13.69
CA CYS I 309 12.82 -2.83 -13.56
C CYS I 309 11.34 -3.16 -13.63
N PRO I 310 11.00 -4.35 -14.14
CA PRO I 310 9.60 -4.79 -14.06
C PRO I 310 9.26 -4.99 -12.59
N ARG I 311 7.98 -4.94 -12.24
CA ARG I 311 7.60 -5.08 -10.85
C ARG I 311 7.55 -6.53 -10.43
N TYR I 312 8.06 -6.82 -9.24
CA TYR I 312 8.08 -8.19 -8.73
C TYR I 312 6.68 -8.66 -8.38
N VAL I 313 6.30 -9.83 -8.90
CA VAL I 313 5.01 -10.45 -8.57
C VAL I 313 5.23 -11.92 -8.21
N LYS I 314 4.26 -12.54 -7.53
CA LYS I 314 4.34 -13.95 -7.15
C LYS I 314 4.04 -14.94 -8.29
N HIS I 315 3.25 -14.54 -9.28
CA HIS I 315 2.93 -15.44 -10.39
C HIS I 315 4.16 -15.80 -11.23
N SER I 316 4.23 -17.03 -11.70
CA SER I 316 5.35 -17.45 -12.55
C SER I 316 5.06 -17.13 -14.02
N THR I 317 3.78 -16.97 -14.34
CA THR I 317 3.40 -16.66 -15.72
C THR I 317 2.07 -15.91 -15.74
N LEU I 318 1.93 -15.00 -16.71
CA LEU I 318 0.70 -14.25 -16.91
C LEU I 318 0.57 -13.94 -18.40
N LYS I 319 -0.31 -14.65 -19.08
CA LYS I 319 -0.43 -14.52 -20.53
C LYS I 319 -1.47 -13.48 -20.93
N LEU I 320 -1.04 -12.49 -21.70
CA LEU I 320 -1.95 -11.48 -22.22
C LEU I 320 -2.34 -11.87 -23.64
N ALA I 321 -3.62 -12.07 -23.88
CA ALA I 321 -4.09 -12.40 -25.23
C ALA I 321 -3.77 -11.27 -26.18
N THR I 322 -3.28 -11.63 -27.37
CA THR I 322 -2.97 -10.65 -28.40
C THR I 322 -3.68 -11.04 -29.68
N GLY I 323 -4.68 -11.91 -29.56
CA GLY I 323 -5.48 -12.32 -30.71
C GLY I 323 -6.87 -12.77 -30.27
N MET I 324 -7.73 -13.08 -31.24
CA MET I 324 -9.09 -13.48 -30.94
C MET I 324 -9.16 -14.89 -30.36
N ARG I 325 -10.34 -15.26 -29.88
CA ARG I 325 -10.58 -16.63 -29.48
C ARG I 325 -10.28 -17.59 -30.63
N ASN I 326 -9.59 -18.69 -30.33
CA ASN I 326 -9.26 -19.66 -31.36
C ASN I 326 -10.33 -20.75 -31.47
N VAL I 327 -11.04 -20.79 -32.60
CA VAL I 327 -12.12 -21.78 -32.77
C VAL I 327 -11.84 -22.64 -33.99
N PRO I 328 -11.18 -23.78 -33.78
CA PRO I 328 -10.83 -24.63 -34.92
C PRO I 328 -11.94 -25.62 -35.22
N GLU I 329 -11.77 -26.38 -36.30
CA GLU I 329 -12.53 -27.60 -36.65
C GLU I 329 -12.43 -27.82 -38.15
N GLY J 1 -17.95 -15.00 -27.02
CA GLY J 1 -18.06 -13.56 -26.90
C GLY J 1 -19.48 -13.10 -26.68
N ILE J 2 -19.63 -11.87 -26.20
CA ILE J 2 -20.94 -11.34 -25.87
C ILE J 2 -21.82 -11.06 -27.08
N PHE J 3 -21.23 -11.01 -28.26
CA PHE J 3 -22.01 -10.76 -29.48
C PHE J 3 -22.48 -12.04 -30.15
N GLY J 4 -21.81 -13.15 -29.86
CA GLY J 4 -22.29 -14.45 -30.28
C GLY J 4 -21.90 -14.83 -31.70
N ALA J 5 -20.91 -14.14 -32.26
CA ALA J 5 -20.43 -14.51 -33.60
C ALA J 5 -19.30 -15.53 -33.49
N ILE J 6 -18.15 -15.12 -32.98
CA ILE J 6 -17.01 -16.02 -32.83
C ILE J 6 -17.30 -17.03 -31.72
N ALA J 7 -17.07 -18.32 -32.02
CA ALA J 7 -17.50 -19.43 -31.14
C ALA J 7 -19.01 -19.36 -30.89
N GLY J 8 -19.73 -18.76 -31.82
CA GLY J 8 -21.18 -18.61 -31.72
C GLY J 8 -21.85 -19.10 -33.00
N PHE J 9 -22.56 -18.22 -33.71
CA PHE J 9 -23.22 -18.64 -34.96
C PHE J 9 -22.22 -18.92 -36.10
N ILE J 10 -21.00 -18.43 -35.94
CA ILE J 10 -19.93 -18.86 -36.83
C ILE J 10 -19.27 -20.09 -36.20
N GLU J 11 -19.49 -21.25 -36.83
CA GLU J 11 -19.13 -22.53 -36.22
C GLU J 11 -17.65 -22.68 -35.87
N ASN J 12 -16.78 -22.23 -36.76
CA ASN J 12 -15.35 -22.28 -36.49
C ASN J 12 -14.54 -21.31 -37.33
N GLY J 13 -13.28 -21.11 -36.93
CA GLY J 13 -12.37 -20.25 -37.69
C GLY J 13 -11.78 -20.95 -38.88
N TRP J 14 -11.13 -20.18 -39.76
CA TRP J 14 -10.50 -20.70 -40.97
C TRP J 14 -8.97 -20.68 -40.83
N GLU J 15 -8.35 -21.85 -40.74
CA GLU J 15 -6.89 -21.90 -40.68
C GLU J 15 -6.25 -21.47 -41.99
N GLY J 16 -6.97 -21.69 -43.09
CA GLY J 16 -6.48 -21.33 -44.41
C GLY J 16 -6.53 -19.84 -44.71
N MET J 17 -7.00 -19.03 -43.76
CA MET J 17 -6.97 -17.59 -43.94
C MET J 17 -5.78 -17.00 -43.20
N VAL J 18 -4.71 -16.71 -43.94
CA VAL J 18 -3.45 -16.29 -43.33
C VAL J 18 -3.05 -14.87 -43.75
N ASP J 19 -3.93 -14.18 -44.46
CA ASP J 19 -3.67 -12.81 -44.88
C ASP J 19 -4.57 -11.79 -44.17
N GLY J 20 -5.31 -12.24 -43.17
CA GLY J 20 -6.20 -11.36 -42.42
C GLY J 20 -6.92 -12.10 -41.33
N TRP J 21 -7.58 -11.36 -40.45
CA TRP J 21 -8.25 -11.95 -39.29
C TRP J 21 -9.71 -12.25 -39.58
N TYR J 22 -10.29 -11.47 -40.49
CA TYR J 22 -11.69 -11.63 -40.86
C TYR J 22 -11.72 -11.66 -42.38
N GLY J 23 -12.75 -12.25 -42.96
CA GLY J 23 -12.83 -12.31 -44.41
C GLY J 23 -14.09 -12.94 -44.97
N PHE J 24 -14.07 -13.15 -46.28
CA PHE J 24 -15.22 -13.67 -47.00
C PHE J 24 -14.83 -14.96 -47.72
N ARG J 25 -15.75 -15.92 -47.72
CA ARG J 25 -15.65 -17.08 -48.59
C ARG J 25 -16.93 -17.11 -49.39
N HIS J 26 -16.80 -17.40 -50.68
CA HIS J 26 -17.96 -17.37 -51.55
C HIS J 26 -18.00 -18.61 -52.40
N GLN J 27 -19.19 -18.91 -52.92
CA GLN J 27 -19.34 -19.89 -53.98
C GLN J 27 -20.31 -19.31 -54.99
N ASN J 28 -19.88 -19.27 -56.25
CA ASN J 28 -20.72 -18.81 -57.33
C ASN J 28 -20.56 -19.67 -58.59
N SER J 29 -21.00 -19.15 -59.72
CA SER J 29 -20.91 -19.87 -61.00
C SER J 29 -19.45 -20.11 -61.42
N GLU J 30 -18.58 -19.16 -61.08
CA GLU J 30 -17.17 -19.24 -61.48
C GLU J 30 -16.29 -20.06 -60.53
N GLY J 31 -16.85 -20.50 -59.41
CA GLY J 31 -16.06 -21.27 -58.44
C GLY J 31 -16.22 -20.89 -56.98
N ARG J 32 -15.20 -21.21 -56.18
CA ARG J 32 -15.19 -20.96 -54.74
C ARG J 32 -13.94 -20.15 -54.41
N GLY J 33 -14.07 -19.11 -53.60
CA GLY J 33 -12.92 -18.27 -53.29
C GLY J 33 -12.90 -17.77 -51.85
N GLN J 34 -11.77 -17.17 -51.48
CA GLN J 34 -11.56 -16.64 -50.14
C GLN J 34 -10.82 -15.32 -50.26
N ALA J 35 -11.19 -14.34 -49.44
CA ALA J 35 -10.55 -13.03 -49.45
C ALA J 35 -10.68 -12.37 -48.08
N ALA J 36 -9.56 -11.82 -47.58
CA ALA J 36 -9.55 -11.18 -46.28
C ALA J 36 -10.18 -9.78 -46.32
N ASP J 37 -10.77 -9.34 -45.21
CA ASP J 37 -11.24 -7.98 -45.07
C ASP J 37 -10.22 -7.19 -44.25
N LEU J 38 -9.63 -6.17 -44.86
CA LEU J 38 -8.48 -5.49 -44.27
C LEU J 38 -8.90 -4.50 -43.19
N LYS J 39 -9.99 -3.78 -43.43
CA LYS J 39 -10.46 -2.74 -42.52
C LYS J 39 -10.86 -3.30 -41.14
N SER J 40 -11.64 -4.38 -41.13
CA SER J 40 -12.01 -5.01 -39.86
C SER J 40 -10.80 -5.66 -39.20
N THR J 41 -9.94 -6.29 -40.00
CA THR J 41 -8.68 -6.82 -39.48
C THR J 41 -7.88 -5.73 -38.77
N GLN J 42 -7.70 -4.60 -39.44
CA GLN J 42 -6.88 -3.51 -38.90
C GLN J 42 -7.52 -2.86 -37.66
N ALA J 43 -8.86 -2.81 -37.66
CA ALA J 43 -9.59 -2.23 -36.54
C ALA J 43 -9.34 -3.03 -35.26
N ALA J 44 -9.36 -4.36 -35.37
CA ALA J 44 -9.07 -5.22 -34.23
C ALA J 44 -7.62 -5.08 -33.79
N ILE J 45 -6.70 -5.11 -34.75
CA ILE J 45 -5.27 -5.01 -34.47
C ILE J 45 -4.92 -3.67 -33.81
N ASP J 46 -5.53 -2.57 -34.28
CA ASP J 46 -5.26 -1.27 -33.69
C ASP J 46 -5.68 -1.21 -32.22
N GLN J 47 -6.82 -1.81 -31.88
CA GLN J 47 -7.29 -1.80 -30.50
C GLN J 47 -6.39 -2.63 -29.59
N ILE J 48 -5.91 -3.76 -30.10
CA ILE J 48 -5.00 -4.61 -29.31
C ILE J 48 -3.65 -3.92 -29.13
N ASN J 49 -3.15 -3.28 -30.18
CA ASN J 49 -1.92 -2.50 -30.07
C ASN J 49 -2.04 -1.33 -29.09
N GLY J 50 -3.24 -0.76 -29.00
CA GLY J 50 -3.52 0.27 -28.01
C GLY J 50 -3.35 -0.24 -26.61
N LYS J 51 -3.79 -1.48 -26.37
CA LYS J 51 -3.61 -2.10 -25.06
C LYS J 51 -2.14 -2.35 -24.79
N LEU J 52 -1.44 -2.87 -25.80
CA LEU J 52 -0.01 -3.17 -25.67
C LEU J 52 0.78 -1.90 -25.36
N ASN J 53 0.43 -0.80 -26.02
CA ASN J 53 1.11 0.47 -25.81
C ASN J 53 1.01 0.97 -24.38
N ARG J 54 -0.09 0.61 -23.70
CA ARG J 54 -0.29 0.96 -22.30
C ARG J 54 0.54 0.11 -21.34
N LEU J 55 0.93 -1.08 -21.79
CA LEU J 55 1.55 -2.07 -20.91
C LEU J 55 3.03 -2.32 -21.20
N ILE J 56 3.40 -2.23 -22.48
CA ILE J 56 4.76 -2.56 -22.91
C ILE J 56 5.68 -1.32 -22.97
N GLY J 57 6.86 -1.45 -22.36
CA GLY J 57 7.87 -0.41 -22.42
C GLY J 57 7.56 0.88 -21.69
N LYS J 58 6.97 0.76 -20.50
CA LYS J 58 6.58 1.95 -19.73
C LYS J 58 6.90 1.82 -18.24
N THR J 59 7.97 1.11 -17.92
CA THR J 59 8.31 0.87 -16.51
C THR J 59 8.75 2.15 -15.79
N ASN J 60 8.72 2.10 -14.47
CA ASN J 60 9.04 3.28 -13.65
C ASN J 60 10.32 3.13 -12.82
N GLU J 61 11.11 4.20 -12.77
CA GLU J 61 12.41 4.17 -12.13
C GLU J 61 12.33 4.20 -10.61
N LYS J 62 12.97 3.23 -9.97
CA LYS J 62 13.17 3.29 -8.52
C LYS J 62 14.66 3.19 -8.25
N PHE J 63 15.11 3.89 -7.21
CA PHE J 63 16.53 3.89 -6.88
C PHE J 63 16.75 3.37 -5.46
N HIS J 64 17.14 4.24 -4.53
CA HIS J 64 17.34 3.77 -3.16
C HIS J 64 16.03 3.48 -2.44
N GLN J 65 15.90 2.28 -1.90
CA GLN J 65 14.66 1.88 -1.26
C GLN J 65 14.92 1.43 0.18
N ILE J 66 14.28 0.34 0.58
CA ILE J 66 14.54 -0.26 1.89
C ILE J 66 15.19 -1.61 1.66
N GLU J 67 15.83 -2.15 2.69
CA GLU J 67 16.39 -3.50 2.60
C GLU J 67 15.26 -4.51 2.63
N LYS J 68 15.46 -5.65 1.97
CA LYS J 68 14.38 -6.62 1.81
C LYS J 68 14.84 -8.04 2.13
N GLU J 69 16.11 -8.18 2.45
CA GLU J 69 16.68 -9.43 2.97
C GLU J 69 17.53 -9.10 4.18
N PHE J 70 17.55 -10.00 5.16
CA PHE J 70 18.18 -9.71 6.44
C PHE J 70 18.96 -10.92 6.94
N SER J 71 20.17 -10.67 7.45
CA SER J 71 21.03 -11.75 7.93
C SER J 71 20.86 -12.01 9.43
N GLU J 72 20.30 -11.04 10.16
CA GLU J 72 20.09 -11.20 11.59
C GLU J 72 18.67 -10.85 12.05
N VAL J 73 18.21 -11.58 13.06
CA VAL J 73 16.96 -11.29 13.77
C VAL J 73 17.06 -9.94 14.46
N GLU J 74 16.04 -9.09 14.29
CA GLU J 74 16.04 -7.75 14.90
C GLU J 74 14.73 -7.44 15.60
N GLY J 75 13.66 -8.14 15.22
CA GLY J 75 12.38 -7.89 15.80
C GLY J 75 11.62 -6.76 15.12
N ARG J 76 11.13 -5.83 15.93
CA ARG J 76 10.10 -4.86 15.55
C ARG J 76 10.28 -4.15 14.20
N ILE J 77 11.40 -3.45 14.03
CA ILE J 77 11.64 -2.66 12.83
C ILE J 77 11.74 -3.55 11.59
N GLN J 78 12.38 -4.70 11.74
CA GLN J 78 12.50 -5.65 10.64
C GLN J 78 11.14 -6.28 10.29
N ASP J 79 10.31 -6.51 11.30
CA ASP J 79 8.94 -6.98 11.08
C ASP J 79 8.20 -5.98 10.20
N LEU J 80 8.41 -4.70 10.49
CA LEU J 80 7.72 -3.63 9.76
C LEU J 80 8.22 -3.53 8.32
N GLU J 81 9.54 -3.57 8.12
CA GLU J 81 10.11 -3.54 6.76
C GLU J 81 9.63 -4.71 5.91
N LYS J 82 9.57 -5.90 6.50
CA LYS J 82 9.10 -7.10 5.79
C LYS J 82 7.62 -7.01 5.44
N TYR J 83 6.83 -6.51 6.39
CA TYR J 83 5.39 -6.40 6.22
C TYR J 83 5.04 -5.39 5.16
N VAL J 84 5.79 -4.30 5.10
CA VAL J 84 5.58 -3.26 4.09
C VAL J 84 5.81 -3.83 2.70
N GLU J 85 6.91 -4.55 2.53
CA GLU J 85 7.23 -5.13 1.22
C GLU J 85 6.23 -6.21 0.83
N ASP J 86 5.86 -7.06 1.78
CA ASP J 86 4.90 -8.12 1.51
C ASP J 86 3.51 -7.56 1.13
N THR J 87 3.13 -6.47 1.79
CA THR J 87 1.88 -5.78 1.48
C THR J 87 1.89 -5.24 0.06
N LYS J 88 3.00 -4.59 -0.29
CA LYS J 88 3.17 -4.00 -1.60
C LYS J 88 3.11 -5.05 -2.72
N ILE J 89 3.81 -6.17 -2.52
CA ILE J 89 3.84 -7.22 -3.55
C ILE J 89 2.48 -7.87 -3.78
N ASP J 90 1.73 -8.12 -2.70
CA ASP J 90 0.39 -8.68 -2.82
C ASP J 90 -0.54 -7.74 -3.57
N LEU J 91 -0.38 -6.44 -3.34
CA LEU J 91 -1.27 -5.47 -4.00
C LEU J 91 -0.93 -5.33 -5.50
N TRP J 92 0.35 -5.39 -5.83
CA TRP J 92 0.74 -5.40 -7.24
C TRP J 92 0.42 -6.72 -7.92
N SER J 93 0.55 -7.83 -7.18
CA SER J 93 0.22 -9.14 -7.74
C SER J 93 -1.27 -9.18 -8.05
N TYR J 94 -2.08 -8.57 -7.18
CA TYR J 94 -3.52 -8.45 -7.45
C TYR J 94 -3.79 -7.61 -8.70
N ASN J 95 -3.16 -6.43 -8.77
CA ASN J 95 -3.34 -5.55 -9.93
C ASN J 95 -3.03 -6.27 -11.23
N ALA J 96 -1.92 -7.02 -11.24
CA ALA J 96 -1.48 -7.71 -12.44
C ALA J 96 -2.47 -8.81 -12.84
N GLU J 97 -2.96 -9.55 -11.85
CA GLU J 97 -3.90 -10.63 -12.11
C GLU J 97 -5.21 -10.11 -12.71
N LEU J 98 -5.76 -9.07 -12.10
CA LEU J 98 -7.02 -8.48 -12.56
C LEU J 98 -6.87 -7.83 -13.94
N LEU J 99 -5.76 -7.12 -14.14
CA LEU J 99 -5.49 -6.46 -15.42
C LEU J 99 -5.58 -7.46 -16.57
N VAL J 100 -4.87 -8.57 -16.44
CA VAL J 100 -4.85 -9.59 -17.49
C VAL J 100 -6.23 -10.21 -17.69
N ALA J 101 -6.91 -10.56 -16.60
CA ALA J 101 -8.24 -11.16 -16.72
C ALA J 101 -9.23 -10.21 -17.41
N LEU J 102 -9.19 -8.93 -17.04
CA LEU J 102 -10.06 -7.91 -17.63
C LEU J 102 -9.75 -7.61 -19.10
N GLU J 103 -8.47 -7.38 -19.42
CA GLU J 103 -8.05 -7.09 -20.78
C GLU J 103 -8.38 -8.26 -21.70
N ASN J 104 -8.17 -9.47 -21.21
CA ASN J 104 -8.40 -10.65 -22.03
C ASN J 104 -9.88 -10.82 -22.33
N GLN J 105 -10.72 -10.66 -21.31
CA GLN J 105 -12.16 -10.69 -21.52
C GLN J 105 -12.55 -9.65 -22.57
N HIS J 106 -12.00 -8.45 -22.45
CA HIS J 106 -12.29 -7.39 -23.39
C HIS J 106 -11.74 -7.67 -24.80
N THR J 107 -10.54 -8.22 -24.89
CA THR J 107 -9.97 -8.55 -26.20
C THR J 107 -10.83 -9.58 -26.94
N ILE J 108 -11.24 -10.62 -26.22
CA ILE J 108 -12.12 -11.62 -26.79
C ILE J 108 -13.47 -11.00 -27.21
N ASP J 109 -13.97 -10.05 -26.41
CA ASP J 109 -15.22 -9.38 -26.78
C ASP J 109 -15.08 -8.39 -27.95
N LEU J 110 -13.95 -7.68 -28.03
CA LEU J 110 -13.80 -6.72 -29.13
C LEU J 110 -13.57 -7.43 -30.47
N THR J 111 -12.87 -8.56 -30.44
CA THR J 111 -12.65 -9.31 -31.67
C THR J 111 -13.94 -9.95 -32.15
N ASP J 112 -14.77 -10.40 -31.21
CA ASP J 112 -16.09 -10.92 -31.53
C ASP J 112 -16.95 -9.80 -32.11
N SER J 113 -16.85 -8.62 -31.50
CA SER J 113 -17.56 -7.43 -32.00
C SER J 113 -17.21 -7.07 -33.44
N GLU J 114 -15.91 -7.04 -33.77
CA GLU J 114 -15.52 -6.71 -35.14
C GLU J 114 -16.10 -7.69 -36.14
N MET J 115 -16.15 -8.97 -35.76
CA MET J 115 -16.73 -9.97 -36.65
C MET J 115 -18.21 -9.68 -36.85
N ASN J 116 -18.89 -9.35 -35.76
CA ASN J 116 -20.32 -9.05 -35.85
C ASN J 116 -20.60 -7.81 -36.70
N LYS J 117 -19.78 -6.78 -36.55
CA LYS J 117 -19.95 -5.55 -37.34
C LYS J 117 -19.83 -5.82 -38.84
N LEU J 118 -18.85 -6.64 -39.21
CA LEU J 118 -18.64 -6.97 -40.61
C LEU J 118 -19.84 -7.73 -41.16
N PHE J 119 -20.36 -8.66 -40.38
CA PHE J 119 -21.54 -9.40 -40.77
C PHE J 119 -22.75 -8.48 -40.94
N GLU J 120 -22.97 -7.59 -39.98
CA GLU J 120 -24.11 -6.66 -40.04
C GLU J 120 -24.02 -5.70 -41.22
N LYS J 121 -22.82 -5.20 -41.47
CA LYS J 121 -22.56 -4.30 -42.59
C LYS J 121 -22.85 -4.97 -43.92
N THR J 122 -22.41 -6.22 -44.04
CA THR J 122 -22.63 -7.00 -45.26
C THR J 122 -24.12 -7.25 -45.46
N LYS J 123 -24.81 -7.58 -44.37
CA LYS J 123 -26.24 -7.85 -44.42
C LYS J 123 -27.01 -6.64 -44.96
N LYS J 124 -26.67 -5.46 -44.45
CA LYS J 124 -27.38 -4.25 -44.87
C LYS J 124 -27.11 -3.94 -46.34
N GLN J 125 -25.87 -4.20 -46.77
CA GLN J 125 -25.48 -4.01 -48.17
C GLN J 125 -26.37 -4.77 -49.13
N LEU J 126 -26.68 -6.01 -48.77
CA LEU J 126 -27.41 -6.92 -49.66
C LEU J 126 -28.90 -6.62 -49.73
N ARG J 127 -29.40 -5.82 -48.78
CA ARG J 127 -30.81 -5.40 -48.76
C ARG J 127 -31.76 -6.58 -48.88
N GLU J 128 -32.63 -6.55 -49.89
CA GLU J 128 -33.58 -7.64 -50.10
C GLU J 128 -33.07 -8.71 -51.06
N ASN J 129 -31.78 -8.67 -51.40
CA ASN J 129 -31.25 -9.58 -52.42
C ASN J 129 -30.67 -10.88 -51.87
N ALA J 130 -30.71 -11.03 -50.55
CA ALA J 130 -30.08 -12.18 -49.90
C ALA J 130 -30.77 -12.52 -48.57
N GLU J 131 -30.54 -13.74 -48.07
CA GLU J 131 -31.05 -14.13 -46.76
C GLU J 131 -29.95 -14.75 -45.92
N ASP J 132 -30.00 -14.47 -44.62
CA ASP J 132 -29.05 -14.98 -43.64
C ASP J 132 -29.37 -16.43 -43.36
N MET J 133 -28.41 -17.32 -43.58
CA MET J 133 -28.64 -18.74 -43.39
C MET J 133 -28.40 -19.15 -41.93
N GLY J 134 -27.95 -18.20 -41.11
CA GLY J 134 -27.85 -18.42 -39.67
C GLY J 134 -26.49 -18.91 -39.19
N ASN J 135 -25.57 -19.14 -40.11
CA ASN J 135 -24.23 -19.64 -39.78
C ASN J 135 -23.14 -18.69 -40.28
N GLY J 136 -23.49 -17.41 -40.41
CA GLY J 136 -22.57 -16.43 -40.97
C GLY J 136 -22.57 -16.41 -42.48
N CYS J 137 -23.42 -17.21 -43.11
CA CYS J 137 -23.47 -17.26 -44.57
C CYS J 137 -24.73 -16.60 -45.12
N PHE J 138 -24.60 -15.93 -46.26
CA PHE J 138 -25.75 -15.37 -46.94
C PHE J 138 -26.06 -16.17 -48.19
N LYS J 139 -27.33 -16.49 -48.40
CA LYS J 139 -27.73 -17.03 -49.68
C LYS J 139 -28.11 -15.85 -50.54
N ILE J 140 -27.37 -15.65 -51.63
CA ILE J 140 -27.62 -14.51 -52.51
C ILE J 140 -28.52 -14.96 -53.66
N TYR J 141 -29.68 -14.32 -53.78
CA TYR J 141 -30.72 -14.82 -54.69
C TYR J 141 -30.59 -14.33 -56.13
N HIS J 142 -29.35 -14.16 -56.58
CA HIS J 142 -29.12 -13.80 -57.97
C HIS J 142 -27.76 -14.28 -58.43
N LYS J 143 -27.58 -14.36 -59.75
CA LYS J 143 -26.30 -14.65 -60.35
C LYS J 143 -25.29 -13.61 -59.88
N CYS J 144 -24.20 -14.03 -59.25
CA CYS J 144 -23.19 -13.09 -58.78
C CYS J 144 -21.80 -13.61 -59.12
N ASP J 145 -21.28 -13.17 -60.27
CA ASP J 145 -19.93 -13.55 -60.70
C ASP J 145 -18.83 -12.96 -59.81
N ASN J 146 -17.57 -13.20 -60.15
CA ASN J 146 -16.46 -12.75 -59.31
C ASN J 146 -16.42 -11.24 -59.09
N ALA J 147 -16.71 -10.47 -60.12
CA ALA J 147 -16.74 -9.01 -60.00
C ALA J 147 -17.88 -8.56 -59.09
N CYS J 148 -19.02 -9.25 -59.18
CA CYS J 148 -20.14 -8.95 -58.30
C CYS J 148 -19.78 -9.22 -56.83
N ILE J 149 -19.21 -10.40 -56.56
CA ILE J 149 -18.74 -10.75 -55.22
C ILE J 149 -17.74 -9.70 -54.75
N GLY J 150 -16.81 -9.35 -55.64
CA GLY J 150 -15.81 -8.33 -55.35
C GLY J 150 -16.42 -6.98 -54.99
N SER J 151 -17.49 -6.61 -55.68
CA SER J 151 -18.17 -5.34 -55.39
C SER J 151 -18.78 -5.33 -54.00
N ILE J 152 -19.28 -6.48 -53.55
CA ILE J 152 -19.79 -6.62 -52.19
C ILE J 152 -18.66 -6.44 -51.18
N ARG J 153 -17.54 -7.12 -51.42
CA ARG J 153 -16.41 -7.02 -50.50
C ARG J 153 -15.81 -5.62 -50.41
N ASN J 154 -15.86 -4.86 -51.51
CA ASN J 154 -15.27 -3.51 -51.49
C ASN J 154 -16.28 -2.37 -51.39
N GLY J 155 -17.53 -2.73 -51.08
CA GLY J 155 -18.55 -1.75 -50.76
C GLY J 155 -19.13 -0.95 -51.92
N THR J 156 -19.08 -1.52 -53.12
CA THR J 156 -19.61 -0.84 -54.30
C THR J 156 -20.80 -1.58 -54.90
N TYR J 157 -21.27 -2.62 -54.21
CA TYR J 157 -22.41 -3.41 -54.66
C TYR J 157 -23.66 -2.55 -54.75
N ASP J 158 -24.28 -2.54 -55.93
CA ASP J 158 -25.53 -1.81 -56.13
C ASP J 158 -26.70 -2.79 -56.13
N HIS J 159 -27.45 -2.83 -55.03
CA HIS J 159 -28.51 -3.81 -54.86
C HIS J 159 -29.66 -3.64 -55.86
N ASN J 160 -29.93 -2.39 -56.25
CA ASN J 160 -31.00 -2.08 -57.20
C ASN J 160 -30.82 -2.80 -58.54
N VAL J 161 -29.56 -3.02 -58.92
CA VAL J 161 -29.25 -3.71 -60.18
C VAL J 161 -29.83 -5.13 -60.21
N TYR J 162 -29.85 -5.79 -59.06
CA TYR J 162 -30.21 -7.21 -59.01
C TYR J 162 -31.57 -7.46 -58.36
N ARG J 163 -32.15 -6.40 -57.79
CA ARG J 163 -33.33 -6.54 -56.94
C ARG J 163 -34.49 -7.31 -57.59
N ASP J 164 -34.80 -6.98 -58.84
CA ASP J 164 -35.88 -7.68 -59.54
C ASP J 164 -35.62 -9.17 -59.68
N GLU J 165 -34.42 -9.53 -60.13
CA GLU J 165 -34.01 -10.93 -60.24
C GLU J 165 -34.10 -11.60 -58.86
N ALA J 166 -33.59 -10.93 -57.84
CA ALA J 166 -33.53 -11.50 -56.50
C ALA J 166 -34.93 -11.72 -55.91
N LEU J 167 -35.77 -10.69 -55.96
CA LEU J 167 -37.14 -10.82 -55.45
C LEU J 167 -37.94 -11.96 -56.11
N ASN J 168 -37.80 -12.12 -57.42
CA ASN J 168 -38.49 -13.20 -58.12
C ASN J 168 -38.03 -14.57 -57.62
N ASN J 169 -36.74 -14.72 -57.39
CA ASN J 169 -36.18 -15.96 -56.85
C ASN J 169 -36.61 -16.24 -55.40
N ARG J 170 -36.60 -15.21 -54.56
CA ARG J 170 -36.97 -15.36 -53.15
C ARG J 170 -38.45 -15.68 -52.96
N PHE J 171 -39.29 -14.94 -53.65
CA PHE J 171 -40.74 -14.99 -53.43
C PHE J 171 -41.45 -15.68 -54.59
N GLN J 172 -41.57 -17.00 -54.48
CA GLN J 172 -42.17 -17.82 -55.52
C GLN J 172 -42.83 -19.02 -54.84
N ILE J 173 -42.91 -20.13 -55.56
CA ILE J 173 -43.44 -21.38 -55.00
C ILE J 173 -42.59 -22.57 -55.42
N GLU K 1 -1.33 18.39 -35.09
CA GLU K 1 -2.37 18.41 -34.06
C GLU K 1 -1.77 18.15 -32.68
N ILE K 2 -0.45 18.04 -32.64
CA ILE K 2 0.28 17.89 -31.38
C ILE K 2 1.66 18.51 -31.57
N VAL K 3 1.80 19.77 -31.16
CA VAL K 3 2.97 20.55 -31.53
C VAL K 3 4.20 20.11 -30.73
N MET K 4 5.36 20.22 -31.37
CA MET K 4 6.64 19.93 -30.76
C MET K 4 7.48 21.19 -30.76
N THR K 5 8.09 21.51 -29.62
CA THR K 5 8.90 22.72 -29.46
C THR K 5 10.26 22.33 -28.90
N GLN K 6 11.32 22.60 -29.65
CA GLN K 6 12.67 22.34 -29.21
C GLN K 6 13.31 23.61 -28.66
N SER K 7 14.20 23.44 -27.69
CA SER K 7 14.87 24.58 -27.05
C SER K 7 16.33 24.28 -26.78
N PRO K 8 17.22 25.23 -27.12
CA PRO K 8 16.87 26.49 -27.78
C PRO K 8 16.90 26.37 -29.31
N VAL K 9 16.76 27.51 -30.00
CA VAL K 9 16.81 27.48 -31.46
C VAL K 9 18.21 27.12 -31.95
N THR K 10 19.23 27.56 -31.23
CA THR K 10 20.61 27.25 -31.57
C THR K 10 21.46 27.40 -30.32
N LEU K 11 22.44 26.50 -30.18
CA LEU K 11 23.32 26.49 -29.02
C LEU K 11 24.77 26.39 -29.46
N SER K 12 25.66 27.01 -28.69
CA SER K 12 27.09 26.99 -28.93
C SER K 12 27.77 26.18 -27.84
N VAL K 13 28.46 25.11 -28.23
CA VAL K 13 29.10 24.21 -27.29
C VAL K 13 30.51 23.92 -27.80
N SER K 14 31.50 24.05 -26.91
CA SER K 14 32.88 23.76 -27.27
C SER K 14 33.03 22.25 -27.55
N PRO K 15 33.94 21.90 -28.47
CA PRO K 15 34.14 20.47 -28.78
C PRO K 15 34.67 19.70 -27.59
N GLY K 16 33.98 18.62 -27.23
CA GLY K 16 34.34 17.83 -26.08
C GLY K 16 33.32 17.91 -24.97
N GLU K 17 32.72 19.10 -24.81
CA GLU K 17 31.71 19.29 -23.80
C GLU K 17 30.41 18.59 -24.19
N THR K 18 29.55 18.36 -23.19
CA THR K 18 28.26 17.73 -23.41
C THR K 18 27.22 18.77 -23.75
N ALA K 19 26.47 18.52 -24.82
CA ALA K 19 25.43 19.44 -25.30
C ALA K 19 24.06 18.80 -25.05
N THR K 20 23.31 19.37 -24.13
CA THR K 20 21.97 18.89 -23.79
C THR K 20 20.93 19.67 -24.58
N LEU K 21 20.05 18.96 -25.27
CA LEU K 21 18.98 19.55 -26.06
C LEU K 21 17.64 19.30 -25.39
N SER K 22 16.64 20.09 -25.78
CA SER K 22 15.29 19.98 -25.23
C SER K 22 14.29 19.71 -26.34
N CYS K 23 13.24 18.94 -26.00
CA CYS K 23 12.14 18.60 -26.92
C CYS K 23 10.84 18.58 -26.11
N ARG K 24 10.36 19.75 -25.72
CA ARG K 24 9.10 19.85 -25.01
C ARG K 24 7.94 19.58 -25.94
N ALA K 25 6.98 18.77 -25.48
CA ALA K 25 5.87 18.32 -26.31
C ALA K 25 4.56 18.52 -25.57
N SER K 26 3.62 19.20 -26.22
CA SER K 26 2.28 19.32 -25.66
C SER K 26 1.59 17.97 -25.70
N GLN K 27 0.82 17.69 -24.64
CA GLN K 27 0.12 16.41 -24.45
C GLN K 27 1.11 15.27 -24.24
N SER K 28 0.66 14.20 -23.59
CA SER K 28 1.56 13.13 -23.19
C SER K 28 2.07 12.35 -24.41
N VAL K 29 3.32 11.92 -24.34
CA VAL K 29 3.95 11.12 -25.38
C VAL K 29 5.17 10.42 -24.78
N ARG K 30 5.20 9.09 -24.84
CA ARG K 30 6.27 8.33 -24.21
C ARG K 30 6.74 7.16 -25.09
N SER K 31 5.79 6.41 -25.65
CA SER K 31 6.12 5.19 -26.38
C SER K 31 7.06 5.46 -27.55
N ASN K 32 6.75 6.48 -28.34
CA ASN K 32 7.49 6.75 -29.58
C ASN K 32 8.06 8.16 -29.55
N LEU K 33 9.38 8.25 -29.76
CA LEU K 33 10.08 9.53 -29.81
C LEU K 33 11.43 9.26 -30.47
N ALA K 34 11.68 9.91 -31.60
CA ALA K 34 12.88 9.64 -32.40
C ALA K 34 13.68 10.91 -32.58
N TRP K 35 15.00 10.80 -32.41
CA TRP K 35 15.93 11.89 -32.63
C TRP K 35 16.66 11.69 -33.96
N TYR K 36 17.04 12.80 -34.58
CA TYR K 36 17.65 12.75 -35.90
C TYR K 36 18.80 13.75 -35.98
N GLN K 37 19.77 13.44 -36.85
CA GLN K 37 20.95 14.27 -37.07
C GLN K 37 21.02 14.57 -38.56
N GLN K 38 20.44 15.69 -38.96
CA GLN K 38 20.42 16.09 -40.37
C GLN K 38 21.57 17.05 -40.62
N LYS K 39 22.65 16.53 -41.19
CA LYS K 39 23.76 17.39 -41.57
C LYS K 39 23.41 18.18 -42.82
N PRO K 40 23.91 19.42 -42.93
CA PRO K 40 23.55 20.26 -44.09
C PRO K 40 23.88 19.57 -45.41
N GLY K 41 22.93 19.65 -46.35
CA GLY K 41 23.11 19.01 -47.63
C GLY K 41 22.95 17.50 -47.61
N GLN K 42 22.34 16.96 -46.56
CA GLN K 42 22.15 15.52 -46.43
C GLN K 42 20.77 15.23 -45.85
N ALA K 43 20.35 13.99 -45.99
CA ALA K 43 19.09 13.54 -45.43
C ALA K 43 19.24 13.27 -43.94
N PRO K 44 18.15 13.35 -43.17
CA PRO K 44 18.23 13.06 -41.74
C PRO K 44 18.63 11.61 -41.48
N ARG K 45 19.32 11.40 -40.36
CA ARG K 45 19.78 10.09 -39.96
C ARG K 45 19.26 9.78 -38.57
N LEU K 46 18.69 8.58 -38.40
CA LEU K 46 18.10 8.20 -37.12
C LEU K 46 19.19 8.00 -36.07
N LEU K 47 18.97 8.56 -34.88
CA LEU K 47 19.88 8.39 -33.76
C LEU K 47 19.26 7.56 -32.64
N ILE K 48 18.16 8.02 -32.07
CA ILE K 48 17.47 7.34 -30.98
C ILE K 48 16.01 7.19 -31.37
N TYR K 49 15.40 6.07 -30.96
CA TYR K 49 13.98 5.86 -31.15
C TYR K 49 13.34 5.44 -29.82
N GLY K 50 12.03 5.64 -29.73
CA GLY K 50 11.30 5.36 -28.52
C GLY K 50 11.45 6.46 -27.49
N ALA K 51 12.64 6.55 -26.89
CA ALA K 51 12.96 7.59 -25.93
C ALA K 51 14.46 7.56 -25.62
N SER K 52 14.97 6.38 -25.30
CA SER K 52 16.37 6.18 -24.97
C SER K 52 17.08 5.17 -25.88
N THR K 53 16.34 4.28 -26.53
CA THR K 53 16.95 3.24 -27.35
C THR K 53 17.55 3.86 -28.60
N ARG K 54 18.88 3.81 -28.71
CA ARG K 54 19.56 4.41 -29.85
C ARG K 54 19.50 3.47 -31.05
N ALA K 55 19.68 4.06 -32.23
CA ALA K 55 19.63 3.30 -33.48
C ALA K 55 20.83 2.38 -33.59
N THR K 56 20.82 1.56 -34.64
CA THR K 56 21.89 0.59 -34.85
C THR K 56 23.17 1.29 -35.27
N ASP K 57 24.30 0.80 -34.75
CA ASP K 57 25.65 1.28 -35.06
C ASP K 57 25.72 2.80 -35.11
N ILE K 58 25.27 3.44 -34.03
CA ILE K 58 25.48 4.87 -33.84
C ILE K 58 26.33 5.03 -32.57
N PRO K 59 27.12 6.10 -32.46
CA PRO K 59 28.04 6.22 -31.32
C PRO K 59 27.29 6.26 -30.00
N ALA K 60 27.97 5.76 -28.96
CA ALA K 60 27.39 5.72 -27.61
C ALA K 60 27.36 7.08 -26.95
N ARG K 61 27.99 8.10 -27.55
CA ARG K 61 27.96 9.44 -26.97
C ARG K 61 26.60 10.11 -27.13
N PHE K 62 25.75 9.60 -28.02
CA PHE K 62 24.39 10.12 -28.19
C PHE K 62 23.49 9.45 -27.15
N SER K 63 23.00 10.23 -26.20
CA SER K 63 22.15 9.74 -25.13
C SER K 63 20.76 10.34 -25.23
N GLY K 64 19.75 9.56 -24.89
CA GLY K 64 18.38 10.01 -24.95
C GLY K 64 17.64 9.70 -23.66
N SER K 65 16.72 10.60 -23.30
CA SER K 65 15.92 10.45 -22.09
C SER K 65 14.69 11.33 -22.21
N GLY K 66 13.78 11.16 -21.26
CA GLY K 66 12.56 11.93 -21.23
C GLY K 66 11.32 11.10 -20.97
N SER K 67 10.21 11.75 -20.63
CA SER K 67 8.97 11.04 -20.30
C SER K 67 7.79 11.98 -20.47
N GLY K 68 6.79 11.52 -21.22
CA GLY K 68 5.51 12.23 -21.31
C GLY K 68 5.54 13.58 -21.99
N THR K 69 6.29 14.53 -21.42
CA THR K 69 6.25 15.90 -21.92
C THR K 69 7.65 16.44 -22.19
N GLU K 70 8.53 16.36 -21.20
CA GLU K 70 9.87 16.88 -21.32
C GLU K 70 10.81 15.78 -21.80
N PHE K 71 11.58 16.07 -22.85
CA PHE K 71 12.53 15.13 -23.42
C PHE K 71 13.86 15.84 -23.66
N THR K 72 14.95 15.11 -23.46
CA THR K 72 16.29 15.67 -23.58
C THR K 72 17.15 14.79 -24.48
N LEU K 73 18.17 15.41 -25.07
CA LEU K 73 19.15 14.73 -25.91
C LEU K 73 20.52 15.31 -25.61
N SER K 74 21.41 14.48 -25.07
CA SER K 74 22.74 14.91 -24.67
C SER K 74 23.79 14.20 -25.52
N ILE K 75 24.72 14.98 -26.07
CA ILE K 75 25.83 14.45 -26.85
C ILE K 75 27.07 14.50 -25.96
N SER K 76 27.53 13.32 -25.53
CA SER K 76 28.63 13.23 -24.56
C SER K 76 29.90 13.89 -25.07
N SER K 77 30.67 13.17 -25.88
CA SER K 77 31.90 13.69 -26.45
C SER K 77 31.57 14.32 -27.81
N LEU K 78 31.69 15.64 -27.90
CA LEU K 78 31.32 16.35 -29.10
C LEU K 78 32.47 16.38 -30.10
N GLN K 79 32.14 16.25 -31.38
CA GLN K 79 33.11 16.29 -32.46
C GLN K 79 32.79 17.44 -33.40
N SER K 80 33.81 17.88 -34.14
CA SER K 80 33.64 19.01 -35.06
C SER K 80 32.66 18.71 -36.19
N ASP K 81 32.42 17.44 -36.49
CA ASP K 81 31.49 17.06 -37.54
C ASP K 81 30.05 16.98 -37.07
N ASP K 82 29.78 17.30 -35.80
CA ASP K 82 28.43 17.25 -35.26
C ASP K 82 27.68 18.58 -35.43
N PHE K 83 27.99 19.34 -36.48
CA PHE K 83 27.44 20.68 -36.66
C PHE K 83 26.07 20.58 -37.30
N ALA K 84 25.43 19.44 -37.16
CA ALA K 84 24.18 19.19 -37.84
C ALA K 84 23.03 19.82 -37.06
N VAL K 85 21.82 19.71 -37.62
CA VAL K 85 20.58 20.14 -36.98
C VAL K 85 19.85 18.90 -36.49
N TYR K 86 19.24 18.99 -35.31
CA TYR K 86 18.61 17.86 -34.65
C TYR K 86 17.11 18.09 -34.51
N TYR K 87 16.34 17.02 -34.70
CA TYR K 87 14.89 17.08 -34.65
C TYR K 87 14.35 15.94 -33.81
N CYS K 88 13.08 16.06 -33.42
CA CYS K 88 12.41 15.05 -32.63
C CYS K 88 10.96 14.90 -33.09
N GLN K 89 10.50 13.67 -33.25
CA GLN K 89 9.14 13.35 -33.65
C GLN K 89 8.40 12.66 -32.51
N GLN K 90 7.13 12.34 -32.75
CA GLN K 90 6.27 11.86 -31.67
C GLN K 90 5.18 10.95 -32.21
N TYR K 91 4.59 10.17 -31.31
CA TYR K 91 3.34 9.46 -31.54
C TYR K 91 2.23 10.13 -30.73
N ASN K 92 0.98 10.06 -31.20
CA ASN K 92 0.63 9.48 -32.48
C ASN K 92 -0.45 10.34 -33.13
N HIS K 93 -1.61 10.41 -32.50
CA HIS K 93 -2.76 11.16 -33.01
C HIS K 93 -3.03 10.78 -34.47
N TRP K 94 -2.71 9.54 -34.82
CA TRP K 94 -2.57 9.03 -36.18
C TRP K 94 -1.79 9.98 -37.10
N LEU K 95 -1.15 10.99 -36.53
CA LEU K 95 -0.50 12.06 -37.30
C LEU K 95 0.79 12.43 -36.57
N ARG K 96 1.91 11.89 -37.04
CA ARG K 96 3.19 12.22 -36.45
C ARG K 96 3.58 13.65 -36.78
N THR K 97 4.20 14.33 -35.82
CA THR K 97 4.69 15.69 -36.00
C THR K 97 6.18 15.73 -35.69
N PHE K 98 6.89 16.65 -36.34
CA PHE K 98 8.31 16.85 -36.11
C PHE K 98 8.54 18.07 -35.23
N GLY K 99 9.79 18.21 -34.77
CA GLY K 99 10.18 19.36 -33.99
C GLY K 99 10.63 20.53 -34.87
N GLN K 100 10.87 21.66 -34.22
CA GLN K 100 11.32 22.85 -34.94
C GLN K 100 12.76 22.70 -35.42
N GLY K 101 13.64 22.17 -34.58
CA GLY K 101 15.03 21.98 -34.94
C GLY K 101 15.97 22.74 -34.03
N THR K 102 17.11 22.12 -33.72
CA THR K 102 18.11 22.72 -32.84
C THR K 102 19.45 22.72 -33.57
N LYS K 103 19.98 23.89 -33.84
CA LYS K 103 21.27 24.02 -34.51
C LYS K 103 22.40 23.94 -33.48
N LEU K 104 23.42 23.13 -33.79
CA LEU K 104 24.54 22.92 -32.88
C LEU K 104 25.79 23.57 -33.46
N GLU K 105 26.47 24.36 -32.64
CA GLU K 105 27.71 25.02 -33.04
C GLU K 105 28.90 24.38 -32.33
N ILE K 106 30.08 24.61 -32.88
CA ILE K 106 31.34 24.12 -32.33
C ILE K 106 32.16 25.33 -31.89
N ARG K 108 34.76 28.86 -30.95
CA ARG K 108 36.13 29.24 -31.24
C ARG K 108 36.31 30.61 -30.67
N THR K 109 37.49 31.17 -30.82
CA THR K 109 37.73 32.51 -30.31
C THR K 109 36.91 33.56 -31.03
N VAL K 110 36.44 34.55 -30.28
CA VAL K 110 35.71 35.65 -30.88
C VAL K 110 36.55 36.23 -32.02
N ALA K 111 35.91 36.48 -33.16
CA ALA K 111 36.59 37.07 -34.31
C ALA K 111 35.70 38.13 -34.93
N ALA K 112 36.23 39.34 -35.04
CA ALA K 112 35.55 40.43 -35.70
C ALA K 112 35.44 40.16 -37.20
N PRO K 113 34.34 40.60 -37.81
CA PRO K 113 34.27 40.47 -39.27
C PRO K 113 35.26 41.37 -39.97
N SER K 114 35.77 40.91 -41.09
CA SER K 114 36.38 41.82 -42.06
C SER K 114 35.26 42.26 -42.98
N VAL K 115 35.14 43.57 -43.19
CA VAL K 115 33.98 44.14 -43.87
C VAL K 115 34.39 44.77 -45.19
N PHE K 116 33.65 44.42 -46.24
CA PHE K 116 33.86 44.91 -47.59
C PHE K 116 32.54 45.41 -48.17
N ILE K 117 32.60 46.54 -48.89
CA ILE K 117 31.45 47.04 -49.60
C ILE K 117 31.71 47.09 -51.11
N PHE K 118 30.71 46.68 -51.87
CA PHE K 118 30.77 46.63 -53.33
C PHE K 118 29.68 47.49 -53.95
N PRO K 119 30.07 48.49 -54.75
CA PRO K 119 29.10 49.23 -55.58
C PRO K 119 28.48 48.33 -56.63
N PRO K 120 27.32 48.72 -57.16
CA PRO K 120 26.77 48.01 -58.32
C PRO K 120 27.70 48.12 -59.51
N SER K 121 27.67 47.08 -60.35
CA SER K 121 28.44 47.10 -61.57
C SER K 121 27.74 47.98 -62.58
N ASP K 122 28.50 48.54 -63.50
CA ASP K 122 27.91 49.29 -64.61
C ASP K 122 26.96 48.42 -65.43
N GLU K 123 27.29 47.13 -65.53
CA GLU K 123 26.44 46.19 -66.26
C GLU K 123 25.07 46.10 -65.62
N GLN K 124 25.03 46.03 -64.29
CA GLN K 124 23.75 45.92 -63.64
C GLN K 124 22.95 47.21 -63.78
N LEU K 125 23.62 48.34 -63.62
CA LEU K 125 22.94 49.62 -63.72
C LEU K 125 22.28 49.81 -65.08
N LYS K 126 22.88 49.29 -66.16
CA LYS K 126 22.25 49.40 -67.48
C LYS K 126 20.95 48.63 -67.55
N SER K 127 20.78 47.62 -66.70
CA SER K 127 19.51 46.87 -66.68
C SER K 127 18.44 47.54 -65.80
N GLY K 128 18.83 48.62 -65.15
CA GLY K 128 17.85 49.44 -64.42
C GLY K 128 17.79 49.25 -62.93
N THR K 129 18.65 48.40 -62.39
CA THR K 129 18.67 48.21 -60.96
C THR K 129 20.08 48.30 -60.40
N ALA K 130 20.18 48.54 -59.09
CA ALA K 130 21.46 48.70 -58.43
C ALA K 130 21.49 47.87 -57.17
N SER K 131 22.39 46.89 -57.12
CA SER K 131 22.58 46.15 -55.90
C SER K 131 23.88 46.57 -55.26
N VAL K 132 23.79 47.04 -54.03
CA VAL K 132 24.99 47.35 -53.27
C VAL K 132 25.18 46.21 -52.28
N VAL K 133 26.37 45.65 -52.24
CA VAL K 133 26.61 44.48 -51.41
C VAL K 133 27.59 44.75 -50.29
N CYS K 134 27.25 44.31 -49.08
CA CYS K 134 28.12 44.42 -47.94
C CYS K 134 28.47 43.00 -47.49
N LEU K 135 29.76 42.72 -47.39
CA LEU K 135 30.24 41.41 -46.98
C LEU K 135 30.89 41.49 -45.62
N LEU K 136 30.45 40.62 -44.71
CA LEU K 136 31.03 40.50 -43.39
C LEU K 136 31.71 39.15 -43.37
N ASN K 137 33.03 39.12 -43.36
CA ASN K 137 33.71 37.87 -43.60
C ASN K 137 34.37 37.30 -42.35
N ASN K 138 34.16 35.99 -42.15
CA ASN K 138 34.90 35.19 -41.18
C ASN K 138 34.83 35.71 -39.74
N PHE K 139 33.62 35.77 -39.22
CA PHE K 139 33.42 36.27 -37.86
C PHE K 139 32.84 35.18 -36.95
N TYR K 140 32.93 35.41 -35.64
CA TYR K 140 32.41 34.51 -34.66
C TYR K 140 32.23 35.31 -33.38
N PRO K 141 31.09 35.16 -32.71
CA PRO K 141 29.98 34.27 -32.97
C PRO K 141 29.07 34.78 -34.09
N ARG K 142 27.97 34.05 -34.32
CA ARG K 142 27.13 34.27 -35.49
C ARG K 142 26.35 35.58 -35.48
N GLU K 143 26.04 36.09 -34.29
CA GLU K 143 25.23 37.30 -34.13
C GLU K 143 25.94 38.54 -34.67
N ALA K 144 25.33 39.20 -35.62
CA ALA K 144 25.91 40.37 -36.27
C ALA K 144 24.77 41.18 -36.78
N LYS K 145 24.97 42.48 -36.85
CA LYS K 145 23.93 43.38 -37.35
C LYS K 145 24.52 44.28 -38.44
N VAL K 146 23.78 44.44 -39.53
CA VAL K 146 24.16 45.35 -40.59
C VAL K 146 23.10 46.43 -40.71
N GLN K 147 23.53 47.66 -40.84
CA GLN K 147 22.64 48.76 -41.15
C GLN K 147 23.15 49.45 -42.41
N TRP K 148 22.23 49.83 -43.28
CA TRP K 148 22.58 50.53 -44.49
C TRP K 148 22.18 51.97 -44.39
N LYS K 149 23.08 52.87 -44.80
CA LYS K 149 22.76 54.27 -44.90
C LYS K 149 23.08 54.80 -46.29
N VAL K 150 22.19 55.64 -46.81
CA VAL K 150 22.35 56.29 -48.11
C VAL K 150 22.27 57.77 -47.82
N ASP K 151 23.34 58.49 -48.09
CA ASP K 151 23.49 59.89 -47.68
C ASP K 151 23.04 60.06 -46.21
N ASN K 152 23.53 59.15 -45.37
CA ASN K 152 23.31 59.14 -43.91
C ASN K 152 21.88 58.83 -43.46
N ALA K 153 21.02 58.44 -44.40
CA ALA K 153 19.65 58.06 -44.05
C ALA K 153 19.55 56.56 -43.96
N LEU K 154 19.11 56.06 -42.80
CA LEU K 154 18.94 54.63 -42.59
C LEU K 154 17.93 54.04 -43.54
N GLN K 155 18.33 52.97 -44.23
CA GLN K 155 17.45 52.27 -45.14
C GLN K 155 16.65 51.21 -44.41
N SER K 156 15.36 51.12 -44.75
CA SER K 156 14.53 50.08 -44.21
C SER K 156 13.70 49.44 -45.32
N GLY K 157 13.69 48.11 -45.36
CA GLY K 157 12.77 47.38 -46.22
C GLY K 157 13.32 47.01 -47.59
N ASN K 158 14.50 47.53 -47.91
CA ASN K 158 15.11 47.35 -49.22
C ASN K 158 16.43 46.63 -49.14
N SER K 159 16.66 45.86 -48.08
CA SER K 159 17.81 44.96 -48.04
C SER K 159 17.42 43.55 -47.67
N GLN K 160 18.28 42.62 -48.06
CA GLN K 160 18.14 41.21 -47.69
C GLN K 160 19.50 40.69 -47.33
N GLU K 161 19.55 39.75 -46.41
CA GLU K 161 20.85 39.19 -46.05
C GLU K 161 20.76 37.68 -45.92
N SER K 162 21.92 37.04 -46.02
CA SER K 162 21.99 35.63 -45.68
C SER K 162 23.35 35.33 -45.09
N VAL K 163 23.42 34.23 -44.36
CA VAL K 163 24.56 33.88 -43.56
C VAL K 163 24.96 32.45 -43.93
N THR K 164 26.25 32.21 -44.06
CA THR K 164 26.72 30.87 -44.35
C THR K 164 26.58 29.94 -43.11
N GLU K 165 26.60 28.64 -43.39
CA GLU K 165 26.78 27.66 -42.34
C GLU K 165 28.14 27.92 -41.69
N GLN K 166 28.33 27.48 -40.46
CA GLN K 166 29.63 27.55 -39.84
C GLN K 166 30.67 26.89 -40.73
N ASP K 167 31.77 27.59 -40.98
CA ASP K 167 32.80 27.09 -41.89
C ASP K 167 33.57 25.95 -41.24
N SER K 168 33.69 24.81 -41.91
CA SER K 168 34.40 23.70 -41.28
C SER K 168 35.87 24.03 -41.04
N LYS K 169 36.45 24.86 -41.89
CA LYS K 169 37.90 25.08 -41.88
C LYS K 169 38.34 25.98 -40.74
N ASP K 170 37.49 26.92 -40.33
CA ASP K 170 37.91 27.83 -39.26
C ASP K 170 36.81 28.18 -38.27
N SER K 171 35.67 27.52 -38.38
CA SER K 171 34.58 27.64 -37.43
C SER K 171 33.96 29.05 -37.42
N THR K 172 34.18 29.81 -38.49
CA THR K 172 33.60 31.13 -38.59
C THR K 172 32.33 31.16 -39.43
N TYR K 173 31.68 32.31 -39.43
CA TYR K 173 30.51 32.56 -40.26
C TYR K 173 30.82 33.75 -41.15
N SER K 174 30.07 33.86 -42.24
CA SER K 174 30.16 35.05 -43.08
C SER K 174 28.75 35.44 -43.44
N LEU K 175 28.55 36.70 -43.82
CA LEU K 175 27.23 37.25 -44.04
C LEU K 175 27.32 38.20 -45.20
N SER K 176 26.35 38.09 -46.09
CA SER K 176 26.21 38.98 -47.24
C SER K 176 24.90 39.73 -47.13
N SER K 177 24.96 41.06 -47.26
CA SER K 177 23.75 41.85 -47.28
C SER K 177 23.70 42.64 -48.57
N THR K 178 22.52 42.70 -49.18
CA THR K 178 22.33 43.40 -50.44
C THR K 178 21.27 44.45 -50.26
N LEU K 179 21.66 45.69 -50.57
CA LEU K 179 20.73 46.82 -50.64
C LEU K 179 20.36 46.99 -52.10
N THR K 180 19.06 46.99 -52.40
CA THR K 180 18.62 47.07 -53.79
C THR K 180 17.89 48.38 -54.01
N LEU K 181 18.35 49.15 -54.97
CA LEU K 181 17.73 50.41 -55.35
C LEU K 181 17.43 50.37 -56.85
N SER K 182 16.48 51.17 -57.29
CA SER K 182 16.33 51.41 -58.74
C SER K 182 17.56 52.14 -59.24
N LYS K 183 17.83 52.08 -60.53
CA LYS K 183 18.89 52.90 -61.10
C LYS K 183 18.69 54.38 -60.79
N ALA K 184 17.47 54.87 -61.00
CA ALA K 184 17.19 56.27 -60.81
C ALA K 184 17.53 56.72 -59.38
N ASP K 185 17.12 55.92 -58.41
CA ASP K 185 17.40 56.23 -57.00
C ASP K 185 18.89 56.18 -56.68
N TYR K 186 19.56 55.14 -57.17
CA TYR K 186 20.99 55.02 -56.95
C TYR K 186 21.74 56.25 -57.47
N GLU K 187 21.36 56.76 -58.62
CA GLU K 187 22.06 57.88 -59.22
C GLU K 187 21.67 59.21 -58.60
N LYS K 188 20.75 59.19 -57.64
CA LYS K 188 20.29 60.41 -57.02
C LYS K 188 21.07 60.70 -55.74
N HIS K 189 21.84 59.71 -55.28
CA HIS K 189 22.54 59.82 -54.00
C HIS K 189 24.02 59.57 -54.16
N LYS K 190 24.81 60.00 -53.16
CA LYS K 190 26.27 59.98 -53.26
C LYS K 190 26.92 58.94 -52.35
N VAL K 191 26.64 59.00 -51.05
CA VAL K 191 27.32 58.15 -50.05
C VAL K 191 26.54 56.89 -49.68
N TYR K 192 27.16 55.74 -49.91
CA TYR K 192 26.56 54.45 -49.61
C TYR K 192 27.39 53.81 -48.52
N ALA K 193 26.74 53.43 -47.44
CA ALA K 193 27.47 52.92 -46.31
C ALA K 193 26.80 51.72 -45.67
N CYS K 194 27.64 50.78 -45.28
CA CYS K 194 27.26 49.62 -44.50
C CYS K 194 27.87 49.81 -43.11
N GLU K 195 27.05 49.72 -42.06
CA GLU K 195 27.53 49.80 -40.66
C GLU K 195 27.35 48.46 -39.98
N VAL K 196 28.42 47.93 -39.40
CA VAL K 196 28.41 46.59 -38.86
C VAL K 196 28.64 46.58 -37.37
N THR K 197 27.77 45.87 -36.66
CA THR K 197 27.90 45.71 -35.22
C THR K 197 28.18 44.24 -34.94
N HIS K 198 29.14 43.98 -34.07
CA HIS K 198 29.52 42.61 -33.75
C HIS K 198 30.37 42.62 -32.49
N GLN K 199 30.24 41.55 -31.70
CA GLN K 199 30.90 41.44 -30.40
C GLN K 199 32.41 41.63 -30.47
N GLY K 200 33.00 41.22 -31.58
CA GLY K 200 34.43 41.34 -31.77
C GLY K 200 34.93 42.73 -32.09
N LEU K 201 34.01 43.66 -32.32
CA LEU K 201 34.34 45.05 -32.65
C LEU K 201 34.01 45.93 -31.45
N SER K 202 34.99 46.67 -30.96
CA SER K 202 34.79 47.56 -29.82
C SER K 202 33.84 48.70 -30.16
N SER K 203 33.76 49.08 -31.42
CA SER K 203 32.78 50.04 -31.91
C SER K 203 32.28 49.55 -33.25
N PRO K 204 31.04 49.89 -33.62
CA PRO K 204 30.55 49.49 -34.96
C PRO K 204 31.46 50.05 -36.05
N VAL K 205 31.62 49.29 -37.12
CA VAL K 205 32.50 49.65 -38.24
C VAL K 205 31.66 50.01 -39.45
N THR K 206 32.01 51.13 -40.07
CA THR K 206 31.36 51.57 -41.30
C THR K 206 32.30 51.45 -42.49
N LYS K 207 31.84 50.81 -43.56
CA LYS K 207 32.51 50.85 -44.84
C LYS K 207 31.59 51.58 -45.79
N SER K 208 32.16 52.45 -46.61
CA SER K 208 31.34 53.26 -47.49
C SER K 208 32.08 53.58 -48.75
N PHE K 209 31.32 54.03 -49.73
CA PHE K 209 31.89 54.62 -50.93
C PHE K 209 31.03 55.79 -51.39
N ASN K 210 31.65 56.64 -52.20
CA ASN K 210 30.95 57.72 -52.86
C ASN K 210 30.70 57.33 -54.30
N ARG K 211 29.45 57.39 -54.74
CA ARG K 211 29.14 57.00 -56.10
C ARG K 211 29.92 57.89 -57.04
N GLY K 212 30.58 57.28 -58.01
CA GLY K 212 31.32 58.03 -59.00
C GLY K 212 32.70 58.46 -58.56
N GLU K 213 33.20 57.84 -57.48
CA GLU K 213 34.56 58.10 -57.01
C GLU K 213 35.31 56.78 -56.80
N CYS K 214 36.58 56.77 -57.18
CA CYS K 214 37.50 55.67 -56.87
C CYS K 214 38.88 55.93 -57.47
N GLU L 1 21.81 -3.06 -47.30
CA GLU L 1 21.39 -1.94 -48.13
C GLU L 1 19.87 -1.86 -48.17
N VAL L 2 19.31 -0.73 -47.71
CA VAL L 2 17.87 -0.54 -47.65
C VAL L 2 17.49 0.78 -48.29
N GLN L 3 18.36 1.31 -49.15
CA GLN L 3 18.12 2.64 -49.72
C GLN L 3 16.96 2.61 -50.70
N LEU L 4 16.20 3.70 -50.72
CA LEU L 4 15.16 3.94 -51.70
C LEU L 4 15.48 5.21 -52.47
N LEU L 5 14.96 5.31 -53.69
CA LEU L 5 15.25 6.43 -54.58
C LEU L 5 13.96 7.12 -54.97
N GLU L 6 13.92 8.44 -54.81
CA GLU L 6 12.77 9.25 -55.14
C GLU L 6 12.95 9.86 -56.53
N SER L 7 11.98 9.63 -57.41
CA SER L 7 11.99 10.18 -58.76
C SER L 7 10.77 11.07 -58.96
N GLY L 8 10.88 11.96 -59.94
CA GLY L 8 9.80 12.87 -60.24
C GLY L 8 10.01 14.28 -59.71
N GLY L 9 8.93 14.95 -59.33
CA GLY L 9 9.02 16.31 -58.85
C GLY L 9 9.32 17.29 -59.96
N GLY L 10 9.50 18.55 -59.56
CA GLY L 10 9.82 19.62 -60.47
C GLY L 10 8.98 20.85 -60.19
N LEU L 11 8.84 21.70 -61.20
CA LEU L 11 8.09 22.94 -61.09
C LEU L 11 6.68 22.73 -61.62
N VAL L 12 5.68 23.16 -60.85
CA VAL L 12 4.28 23.02 -61.25
C VAL L 12 3.52 24.28 -60.87
N GLN L 13 2.51 24.60 -61.66
CA GLN L 13 1.66 25.74 -61.36
C GLN L 13 0.69 25.38 -60.23
N PRO L 14 0.40 26.29 -59.31
CA PRO L 14 -0.58 25.99 -58.26
C PRO L 14 -1.92 25.54 -58.83
N GLY L 15 -2.48 24.49 -58.23
CA GLY L 15 -3.71 23.88 -58.68
C GLY L 15 -3.53 22.63 -59.50
N GLU L 16 -2.30 22.32 -59.93
CA GLU L 16 -2.04 21.16 -60.74
C GLU L 16 -1.79 19.93 -59.87
N SER L 17 -1.62 18.79 -60.52
CA SER L 17 -1.30 17.54 -59.85
C SER L 17 0.12 17.10 -60.20
N LEU L 18 0.68 16.28 -59.32
CA LEU L 18 1.99 15.68 -59.52
C LEU L 18 2.20 14.49 -58.58
N ARG L 19 2.60 13.33 -59.12
CA ARG L 19 2.87 12.17 -58.28
C ARG L 19 4.37 11.90 -58.26
N VAL L 20 4.87 11.51 -57.08
CA VAL L 20 6.28 11.24 -56.87
C VAL L 20 6.45 9.76 -56.57
N SER L 21 7.42 9.15 -57.22
CA SER L 21 7.70 7.72 -57.06
C SER L 21 8.80 7.51 -56.02
N CYS L 22 8.83 6.29 -55.47
CA CYS L 22 9.83 5.93 -54.47
C CYS L 22 10.18 4.46 -54.67
N ALA L 23 11.27 4.21 -55.40
CA ALA L 23 11.71 2.86 -55.68
C ALA L 23 12.27 2.23 -54.41
N ALA L 24 11.47 1.37 -53.77
CA ALA L 24 11.90 0.71 -52.53
C ALA L 24 12.79 -0.47 -52.89
N SER L 25 14.09 -0.30 -52.74
CA SER L 25 15.06 -1.33 -53.05
C SER L 25 15.75 -1.80 -51.78
N GLY L 26 16.17 -3.07 -51.79
CA GLY L 26 17.01 -3.58 -50.72
C GLY L 26 16.33 -4.51 -49.74
N PHE L 27 16.69 -4.36 -48.46
CA PHE L 27 16.22 -5.28 -47.42
C PHE L 27 14.71 -5.29 -47.30
N THR L 28 14.05 -4.18 -47.63
CA THR L 28 12.61 -4.06 -47.47
C THR L 28 11.85 -5.08 -48.33
N PHE L 29 11.25 -6.07 -47.67
CA PHE L 29 10.38 -7.01 -48.38
C PHE L 29 9.07 -6.38 -48.81
N ARG L 30 8.77 -5.16 -48.34
CA ARG L 30 7.56 -4.43 -48.66
C ARG L 30 6.31 -5.15 -48.13
N ASP L 31 6.46 -5.81 -46.98
CA ASP L 31 5.35 -6.07 -46.09
C ASP L 31 5.41 -5.13 -44.89
N SER L 32 6.33 -4.17 -44.90
CA SER L 32 6.47 -3.15 -43.87
C SER L 32 5.96 -1.82 -44.40
N ALA L 33 5.70 -0.91 -43.47
CA ALA L 33 5.09 0.37 -43.83
C ALA L 33 6.11 1.32 -44.44
N LEU L 34 5.60 2.32 -45.17
CA LEU L 34 6.40 3.38 -45.76
C LEU L 34 5.67 4.69 -45.55
N SER L 35 6.44 5.79 -45.60
CA SER L 35 5.88 7.11 -45.32
C SER L 35 6.53 8.16 -46.22
N TRP L 36 5.84 9.29 -46.34
CA TRP L 36 6.35 10.47 -47.02
C TRP L 36 6.48 11.62 -46.04
N VAL L 37 7.58 12.35 -46.13
CA VAL L 37 7.84 13.51 -45.26
C VAL L 37 8.42 14.62 -46.12
N ARG L 38 7.81 15.81 -46.04
CA ARG L 38 8.24 16.95 -46.83
C ARG L 38 8.90 18.00 -45.95
N GLN L 39 9.83 18.74 -46.54
CA GLN L 39 10.53 19.81 -45.85
C GLN L 39 10.87 20.91 -46.85
N ALA L 40 10.45 22.13 -46.54
CA ALA L 40 10.85 23.24 -47.39
C ALA L 40 12.14 23.86 -46.88
N PRO L 41 13.07 24.18 -47.78
CA PRO L 41 14.30 24.88 -47.35
C PRO L 41 13.95 26.17 -46.62
N GLY L 42 14.42 26.27 -45.38
CA GLY L 42 14.01 27.33 -44.49
C GLY L 42 12.96 26.93 -43.47
N LYS L 43 12.47 25.70 -43.53
CA LYS L 43 11.51 25.16 -42.57
C LYS L 43 11.97 23.78 -42.13
N GLY L 44 11.35 23.28 -41.07
CA GLY L 44 11.68 21.99 -40.50
C GLY L 44 10.94 20.85 -41.17
N LEU L 45 11.09 19.66 -40.58
CA LEU L 45 10.44 18.48 -41.10
C LEU L 45 8.94 18.49 -40.79
N GLU L 46 8.18 17.74 -41.59
CA GLU L 46 6.75 17.60 -41.38
C GLU L 46 6.30 16.28 -42.00
N TRP L 47 5.73 15.42 -41.18
CA TRP L 47 5.20 14.15 -41.67
C TRP L 47 3.99 14.38 -42.58
N VAL L 48 3.97 13.70 -43.71
CA VAL L 48 2.91 13.90 -44.69
C VAL L 48 1.87 12.77 -44.60
N SER L 49 2.32 11.53 -44.73
CA SER L 49 1.39 10.42 -44.87
C SER L 49 2.13 9.11 -44.61
N ALA L 50 1.40 8.00 -44.76
CA ALA L 50 1.95 6.67 -44.54
C ALA L 50 1.11 5.65 -45.31
N ILE L 51 1.72 4.48 -45.54
CA ILE L 51 1.09 3.38 -46.25
C ILE L 51 1.37 2.10 -45.48
N SER L 52 0.47 1.12 -45.60
CA SER L 52 0.63 -0.13 -44.88
C SER L 52 0.00 -1.27 -45.67
N GLY L 53 0.74 -2.37 -45.79
CA GLY L 53 0.24 -3.58 -46.42
C GLY L 53 -0.40 -3.33 -47.76
N ASN L 54 -1.73 -3.31 -47.80
CA ASN L 54 -2.47 -2.98 -49.00
C ASN L 54 -3.16 -1.64 -48.77
N GLY L 55 -4.45 -1.60 -48.53
CA GLY L 55 -5.16 -0.36 -48.35
C GLY L 55 -5.46 0.01 -46.91
N GLY L 56 -4.51 -0.26 -46.02
CA GLY L 56 -4.67 0.10 -44.62
C GLY L 56 -4.34 1.54 -44.26
N ALA L 57 -3.96 2.37 -45.24
CA ALA L 57 -3.57 3.76 -44.99
C ALA L 57 -3.66 4.58 -46.28
N THR L 58 -4.53 5.59 -46.42
CA THR L 58 -5.59 6.12 -45.53
C THR L 58 -5.07 6.94 -44.33
N TYR L 59 -3.76 7.12 -44.23
CA TYR L 59 -3.18 7.98 -43.18
C TYR L 59 -2.56 9.22 -43.83
N TYR L 60 -3.24 10.36 -43.71
CA TYR L 60 -2.78 11.62 -44.29
C TYR L 60 -2.80 12.71 -43.23
N ALA L 61 -1.88 13.67 -43.35
CA ALA L 61 -1.85 14.79 -42.44
C ALA L 61 -2.99 15.77 -42.75
N ASP L 62 -3.34 16.57 -41.74
CA ASP L 62 -4.44 17.52 -41.89
C ASP L 62 -4.16 18.57 -42.95
N THR L 63 -2.89 18.85 -43.25
CA THR L 63 -2.58 19.83 -44.29
C THR L 63 -2.98 19.32 -45.67
N VAL L 64 -2.84 18.02 -45.92
CA VAL L 64 -3.13 17.43 -47.21
C VAL L 64 -4.26 16.40 -47.12
N LYS L 65 -5.13 16.54 -46.11
CA LYS L 65 -6.17 15.54 -45.87
C LYS L 65 -7.07 15.34 -47.08
N GLY L 66 -7.36 16.40 -47.83
CA GLY L 66 -8.20 16.30 -49.00
C GLY L 66 -7.49 16.45 -50.33
N ARG L 67 -6.16 16.47 -50.36
CA ARG L 67 -5.42 16.71 -51.59
C ARG L 67 -4.53 15.54 -51.97
N PHE L 68 -3.72 15.04 -51.03
CA PHE L 68 -2.75 14.00 -51.35
C PHE L 68 -3.36 12.61 -51.17
N THR L 69 -2.95 11.68 -52.04
CA THR L 69 -3.39 10.30 -51.97
C THR L 69 -2.19 9.39 -52.22
N ILE L 70 -2.07 8.34 -51.41
CA ILE L 70 -0.87 7.51 -51.35
C ILE L 70 -1.18 6.16 -52.01
N SER L 71 -0.37 5.79 -52.98
CA SER L 71 -0.49 4.53 -53.70
C SER L 71 0.68 3.62 -53.37
N ARG L 72 0.46 2.32 -53.53
CA ARG L 72 1.50 1.33 -53.32
C ARG L 72 1.38 0.26 -54.39
N ASP L 73 2.50 -0.04 -55.05
CA ASP L 73 2.57 -1.05 -56.11
C ASP L 73 3.64 -2.05 -55.72
N ASN L 74 3.24 -3.08 -54.96
CA ASN L 74 4.19 -4.08 -54.49
C ASN L 74 4.73 -4.96 -55.62
N SER L 75 4.00 -5.08 -56.73
CA SER L 75 4.49 -5.90 -57.84
C SER L 75 5.75 -5.32 -58.45
N GLN L 76 5.82 -3.99 -58.59
CA GLN L 76 7.02 -3.32 -59.08
C GLN L 76 7.82 -2.67 -57.96
N THR L 77 7.39 -2.83 -56.71
CA THR L 77 8.13 -2.35 -55.53
C THR L 77 8.41 -0.86 -55.62
N THR L 78 7.33 -0.07 -55.72
CA THR L 78 7.44 1.37 -55.82
C THR L 78 6.31 2.02 -55.05
N LEU L 79 6.64 3.04 -54.25
CA LEU L 79 5.66 3.80 -53.49
C LEU L 79 5.39 5.13 -54.18
N TYR L 80 4.11 5.50 -54.22
CA TYR L 80 3.68 6.70 -54.92
C TYR L 80 2.98 7.67 -53.99
N LEU L 81 2.75 8.89 -54.50
CA LEU L 81 2.07 9.93 -53.74
C LEU L 81 1.53 10.95 -54.74
N GLN L 82 0.24 10.86 -55.04
CA GLN L 82 -0.42 11.75 -55.99
C GLN L 82 -0.80 13.04 -55.28
N MET L 83 -0.10 14.13 -55.59
CA MET L 83 -0.30 15.42 -54.93
C MET L 83 -1.17 16.29 -55.82
N ASN L 84 -2.47 16.30 -55.55
CA ASN L 84 -3.43 17.07 -56.33
C ASN L 84 -3.78 18.39 -55.64
N SER L 85 -4.25 19.34 -56.43
CA SER L 85 -4.65 20.67 -55.94
C SER L 85 -3.52 21.31 -55.15
N LEU L 86 -2.33 21.32 -55.74
CA LEU L 86 -1.16 21.84 -55.07
C LEU L 86 -1.27 23.35 -54.86
N ARG L 87 -0.92 23.80 -53.66
CA ARG L 87 -0.90 25.21 -53.31
C ARG L 87 0.54 25.69 -53.18
N ALA L 88 0.70 26.98 -52.86
CA ALA L 88 2.02 27.57 -52.82
C ALA L 88 2.89 26.96 -51.73
N ASP L 89 2.32 26.75 -50.54
CA ASP L 89 3.08 26.22 -49.42
C ASP L 89 3.48 24.76 -49.57
N ASP L 90 3.05 24.09 -50.64
CA ASP L 90 3.42 22.70 -50.87
C ASP L 90 4.84 22.56 -51.42
N THR L 91 5.53 23.66 -51.68
CA THR L 91 6.91 23.60 -52.16
C THR L 91 7.81 23.08 -51.05
N ALA L 92 8.39 21.90 -51.27
CA ALA L 92 9.21 21.25 -50.24
C ALA L 92 10.03 20.16 -50.88
N THR L 93 11.00 19.65 -50.12
CA THR L 93 11.81 18.51 -50.53
C THR L 93 11.17 17.25 -49.95
N TYR L 94 10.35 16.57 -50.76
CA TYR L 94 9.59 15.42 -50.28
C TYR L 94 10.51 14.22 -50.10
N TYR L 95 10.61 13.74 -48.86
CA TYR L 95 11.44 12.59 -48.52
C TYR L 95 10.57 11.35 -48.38
N CYS L 96 11.02 10.26 -48.97
CA CYS L 96 10.41 8.94 -48.78
C CYS L 96 11.19 8.22 -47.69
N ALA L 97 10.51 7.82 -46.63
CA ALA L 97 11.17 7.30 -45.44
C ALA L 97 10.66 5.91 -45.10
N LYS L 98 11.58 5.02 -44.73
CA LYS L 98 11.21 3.72 -44.20
C LYS L 98 10.46 3.90 -42.88
N ASP L 99 9.75 2.84 -42.47
CA ASP L 99 8.99 2.85 -41.23
C ASP L 99 9.23 1.55 -40.49
N GLU L 100 9.63 1.66 -39.22
CA GLU L 100 9.87 0.52 -38.36
C GLU L 100 9.07 0.68 -37.08
N SER L 101 8.66 -0.45 -36.51
CA SER L 101 7.90 -0.48 -35.28
C SER L 101 8.52 -1.45 -34.30
N PRO L 102 8.31 -1.25 -33.00
CA PRO L 102 8.76 -2.23 -32.01
C PRO L 102 8.16 -3.60 -32.28
N PRO L 103 8.93 -4.67 -32.08
CA PRO L 103 8.42 -6.01 -32.46
C PRO L 103 7.22 -6.46 -31.65
N ILE L 104 6.91 -5.81 -30.52
CA ILE L 104 5.73 -6.19 -29.76
C ILE L 104 4.45 -5.82 -30.53
N TYR L 105 4.48 -4.73 -31.28
CA TYR L 105 3.35 -4.35 -32.12
C TYR L 105 3.43 -5.12 -33.43
N ASN L 106 2.61 -4.70 -34.41
CA ASN L 106 2.56 -5.33 -35.72
C ASN L 106 2.31 -6.83 -35.60
N LEU L 107 1.09 -7.14 -35.19
CA LEU L 107 0.68 -8.53 -34.99
C LEU L 107 0.69 -9.29 -36.30
N MET L 108 -0.19 -8.91 -37.23
CA MET L 108 -0.14 -9.46 -38.58
C MET L 108 0.93 -8.74 -39.39
N PRO L 109 1.80 -9.46 -40.10
CA PRO L 109 2.95 -8.80 -40.74
C PRO L 109 2.56 -7.71 -41.73
N GLY L 110 1.42 -7.83 -42.39
CA GLY L 110 1.06 -6.88 -43.42
C GLY L 110 0.46 -5.58 -42.93
N TYR L 111 -0.42 -5.66 -41.93
CA TYR L 111 -1.23 -4.52 -41.54
C TYR L 111 -0.37 -3.48 -40.81
N TYR L 112 -1.02 -2.38 -40.42
CA TYR L 112 -0.35 -1.21 -39.87
C TYR L 112 -0.20 -1.35 -38.36
N SER L 113 1.01 -1.09 -37.87
CA SER L 113 1.27 -0.91 -36.45
C SER L 113 1.26 0.59 -36.16
N THR L 114 0.32 1.03 -35.34
CA THR L 114 0.05 2.46 -35.22
C THR L 114 1.17 3.23 -34.50
N TYR L 115 2.35 2.63 -34.39
CA TYR L 115 3.50 3.29 -33.75
C TYR L 115 4.74 3.01 -34.61
N TYR L 116 5.08 3.94 -35.49
CA TYR L 116 6.22 3.81 -36.38
C TYR L 116 7.24 4.92 -36.16
N TYR L 117 8.50 4.57 -36.34
CA TYR L 117 9.61 5.52 -36.39
C TYR L 117 10.41 5.25 -37.65
N MET L 118 10.79 6.32 -38.35
CA MET L 118 11.49 6.22 -39.62
C MET L 118 12.99 6.07 -39.39
N ASP L 119 13.58 5.04 -40.00
CA ASP L 119 14.98 4.69 -39.80
C ASP L 119 15.85 5.00 -41.00
N VAL L 120 15.44 4.59 -42.19
CA VAL L 120 16.22 4.78 -43.41
C VAL L 120 15.51 5.84 -44.26
N TRP L 121 16.17 6.97 -44.44
CA TRP L 121 15.65 8.07 -45.24
C TRP L 121 16.19 8.01 -46.66
N GLY L 122 15.48 8.65 -47.58
CA GLY L 122 15.85 8.68 -48.97
C GLY L 122 16.60 9.95 -49.35
N LYS L 123 17.00 9.99 -50.63
CA LYS L 123 17.73 11.14 -51.12
C LYS L 123 16.84 12.38 -51.24
N GLY L 124 15.55 12.19 -51.50
CA GLY L 124 14.63 13.30 -51.58
C GLY L 124 14.48 13.89 -52.96
N THR L 125 13.26 14.32 -53.30
CA THR L 125 12.98 15.00 -54.55
C THR L 125 12.37 16.36 -54.25
N THR L 126 12.92 17.40 -54.86
CA THR L 126 12.45 18.77 -54.64
C THR L 126 11.30 19.08 -55.57
N VAL L 127 10.21 19.59 -55.00
CA VAL L 127 9.02 19.99 -55.76
C VAL L 127 8.75 21.46 -55.47
N THR L 128 8.73 22.27 -56.52
CA THR L 128 8.49 23.70 -56.41
C THR L 128 7.13 24.03 -57.04
N VAL L 129 6.28 24.70 -56.28
CA VAL L 129 4.94 25.10 -56.73
C VAL L 129 4.92 26.62 -56.74
N SER L 130 4.94 27.18 -57.95
CA SER L 130 4.76 28.60 -58.15
C SER L 130 3.99 28.86 -59.44
N SER L 131 3.84 30.13 -59.75
CA SER L 131 3.42 30.58 -61.07
C SER L 131 4.64 31.09 -61.82
N ALA L 132 5.82 30.79 -61.29
CA ALA L 132 7.05 31.25 -61.88
C ALA L 132 7.13 30.73 -63.29
N SER L 133 8.25 31.00 -63.93
CA SER L 133 8.44 30.62 -65.31
C SER L 133 9.92 30.68 -65.54
N THR L 134 10.51 29.52 -65.70
CA THR L 134 11.94 29.37 -65.54
C THR L 134 12.68 30.56 -66.18
N LYS L 135 13.73 31.02 -65.50
CA LYS L 135 14.52 32.15 -65.96
C LYS L 135 15.97 32.02 -65.50
N GLY L 136 16.90 32.18 -66.45
CA GLY L 136 18.32 32.15 -66.13
C GLY L 136 18.83 33.43 -65.48
N PRO L 137 19.95 33.32 -64.75
CA PRO L 137 20.45 34.48 -63.99
C PRO L 137 21.24 35.48 -64.82
N SER L 138 21.28 36.71 -64.32
CA SER L 138 22.26 37.71 -64.71
C SER L 138 23.40 37.62 -63.70
N VAL L 139 24.63 37.77 -64.18
CA VAL L 139 25.77 37.64 -63.28
C VAL L 139 26.55 38.93 -63.30
N PHE L 140 26.71 39.54 -62.13
CA PHE L 140 27.38 40.83 -62.03
C PHE L 140 28.60 40.72 -61.14
N PRO L 141 29.64 41.49 -61.46
CA PRO L 141 30.84 41.39 -60.64
C PRO L 141 30.72 42.16 -59.33
N LEU L 142 31.31 41.61 -58.28
CA LEU L 142 31.55 42.33 -57.03
C LEU L 142 33.05 42.61 -57.00
N ALA L 143 33.42 43.79 -57.45
CA ALA L 143 34.81 44.05 -57.78
C ALA L 143 35.60 44.43 -56.55
N PRO L 144 36.84 43.91 -56.44
CA PRO L 144 37.71 44.28 -55.32
C PRO L 144 38.17 45.70 -55.47
N SER L 145 38.20 46.44 -54.37
CA SER L 145 38.62 47.84 -54.44
C SER L 145 39.68 48.13 -53.40
N GLY L 152 46.40 43.57 -47.05
CA GLY L 152 47.00 42.32 -47.52
C GLY L 152 45.98 41.41 -48.17
N THR L 153 44.73 41.49 -47.71
CA THR L 153 43.66 40.62 -48.20
C THR L 153 42.51 41.39 -48.84
N ALA L 154 42.10 40.94 -50.01
CA ALA L 154 40.98 41.56 -50.73
C ALA L 154 39.82 40.57 -50.91
N ALA L 155 38.62 41.11 -50.99
CA ALA L 155 37.46 40.28 -51.28
C ALA L 155 36.91 40.64 -52.64
N LEU L 156 36.48 39.64 -53.39
CA LEU L 156 35.82 39.88 -54.67
C LEU L 156 34.73 38.83 -54.80
N GLY L 157 33.83 38.98 -55.77
CA GLY L 157 32.74 38.04 -55.87
C GLY L 157 31.88 38.25 -57.10
N CYS L 158 30.77 37.52 -57.14
CA CYS L 158 29.81 37.61 -58.24
C CYS L 158 28.45 37.62 -57.60
N LEU L 159 27.58 38.46 -58.12
CA LEU L 159 26.18 38.45 -57.73
C LEU L 159 25.40 37.76 -58.84
N VAL L 160 24.68 36.71 -58.48
CA VAL L 160 23.89 35.93 -59.41
C VAL L 160 22.44 36.25 -59.16
N LYS L 161 21.84 37.03 -60.04
CA LYS L 161 20.58 37.66 -59.73
C LYS L 161 19.48 37.30 -60.72
N ASP L 162 18.27 37.25 -60.18
CA ASP L 162 17.05 37.17 -60.97
C ASP L 162 16.92 35.88 -61.75
N TYR L 163 17.05 34.77 -61.04
CA TYR L 163 16.83 33.46 -61.65
C TYR L 163 15.75 32.68 -60.94
N PHE L 164 15.27 31.65 -61.63
CA PHE L 164 14.21 30.82 -61.09
C PHE L 164 14.13 29.55 -61.91
N PRO L 165 13.94 28.41 -61.24
CA PRO L 165 13.94 28.12 -59.81
C PRO L 165 15.35 27.87 -59.33
N GLU L 166 15.50 27.60 -58.04
CA GLU L 166 16.74 27.03 -57.55
C GLU L 166 16.98 25.67 -58.18
N PRO L 167 18.24 25.22 -58.20
CA PRO L 167 19.42 25.90 -57.67
C PRO L 167 20.32 26.43 -58.76
N VAL L 168 21.34 27.19 -58.36
CA VAL L 168 22.46 27.52 -59.23
C VAL L 168 23.72 26.96 -58.59
N THR L 169 24.74 26.72 -59.39
CA THR L 169 26.04 26.34 -58.86
C THR L 169 27.03 27.42 -59.24
N VAL L 170 27.94 27.72 -58.33
CA VAL L 170 28.99 28.67 -58.60
C VAL L 170 30.33 28.02 -58.29
N SER L 171 31.27 28.16 -59.22
CA SER L 171 32.65 27.80 -58.94
C SER L 171 33.54 28.98 -59.33
N TRP L 172 34.80 28.93 -58.91
CA TRP L 172 35.76 29.95 -59.27
C TRP L 172 36.94 29.36 -60.04
N ASN L 173 37.32 30.02 -61.14
CA ASN L 173 38.44 29.60 -61.97
C ASN L 173 38.31 28.12 -62.33
N SER L 174 37.10 27.76 -62.76
CA SER L 174 36.76 26.41 -63.15
C SER L 174 37.06 25.40 -62.04
N GLY L 175 36.89 25.82 -60.79
CA GLY L 175 37.12 24.93 -59.67
C GLY L 175 38.55 24.84 -59.19
N ALA L 176 39.44 25.65 -59.77
CA ALA L 176 40.83 25.70 -59.33
C ALA L 176 41.01 26.59 -58.09
N LEU L 177 40.00 27.41 -57.80
CA LEU L 177 40.04 28.29 -56.64
C LEU L 177 38.97 27.84 -55.66
N THR L 178 39.41 27.37 -54.49
CA THR L 178 38.52 26.83 -53.47
C THR L 178 38.71 27.55 -52.15
N SER L 179 39.96 27.78 -51.77
CA SER L 179 40.29 28.40 -50.50
C SER L 179 39.62 29.75 -50.44
N GLY L 180 38.86 29.97 -49.38
CA GLY L 180 38.36 31.31 -49.11
C GLY L 180 37.07 31.61 -49.82
N VAL L 181 36.51 30.64 -50.55
CA VAL L 181 35.25 30.86 -51.25
C VAL L 181 34.07 30.63 -50.31
N HIS L 182 33.13 31.55 -50.37
CA HIS L 182 31.84 31.41 -49.70
C HIS L 182 30.74 31.69 -50.69
N THR L 183 29.90 30.70 -50.93
CA THR L 183 28.70 30.90 -51.73
C THR L 183 27.52 30.85 -50.79
N PHE L 184 26.77 31.94 -50.77
CA PHE L 184 25.71 32.11 -49.80
C PHE L 184 24.39 31.49 -50.24
N PRO L 185 23.52 31.18 -49.27
CA PRO L 185 22.17 30.78 -49.65
C PRO L 185 21.48 31.89 -50.43
N ALA L 186 20.68 31.50 -51.41
CA ALA L 186 19.96 32.45 -52.21
C ALA L 186 18.87 33.06 -51.37
N VAL L 187 18.46 34.26 -51.74
CA VAL L 187 17.28 34.85 -51.13
C VAL L 187 16.25 35.01 -52.23
N LEU L 188 14.98 34.99 -51.84
CA LEU L 188 13.86 35.11 -52.76
C LEU L 188 13.40 36.55 -52.73
N GLN L 189 13.43 37.20 -53.88
CA GLN L 189 12.96 38.57 -53.98
C GLN L 189 11.43 38.65 -54.21
N SER L 190 10.87 39.85 -54.05
CA SER L 190 9.43 40.08 -54.16
C SER L 190 8.88 39.80 -55.56
N SER L 191 9.77 39.78 -56.54
CA SER L 191 9.44 39.44 -57.92
C SER L 191 9.23 37.94 -58.05
N GLY L 192 9.69 37.21 -57.04
CA GLY L 192 9.61 35.77 -57.06
C GLY L 192 10.85 35.12 -57.66
N LEU L 193 11.87 35.93 -57.97
CA LEU L 193 13.16 35.42 -58.46
C LEU L 193 14.22 35.39 -57.36
N TYR L 194 15.18 34.48 -57.50
CA TYR L 194 16.25 34.34 -56.51
C TYR L 194 17.47 35.18 -56.81
N SER L 195 18.25 35.49 -55.78
CA SER L 195 19.49 36.23 -55.90
C SER L 195 20.48 35.65 -54.89
N LEU L 196 21.71 35.40 -55.31
CA LEU L 196 22.72 34.93 -54.38
C LEU L 196 24.06 35.54 -54.72
N SER L 197 24.95 35.52 -53.74
CA SER L 197 26.28 36.03 -53.95
C SER L 197 27.30 34.93 -53.66
N SER L 198 28.42 34.97 -54.37
CA SER L 198 29.53 34.10 -54.06
C SER L 198 30.74 34.99 -53.97
N VAL L 199 31.55 34.78 -52.95
CA VAL L 199 32.69 35.66 -52.75
C VAL L 199 33.94 34.86 -52.50
N VAL L 200 35.07 35.50 -52.69
CA VAL L 200 36.32 34.85 -52.36
C VAL L 200 37.26 35.91 -51.81
N THR L 201 38.07 35.53 -50.84
CA THR L 201 39.09 36.45 -50.34
C THR L 201 40.42 35.97 -50.90
N VAL L 202 41.23 36.91 -51.35
CA VAL L 202 42.48 36.56 -51.99
C VAL L 202 43.53 37.57 -51.58
N PRO L 203 44.82 37.25 -51.80
CA PRO L 203 45.84 38.25 -51.46
C PRO L 203 45.69 39.49 -52.33
N SER L 204 45.75 40.67 -51.72
CA SER L 204 45.69 41.92 -52.49
C SER L 204 46.72 41.91 -53.62
N SER L 205 47.86 41.29 -53.37
CA SER L 205 48.96 41.29 -54.32
C SER L 205 48.66 40.46 -55.58
N SER L 206 47.61 39.66 -55.55
CA SER L 206 47.31 38.77 -56.68
C SER L 206 46.46 39.50 -57.73
N LEU L 207 45.93 40.66 -57.35
CA LEU L 207 45.06 41.41 -58.25
C LEU L 207 45.97 42.21 -59.18
N GLY L 208 46.09 41.77 -60.42
CA GLY L 208 47.02 42.38 -61.35
C GLY L 208 47.77 41.30 -62.09
N THR L 209 48.05 40.21 -61.39
CA THR L 209 48.68 39.04 -62.01
C THR L 209 47.66 37.95 -62.30
N GLN L 210 46.71 37.79 -61.40
CA GLN L 210 45.84 36.62 -61.40
C GLN L 210 44.41 36.96 -61.84
N THR L 211 43.90 36.20 -62.80
CA THR L 211 42.52 36.39 -63.24
C THR L 211 41.55 35.57 -62.39
N TYR L 212 40.46 36.21 -62.00
CA TYR L 212 39.41 35.54 -61.25
C TYR L 212 38.13 35.56 -62.08
N ILE L 213 37.58 34.37 -62.28
CA ILE L 213 36.37 34.22 -63.06
C ILE L 213 35.39 33.37 -62.26
N CYS L 214 34.17 33.84 -62.11
CA CYS L 214 33.16 32.99 -61.49
C CYS L 214 32.37 32.27 -62.58
N ASN L 215 32.15 30.98 -62.38
CA ASN L 215 31.47 30.13 -63.33
C ASN L 215 30.13 29.77 -62.76
N VAL L 216 29.05 30.19 -63.40
CA VAL L 216 27.72 30.03 -62.84
C VAL L 216 26.94 29.09 -63.74
N ASN L 217 26.30 28.09 -63.14
CA ASN L 217 25.50 27.14 -63.89
C ASN L 217 24.09 27.07 -63.33
N HIS L 218 23.11 27.30 -64.19
CA HIS L 218 21.71 27.19 -63.81
C HIS L 218 21.08 26.17 -64.75
N LYS L 219 21.11 24.93 -64.31
CA LYS L 219 20.72 23.81 -65.15
C LYS L 219 19.24 23.85 -65.53
N PRO L 220 18.38 24.39 -64.65
CA PRO L 220 16.97 24.45 -65.04
C PRO L 220 16.72 25.24 -66.32
N SER L 221 17.55 26.24 -66.61
CA SER L 221 17.40 26.99 -67.86
C SER L 221 18.54 26.70 -68.81
N ASN L 222 19.32 25.67 -68.50
CA ASN L 222 20.53 25.33 -69.25
C ASN L 222 21.31 26.58 -69.63
N THR L 223 21.55 27.42 -68.63
CA THR L 223 22.28 28.66 -68.84
C THR L 223 23.62 28.53 -68.13
N LYS L 224 24.65 29.10 -68.74
CA LYS L 224 26.00 28.91 -68.27
C LYS L 224 26.76 30.19 -68.50
N VAL L 225 27.26 30.79 -67.43
CA VAL L 225 27.91 32.08 -67.54
C VAL L 225 29.27 32.04 -66.88
N ASP L 226 30.31 32.49 -67.59
CA ASP L 226 31.57 32.82 -66.93
C ASP L 226 31.70 34.34 -66.87
N LYS L 227 32.02 34.86 -65.70
CA LYS L 227 32.14 36.29 -65.50
C LYS L 227 33.48 36.64 -64.89
N ARG L 228 34.32 37.32 -65.64
CA ARG L 228 35.60 37.76 -65.12
C ARG L 228 35.39 38.97 -64.22
N VAL L 229 35.98 38.90 -63.03
CA VAL L 229 35.85 39.94 -62.02
C VAL L 229 37.17 40.69 -61.89
N GLU L 230 37.15 41.95 -62.31
CA GLU L 230 38.36 42.76 -62.37
C GLU L 230 38.31 43.91 -61.37
N PRO L 231 39.45 44.26 -60.79
CA PRO L 231 39.51 45.51 -60.02
C PRO L 231 39.16 46.69 -60.93
N LYS L 232 38.49 47.71 -60.42
CA LYS L 232 38.04 48.82 -61.27
C LYS L 232 38.50 50.19 -60.78
N GLN M 1 -12.77 17.45 56.42
CA GLN M 1 -11.36 17.48 56.10
C GLN M 1 -10.94 18.72 55.29
N VAL M 2 -11.87 19.36 54.57
CA VAL M 2 -11.67 20.69 54.01
C VAL M 2 -12.95 21.52 54.07
N GLN M 3 -12.84 22.81 54.36
CA GLN M 3 -13.96 23.74 54.21
C GLN M 3 -13.69 24.79 53.12
N LEU M 4 -14.73 25.13 52.37
CA LEU M 4 -14.62 25.95 51.15
C LEU M 4 -15.66 27.08 51.16
N GLU M 5 -15.24 28.30 51.42
CA GLU M 5 -16.10 29.49 51.53
C GLU M 5 -15.90 30.44 50.32
N GLU M 6 -16.95 30.69 49.54
CA GLU M 6 -16.86 31.54 48.35
C GLU M 6 -17.17 32.98 48.72
N SER M 7 -16.55 33.92 48.00
CA SER M 7 -16.72 35.36 48.21
C SER M 7 -16.58 36.12 46.90
N GLY M 8 -17.16 37.31 46.87
CA GLY M 8 -17.14 38.11 45.67
C GLY M 8 -18.34 39.04 45.58
N PRO M 9 -18.38 39.87 44.53
CA PRO M 9 -19.18 41.10 44.62
C PRO M 9 -20.66 40.85 44.85
N GLY M 10 -21.26 39.98 44.06
CA GLY M 10 -22.68 39.78 44.04
C GLY M 10 -23.38 40.52 42.92
N LEU M 11 -22.86 41.69 42.54
CA LEU M 11 -23.42 42.46 41.43
C LEU M 11 -22.26 42.94 40.57
N VAL M 12 -22.32 42.66 39.27
CA VAL M 12 -21.30 43.09 38.32
C VAL M 12 -22.05 43.70 37.14
N LYS M 13 -21.52 44.80 36.60
CA LYS M 13 -22.19 45.41 35.48
C LYS M 13 -21.82 44.70 34.18
N PRO M 14 -22.74 44.71 33.21
CA PRO M 14 -22.46 44.07 31.91
C PRO M 14 -21.20 44.63 31.26
N SER M 15 -20.44 43.72 30.62
CA SER M 15 -19.17 43.94 29.95
C SER M 15 -18.00 44.05 30.95
N GLU M 16 -18.26 44.09 32.25
CA GLU M 16 -17.19 44.21 33.23
C GLU M 16 -16.68 42.81 33.60
N THR M 17 -15.68 42.76 34.47
CA THR M 17 -15.03 41.51 34.84
C THR M 17 -15.57 40.99 36.16
N LEU M 18 -15.89 39.71 36.17
CA LEU M 18 -16.35 39.01 37.36
C LEU M 18 -15.16 38.37 38.03
N SER M 19 -14.99 38.65 39.33
CA SER M 19 -13.91 38.06 40.13
C SER M 19 -14.53 37.39 41.34
N LEU M 20 -14.13 36.15 41.60
CA LEU M 20 -14.55 35.44 42.79
C LEU M 20 -13.36 34.80 43.50
N THR M 21 -13.49 34.63 44.81
CA THR M 21 -12.43 33.99 45.60
C THR M 21 -13.05 32.89 46.44
N CYS M 22 -12.26 31.84 46.65
CA CYS M 22 -12.62 30.69 47.49
C CYS M 22 -11.62 30.57 48.62
N SER M 23 -12.08 30.79 49.84
CA SER M 23 -11.20 30.61 50.99
C SER M 23 -11.24 29.15 51.44
N VAL M 24 -10.06 28.55 51.52
CA VAL M 24 -9.91 27.13 51.78
C VAL M 24 -9.46 26.98 53.23
N SER M 25 -10.12 26.11 53.98
CA SER M 25 -9.68 25.75 55.32
C SER M 25 -9.53 24.25 55.45
N GLY M 26 -8.49 23.80 56.14
CA GLY M 26 -8.33 22.40 56.47
C GLY M 26 -7.27 21.69 55.67
N VAL M 27 -6.95 22.19 54.47
CA VAL M 27 -5.81 21.74 53.69
C VAL M 27 -5.14 22.95 53.07
N SER M 28 -3.95 22.69 52.54
CA SER M 28 -3.15 23.68 51.87
C SER M 28 -3.42 23.59 50.37
N VAL M 29 -3.57 24.76 49.74
CA VAL M 29 -3.68 24.87 48.29
C VAL M 29 -2.36 24.51 47.58
N THR M 30 -1.26 24.26 48.30
CA THR M 30 0.03 23.89 47.68
C THR M 30 0.26 22.37 47.50
N SER M 31 -0.72 21.55 47.81
CA SER M 31 -0.65 20.10 47.71
C SER M 31 -0.67 19.60 46.25
N ASP M 32 0.25 18.71 45.94
CA ASP M 32 0.44 18.12 44.64
C ASP M 32 -0.71 17.33 44.07
N ILE M 33 -1.61 16.83 44.89
CA ILE M 33 -2.69 16.03 44.34
C ILE M 33 -4.07 16.61 44.27
N TYR M 34 -4.29 17.80 44.81
CA TYR M 34 -5.65 18.29 44.74
C TYR M 34 -5.72 19.28 43.61
N TYR M 35 -6.92 19.38 43.06
CA TYR M 35 -7.23 20.44 42.14
C TYR M 35 -8.46 21.19 42.61
N TRP M 36 -8.57 22.41 42.11
CA TRP M 36 -9.55 23.37 42.60
C TRP M 36 -10.38 23.75 41.38
N THR M 37 -11.69 23.75 41.54
CA THR M 37 -12.64 23.79 40.44
C THR M 37 -13.68 24.85 40.71
N TRP M 38 -14.20 25.44 39.63
CA TRP M 38 -15.41 26.24 39.70
C TRP M 38 -16.48 25.62 38.81
N ILE M 39 -17.71 25.69 39.28
CA ILE M 39 -18.91 25.25 38.58
C ILE M 39 -19.98 26.33 38.78
N ARG M 40 -20.91 26.43 37.84
CA ARG M 40 -21.95 27.45 37.98
C ARG M 40 -23.29 26.88 37.55
N GLN M 41 -24.34 27.53 38.01
CA GLN M 41 -25.69 27.13 37.68
C GLN M 41 -26.53 28.41 37.54
N PRO M 42 -26.88 28.79 36.30
CA PRO M 42 -27.82 29.88 36.12
C PRO M 42 -29.13 29.57 36.75
N PRO M 43 -29.89 30.60 37.23
CA PRO M 43 -31.25 30.38 37.78
C PRO M 43 -32.12 29.47 36.92
N GLY M 44 -32.57 28.36 37.48
CA GLY M 44 -33.48 27.50 36.74
C GLY M 44 -32.83 26.73 35.60
N LYS M 45 -31.52 26.72 35.51
CA LYS M 45 -30.82 25.97 34.47
C LYS M 45 -29.92 24.87 35.07
N GLY M 46 -29.16 24.22 34.21
CA GLY M 46 -28.33 23.13 34.65
C GLY M 46 -26.98 23.58 35.20
N LEU M 47 -26.25 22.62 35.77
CA LEU M 47 -24.90 22.89 36.24
C LEU M 47 -23.95 22.91 35.06
N GLU M 48 -23.04 23.88 35.09
CA GLU M 48 -22.02 24.02 34.05
C GLU M 48 -20.63 24.10 34.68
N TRP M 49 -19.78 23.13 34.33
CA TRP M 49 -18.41 23.10 34.83
C TRP M 49 -17.59 24.18 34.14
N ILE M 50 -16.78 24.91 34.91
CA ILE M 50 -15.99 26.02 34.38
C ILE M 50 -14.53 25.63 34.13
N GLY M 51 -13.88 25.02 35.11
CA GLY M 51 -12.52 24.57 34.91
C GLY M 51 -11.89 24.08 36.21
N TYR M 52 -10.65 23.61 36.06
CA TYR M 52 -9.85 23.20 37.21
C TYR M 52 -8.47 23.84 37.15
N ILE M 53 -7.83 23.96 38.31
CA ILE M 53 -6.44 24.39 38.39
C ILE M 53 -5.73 23.55 39.45
N PHE M 54 -4.54 23.11 39.08
CA PHE M 54 -3.57 22.46 39.96
C PHE M 54 -2.48 23.43 40.39
N TYR M 55 -1.96 23.20 41.58
CA TYR M 55 -0.86 24.02 42.08
C TYR M 55 0.30 24.05 41.09
N ASN M 56 0.60 22.92 40.44
CA ASN M 56 1.71 22.88 39.47
C ASN M 56 1.45 23.71 38.21
N GLY M 57 0.29 24.33 38.03
CA GLY M 57 0.10 25.21 36.91
C GLY M 57 -0.82 24.62 35.87
N ASP M 58 -1.08 23.31 35.92
CA ASP M 58 -1.95 22.72 34.93
C ASP M 58 -3.40 23.16 35.15
N THR M 59 -4.03 23.64 34.07
CA THR M 59 -5.39 24.13 34.07
C THR M 59 -6.16 23.53 32.90
N ASN M 60 -7.48 23.59 33.00
CA ASN M 60 -8.35 23.22 31.88
C ASN M 60 -9.68 23.95 32.06
N TYR M 61 -10.08 24.72 31.07
CA TYR M 61 -11.31 25.49 31.13
C TYR M 61 -12.31 25.01 30.09
N ASN M 62 -13.58 25.02 30.46
CA ASN M 62 -14.65 24.68 29.52
C ASN M 62 -14.48 25.48 28.22
N PRO M 63 -14.50 24.83 27.05
CA PRO M 63 -14.38 25.56 25.78
C PRO M 63 -15.44 26.62 25.59
N SER M 64 -16.62 26.45 26.21
CA SER M 64 -17.63 27.48 26.12
C SER M 64 -17.18 28.79 26.77
N LEU M 65 -16.21 28.73 27.67
CA LEU M 65 -15.76 29.87 28.47
C LEU M 65 -14.27 30.13 28.38
N LYS M 66 -13.48 29.24 27.77
CA LYS M 66 -12.02 29.29 27.85
C LYS M 66 -11.43 30.60 27.36
N SER M 67 -12.02 31.24 26.36
CA SER M 67 -11.46 32.48 25.89
C SER M 67 -11.83 33.66 26.77
N ARG M 68 -12.55 33.43 27.86
CA ARG M 68 -12.86 34.49 28.81
C ARG M 68 -12.50 34.20 30.25
N VAL M 69 -12.06 32.99 30.59
CA VAL M 69 -11.95 32.64 31.99
C VAL M 69 -10.48 32.35 32.32
N THR M 70 -10.07 32.75 33.51
CA THR M 70 -8.83 32.28 34.14
C THR M 70 -9.05 31.99 35.62
N MET M 71 -8.18 31.16 36.14
CA MET M 71 -8.15 30.80 37.55
C MET M 71 -6.74 30.91 38.06
N SER M 72 -6.63 31.11 39.37
CA SER M 72 -5.33 31.19 40.02
C SER M 72 -5.48 30.66 41.44
N ILE M 73 -4.35 30.33 42.03
CA ILE M 73 -4.24 29.83 43.38
C ILE M 73 -3.37 30.84 44.11
N ASP M 74 -3.81 31.29 45.28
CA ASP M 74 -3.01 32.19 46.10
C ASP M 74 -2.49 31.38 47.29
N THR M 75 -1.20 31.04 47.23
CA THR M 75 -0.67 30.16 48.28
C THR M 75 -0.54 30.90 49.60
N SER M 76 -0.22 32.19 49.56
CA SER M 76 0.00 32.99 50.77
C SER M 76 -1.26 33.08 51.65
N LYS M 77 -2.44 33.22 51.00
CA LYS M 77 -3.76 33.37 51.62
C LYS M 77 -4.58 32.10 51.70
N ASN M 78 -4.06 31.00 51.16
CA ASN M 78 -4.74 29.73 51.07
C ASN M 78 -6.09 29.92 50.40
N GLU M 79 -6.06 30.54 49.22
CA GLU M 79 -7.26 30.84 48.44
C GLU M 79 -7.06 30.40 47.00
N PHE M 80 -8.16 30.26 46.26
CA PHE M 80 -8.04 30.21 44.80
C PHE M 80 -9.17 31.04 44.22
N SER M 81 -9.05 31.36 42.93
CA SER M 81 -9.89 32.43 42.40
C SER M 81 -10.34 32.15 41.00
N LEU M 82 -11.41 32.85 40.64
CA LEU M 82 -11.99 32.80 39.31
C LEU M 82 -12.01 34.22 38.76
N ARG M 83 -11.65 34.37 37.52
CA ARG M 83 -11.76 35.63 36.80
C ARG M 83 -12.46 35.40 35.48
N LEU M 84 -13.56 36.12 35.24
CA LEU M 84 -14.35 35.91 34.04
C LEU M 84 -14.59 37.28 33.40
N THR M 85 -14.07 37.47 32.19
CA THR M 85 -14.15 38.79 31.56
C THR M 85 -15.44 38.96 30.74
N SER M 86 -15.78 40.23 30.47
CA SER M 86 -16.80 40.66 29.48
C SER M 86 -18.13 39.94 29.71
N VAL M 87 -18.64 40.05 30.93
CA VAL M 87 -19.82 39.30 31.34
C VAL M 87 -21.08 39.88 30.73
N THR M 88 -22.09 39.01 30.59
CA THR M 88 -23.43 39.37 30.15
C THR M 88 -24.41 38.70 31.11
N ALA M 89 -25.70 38.90 30.87
CA ALA M 89 -26.73 38.26 31.70
C ALA M 89 -26.65 36.75 31.69
N ALA M 90 -26.06 36.15 30.65
CA ALA M 90 -25.90 34.71 30.62
C ALA M 90 -24.96 34.22 31.73
N ASP M 91 -24.16 35.11 32.31
CA ASP M 91 -23.21 34.73 33.35
C ASP M 91 -23.77 34.92 34.76
N THR M 92 -24.98 35.47 34.90
CA THR M 92 -25.68 35.47 36.19
C THR M 92 -25.93 34.02 36.58
N ALA M 93 -25.45 33.65 37.75
CA ALA M 93 -25.47 32.25 38.17
C ALA M 93 -25.01 32.17 39.61
N VAL M 94 -25.32 31.04 40.20
CA VAL M 94 -24.65 30.63 41.43
C VAL M 94 -23.36 29.98 41.01
N TYR M 95 -22.26 30.44 41.59
CA TYR M 95 -20.92 29.94 41.35
C TYR M 95 -20.47 29.15 42.57
N PHE M 96 -20.05 27.92 42.34
CA PHE M 96 -19.60 26.99 43.37
C PHE M 96 -18.11 26.78 43.19
N CYS M 97 -17.36 26.87 44.27
CA CYS M 97 -15.99 26.37 44.24
C CYS M 97 -15.96 24.95 44.78
N ALA M 98 -14.91 24.19 44.42
CA ALA M 98 -14.88 22.78 44.82
C ALA M 98 -13.44 22.29 44.79
N ARG M 99 -13.18 21.24 45.56
CA ARG M 99 -11.90 20.54 45.55
C ARG M 99 -12.10 19.14 44.99
N GLY M 100 -11.15 18.64 44.20
CA GLY M 100 -11.08 17.21 43.88
C GLY M 100 -9.66 16.67 44.10
N THR M 101 -9.51 15.37 43.99
CA THR M 101 -8.24 14.66 44.24
C THR M 101 -7.92 13.89 42.94
N GLU M 102 -6.76 14.17 42.34
CA GLU M 102 -6.29 13.43 41.12
C GLU M 102 -6.39 11.92 41.44
N ASP M 103 -7.04 11.17 40.54
CA ASP M 103 -7.41 9.74 40.73
C ASP M 103 -7.65 9.10 39.37
N LEU M 104 -6.59 9.02 38.60
CA LEU M 104 -6.60 8.58 37.17
C LEU M 104 -7.02 7.11 37.02
N GLY M 105 -7.06 6.31 38.09
CA GLY M 105 -7.69 4.98 38.01
C GLY M 105 -9.22 5.03 37.82
N TYR M 106 -9.89 6.14 38.10
CA TYR M 106 -11.36 6.14 38.24
C TYR M 106 -11.98 7.43 37.64
N CYS M 107 -11.17 8.36 37.20
CA CYS M 107 -11.59 9.73 36.85
C CYS M 107 -10.64 10.34 35.84
N SER M 108 -11.12 11.11 34.87
CA SER M 108 -10.18 11.91 34.01
C SER M 108 -9.50 12.92 34.93
N SER M 109 -8.30 13.38 34.52
CA SER M 109 -7.57 14.41 35.31
C SER M 109 -8.51 15.60 35.60
N GLY M 110 -8.59 16.03 36.85
CA GLY M 110 -9.27 17.25 37.29
C GLY M 110 -10.77 17.27 37.06
N SER M 111 -11.45 16.11 37.00
CA SER M 111 -12.84 16.02 36.46
C SER M 111 -13.88 15.52 37.47
N CYS M 112 -13.49 15.42 38.84
CA CYS M 112 -14.40 14.84 39.83
C CYS M 112 -14.38 15.68 41.11
N PRO M 113 -14.86 16.92 41.05
CA PRO M 113 -14.89 17.74 42.28
C PRO M 113 -15.80 17.13 43.32
N ASN M 114 -15.24 16.78 44.49
CA ASN M 114 -16.02 16.02 45.45
C ASN M 114 -16.23 16.73 46.80
N HIS M 115 -15.73 17.95 46.96
CA HIS M 115 -16.05 18.76 48.13
C HIS M 115 -16.35 20.13 47.59
N TRP M 116 -17.63 20.53 47.70
CA TRP M 116 -18.09 21.80 47.15
C TRP M 116 -18.42 22.78 48.26
N GLY M 117 -18.27 24.06 47.92
CA GLY M 117 -18.84 25.16 48.68
C GLY M 117 -20.33 25.29 48.41
N GLN M 118 -20.98 26.16 49.18
CA GLN M 118 -22.43 26.27 49.03
C GLN M 118 -22.82 27.21 47.89
N GLY M 119 -21.87 27.91 47.30
CA GLY M 119 -22.21 28.70 46.13
C GLY M 119 -22.46 30.14 46.53
N THR M 120 -22.14 31.06 45.61
CA THR M 120 -22.47 32.46 45.83
C THR M 120 -23.11 32.96 44.54
N LEU M 121 -24.20 33.71 44.68
CA LEU M 121 -24.93 34.24 43.54
C LEU M 121 -24.23 35.47 42.99
N VAL M 122 -24.04 35.50 41.67
CA VAL M 122 -23.59 36.71 40.99
C VAL M 122 -24.63 37.15 39.98
N THR M 123 -25.07 38.39 40.10
CA THR M 123 -26.05 38.98 39.19
C THR M 123 -25.36 39.98 38.27
N VAL M 124 -25.53 39.80 36.97
CA VAL M 124 -24.98 40.74 36.00
C VAL M 124 -26.13 41.71 35.67
N SER M 125 -25.96 42.98 36.04
CA SER M 125 -27.01 43.98 35.87
C SER M 125 -26.42 45.39 35.94
N SER M 126 -27.07 46.30 35.23
CA SER M 126 -26.74 47.72 35.32
C SER M 126 -27.43 48.43 36.48
N ALA M 127 -28.40 47.78 37.13
CA ALA M 127 -29.14 48.41 38.23
C ALA M 127 -28.24 48.58 39.45
N SER M 128 -28.55 49.58 40.28
CA SER M 128 -27.71 49.82 41.45
C SER M 128 -28.14 48.95 42.63
N THR M 129 -27.22 48.84 43.61
CA THR M 129 -27.49 48.16 44.88
C THR M 129 -28.55 48.90 45.69
N LYS M 130 -29.33 48.14 46.44
CA LYS M 130 -30.29 48.77 47.34
C LYS M 130 -30.47 47.92 48.59
N GLY M 131 -30.32 48.53 49.76
CA GLY M 131 -30.52 47.79 50.99
C GLY M 131 -31.98 47.65 51.33
N PRO M 132 -32.31 46.63 52.12
CA PRO M 132 -33.72 46.38 52.41
C PRO M 132 -34.26 47.32 53.48
N SER M 133 -35.56 47.48 53.46
CA SER M 133 -36.27 48.00 54.60
C SER M 133 -36.86 46.78 55.28
N VAL M 134 -36.89 46.78 56.59
CA VAL M 134 -37.26 45.55 57.29
C VAL M 134 -38.42 45.91 58.19
N PHE M 135 -39.53 45.19 58.07
CA PHE M 135 -40.68 45.53 58.87
C PHE M 135 -41.13 44.31 59.67
N PRO M 136 -41.65 44.55 60.86
CA PRO M 136 -42.14 43.46 61.72
C PRO M 136 -43.47 42.86 61.26
N LEU M 137 -43.59 41.55 61.46
CA LEU M 137 -44.88 40.83 61.41
C LEU M 137 -45.42 40.46 62.80
N ALA M 138 -46.25 41.35 63.39
CA ALA M 138 -46.64 41.19 64.79
C ALA M 138 -47.70 40.09 64.99
N PRO M 139 -47.66 39.40 66.13
CA PRO M 139 -48.65 38.35 66.44
C PRO M 139 -50.06 38.84 66.75
N SER M 140 -51.06 38.09 66.29
CA SER M 140 -52.49 38.41 66.50
C SER M 140 -52.92 38.42 67.96
N GLY M 146 -55.13 29.10 69.17
CA GLY M 146 -55.36 27.96 70.04
C GLY M 146 -54.08 27.35 70.61
N GLY M 147 -53.13 28.20 70.97
CA GLY M 147 -51.92 27.78 71.66
C GLY M 147 -50.62 28.28 71.05
N THR M 148 -50.60 28.42 69.72
CA THR M 148 -49.39 28.79 68.98
C THR M 148 -49.60 30.10 68.23
N ALA M 149 -48.63 31.00 68.34
CA ALA M 149 -48.64 32.26 67.64
C ALA M 149 -47.50 32.24 66.63
N ALA M 150 -47.68 32.99 65.55
CA ALA M 150 -46.68 33.17 64.52
C ALA M 150 -46.24 34.63 64.46
N LEU M 151 -44.95 34.85 64.18
CA LEU M 151 -44.45 36.21 64.03
C LEU M 151 -43.33 36.15 63.01
N GLY M 152 -42.92 37.31 62.53
CA GLY M 152 -41.88 37.34 61.52
C GLY M 152 -41.41 38.74 61.23
N CYS M 153 -40.56 38.84 60.21
CA CYS M 153 -40.09 40.13 59.73
C CYS M 153 -40.16 40.20 58.20
N LEU M 154 -40.68 41.30 57.67
CA LEU M 154 -40.75 41.56 56.23
C LEU M 154 -39.57 42.40 55.74
N VAL M 155 -38.87 41.88 54.72
CA VAL M 155 -37.63 42.44 54.19
C VAL M 155 -37.94 42.91 52.77
N LYS M 156 -38.15 44.21 52.57
CA LYS M 156 -38.77 44.69 51.33
C LYS M 156 -37.82 45.56 50.52
N ASP M 157 -37.81 45.38 49.19
CA ASP M 157 -37.19 46.35 48.30
C ASP M 157 -35.65 46.38 48.39
N TYR M 158 -35.01 45.26 48.07
CA TYR M 158 -33.55 45.24 48.04
C TYR M 158 -33.10 44.73 46.67
N PHE M 159 -31.83 44.96 46.38
CA PHE M 159 -31.26 44.51 45.11
C PHE M 159 -29.72 44.50 45.18
N PRO M 160 -29.09 43.47 44.61
CA PRO M 160 -29.67 42.24 44.09
C PRO M 160 -29.88 41.25 45.23
N GLU M 161 -30.22 40.00 44.93
CA GLU M 161 -30.24 38.93 45.94
C GLU M 161 -28.85 38.52 46.41
N PRO M 162 -28.75 37.88 47.59
CA PRO M 162 -29.70 37.48 48.65
C PRO M 162 -29.63 38.34 49.90
N VAL M 163 -30.63 38.21 50.78
CA VAL M 163 -30.56 38.62 52.19
C VAL M 163 -30.46 37.35 53.03
N THR M 164 -29.87 37.46 54.23
CA THR M 164 -29.91 36.39 55.22
C THR M 164 -30.68 36.86 56.45
N VAL M 165 -31.44 35.96 57.06
CA VAL M 165 -32.23 36.29 58.24
C VAL M 165 -31.96 35.29 59.37
N SER M 166 -31.66 35.78 60.57
CA SER M 166 -31.67 34.96 61.78
C SER M 166 -32.67 35.59 62.75
N TRP M 167 -32.99 34.87 63.82
CA TRP M 167 -33.92 35.34 64.84
C TRP M 167 -33.30 35.38 66.23
N ASN M 168 -33.00 36.52 66.78
CA ASN M 168 -32.15 36.32 67.95
C ASN M 168 -30.72 35.81 67.59
N SER M 169 -30.01 36.45 66.67
CA SER M 169 -28.64 36.05 66.28
C SER M 169 -28.25 34.58 66.16
N GLY M 170 -29.07 33.77 65.53
CA GLY M 170 -28.74 32.36 65.37
C GLY M 170 -29.21 31.49 66.51
N ALA M 171 -29.82 32.08 67.51
CA ALA M 171 -30.33 31.33 68.65
C ALA M 171 -31.70 30.72 68.38
N LEU M 172 -32.73 31.53 68.12
CA LEU M 172 -34.00 30.89 67.75
C LEU M 172 -33.86 30.32 66.34
N THR M 173 -33.97 28.98 66.23
CA THR M 173 -33.82 28.35 64.93
C THR M 173 -34.92 27.36 64.55
N SER M 174 -35.45 26.61 65.50
CA SER M 174 -36.50 25.65 65.21
C SER M 174 -37.77 26.40 64.78
N GLY M 175 -38.41 25.97 63.68
CA GLY M 175 -39.66 26.61 63.29
C GLY M 175 -39.54 27.82 62.39
N VAL M 176 -38.34 28.09 61.89
CA VAL M 176 -38.06 29.26 61.07
C VAL M 176 -38.38 28.90 59.62
N HIS M 177 -39.07 29.79 58.91
CA HIS M 177 -39.18 29.68 57.46
C HIS M 177 -38.77 31.00 56.82
N THR M 178 -37.72 30.98 56.03
CA THR M 178 -37.32 32.15 55.24
C THR M 178 -37.71 31.88 53.79
N PHE M 179 -38.63 32.66 53.28
CA PHE M 179 -39.23 32.43 51.99
C PHE M 179 -38.32 32.86 50.84
N PRO M 180 -38.42 32.17 49.70
CA PRO M 180 -37.76 32.66 48.49
C PRO M 180 -38.22 34.07 48.16
N ALA M 181 -37.29 34.91 47.69
CA ALA M 181 -37.59 36.28 47.34
C ALA M 181 -38.53 36.33 46.14
N VAL M 182 -39.38 37.38 46.07
CA VAL M 182 -40.19 37.64 44.90
C VAL M 182 -39.70 38.92 44.24
N LEU M 183 -39.63 38.89 42.92
CA LEU M 183 -39.30 40.08 42.15
C LEU M 183 -40.55 40.94 41.99
N GLN M 184 -40.52 42.15 42.50
CA GLN M 184 -41.69 43.01 42.36
C GLN M 184 -41.67 43.71 40.99
N SER M 185 -42.81 44.29 40.61
CA SER M 185 -42.89 44.99 39.33
C SER M 185 -41.93 46.19 39.29
N SER M 186 -41.48 46.66 40.45
CA SER M 186 -40.50 47.74 40.53
C SER M 186 -39.09 47.28 40.18
N GLY M 187 -38.86 45.97 40.01
CA GLY M 187 -37.52 45.45 39.78
C GLY M 187 -36.71 45.20 41.03
N LEU M 188 -37.27 45.40 42.21
CA LEU M 188 -36.61 45.12 43.48
C LEU M 188 -37.24 43.87 44.12
N TYR M 189 -36.47 43.21 44.98
CA TYR M 189 -36.90 41.97 45.63
C TYR M 189 -37.55 42.24 46.98
N SER M 190 -38.32 41.25 47.43
CA SER M 190 -38.88 41.31 48.77
C SER M 190 -39.04 39.88 49.25
N LEU M 191 -38.88 39.67 50.57
CA LEU M 191 -39.18 38.36 51.15
C LEU M 191 -39.63 38.55 52.59
N SER M 192 -40.16 37.47 53.16
CA SER M 192 -40.48 37.39 54.57
C SER M 192 -39.77 36.21 55.25
N SER M 193 -39.46 36.38 56.54
CA SER M 193 -39.02 35.28 57.41
C SER M 193 -39.98 35.18 58.59
N VAL M 194 -40.45 33.97 58.89
CA VAL M 194 -41.40 33.75 59.98
C VAL M 194 -40.90 32.70 60.96
N VAL M 195 -41.47 32.70 62.17
CA VAL M 195 -41.20 31.67 63.18
C VAL M 195 -42.47 31.41 63.98
N THR M 196 -42.67 30.13 64.36
CA THR M 196 -43.77 29.80 65.28
C THR M 196 -43.24 29.64 66.71
N VAL M 197 -43.99 30.22 67.64
CA VAL M 197 -43.66 30.30 69.07
C VAL M 197 -44.89 30.14 69.95
N PRO M 198 -44.71 29.85 71.25
CA PRO M 198 -45.87 29.79 72.12
C PRO M 198 -46.63 31.14 72.25
N SER M 199 -47.97 31.06 72.15
CA SER M 199 -48.72 32.28 72.46
C SER M 199 -48.40 32.74 73.89
N SER M 200 -48.21 31.77 74.82
CA SER M 200 -47.91 32.05 76.24
C SER M 200 -46.59 32.76 76.39
N SER M 201 -45.85 32.84 75.30
CA SER M 201 -44.57 33.47 75.29
C SER M 201 -44.63 34.94 74.89
N LEU M 202 -45.75 35.43 74.34
CA LEU M 202 -45.75 36.77 73.74
C LEU M 202 -45.59 37.88 74.80
N GLY M 203 -46.08 37.65 76.04
CA GLY M 203 -45.99 38.67 77.07
C GLY M 203 -44.62 38.87 77.69
N THR M 204 -43.73 37.89 77.63
CA THR M 204 -42.49 37.98 78.40
C THR M 204 -41.20 37.74 77.61
N GLN M 205 -41.17 37.04 76.47
CA GLN M 205 -39.85 36.76 75.83
C GLN M 205 -39.45 37.45 74.51
N THR M 206 -38.18 37.81 74.38
CA THR M 206 -37.63 38.58 73.24
C THR M 206 -37.29 37.93 71.88
N TYR M 207 -37.77 38.58 70.81
CA TYR M 207 -37.58 38.12 69.45
C TYR M 207 -37.12 39.20 68.51
N ILE M 208 -35.94 39.04 67.99
CA ILE M 208 -35.45 40.04 67.10
C ILE M 208 -35.00 39.45 65.81
N CYS M 209 -35.63 39.85 64.72
CA CYS M 209 -35.08 39.29 63.48
C CYS M 209 -33.89 40.09 63.02
N ASN M 210 -32.90 39.42 62.50
CA ASN M 210 -31.72 40.09 62.03
C ASN M 210 -31.69 39.95 60.52
N VAL M 211 -31.78 41.07 59.81
CA VAL M 211 -31.82 41.02 58.37
C VAL M 211 -30.54 41.64 57.90
N ASN M 212 -29.77 40.82 57.21
CA ASN M 212 -28.45 41.23 56.77
C ASN M 212 -28.36 41.11 55.24
N HIS M 213 -27.89 42.18 54.57
CA HIS M 213 -27.70 42.26 53.11
C HIS M 213 -26.31 42.76 52.73
N LYS M 214 -25.42 41.81 52.42
CA LYS M 214 -24.03 42.19 52.19
C LYS M 214 -23.80 43.14 51.03
N PRO M 215 -24.45 43.04 49.86
CA PRO M 215 -24.17 44.03 48.80
C PRO M 215 -24.41 45.48 49.21
N SER M 216 -25.37 45.75 50.11
CA SER M 216 -25.65 47.11 50.57
C SER M 216 -25.04 47.37 51.94
N ASN M 217 -24.26 46.41 52.43
CA ASN M 217 -23.62 46.48 53.73
C ASN M 217 -24.58 46.86 54.85
N THR M 218 -25.78 46.29 54.81
CA THR M 218 -26.85 46.62 55.74
C THR M 218 -27.10 45.55 56.79
N LYS M 219 -27.29 45.99 58.04
CA LYS M 219 -27.78 45.15 59.12
C LYS M 219 -28.89 45.93 59.79
N VAL M 220 -30.07 45.32 59.90
CA VAL M 220 -31.23 46.02 60.43
C VAL M 220 -31.82 45.03 61.44
N ASP M 221 -32.07 45.46 62.68
CA ASP M 221 -32.75 44.65 63.68
C ASP M 221 -34.16 45.15 64.00
N LYS M 222 -35.08 44.23 63.91
CA LYS M 222 -36.38 44.57 64.29
C LYS M 222 -36.68 43.61 65.42
N ARG M 223 -37.43 44.14 66.35
CA ARG M 223 -37.92 43.43 67.49
C ARG M 223 -39.44 43.38 67.24
N VAL M 224 -40.09 42.28 67.61
CA VAL M 224 -41.51 42.17 67.31
C VAL M 224 -42.50 42.07 68.51
N GLU M 225 -43.70 42.69 68.45
CA GLU M 225 -44.61 42.49 69.60
C GLU M 225 -46.03 42.99 69.22
N PRO M 226 -47.04 42.65 70.02
CA PRO M 226 -48.43 43.05 69.78
C PRO M 226 -48.53 44.47 69.23
N LYS M 227 -49.52 44.71 68.38
CA LYS M 227 -49.71 46.01 67.77
C LYS M 227 -49.79 47.11 68.82
N ASP N 1 -18.80 18.21 26.16
CA ASP N 1 -19.40 18.13 24.84
C ASP N 1 -20.20 16.78 24.79
N ILE N 2 -19.87 15.86 25.71
CA ILE N 2 -20.74 14.71 25.94
C ILE N 2 -22.03 15.19 26.60
N VAL N 3 -23.17 14.84 26.00
CA VAL N 3 -24.49 15.29 26.48
C VAL N 3 -25.04 14.19 27.38
N MET N 4 -25.43 14.57 28.60
CA MET N 4 -25.99 13.64 29.58
C MET N 4 -27.50 13.85 29.62
N THR N 5 -28.24 12.80 29.31
CA THR N 5 -29.71 12.81 29.31
C THR N 5 -30.21 12.00 30.50
N GLN N 6 -30.73 12.70 31.48
CA GLN N 6 -31.25 12.13 32.70
C GLN N 6 -32.76 12.02 32.59
N SER N 7 -33.35 10.99 33.18
CA SER N 7 -34.81 10.89 33.16
C SER N 7 -35.30 10.11 34.37
N PRO N 8 -36.46 10.50 34.94
CA PRO N 8 -37.30 11.61 34.47
C PRO N 8 -36.73 12.93 34.96
N SER N 9 -37.27 14.06 34.51
CA SER N 9 -36.81 15.35 35.03
C SER N 9 -37.28 15.55 36.46
N SER N 10 -38.38 14.91 36.85
CA SER N 10 -38.97 15.09 38.17
C SER N 10 -39.77 13.83 38.48
N LEU N 11 -39.87 13.49 39.76
CA LEU N 11 -40.72 12.39 40.16
C LEU N 11 -41.15 12.64 41.59
N SER N 12 -42.28 12.04 41.96
CA SER N 12 -42.81 12.07 43.31
C SER N 12 -43.03 10.63 43.79
N ALA N 13 -42.64 10.36 45.03
CA ALA N 13 -42.81 9.00 45.53
C ALA N 13 -43.06 9.02 47.03
N SER N 14 -43.73 7.99 47.51
CA SER N 14 -44.05 7.95 48.93
C SER N 14 -42.84 7.49 49.77
N ILE N 15 -42.86 7.84 51.06
CA ILE N 15 -41.86 7.37 52.00
C ILE N 15 -41.84 5.84 52.06
N GLY N 16 -40.65 5.26 52.00
CA GLY N 16 -40.47 3.83 51.96
C GLY N 16 -40.41 3.24 50.58
N ASP N 17 -40.86 3.96 49.56
CA ASP N 17 -40.84 3.49 48.18
C ASP N 17 -39.42 3.44 47.59
N ARG N 18 -39.27 2.60 46.58
CA ARG N 18 -38.06 2.48 45.76
C ARG N 18 -38.08 3.43 44.56
N VAL N 19 -37.08 4.31 44.46
CA VAL N 19 -37.00 5.31 43.38
C VAL N 19 -35.81 5.02 42.47
N THR N 20 -35.98 5.20 41.15
CA THR N 20 -34.96 4.89 40.14
C THR N 20 -34.83 6.09 39.21
N ILE N 21 -33.60 6.54 39.00
CA ILE N 21 -33.30 7.63 38.08
C ILE N 21 -32.28 7.10 37.09
N THR N 22 -32.51 7.39 35.80
CA THR N 22 -31.64 6.88 34.76
C THR N 22 -30.85 8.00 34.11
N CYS N 23 -29.68 7.62 33.62
CA CYS N 23 -28.81 8.57 32.93
C CYS N 23 -28.26 7.89 31.69
N ARG N 24 -28.37 8.57 30.56
CA ARG N 24 -27.88 8.03 29.29
C ARG N 24 -26.98 9.07 28.66
N PRO N 25 -25.68 8.83 28.63
CA PRO N 25 -24.76 9.70 27.93
C PRO N 25 -24.89 9.53 26.43
N SER N 26 -24.41 10.55 25.74
CA SER N 26 -24.44 10.59 24.29
C SER N 26 -23.36 9.74 23.65
N GLN N 27 -22.41 9.22 24.42
CA GLN N 27 -21.48 8.21 23.94
C GLN N 27 -21.08 7.33 25.10
N ASN N 28 -20.46 6.20 24.79
CA ASN N 28 -20.11 5.24 25.82
C ASN N 28 -19.05 5.86 26.72
N ILE N 29 -19.27 5.80 28.04
CA ILE N 29 -18.31 6.41 28.96
C ILE N 29 -17.80 5.39 29.97
N ARG N 30 -17.98 4.10 29.70
CA ARG N 30 -17.47 3.04 30.58
C ARG N 30 -18.01 3.27 31.98
N SER N 31 -17.19 3.36 33.03
CA SER N 31 -17.71 3.62 34.38
C SER N 31 -17.40 5.03 34.86
N PHE N 32 -17.03 5.93 33.95
CA PHE N 32 -16.61 7.26 34.40
C PHE N 32 -17.87 8.12 34.55
N LEU N 33 -18.62 7.82 35.61
CA LEU N 33 -19.90 8.47 35.85
C LEU N 33 -20.10 8.60 37.35
N ASN N 34 -20.44 9.80 37.80
CA ASN N 34 -20.68 10.15 39.19
C ASN N 34 -22.12 10.66 39.35
N TRP N 35 -22.65 10.54 40.57
CA TRP N 35 -24.00 11.01 40.93
C TRP N 35 -23.88 11.98 42.08
N PHE N 36 -24.54 13.13 41.96
CA PHE N 36 -24.51 14.18 42.97
C PHE N 36 -25.93 14.37 43.49
N GLN N 37 -26.02 14.77 44.76
CA GLN N 37 -27.27 15.14 45.40
C GLN N 37 -27.18 16.60 45.80
N HIS N 38 -28.24 17.36 45.55
CA HIS N 38 -28.25 18.77 45.92
C HIS N 38 -29.55 19.12 46.66
N LYS N 39 -29.47 19.21 47.95
CA LYS N 39 -30.50 19.66 48.87
C LYS N 39 -30.52 21.17 49.00
N PRO N 40 -31.73 21.75 49.19
CA PRO N 40 -31.91 23.20 49.15
C PRO N 40 -30.98 23.89 50.14
N GLY N 41 -30.23 24.84 49.63
CA GLY N 41 -29.31 25.66 50.36
C GLY N 41 -28.05 24.95 50.85
N LYS N 42 -27.86 23.66 50.59
CA LYS N 42 -26.63 23.02 50.97
C LYS N 42 -25.72 22.82 49.75
N ALA N 43 -24.47 22.53 50.06
CA ALA N 43 -23.48 22.19 49.05
C ALA N 43 -23.87 20.91 48.33
N PRO N 44 -23.81 20.89 47.01
CA PRO N 44 -23.94 19.62 46.29
C PRO N 44 -22.95 18.60 46.85
N LYS N 45 -23.41 17.35 46.96
CA LYS N 45 -22.69 16.25 47.59
C LYS N 45 -22.49 15.11 46.60
N LEU N 46 -21.27 14.62 46.51
CA LEU N 46 -21.05 13.46 45.67
C LEU N 46 -21.59 12.24 46.42
N LEU N 47 -22.55 11.54 45.81
CA LEU N 47 -23.12 10.35 46.44
C LEU N 47 -22.45 9.07 45.99
N ILE N 48 -22.26 8.95 44.70
CA ILE N 48 -21.78 7.74 44.06
C ILE N 48 -20.69 8.19 43.14
N TYR N 49 -19.58 7.45 43.20
CA TYR N 49 -18.47 7.72 42.32
C TYR N 49 -18.17 6.47 41.54
N ALA N 50 -17.72 6.68 40.33
CA ALA N 50 -17.39 5.63 39.41
C ALA N 50 -18.49 4.59 39.35
N ALA N 51 -19.67 5.09 39.02
CA ALA N 51 -20.90 4.36 38.82
C ALA N 51 -21.50 3.62 39.99
N SER N 52 -20.69 3.12 40.89
CA SER N 52 -21.34 2.34 41.94
C SER N 52 -20.78 2.52 43.35
N ASN N 53 -19.79 3.38 43.56
CA ASN N 53 -19.16 3.48 44.87
C ASN N 53 -19.79 4.52 45.75
N LEU N 54 -20.41 4.06 46.83
CA LEU N 54 -21.02 4.91 47.84
C LEU N 54 -19.98 5.72 48.62
N GLN N 55 -20.18 7.02 48.66
CA GLN N 55 -19.37 8.00 49.40
C GLN N 55 -19.62 7.94 50.91
N SER N 56 -18.65 8.42 51.66
CA SER N 56 -18.74 8.38 53.10
C SER N 56 -19.95 9.16 53.62
N GLY N 57 -20.65 8.55 54.57
CA GLY N 57 -21.83 9.18 55.11
C GLY N 57 -23.08 8.95 54.32
N VAL N 58 -22.99 8.35 53.13
CA VAL N 58 -24.21 8.14 52.36
C VAL N 58 -24.88 6.84 52.82
N PRO N 59 -26.17 6.88 53.10
CA PRO N 59 -26.87 5.66 53.56
C PRO N 59 -26.91 4.56 52.51
N SER N 60 -26.87 3.32 52.98
CA SER N 60 -26.78 2.22 52.04
C SER N 60 -28.08 2.01 51.25
N ARG N 61 -29.16 2.73 51.55
CA ARG N 61 -30.32 2.64 50.67
C ARG N 61 -30.06 3.20 49.26
N PHE N 62 -28.98 3.97 49.07
CA PHE N 62 -28.56 4.54 47.79
C PHE N 62 -27.60 3.59 47.07
N SER N 63 -27.86 3.29 45.79
CA SER N 63 -26.97 2.40 45.03
C SER N 63 -26.92 2.85 43.58
N GLY N 64 -25.76 2.74 42.98
CA GLY N 64 -25.56 3.11 41.58
C GLY N 64 -25.21 1.86 40.81
N SER N 65 -25.67 1.78 39.57
CA SER N 65 -25.40 0.61 38.73
C SER N 65 -25.29 1.05 37.28
N GLY N 66 -24.82 0.14 36.45
CA GLY N 66 -24.73 0.37 35.03
C GLY N 66 -23.33 0.74 34.59
N SER N 67 -23.15 0.75 33.27
CA SER N 67 -21.91 1.17 32.62
C SER N 67 -22.16 1.31 31.13
N GLY N 68 -21.25 2.04 30.49
CA GLY N 68 -21.36 2.17 29.06
C GLY N 68 -22.25 3.33 28.68
N THR N 69 -23.51 3.04 28.36
CA THR N 69 -24.38 4.13 27.98
C THR N 69 -25.67 4.16 28.79
N GLU N 70 -25.79 3.38 29.85
CA GLU N 70 -26.99 3.51 30.66
C GLU N 70 -26.63 3.28 32.11
N PHE N 71 -27.00 4.23 32.96
CA PHE N 71 -26.71 4.22 34.39
C PHE N 71 -27.96 4.49 35.19
N THR N 72 -28.01 3.87 36.37
CA THR N 72 -29.16 3.99 37.26
C THR N 72 -28.73 4.33 38.68
N LEU N 73 -29.33 5.37 39.24
CA LEU N 73 -29.30 5.62 40.67
C LEU N 73 -30.59 5.08 41.27
N THR N 74 -30.49 4.21 42.27
CA THR N 74 -31.68 3.72 42.96
C THR N 74 -31.68 4.27 44.37
N ILE N 75 -32.81 4.79 44.84
CA ILE N 75 -33.00 5.04 46.27
C ILE N 75 -34.02 4.03 46.80
N ARG N 76 -33.58 3.01 47.58
CA ARG N 76 -34.48 1.87 47.86
C ARG N 76 -35.61 2.14 48.85
N SER N 77 -35.50 3.07 49.79
CA SER N 77 -36.73 3.29 50.58
C SER N 77 -36.61 4.75 50.99
N LEU N 78 -37.32 5.55 50.22
CA LEU N 78 -37.26 7.00 50.27
C LEU N 78 -37.61 7.52 51.65
N GLN N 79 -36.79 8.43 52.12
CA GLN N 79 -36.95 9.14 53.37
C GLN N 79 -37.15 10.62 53.12
N PRO N 80 -37.79 11.34 54.04
CA PRO N 80 -38.06 12.77 53.79
C PRO N 80 -36.79 13.56 53.51
N GLU N 81 -35.68 13.19 54.16
CA GLU N 81 -34.44 13.93 53.92
C GLU N 81 -33.89 13.69 52.52
N ASP N 82 -34.46 12.76 51.75
CA ASP N 82 -33.94 12.56 50.41
C ASP N 82 -34.52 13.53 49.41
N PHE N 83 -35.41 14.43 49.83
CA PHE N 83 -35.85 15.50 48.94
C PHE N 83 -34.63 16.28 48.46
N ALA N 84 -34.45 16.36 47.15
CA ALA N 84 -33.25 16.97 46.60
C ALA N 84 -33.37 16.93 45.09
N THR N 85 -32.43 17.60 44.42
CA THR N 85 -32.23 17.41 42.99
C THR N 85 -30.96 16.58 42.79
N TYR N 86 -31.07 15.50 41.99
CA TYR N 86 -29.97 14.58 41.74
C TYR N 86 -29.44 14.80 40.33
N TYR N 87 -28.12 14.72 40.16
CA TYR N 87 -27.47 14.93 38.86
C TYR N 87 -26.48 13.80 38.61
N CYS N 88 -26.42 13.34 37.38
CA CYS N 88 -25.31 12.51 36.93
C CYS N 88 -24.22 13.41 36.35
N GLN N 89 -23.00 12.91 36.34
CA GLN N 89 -21.88 13.71 35.85
C GLN N 89 -20.85 12.79 35.23
N GLN N 90 -20.54 13.01 33.95
CA GLN N 90 -19.51 12.21 33.31
C GLN N 90 -18.10 12.78 33.53
N SER N 91 -17.15 11.88 33.78
CA SER N 91 -15.75 12.25 34.05
C SER N 91 -14.85 11.60 33.02
N TYR N 92 -15.40 11.33 31.84
CA TYR N 92 -14.77 10.58 30.77
C TYR N 92 -13.94 11.47 29.86
N ASN N 93 -14.43 12.64 29.46
CA ASN N 93 -13.52 13.55 28.83
C ASN N 93 -13.83 14.98 29.18
N THR N 94 -13.04 15.86 28.90
CA THR N 94 -13.24 17.25 29.29
C THR N 94 -14.05 17.96 28.19
N PRO N 95 -14.91 18.91 28.58
CA PRO N 95 -15.19 19.29 29.98
C PRO N 95 -16.14 18.28 30.64
N PRO N 96 -15.95 18.00 31.93
CA PRO N 96 -16.99 17.29 32.69
C PRO N 96 -18.35 17.90 32.41
N THR N 97 -19.36 17.06 32.23
CA THR N 97 -20.71 17.58 31.97
C THR N 97 -21.71 16.87 32.86
N PHE N 98 -22.83 17.55 33.14
CA PHE N 98 -23.84 17.11 34.09
C PHE N 98 -25.16 16.86 33.35
N GLY N 99 -25.92 15.90 33.86
CA GLY N 99 -27.32 15.78 33.49
C GLY N 99 -28.12 17.00 33.90
N GLN N 100 -29.30 17.17 33.31
CA GLN N 100 -30.09 18.34 33.65
C GLN N 100 -30.76 18.25 35.02
N GLY N 101 -30.69 17.11 35.68
CA GLY N 101 -31.10 16.95 37.06
C GLY N 101 -32.46 16.27 37.17
N THR N 102 -32.69 15.62 38.29
CA THR N 102 -33.98 15.01 38.61
C THR N 102 -34.41 15.48 39.97
N LYS N 103 -35.52 16.21 40.02
CA LYS N 103 -36.08 16.66 41.29
C LYS N 103 -36.94 15.58 41.92
N VAL N 104 -36.56 15.09 43.10
CA VAL N 104 -37.30 14.06 43.79
C VAL N 104 -38.16 14.71 44.88
N GLU N 105 -39.47 14.56 44.78
CA GLU N 105 -40.39 15.11 45.77
C GLU N 105 -41.06 13.98 46.54
N ILE N 106 -41.36 14.25 47.80
CA ILE N 106 -41.93 13.22 48.66
C ILE N 106 -43.46 13.36 48.69
N LYS N 107 -44.16 12.26 48.47
CA LYS N 107 -45.60 12.21 48.68
C LYS N 107 -45.84 11.82 50.13
N ARG N 108 -46.75 12.52 50.81
CA ARG N 108 -47.09 12.23 52.17
C ARG N 108 -48.60 12.45 52.32
N THR N 109 -49.12 12.27 53.53
CA THR N 109 -50.54 12.48 53.79
C THR N 109 -50.89 13.96 53.67
N VAL N 110 -52.18 14.21 53.39
CA VAL N 110 -52.66 15.58 53.32
C VAL N 110 -52.47 16.27 54.66
N ALA N 111 -52.00 17.51 54.62
CA ALA N 111 -51.84 18.34 55.81
C ALA N 111 -52.42 19.71 55.51
N ALA N 112 -53.42 20.12 56.28
CA ALA N 112 -54.05 21.41 56.07
C ALA N 112 -53.09 22.50 56.52
N PRO N 113 -53.10 23.66 55.87
CA PRO N 113 -52.23 24.74 56.34
C PRO N 113 -52.79 25.40 57.58
N SER N 114 -51.88 25.88 58.43
CA SER N 114 -52.23 26.84 59.45
C SER N 114 -52.12 28.22 58.86
N VAL N 115 -53.09 29.07 59.15
CA VAL N 115 -53.16 30.35 58.46
C VAL N 115 -52.98 31.48 59.45
N PHE N 116 -52.18 32.46 59.05
CA PHE N 116 -51.96 33.62 59.90
C PHE N 116 -51.98 34.84 58.99
N ILE N 117 -52.52 35.94 59.51
CA ILE N 117 -52.53 37.20 58.78
C ILE N 117 -51.85 38.25 59.65
N PHE N 118 -51.07 39.11 59.00
CA PHE N 118 -50.28 40.13 59.66
C PHE N 118 -50.65 41.47 59.04
N PRO N 119 -51.04 42.48 59.82
CA PRO N 119 -51.30 43.80 59.24
C PRO N 119 -49.98 44.51 58.96
N PRO N 120 -49.96 45.54 58.13
CA PRO N 120 -48.71 46.28 57.96
C PRO N 120 -48.32 46.99 59.24
N SER N 121 -47.02 47.04 59.49
CA SER N 121 -46.53 47.77 60.65
C SER N 121 -46.64 49.27 60.39
N ASP N 122 -46.84 50.02 61.48
CA ASP N 122 -46.91 51.48 61.36
C ASP N 122 -45.64 52.09 60.81
N GLU N 123 -44.50 51.48 61.10
CA GLU N 123 -43.25 52.00 60.56
C GLU N 123 -43.25 52.02 59.03
N GLN N 124 -43.77 50.97 58.40
CA GLN N 124 -43.81 50.96 56.94
C GLN N 124 -44.80 51.99 56.37
N LEU N 125 -45.94 52.19 57.05
CA LEU N 125 -46.93 53.12 56.50
C LEU N 125 -46.33 54.51 56.29
N LYS N 126 -45.40 54.95 57.12
CA LYS N 126 -44.73 56.23 56.85
C LYS N 126 -44.02 56.26 55.50
N SER N 127 -43.79 55.10 54.89
CA SER N 127 -43.16 55.03 53.58
C SER N 127 -44.15 55.21 52.44
N GLY N 128 -45.45 55.24 52.72
CA GLY N 128 -46.44 55.37 51.67
C GLY N 128 -46.93 54.06 51.12
N THR N 129 -46.48 52.94 51.66
CA THR N 129 -46.86 51.62 51.23
C THR N 129 -47.31 50.79 52.42
N ALA N 130 -48.31 49.93 52.18
CA ALA N 130 -48.83 49.02 53.17
C ALA N 130 -48.68 47.61 52.61
N SER N 131 -47.95 46.76 53.31
CA SER N 131 -47.86 45.36 52.94
C SER N 131 -48.66 44.52 53.93
N VAL N 132 -49.57 43.71 53.43
CA VAL N 132 -50.34 42.78 54.25
C VAL N 132 -49.89 41.39 53.88
N VAL N 133 -49.52 40.59 54.88
CA VAL N 133 -48.93 39.28 54.66
C VAL N 133 -49.86 38.23 55.24
N CYS N 134 -50.03 37.17 54.47
CA CYS N 134 -50.75 35.97 54.88
C CYS N 134 -49.79 34.79 54.82
N LEU N 135 -49.76 34.01 55.90
CA LEU N 135 -48.86 32.87 56.05
C LEU N 135 -49.71 31.62 56.03
N LEU N 136 -49.34 30.68 55.18
CA LEU N 136 -49.89 29.33 55.18
C LEU N 136 -48.77 28.39 55.57
N ASN N 137 -48.92 27.72 56.69
CA ASN N 137 -47.80 27.03 57.33
C ASN N 137 -47.99 25.52 57.27
N ASN N 138 -46.98 24.83 56.73
CA ASN N 138 -46.82 23.38 56.88
C ASN N 138 -48.00 22.60 56.27
N PHE N 139 -48.15 22.72 54.96
CA PHE N 139 -49.26 22.01 54.35
C PHE N 139 -48.74 21.06 53.29
N TYR N 140 -49.62 20.14 52.86
CA TYR N 140 -49.36 19.21 51.78
C TYR N 140 -50.72 18.81 51.22
N PRO N 141 -50.88 18.78 49.89
CA PRO N 141 -49.97 19.01 48.77
C PRO N 141 -49.78 20.50 48.52
N ARG N 142 -49.01 20.83 47.47
CA ARG N 142 -48.52 22.17 47.20
C ARG N 142 -49.67 23.16 46.85
N GLU N 143 -50.78 22.74 46.27
CA GLU N 143 -51.78 23.76 45.97
C GLU N 143 -52.46 24.35 47.13
N ALA N 144 -52.45 25.62 47.16
CA ALA N 144 -53.21 26.22 48.21
C ALA N 144 -53.41 27.43 47.35
N LYS N 145 -54.61 27.94 47.42
CA LYS N 145 -55.03 29.14 46.75
C LYS N 145 -55.30 30.20 47.81
N VAL N 146 -54.79 31.39 47.59
CA VAL N 146 -54.96 32.47 48.54
C VAL N 146 -55.64 33.59 47.82
N GLN N 147 -56.82 33.94 48.31
CA GLN N 147 -57.63 35.00 47.76
C GLN N 147 -57.63 36.09 48.81
N TRP N 148 -57.34 37.31 48.40
CA TRP N 148 -57.41 38.48 49.25
C TRP N 148 -58.76 39.17 49.11
N LYS N 149 -59.30 39.64 50.22
CA LYS N 149 -60.55 40.39 50.18
C LYS N 149 -60.41 41.61 51.07
N VAL N 150 -60.73 42.78 50.52
CA VAL N 150 -60.70 44.04 51.26
C VAL N 150 -62.12 44.60 51.24
N ASP N 151 -62.74 44.70 52.41
CA ASP N 151 -64.18 45.01 52.50
C ASP N 151 -65.01 44.17 51.52
N ASN N 152 -64.65 42.89 51.38
CA ASN N 152 -65.29 41.83 50.60
C ASN N 152 -65.19 42.00 49.10
N ALA N 153 -64.36 42.92 48.61
CA ALA N 153 -64.08 42.97 47.19
C ALA N 153 -62.85 42.11 46.92
N LEU N 154 -62.97 41.17 45.98
CA LEU N 154 -61.85 40.30 45.67
C LEU N 154 -60.77 41.15 45.01
N GLN N 155 -59.54 40.93 45.42
CA GLN N 155 -58.40 41.63 44.87
C GLN N 155 -57.78 40.79 43.77
N SER N 156 -57.19 41.46 42.78
CA SER N 156 -56.40 40.75 41.79
C SER N 156 -55.30 41.71 41.34
N GLY N 157 -54.12 41.16 41.07
CA GLY N 157 -53.03 41.93 40.52
C GLY N 157 -52.20 42.70 41.51
N ASN N 158 -52.57 42.71 42.78
CA ASN N 158 -51.83 43.52 43.74
C ASN N 158 -51.26 42.65 44.87
N SER N 159 -51.02 41.37 44.58
CA SER N 159 -50.39 40.46 45.54
C SER N 159 -49.39 39.54 44.84
N GLN N 160 -48.41 39.07 45.60
CA GLN N 160 -47.44 38.08 45.14
C GLN N 160 -47.26 36.97 46.17
N GLU N 161 -47.04 35.75 45.67
CA GLU N 161 -46.85 34.58 46.52
C GLU N 161 -45.41 34.08 46.47
N SER N 162 -45.03 33.37 47.52
CA SER N 162 -43.74 32.69 47.55
C SER N 162 -43.96 31.40 48.34
N VAL N 163 -43.35 30.30 47.88
CA VAL N 163 -43.52 28.98 48.51
C VAL N 163 -42.15 28.42 48.82
N THR N 164 -42.02 27.87 50.02
CA THR N 164 -40.77 27.20 50.36
C THR N 164 -40.66 25.89 49.61
N GLU N 165 -39.42 25.41 49.47
CA GLU N 165 -39.22 24.03 49.05
C GLU N 165 -39.71 23.05 50.13
N GLN N 166 -39.96 21.83 49.71
CA GLN N 166 -40.46 20.81 50.63
C GLN N 166 -39.51 20.59 51.81
N ASP N 167 -40.10 20.55 53.01
CA ASP N 167 -39.35 20.43 54.24
C ASP N 167 -38.66 19.07 54.34
N SER N 168 -37.41 19.09 54.82
CA SER N 168 -36.57 17.90 54.82
C SER N 168 -36.93 16.92 55.94
N LYS N 169 -37.78 17.33 56.88
CA LYS N 169 -38.21 16.44 57.95
C LYS N 169 -39.67 16.02 57.81
N ASP N 170 -40.59 16.96 57.62
CA ASP N 170 -42.02 16.60 57.52
C ASP N 170 -42.58 16.68 56.10
N SER N 171 -41.75 17.03 55.11
CA SER N 171 -42.15 17.02 53.70
C SER N 171 -43.33 17.96 53.38
N THR N 172 -43.54 19.00 54.19
CA THR N 172 -44.60 19.96 53.94
C THR N 172 -44.04 21.18 53.21
N TYR N 173 -44.95 22.05 52.80
CA TYR N 173 -44.63 23.32 52.19
C TYR N 173 -45.21 24.39 53.09
N SER N 174 -44.64 25.59 52.98
CA SER N 174 -45.26 26.79 53.52
C SER N 174 -45.29 27.87 52.44
N LEU N 175 -46.22 28.82 52.60
CA LEU N 175 -46.47 29.81 51.57
C LEU N 175 -46.78 31.13 52.21
N SER N 176 -46.19 32.18 51.66
CA SER N 176 -46.53 33.54 52.07
C SER N 176 -47.16 34.21 50.86
N SER N 177 -48.20 34.98 51.10
CA SER N 177 -48.79 35.90 50.14
C SER N 177 -48.80 37.31 50.70
N THR N 178 -48.35 38.27 49.91
CA THR N 178 -48.20 39.65 50.36
C THR N 178 -49.07 40.54 49.48
N LEU N 179 -50.03 41.22 50.11
CA LEU N 179 -50.91 42.14 49.42
C LEU N 179 -50.31 43.54 49.62
N THR N 180 -50.03 44.23 48.52
CA THR N 180 -49.41 45.54 48.58
C THR N 180 -50.34 46.64 48.10
N LEU N 181 -50.51 47.65 48.92
CA LEU N 181 -51.39 48.76 48.61
C LEU N 181 -50.65 50.04 48.96
N SER N 182 -51.00 51.12 48.27
CA SER N 182 -50.53 52.38 48.79
C SER N 182 -51.21 52.63 50.12
N LYS N 183 -50.50 53.33 51.00
CA LYS N 183 -51.12 53.73 52.26
C LYS N 183 -52.43 54.46 52.04
N ALA N 184 -52.49 55.33 51.02
CA ALA N 184 -53.74 56.07 50.79
C ALA N 184 -54.92 55.14 50.52
N ASP N 185 -54.76 54.16 49.63
CA ASP N 185 -55.85 53.19 49.42
C ASP N 185 -56.08 52.32 50.65
N TYR N 186 -55.00 51.98 51.38
CA TYR N 186 -55.16 51.10 52.55
C TYR N 186 -56.06 51.74 53.61
N GLU N 187 -55.95 53.03 53.85
CA GLU N 187 -56.78 53.63 54.89
C GLU N 187 -58.20 53.94 54.42
N LYS N 188 -58.49 53.82 53.11
CA LYS N 188 -59.84 54.07 52.60
C LYS N 188 -60.73 52.86 52.82
N HIS N 189 -60.18 51.74 53.26
CA HIS N 189 -60.95 50.52 53.38
C HIS N 189 -60.69 49.96 54.78
N LYS N 190 -61.53 49.05 55.21
CA LYS N 190 -61.54 48.60 56.57
C LYS N 190 -61.13 47.14 56.80
N VAL N 191 -61.82 46.18 56.17
CA VAL N 191 -61.67 44.78 56.54
C VAL N 191 -60.70 44.13 55.59
N TYR N 192 -59.66 43.51 56.14
CA TYR N 192 -58.63 42.86 55.35
C TYR N 192 -58.65 41.38 55.65
N ALA N 193 -58.78 40.55 54.61
CA ALA N 193 -59.01 39.13 54.82
C ALA N 193 -58.19 38.35 53.81
N CYS N 194 -57.65 37.22 54.27
CA CYS N 194 -56.97 36.23 53.45
C CYS N 194 -57.81 34.96 53.49
N GLU N 195 -58.22 34.48 52.32
CA GLU N 195 -59.06 33.29 52.17
C GLU N 195 -58.29 32.18 51.46
N VAL N 196 -58.22 31.01 52.10
CA VAL N 196 -57.34 29.91 51.71
C VAL N 196 -58.19 28.72 51.29
N THR N 197 -57.95 28.20 50.09
CA THR N 197 -58.63 27.01 49.62
C THR N 197 -57.57 25.92 49.43
N HIS N 198 -57.80 24.73 49.99
CA HIS N 198 -56.79 23.67 49.94
C HIS N 198 -57.41 22.29 50.22
N GLN N 199 -56.81 21.25 49.63
CA GLN N 199 -57.34 19.90 49.75
C GLN N 199 -57.48 19.49 51.23
N GLY N 200 -56.63 20.01 52.12
CA GLY N 200 -56.80 19.67 53.54
C GLY N 200 -57.86 20.40 54.34
N LEU N 201 -58.55 21.36 53.74
CA LEU N 201 -59.61 22.15 54.37
C LEU N 201 -60.90 21.71 53.74
N SER N 202 -61.86 21.28 54.55
CA SER N 202 -63.12 20.82 53.95
C SER N 202 -63.87 21.96 53.27
N SER N 203 -63.73 23.19 53.74
CA SER N 203 -64.21 24.39 53.06
C SER N 203 -63.17 25.47 53.31
N PRO N 204 -63.17 26.56 52.54
CA PRO N 204 -62.08 27.53 52.71
C PRO N 204 -62.06 28.19 54.10
N VAL N 205 -60.84 28.52 54.51
CA VAL N 205 -60.53 29.18 55.79
C VAL N 205 -60.16 30.64 55.59
N THR N 206 -60.78 31.54 56.35
CA THR N 206 -60.50 32.96 56.28
C THR N 206 -59.92 33.49 57.59
N LYS N 207 -58.78 34.17 57.49
CA LYS N 207 -58.23 34.93 58.59
C LYS N 207 -58.34 36.41 58.24
N SER N 208 -58.72 37.24 59.20
CA SER N 208 -58.91 38.64 58.84
C SER N 208 -58.54 39.51 60.02
N PHE N 209 -58.34 40.80 59.75
CA PHE N 209 -58.21 41.79 60.80
C PHE N 209 -58.94 43.06 60.42
N ASN N 210 -59.23 43.85 61.45
CA ASN N 210 -59.76 45.19 61.24
C ASN N 210 -58.72 46.28 61.39
N ARG N 211 -58.53 47.06 60.31
CA ARG N 211 -57.60 48.19 60.32
C ARG N 211 -57.92 49.15 61.44
N GLY N 212 -56.92 49.38 62.27
CA GLY N 212 -57.02 50.31 63.37
C GLY N 212 -57.71 49.76 64.61
N GLU N 213 -57.62 48.46 64.85
CA GLU N 213 -58.13 47.81 66.07
C GLU N 213 -57.07 46.91 66.67
N GLN O 1 44.71 40.73 3.54
CA GLN O 1 44.72 39.78 4.64
C GLN O 1 45.37 38.43 4.27
N VAL O 2 45.37 38.05 2.98
CA VAL O 2 46.20 36.96 2.48
C VAL O 2 46.78 37.27 1.10
N GLN O 3 48.01 36.88 0.84
CA GLN O 3 48.56 36.90 -0.52
C GLN O 3 48.88 35.49 -1.03
N LEU O 4 48.62 35.28 -2.32
CA LEU O 4 48.64 33.96 -2.94
C LEU O 4 49.46 33.97 -4.24
N GLU O 5 50.66 33.44 -4.24
CA GLU O 5 51.61 33.42 -5.37
C GLU O 5 51.76 32.00 -5.96
N GLU O 6 51.41 31.81 -7.23
CA GLU O 6 51.48 30.50 -7.86
C GLU O 6 52.83 30.32 -8.52
N SER O 7 53.30 29.05 -8.56
CA SER O 7 54.59 28.67 -9.16
C SER O 7 54.50 27.28 -9.77
N GLY O 8 55.41 27.02 -10.70
CA GLY O 8 55.42 25.75 -11.40
C GLY O 8 56.00 25.86 -12.79
N PRO O 9 56.11 24.73 -13.49
CA PRO O 9 57.08 24.66 -14.59
C PRO O 9 56.82 25.65 -15.71
N GLY O 10 55.59 25.73 -16.20
CA GLY O 10 55.25 26.48 -17.37
C GLY O 10 55.16 25.65 -18.62
N LEU O 11 55.99 24.61 -18.71
CA LEU O 11 55.95 23.71 -19.86
C LEU O 11 56.02 22.28 -19.34
N VAL O 12 55.06 21.44 -19.73
CA VAL O 12 55.03 20.04 -19.35
C VAL O 12 54.79 19.24 -20.62
N LYS O 13 55.48 18.10 -20.74
CA LYS O 13 55.29 17.31 -21.94
C LYS O 13 54.03 16.44 -21.82
N PRO O 14 53.39 16.15 -22.96
CA PRO O 14 52.20 15.30 -22.95
C PRO O 14 52.45 13.97 -22.28
N SER O 15 51.44 13.51 -21.53
CA SER O 15 51.40 12.28 -20.73
C SER O 15 52.18 12.42 -19.42
N GLU O 16 52.90 13.51 -19.20
CA GLU O 16 53.66 13.69 -17.97
C GLU O 16 52.76 14.33 -16.90
N THR O 17 53.32 14.53 -15.71
CA THR O 17 52.57 15.03 -14.58
C THR O 17 52.79 16.52 -14.39
N LEU O 18 51.69 17.24 -14.21
CA LEU O 18 51.72 18.66 -13.93
C LEU O 18 51.70 18.87 -12.44
N SER O 19 52.65 19.66 -11.94
CA SER O 19 52.73 20.00 -10.52
C SER O 19 52.77 21.51 -10.39
N LEU O 20 51.93 22.05 -9.50
CA LEU O 20 51.94 23.46 -9.20
C LEU O 20 51.94 23.70 -7.69
N THR O 21 52.51 24.83 -7.29
CA THR O 21 52.54 25.20 -5.87
C THR O 21 52.00 26.60 -5.72
N CYS O 22 51.35 26.84 -4.58
CA CYS O 22 50.82 28.15 -4.19
C CYS O 22 51.45 28.58 -2.88
N SER O 23 52.25 29.63 -2.94
CA SER O 23 52.83 30.16 -1.72
C SER O 23 51.86 31.15 -1.06
N VAL O 24 51.55 30.89 0.19
CA VAL O 24 50.53 31.64 0.93
C VAL O 24 51.26 32.58 1.88
N SER O 25 50.87 33.85 1.88
CA SER O 25 51.37 34.80 2.87
C SER O 25 50.20 35.47 3.57
N GLY O 26 50.33 35.70 4.87
CA GLY O 26 49.37 36.47 5.63
C GLY O 26 48.47 35.65 6.52
N VAL O 27 48.27 34.37 6.20
CA VAL O 27 47.61 33.41 7.08
C VAL O 27 48.35 32.10 7.01
N SER O 28 47.99 31.24 7.94
CA SER O 28 48.53 29.91 8.04
C SER O 28 47.62 28.94 7.32
N VAL O 29 48.22 28.03 6.55
CA VAL O 29 47.50 26.93 5.91
C VAL O 29 46.98 25.90 6.92
N THR O 30 47.30 26.01 8.23
CA THR O 30 46.81 25.09 9.26
C THR O 30 45.48 25.49 9.94
N SER O 31 44.85 26.56 9.49
CA SER O 31 43.59 27.07 10.03
C SER O 31 42.39 26.19 9.68
N ASP O 32 41.59 25.88 10.69
CA ASP O 32 40.41 25.06 10.61
C ASP O 32 39.30 25.53 9.70
N ILE O 33 39.23 26.80 9.38
CA ILE O 33 38.14 27.26 8.55
C ILE O 33 38.42 27.62 7.12
N TYR O 34 39.67 27.62 6.69
CA TYR O 34 39.87 28.02 5.31
C TYR O 34 40.07 26.76 4.49
N TYR O 35 39.70 26.88 3.23
CA TYR O 35 40.04 25.87 2.26
C TYR O 35 40.76 26.51 1.10
N TRP O 36 41.51 25.67 0.38
CA TRP O 36 42.44 26.09 -0.63
C TRP O 36 41.99 25.39 -1.91
N THR O 37 41.92 26.17 -2.99
CA THR O 37 41.24 25.77 -4.21
C THR O 37 42.14 26.02 -5.39
N TRP O 38 41.98 25.20 -6.44
CA TRP O 38 42.52 25.49 -7.75
C TRP O 38 41.39 25.61 -8.76
N ILE O 39 41.56 26.54 -9.69
CA ILE O 39 40.67 26.77 -10.82
C ILE O 39 41.56 26.97 -12.06
N ARG O 40 41.00 26.67 -13.23
CA ARG O 40 41.81 26.84 -14.44
C ARG O 40 40.92 27.40 -15.55
N GLN O 41 41.61 28.00 -16.53
CA GLN O 41 40.93 28.57 -17.69
C GLN O 41 41.80 28.31 -18.90
N PRO O 42 41.40 27.39 -19.77
CA PRO O 42 42.09 27.23 -21.06
C PRO O 42 42.02 28.48 -21.85
N PRO O 43 43.04 28.76 -22.70
CA PRO O 43 43.00 29.93 -23.61
C PRO O 43 41.68 30.09 -24.34
N GLY O 44 41.00 31.24 -24.14
CA GLY O 44 39.77 31.47 -24.88
C GLY O 44 38.59 30.64 -24.45
N LYS O 45 38.69 29.92 -23.33
CA LYS O 45 37.58 29.12 -22.82
C LYS O 45 37.12 29.61 -21.44
N GLY O 46 36.19 28.86 -20.85
CA GLY O 46 35.63 29.27 -19.59
C GLY O 46 36.48 28.83 -18.39
N LEU O 47 36.07 29.33 -17.22
CA LEU O 47 36.71 28.92 -15.98
C LEU O 47 36.20 27.55 -15.58
N GLU O 48 37.13 26.70 -15.13
CA GLU O 48 36.81 25.36 -14.66
C GLU O 48 37.38 25.13 -13.25
N TRP O 49 36.49 24.88 -12.30
CA TRP O 49 36.90 24.60 -10.93
C TRP O 49 37.52 23.21 -10.84
N ILE O 50 38.64 23.10 -10.13
CA ILE O 50 39.37 21.82 -10.03
C ILE O 50 39.07 21.10 -8.72
N GLY O 51 39.18 21.79 -7.59
CA GLY O 51 38.87 21.17 -6.32
C GLY O 51 39.25 22.06 -5.15
N TYR O 52 38.93 21.56 -3.96
CA TYR O 52 39.32 22.21 -2.72
C TYR O 52 39.98 21.21 -1.76
N ILE O 53 40.79 21.74 -0.85
CA ILE O 53 41.36 20.94 0.22
C ILE O 53 41.31 21.76 1.50
N PHE O 54 40.91 21.10 2.58
CA PHE O 54 40.96 21.58 3.94
C PHE O 54 42.13 20.95 4.69
N TYR O 55 42.66 21.72 5.64
CA TYR O 55 43.75 21.20 6.47
C TYR O 55 43.36 19.87 7.12
N ASN O 56 42.10 19.72 7.56
CA ASN O 56 41.69 18.46 8.19
C ASN O 56 41.64 17.28 7.23
N GLY O 57 41.92 17.44 5.94
CA GLY O 57 42.01 16.29 5.07
C GLY O 57 40.85 16.20 4.12
N ASP O 58 39.77 16.93 4.38
CA ASP O 58 38.61 16.85 3.49
C ASP O 58 38.93 17.54 2.16
N THR O 59 38.66 16.81 1.07
CA THR O 59 38.90 17.26 -0.30
C THR O 59 37.68 17.00 -1.15
N ASN O 60 37.62 17.69 -2.28
CA ASN O 60 36.60 17.42 -3.29
C ASN O 60 37.14 17.90 -4.64
N TYR O 61 37.19 17.00 -5.62
CA TYR O 61 37.71 17.31 -6.93
C TYR O 61 36.63 17.22 -7.98
N ASN O 62 36.68 18.11 -8.96
CA ASN O 62 35.76 18.05 -10.09
C ASN O 62 35.72 16.65 -10.69
N PRO O 63 34.54 16.05 -10.88
CA PRO O 63 34.48 14.69 -11.49
C PRO O 63 35.12 14.61 -12.85
N SER O 64 35.17 15.72 -13.60
CA SER O 64 35.86 15.73 -14.88
C SER O 64 37.36 15.41 -14.71
N LEU O 65 37.92 15.66 -13.54
CA LEU O 65 39.36 15.56 -13.28
C LEU O 65 39.71 14.65 -12.11
N LYS O 66 38.72 14.19 -11.32
CA LYS O 66 38.99 13.52 -10.05
C LYS O 66 39.89 12.30 -10.17
N SER O 67 39.78 11.55 -11.27
CA SER O 67 40.62 10.38 -11.39
C SER O 67 42.03 10.72 -11.82
N ARG O 68 42.36 12.00 -11.99
CA ARG O 68 43.72 12.41 -12.30
C ARG O 68 44.30 13.47 -11.37
N VAL O 69 43.54 14.04 -10.45
CA VAL O 69 44.03 15.20 -9.74
C VAL O 69 44.14 14.85 -8.25
N THR O 70 45.18 15.39 -7.62
CA THR O 70 45.29 15.46 -6.15
C THR O 70 45.83 16.82 -5.72
N MET O 71 45.53 17.16 -4.49
CA MET O 71 46.00 18.37 -3.84
C MET O 71 46.55 18.03 -2.48
N SER O 72 47.44 18.88 -2.00
CA SER O 72 48.02 18.71 -0.67
C SER O 72 48.34 20.09 -0.11
N ILE O 73 48.53 20.13 1.19
CA ILE O 73 48.86 21.32 1.93
C ILE O 73 50.20 21.02 2.58
N ASP O 74 51.15 21.93 2.45
CA ASP O 74 52.45 21.78 3.11
C ASP O 74 52.49 22.77 4.27
N THR O 75 52.33 22.26 5.48
CA THR O 75 52.24 23.17 6.61
C THR O 75 53.59 23.80 6.93
N SER O 76 54.68 23.05 6.74
CA SER O 76 56.02 23.52 7.06
C SER O 76 56.43 24.76 6.25
N LYS O 77 56.05 24.79 4.96
CA LYS O 77 56.36 25.83 3.96
C LYS O 77 55.25 26.85 3.74
N ASN O 78 54.11 26.64 4.40
CA ASN O 78 52.92 27.46 4.22
C ASN O 78 52.55 27.52 2.76
N GLU O 79 52.42 26.34 2.15
CA GLU O 79 52.10 26.20 0.73
C GLU O 79 50.97 25.20 0.55
N PHE O 80 50.32 25.23 -0.61
CA PHE O 80 49.49 24.09 -0.99
C PHE O 80 49.72 23.83 -2.47
N SER O 81 49.31 22.65 -2.94
CA SER O 81 49.81 22.21 -4.24
C SER O 81 48.75 21.47 -5.01
N LEU O 82 49.00 21.41 -6.31
CA LEU O 82 48.17 20.71 -7.27
C LEU O 82 49.03 19.70 -7.98
N ARG O 83 48.52 18.51 -8.16
CA ARG O 83 49.16 17.47 -8.96
C ARG O 83 48.16 16.90 -9.95
N LEU O 84 48.51 16.94 -11.24
CA LEU O 84 47.57 16.51 -12.27
C LEU O 84 48.33 15.55 -13.19
N THR O 85 47.90 14.29 -13.23
CA THR O 85 48.63 13.28 -13.99
C THR O 85 48.17 13.21 -15.46
N SER O 86 49.04 12.62 -16.30
CA SER O 86 48.72 12.19 -17.67
C SER O 86 48.08 13.31 -18.50
N VAL O 87 48.79 14.44 -18.55
CA VAL O 87 48.24 15.65 -19.15
C VAL O 87 48.24 15.55 -20.67
N THR O 88 47.33 16.30 -21.28
CA THR O 88 47.21 16.46 -22.72
C THR O 88 47.07 17.96 -22.99
N ALA O 89 46.94 18.32 -24.27
CA ALA O 89 46.75 19.72 -24.65
C ALA O 89 45.50 20.32 -24.03
N ALA O 90 44.51 19.51 -23.69
CA ALA O 90 43.31 20.03 -23.02
C ALA O 90 43.64 20.62 -21.66
N ASP O 91 44.79 20.31 -21.08
CA ASP O 91 45.15 20.79 -19.76
C ASP O 91 46.03 22.05 -19.81
N THR O 92 46.39 22.51 -21.01
CA THR O 92 47.02 23.82 -21.16
C THR O 92 46.00 24.86 -20.73
N ALA O 93 46.39 25.69 -19.77
CA ALA O 93 45.46 26.62 -19.14
C ALA O 93 46.23 27.53 -18.22
N VAL O 94 45.59 28.62 -17.86
CA VAL O 94 45.99 29.41 -16.72
C VAL O 94 45.39 28.74 -15.50
N TYR O 95 46.22 28.45 -14.52
CA TYR O 95 45.84 27.83 -13.26
C TYR O 95 45.90 28.87 -12.16
N PHE O 96 44.80 29.04 -11.44
CA PHE O 96 44.65 30.00 -10.36
C PHE O 96 44.55 29.22 -9.06
N CYS O 97 45.31 29.64 -8.06
CA CYS O 97 45.04 29.17 -6.70
C CYS O 97 44.17 30.18 -5.98
N ALA O 98 43.47 29.73 -4.93
CA ALA O 98 42.53 30.63 -4.25
C ALA O 98 42.27 30.11 -2.85
N ARG O 99 41.86 31.02 -1.98
CA ARG O 99 41.43 30.70 -0.62
C ARG O 99 39.93 30.97 -0.50
N GLY O 100 39.20 30.13 0.24
CA GLY O 100 37.85 30.47 0.70
C GLY O 100 37.70 30.17 2.19
N THR O 101 36.58 30.59 2.74
CA THR O 101 36.29 30.46 4.18
C THR O 101 34.99 29.65 4.28
N GLU O 102 35.02 28.51 4.97
CA GLU O 102 33.80 27.67 5.21
C GLU O 102 32.70 28.62 5.79
N ASP O 103 31.51 28.57 5.17
CA ASP O 103 30.39 29.51 5.43
C ASP O 103 29.07 28.87 4.97
N LEU O 104 28.72 27.81 5.66
CA LEU O 104 27.57 26.92 5.31
C LEU O 104 26.23 27.64 5.41
N GLY O 105 26.14 28.81 6.03
CA GLY O 105 24.92 29.63 5.94
C GLY O 105 24.68 30.22 4.53
N TYR O 106 25.66 30.27 3.64
CA TYR O 106 25.57 31.09 2.42
C TYR O 106 26.23 30.37 1.22
N CYS O 107 26.87 29.25 1.44
CA CYS O 107 27.76 28.59 0.46
C CYS O 107 27.82 27.10 0.71
N SER O 108 27.87 26.26 -0.32
CA SER O 108 28.17 24.81 -0.09
C SER O 108 29.59 24.74 0.47
N SER O 109 29.90 23.65 1.19
CA SER O 109 31.27 23.46 1.72
C SER O 109 32.31 23.62 0.59
N GLY O 110 33.33 24.42 0.82
CA GLY O 110 34.51 24.56 -0.07
C GLY O 110 34.20 25.11 -1.45
N SER O 111 33.13 25.89 -1.65
CA SER O 111 32.59 26.19 -3.01
C SER O 111 32.61 27.68 -3.36
N CYS O 112 33.33 28.58 -2.53
CA CYS O 112 33.29 30.03 -2.76
C CYS O 112 34.67 30.63 -2.59
N PRO O 113 35.61 30.28 -3.48
CA PRO O 113 36.96 30.87 -3.36
C PRO O 113 36.92 32.37 -3.56
N ASN O 114 37.33 33.13 -2.55
CA ASN O 114 37.14 34.57 -2.61
C ASN O 114 38.43 35.39 -2.57
N HIS O 115 39.59 34.75 -2.51
CA HIS O 115 40.86 35.45 -2.67
C HIS O 115 41.68 34.59 -3.62
N TRP O 116 41.91 35.12 -4.82
CA TRP O 116 42.60 34.38 -5.87
C TRP O 116 43.98 34.95 -6.13
N GLY O 117 44.88 34.09 -6.56
CA GLY O 117 46.14 34.45 -7.18
C GLY O 117 45.92 34.92 -8.61
N GLN O 118 46.99 35.44 -9.22
CA GLN O 118 46.81 35.98 -10.57
C GLN O 118 46.92 34.91 -11.64
N GLY O 119 47.29 33.70 -11.29
CA GLY O 119 47.26 32.63 -12.25
C GLY O 119 48.64 32.43 -12.86
N THR O 120 48.94 31.19 -13.23
CA THR O 120 50.18 30.90 -13.93
C THR O 120 49.82 30.01 -15.12
N LEU O 121 50.39 30.33 -16.28
CA LEU O 121 50.11 29.60 -17.50
C LEU O 121 50.91 28.29 -17.53
N VAL O 122 50.23 27.18 -17.84
CA VAL O 122 50.92 25.93 -18.12
C VAL O 122 50.61 25.49 -19.54
N THR O 123 51.66 25.25 -20.31
CA THR O 123 51.52 24.78 -21.68
C THR O 123 51.93 23.31 -21.77
N VAL O 124 51.06 22.48 -22.31
CA VAL O 124 51.37 21.08 -22.52
C VAL O 124 51.85 20.97 -23.96
N SER O 125 53.12 20.62 -24.15
CA SER O 125 53.74 20.57 -25.47
C SER O 125 55.01 19.73 -25.44
N SER O 126 55.30 19.11 -26.58
CA SER O 126 56.56 18.40 -26.76
C SER O 126 57.70 19.32 -27.20
N ALA O 127 57.41 20.56 -27.58
CA ALA O 127 58.44 21.48 -28.06
C ALA O 127 59.36 21.90 -26.92
N SER O 128 60.59 22.24 -27.25
CA SER O 128 61.53 22.63 -26.21
C SER O 128 61.42 24.11 -25.85
N THR O 129 61.96 24.46 -24.68
CA THR O 129 62.06 25.85 -24.22
C THR O 129 63.00 26.65 -25.12
N LYS O 130 62.69 27.93 -25.26
CA LYS O 130 63.58 28.81 -25.99
C LYS O 130 63.54 30.21 -25.42
N GLY O 131 64.70 30.78 -25.09
CA GLY O 131 64.74 32.12 -24.57
C GLY O 131 64.64 33.15 -25.66
N PRO O 132 64.19 34.35 -25.32
CA PRO O 132 63.96 35.36 -26.34
C PRO O 132 65.26 36.03 -26.76
N SER O 133 65.22 36.58 -27.95
CA SER O 133 66.20 37.57 -28.36
C SER O 133 65.48 38.90 -28.20
N VAL O 134 66.20 39.92 -27.76
CA VAL O 134 65.52 41.15 -27.41
C VAL O 134 66.17 42.25 -28.22
N PHE O 135 65.37 42.99 -28.97
CA PHE O 135 65.96 44.03 -29.79
C PHE O 135 65.32 45.36 -29.47
N PRO O 136 66.11 46.43 -29.59
CA PRO O 136 65.62 47.79 -29.32
C PRO O 136 64.71 48.35 -30.43
N LEU O 137 63.71 49.11 -29.99
CA LEU O 137 62.95 50.02 -30.86
C LEU O 137 63.32 51.49 -30.72
N ALA O 138 64.29 51.97 -31.54
CA ALA O 138 64.88 53.28 -31.33
C ALA O 138 63.95 54.42 -31.79
N PRO O 139 64.00 55.57 -31.11
CA PRO O 139 63.18 56.74 -31.48
C PRO O 139 63.60 57.45 -32.78
N SER O 140 62.60 57.91 -33.53
CA SER O 140 62.80 58.63 -34.82
C SER O 140 63.56 59.95 -34.67
N GLY O 146 56.24 65.96 -32.84
CA GLY O 146 55.74 67.22 -32.32
C GLY O 146 55.70 67.29 -30.80
N GLY O 147 56.72 66.74 -30.15
CA GLY O 147 56.90 66.86 -28.71
C GLY O 147 57.12 65.55 -27.98
N THR O 148 56.52 64.47 -28.47
CA THR O 148 56.57 63.16 -27.82
C THR O 148 57.21 62.13 -28.74
N ALA O 149 58.13 61.35 -28.18
CA ALA O 149 58.80 60.27 -28.89
C ALA O 149 58.37 58.96 -28.25
N ALA O 150 58.36 57.91 -29.05
CA ALA O 150 58.08 56.55 -28.60
C ALA O 150 59.31 55.66 -28.75
N LEU O 151 59.49 54.74 -27.82
CA LEU O 151 60.60 53.79 -27.93
C LEU O 151 60.12 52.50 -27.29
N GLY O 152 60.88 51.43 -27.52
CA GLY O 152 60.47 50.16 -26.98
C GLY O 152 61.54 49.10 -27.17
N CYS O 153 61.15 47.87 -26.84
CA CYS O 153 62.01 46.71 -27.07
C CYS O 153 61.22 45.56 -27.68
N LEU O 154 61.80 44.93 -28.71
CA LEU O 154 61.22 43.76 -29.37
C LEU O 154 61.78 42.44 -28.81
N VAL O 155 60.88 41.55 -28.38
CA VAL O 155 61.20 40.31 -27.69
C VAL O 155 60.78 39.18 -28.63
N LYS O 156 61.72 38.57 -29.35
CA LYS O 156 61.36 37.73 -30.49
C LYS O 156 61.75 36.27 -30.26
N ASP O 157 60.89 35.34 -30.65
CA ASP O 157 61.27 33.93 -30.77
C ASP O 157 61.53 33.24 -29.43
N TYR O 158 60.50 33.17 -28.58
CA TYR O 158 60.64 32.45 -27.32
C TYR O 158 59.53 31.41 -27.22
N PHE O 159 59.72 30.46 -26.30
CA PHE O 159 58.72 29.42 -26.10
C PHE O 159 58.93 28.73 -24.75
N PRO O 160 57.85 28.44 -24.02
CA PRO O 160 56.46 28.85 -24.27
C PRO O 160 56.25 30.25 -23.69
N GLU O 161 55.01 30.73 -23.66
CA GLU O 161 54.68 31.96 -22.94
C GLU O 161 54.75 31.83 -21.42
N PRO O 162 54.89 32.95 -20.69
CA PRO O 162 55.02 34.39 -20.99
C PRO O 162 56.42 34.94 -20.80
N VAL O 163 56.68 36.15 -21.32
CA VAL O 163 57.80 37.01 -20.91
C VAL O 163 57.21 38.14 -20.07
N THR O 164 58.03 38.72 -19.18
CA THR O 164 57.68 39.97 -18.49
C THR O 164 58.64 41.06 -18.90
N VAL O 165 58.14 42.29 -19.01
CA VAL O 165 58.98 43.42 -19.39
C VAL O 165 58.79 44.58 -18.41
N SER O 166 59.89 45.14 -17.92
CA SER O 166 59.88 46.42 -17.21
C SER O 166 60.80 47.36 -17.95
N TRP O 167 60.74 48.65 -17.60
CA TRP O 167 61.59 49.68 -18.22
C TRP O 167 62.45 50.42 -17.20
N ASN O 168 63.73 50.20 -17.17
CA ASN O 168 64.32 50.75 -15.94
C ASN O 168 63.87 50.00 -14.64
N SER O 169 63.99 48.68 -14.58
CA SER O 169 63.60 47.89 -13.38
C SER O 169 62.36 48.26 -12.57
N ALA O 171 60.85 51.12 -12.56
CA ALA O 171 60.77 52.56 -12.33
C ALA O 171 59.97 53.29 -13.40
N LEU O 172 60.37 53.23 -14.67
CA LEU O 172 59.49 53.84 -15.68
C LEU O 172 58.26 52.96 -15.85
N THR O 173 57.08 53.51 -15.50
CA THR O 173 55.86 52.72 -15.61
C THR O 173 54.69 53.38 -16.33
N SER O 174 54.53 54.69 -16.19
CA SER O 174 53.45 55.39 -16.87
C SER O 174 53.68 55.35 -18.39
N GLY O 175 52.65 55.02 -19.17
CA GLY O 175 52.81 55.05 -20.61
C GLY O 175 53.34 53.79 -21.25
N VAL O 176 53.43 52.71 -20.49
CA VAL O 176 53.98 51.44 -20.96
C VAL O 176 52.86 50.66 -21.60
N HIS O 177 53.12 50.05 -22.77
CA HIS O 177 52.23 49.06 -23.34
C HIS O 177 53.02 47.81 -23.67
N THR O 178 52.70 46.70 -23.04
CA THR O 178 53.28 45.41 -23.39
C THR O 178 52.22 44.60 -24.13
N PHE O 179 52.48 44.33 -25.38
CA PHE O 179 51.51 43.73 -26.28
C PHE O 179 51.35 42.23 -26.04
N PRO O 180 50.15 41.72 -26.28
CA PRO O 180 49.96 40.25 -26.30
C PRO O 180 50.90 39.63 -27.33
N ALA O 181 51.45 38.46 -26.99
CA ALA O 181 52.35 37.74 -27.87
C ALA O 181 51.63 37.26 -29.12
N VAL O 182 52.36 37.17 -30.24
CA VAL O 182 51.83 36.56 -31.45
C VAL O 182 52.60 35.27 -31.71
N LEU O 183 51.85 34.24 -32.11
CA LEU O 183 52.47 32.98 -32.51
C LEU O 183 52.92 33.10 -33.96
N GLN O 184 54.22 32.95 -34.19
CA GLN O 184 54.71 33.04 -35.57
C GLN O 184 54.55 31.69 -36.27
N SER O 185 54.68 31.71 -37.60
CA SER O 185 54.55 30.47 -38.36
C SER O 185 55.63 29.46 -37.98
N SER O 186 56.71 29.92 -37.35
CA SER O 186 57.77 29.03 -36.86
C SER O 186 57.37 28.27 -35.59
N GLY O 187 56.22 28.60 -34.99
CA GLY O 187 55.83 28.01 -33.72
C GLY O 187 56.40 28.67 -32.49
N LEU O 188 57.14 29.76 -32.64
CA LEU O 188 57.68 30.52 -31.53
C LEU O 188 56.93 31.84 -31.39
N TYR O 189 56.93 32.42 -30.19
CA TYR O 189 56.22 33.65 -29.89
C TYR O 189 57.10 34.87 -30.07
N SER O 190 56.44 36.02 -30.24
CA SER O 190 57.15 37.28 -30.27
C SER O 190 56.20 38.34 -29.73
N LEU O 191 56.77 39.36 -29.06
CA LEU O 191 55.97 40.51 -28.64
C LEU O 191 56.86 41.75 -28.60
N SER O 192 56.21 42.90 -28.48
CA SER O 192 56.88 44.17 -28.22
C SER O 192 56.36 44.85 -26.95
N SER O 193 57.24 45.60 -26.29
CA SER O 193 56.86 46.53 -25.21
C SER O 193 57.31 47.93 -25.59
N VAL O 194 56.41 48.92 -25.47
CA VAL O 194 56.72 50.29 -25.84
C VAL O 194 56.43 51.25 -24.68
N VAL O 195 57.04 52.45 -24.75
CA VAL O 195 56.77 53.53 -23.79
C VAL O 195 56.84 54.87 -24.52
N THR O 196 55.95 55.80 -24.11
CA THR O 196 56.06 57.17 -24.61
C THR O 196 56.76 58.08 -23.60
N VAL O 197 57.67 58.90 -24.13
CA VAL O 197 58.55 59.80 -23.36
C VAL O 197 58.75 61.13 -24.08
N PRO O 198 59.25 62.15 -23.36
CA PRO O 198 59.53 63.40 -24.04
C PRO O 198 60.63 63.29 -25.13
N SER O 199 60.35 63.90 -26.29
CA SER O 199 61.45 63.98 -27.27
C SER O 199 62.64 64.71 -26.66
N SER O 200 62.37 65.73 -25.83
CA SER O 200 63.40 66.56 -25.17
C SER O 200 64.24 65.72 -24.22
N SER O 201 63.80 64.51 -23.99
CA SER O 201 64.47 63.60 -23.11
C SER O 201 65.47 62.69 -23.83
N LEU O 202 65.43 62.59 -25.17
CA LEU O 202 66.22 61.57 -25.86
C LEU O 202 67.74 61.82 -25.75
N GLY O 203 68.16 63.09 -25.65
CA GLY O 203 69.58 63.41 -25.57
C GLY O 203 70.26 63.13 -24.24
N THR O 204 69.51 63.06 -23.15
CA THR O 204 70.16 63.00 -21.84
C THR O 204 69.69 61.89 -20.90
N GLN O 205 68.50 61.31 -21.03
CA GLN O 205 68.07 60.30 -20.01
C GLN O 205 67.96 58.81 -20.38
N THR O 206 68.34 57.93 -19.44
CA THR O 206 68.41 56.46 -19.64
C THR O 206 67.18 55.54 -19.59
N TYR O 207 67.08 54.69 -20.61
CA TYR O 207 65.97 53.76 -20.76
C TYR O 207 66.41 52.36 -21.08
N ILE O 208 66.13 51.45 -20.18
CA ILE O 208 66.54 50.10 -20.43
C ILE O 208 65.39 49.16 -20.28
N CYS O 209 65.05 48.46 -21.35
CA CYS O 209 63.98 47.51 -21.11
C CYS O 209 64.53 46.22 -20.53
N ASN O 210 63.81 45.64 -19.61
CA ASN O 210 64.25 44.41 -19.00
C ASN O 210 63.32 43.32 -19.45
N VAL O 211 63.84 42.35 -20.17
CA VAL O 211 63.00 41.28 -20.70
C VAL O 211 63.42 40.04 -19.97
N ASN O 212 62.46 39.49 -19.25
CA ASN O 212 62.71 38.34 -18.41
C ASN O 212 61.79 37.19 -18.82
N HIS O 213 62.37 35.99 -19.03
CA HIS O 213 61.66 34.75 -19.41
C HIS O 213 62.03 33.57 -18.52
N LYS O 214 61.18 33.32 -17.53
CA LYS O 214 61.54 32.31 -16.53
C LYS O 214 61.72 30.89 -17.07
N PRO O 215 60.92 30.37 -18.01
CA PRO O 215 61.19 29.00 -18.49
C PRO O 215 62.59 28.81 -19.08
N SER O 216 63.19 29.84 -19.70
CA SER O 216 64.53 29.73 -20.25
C SER O 216 65.57 30.36 -19.34
N ASN O 217 65.14 30.77 -18.15
CA ASN O 217 65.98 31.42 -17.16
C ASN O 217 66.79 32.58 -17.74
N THR O 218 66.15 33.37 -18.58
CA THR O 218 66.81 34.46 -19.31
C THR O 218 66.46 35.84 -18.77
N LYS O 219 67.49 36.69 -18.66
CA LYS O 219 67.32 38.11 -18.40
C LYS O 219 68.21 38.83 -19.41
N VAL O 220 67.62 39.74 -20.18
CA VAL O 220 68.34 40.41 -21.24
C VAL O 220 68.01 41.89 -21.04
N ASP O 221 69.02 42.75 -20.99
CA ASP O 221 68.81 44.21 -20.93
C ASP O 221 69.23 44.93 -22.22
N LYS O 222 68.31 45.69 -22.73
CA LYS O 222 68.64 46.47 -23.84
C LYS O 222 68.42 47.89 -23.37
N ARG O 223 69.28 48.73 -23.87
CA ARG O 223 69.25 50.15 -23.64
C ARG O 223 68.90 50.71 -25.02
N VAL O 224 68.12 51.78 -25.08
CA VAL O 224 67.69 52.29 -26.38
C VAL O 224 68.13 53.72 -26.76
N GLU O 225 68.47 53.99 -28.04
CA GLU O 225 68.84 55.39 -28.37
C GLU O 225 68.88 55.58 -29.90
N PRO O 226 68.90 56.84 -30.37
CA PRO O 226 68.93 57.15 -31.80
C PRO O 226 69.79 56.16 -32.59
N LYS O 227 69.40 55.90 -33.83
CA LYS O 227 70.13 54.96 -34.67
C LYS O 227 71.61 55.33 -34.76
N ASP P 1 27.68 20.95 -12.51
CA ASP P 1 26.75 20.31 -13.44
C ASP P 1 25.57 21.30 -13.64
N ILE P 2 25.42 22.25 -12.73
CA ILE P 2 24.54 23.39 -12.97
C ILE P 2 25.16 24.27 -14.05
N VAL P 3 24.40 24.56 -15.12
CA VAL P 3 24.90 25.33 -16.25
C VAL P 3 24.49 26.78 -16.03
N MET P 4 25.47 27.68 -16.11
CA MET P 4 25.25 29.12 -15.92
C MET P 4 25.26 29.77 -17.30
N THR P 5 24.17 30.41 -17.67
CA THR P 5 24.00 31.12 -18.93
C THR P 5 24.02 32.61 -18.68
N GLN P 6 25.09 33.25 -19.06
CA GLN P 6 25.32 34.67 -18.89
C GLN P 6 24.98 35.36 -20.21
N SER P 7 24.45 36.58 -20.14
CA SER P 7 24.18 37.32 -21.38
C SER P 7 24.23 38.81 -21.11
N PRO P 8 24.74 39.61 -22.08
CA PRO P 8 25.25 39.14 -23.37
C PRO P 8 26.67 38.60 -23.20
N SER P 9 27.25 37.99 -24.23
CA SER P 9 28.64 37.53 -24.14
C SER P 9 29.60 38.71 -24.14
N SER P 10 29.18 39.84 -24.73
CA SER P 10 30.04 41.01 -24.88
C SER P 10 29.13 42.22 -25.00
N LEU P 11 29.61 43.37 -24.53
CA LEU P 11 28.87 44.60 -24.73
C LEU P 11 29.87 45.74 -24.73
N SER P 12 29.48 46.84 -25.37
CA SER P 12 30.24 48.08 -25.38
C SER P 12 29.36 49.21 -24.89
N ALA P 13 29.93 50.07 -24.03
CA ALA P 13 29.12 51.16 -23.51
C ALA P 13 29.99 52.38 -23.25
N SER P 14 29.38 53.56 -23.28
CA SER P 14 30.15 54.76 -23.07
C SER P 14 30.41 55.01 -21.58
N ILE P 15 31.46 55.80 -21.30
CA ILE P 15 31.75 56.24 -19.93
C ILE P 15 30.57 57.00 -19.35
N GLY P 16 30.21 56.65 -18.11
CA GLY P 16 29.07 57.22 -17.45
C GLY P 16 27.78 56.45 -17.63
N ASP P 17 27.71 55.58 -18.62
CA ASP P 17 26.51 54.79 -18.89
C ASP P 17 26.29 53.69 -17.84
N ARG P 18 25.03 53.27 -17.74
CA ARG P 18 24.59 52.15 -16.92
C ARG P 18 24.63 50.83 -17.68
N VAL P 19 25.38 49.84 -17.17
CA VAL P 19 25.55 48.54 -17.82
C VAL P 19 24.91 47.43 -16.98
N THR P 20 24.26 46.46 -17.64
CA THR P 20 23.53 45.38 -16.98
C THR P 20 23.93 44.06 -17.61
N ILE P 21 24.31 43.09 -16.79
CA ILE P 21 24.68 41.75 -17.23
C ILE P 21 23.78 40.78 -16.48
N THR P 22 23.21 39.81 -17.21
CA THR P 22 22.29 38.87 -16.61
C THR P 22 22.89 37.48 -16.56
N CYS P 23 22.43 36.73 -15.56
CA CYS P 23 22.88 35.36 -15.39
C CYS P 23 21.65 34.50 -15.07
N ARG P 24 21.51 33.40 -15.79
CA ARG P 24 20.39 32.49 -15.60
C ARG P 24 20.95 31.09 -15.41
N PRO P 25 20.89 30.57 -14.20
CA PRO P 25 21.28 29.19 -13.95
C PRO P 25 20.24 28.23 -14.50
N SER P 26 20.68 27.01 -14.69
CA SER P 26 19.85 25.94 -15.21
C SER P 26 18.91 25.35 -14.17
N GLN P 27 19.07 25.71 -12.90
CA GLN P 27 18.08 25.38 -11.88
C GLN P 27 18.11 26.46 -10.82
N ASN P 28 17.10 26.47 -9.97
CA ASN P 28 16.98 27.50 -8.97
C ASN P 28 18.13 27.38 -7.97
N ILE P 29 18.84 28.48 -7.71
CA ILE P 29 19.97 28.39 -6.80
C ILE P 29 19.83 29.38 -5.64
N ARG P 30 18.61 29.89 -5.42
CA ARG P 30 18.34 30.79 -4.29
C ARG P 30 19.29 31.97 -4.37
N SER P 31 20.09 32.30 -3.35
CA SER P 31 21.03 33.42 -3.43
C SER P 31 22.48 32.94 -3.53
N PHE P 32 22.70 31.67 -3.86
CA PHE P 32 24.07 31.16 -3.83
C PHE P 32 24.71 31.47 -5.19
N LEU P 33 25.02 32.75 -5.37
CA LEU P 33 25.52 33.24 -6.65
C LEU P 33 26.49 34.37 -6.36
N ASN P 34 27.68 34.29 -6.95
CA ASN P 34 28.76 35.26 -6.85
C ASN P 34 29.09 35.83 -8.22
N TRP P 35 29.66 37.04 -8.24
CA TRP P 35 30.10 37.73 -9.45
C TRP P 35 31.58 38.06 -9.33
N PHE P 36 32.34 37.74 -10.37
CA PHE P 36 33.79 37.97 -10.40
C PHE P 36 34.08 38.95 -11.52
N GLN P 37 35.15 39.73 -11.33
CA GLN P 37 35.68 40.62 -12.34
C GLN P 37 37.09 40.18 -12.66
N HIS P 38 37.42 40.15 -13.95
CA HIS P 38 38.78 39.74 -14.35
C HIS P 38 39.34 40.75 -15.37
N LYS P 39 40.19 41.63 -14.90
CA LYS P 39 40.98 42.59 -15.66
C LYS P 39 42.26 41.97 -16.18
N PRO P 40 42.69 42.42 -17.38
CA PRO P 40 43.81 41.77 -18.09
C PRO P 40 45.05 41.72 -17.20
N GLY P 41 45.58 40.53 -17.08
CA GLY P 41 46.78 40.24 -16.34
C GLY P 41 46.64 40.32 -14.82
N LYS P 42 45.48 40.65 -14.27
CA LYS P 42 45.33 40.64 -12.82
C LYS P 42 44.55 39.41 -12.38
N ALA P 43 44.64 39.16 -11.09
CA ALA P 43 43.90 38.11 -10.43
C ALA P 43 42.39 38.38 -10.55
N PRO P 44 41.60 37.39 -10.93
CA PRO P 44 40.15 37.54 -10.79
C PRO P 44 39.79 37.95 -9.38
N LYS P 45 38.80 38.84 -9.28
CA LYS P 45 38.38 39.49 -8.04
C LYS P 45 36.90 39.21 -7.78
N LEU P 46 36.60 38.78 -6.57
CA LEU P 46 35.19 38.62 -6.22
C LEU P 46 34.61 40.01 -6.01
N LEU P 47 33.58 40.37 -6.78
CA LEU P 47 32.95 41.67 -6.62
C LEU P 47 31.73 41.63 -5.72
N ILE P 48 30.89 40.64 -5.95
CA ILE P 48 29.60 40.53 -5.28
C ILE P 48 29.52 39.10 -4.80
N TYR P 49 29.10 38.96 -3.55
CA TYR P 49 28.93 37.66 -2.98
C TYR P 49 27.50 37.54 -2.52
N ALA P 50 27.00 36.33 -2.61
CA ALA P 50 25.65 35.99 -2.24
C ALA P 50 24.67 36.98 -2.84
N ALA P 51 24.73 37.06 -4.15
CA ALA P 51 23.90 37.86 -5.01
C ALA P 51 23.93 39.36 -4.87
N SER P 52 24.16 39.87 -3.69
CA SER P 52 24.08 41.33 -3.61
C SER P 52 25.12 42.00 -2.72
N ASN P 53 26.05 41.27 -2.12
CA ASN P 53 26.97 41.88 -1.16
C ASN P 53 28.26 42.34 -1.80
N LEU P 54 28.46 43.64 -1.82
CA LEU P 54 29.67 44.28 -2.32
C LEU P 54 30.90 43.97 -1.45
N GLN P 55 31.93 43.47 -2.09
CA GLN P 55 33.24 43.15 -1.51
C GLN P 55 34.05 44.41 -1.22
N SER P 56 35.00 44.26 -0.29
CA SER P 56 35.81 45.38 0.12
C SER P 56 36.60 45.97 -1.04
N GLY P 57 36.60 47.29 -1.12
CA GLY P 57 37.29 47.97 -2.18
C GLY P 57 36.49 48.10 -3.46
N VAL P 58 35.33 47.47 -3.55
CA VAL P 58 34.57 47.59 -4.78
C VAL P 58 33.74 48.87 -4.73
N PRO P 59 33.77 49.69 -5.77
CA PRO P 59 33.00 50.94 -5.77
C PRO P 59 31.49 50.71 -5.77
N SER P 60 30.79 51.63 -5.10
CA SER P 60 29.36 51.43 -4.93
C SER P 60 28.59 51.58 -6.24
N ARG P 61 29.21 51.98 -7.35
CA ARG P 61 28.49 51.93 -8.62
C ARG P 61 28.14 50.51 -9.07
N PHE P 62 28.75 49.48 -8.47
CA PHE P 62 28.49 48.06 -8.74
C PHE P 62 27.42 47.53 -7.80
N SER P 63 26.39 46.85 -8.35
CA SER P 63 25.34 46.29 -7.50
C SER P 63 24.84 44.99 -8.11
N GLY P 64 24.52 44.02 -7.25
CA GLY P 64 24.01 42.74 -7.67
C GLY P 64 22.60 42.60 -7.17
N SER P 65 21.75 41.94 -7.95
CA SER P 65 20.36 41.76 -7.56
C SER P 65 19.85 40.44 -8.12
N GLY P 66 18.68 40.03 -7.64
CA GLY P 66 18.03 38.84 -8.12
C GLY P 66 18.23 37.66 -7.19
N SER P 67 17.47 36.59 -7.48
CA SER P 67 17.56 35.33 -6.77
C SER P 67 16.77 34.28 -7.53
N GLY P 68 17.07 33.02 -7.22
CA GLY P 68 16.32 31.96 -7.84
C GLY P 68 16.91 31.56 -9.16
N THR P 69 16.36 32.08 -10.26
CA THR P 69 16.90 31.70 -11.55
C THR P 69 17.25 32.90 -12.41
N GLU P 70 17.26 34.11 -11.87
CA GLU P 70 17.70 35.22 -12.70
C GLU P 70 18.41 36.22 -11.81
N PHE P 71 19.64 36.57 -12.20
CA PHE P 71 20.51 37.48 -11.48
C PHE P 71 21.06 38.55 -12.40
N THR P 72 21.26 39.74 -11.82
CA THR P 72 21.75 40.88 -12.56
C THR P 72 22.91 41.55 -11.84
N LEU P 73 24.00 41.76 -12.56
CA LEU P 73 25.07 42.68 -12.15
C LEU P 73 24.84 44.01 -12.87
N THR P 74 24.75 45.11 -12.13
CA THR P 74 24.62 46.42 -12.76
C THR P 74 25.90 47.19 -12.49
N ILE P 75 26.47 47.83 -13.51
CA ILE P 75 27.50 48.86 -13.30
C ILE P 75 26.88 50.22 -13.62
N ARG P 76 26.60 51.06 -12.62
CA ARG P 76 25.75 52.25 -12.88
C ARG P 76 26.42 53.40 -13.63
N SER P 77 27.73 53.59 -13.57
CA SER P 77 28.24 54.65 -14.45
C SER P 77 29.67 54.21 -14.75
N LEU P 78 29.75 53.59 -15.92
CA LEU P 78 30.95 52.92 -16.39
C LEU P 78 32.14 53.85 -16.42
N GLN P 79 33.25 53.36 -15.88
CA GLN P 79 34.54 54.02 -15.87
C GLN P 79 35.55 53.22 -16.68
N PRO P 80 36.59 53.87 -17.20
CA PRO P 80 37.55 53.13 -18.03
C PRO P 80 38.16 51.94 -17.31
N GLU P 81 38.38 52.06 -16.01
CA GLU P 81 38.96 50.93 -15.28
C GLU P 81 38.01 49.75 -15.18
N ASP P 82 36.74 49.90 -15.58
CA ASP P 82 35.84 48.76 -15.49
C ASP P 82 35.96 47.84 -16.70
N PHE P 83 36.83 48.16 -17.67
CA PHE P 83 37.10 47.20 -18.73
C PHE P 83 37.57 45.88 -18.13
N ALA P 84 36.87 44.80 -18.43
CA ALA P 84 37.18 43.52 -17.80
C ALA P 84 36.24 42.50 -18.38
N THR P 85 36.48 41.23 -18.04
CA THR P 85 35.50 40.17 -18.27
C THR P 85 34.86 39.80 -16.94
N TYR P 86 33.52 39.78 -16.90
CA TYR P 86 32.76 39.51 -15.67
C TYR P 86 32.17 38.12 -15.78
N TYR P 87 32.14 37.40 -14.66
CA TYR P 87 31.62 36.02 -14.60
C TYR P 87 30.68 35.90 -13.41
N CYS P 88 29.58 35.19 -13.60
CA CYS P 88 28.78 34.71 -12.48
C CYS P 88 29.28 33.33 -12.06
N GLN P 89 29.01 32.98 -10.81
CA GLN P 89 29.48 31.68 -10.29
C GLN P 89 28.49 31.18 -9.27
N GLN P 90 27.95 29.99 -9.51
CA GLN P 90 27.06 29.41 -8.53
C GLN P 90 27.79 28.62 -7.45
N SER P 91 27.33 28.76 -6.21
CA SER P 91 27.93 28.11 -5.04
C SER P 91 26.90 27.22 -4.36
N TYR P 92 25.93 26.75 -5.13
CA TYR P 92 24.77 26.02 -4.65
C TYR P 92 25.04 24.52 -4.57
N ASN P 93 25.68 23.92 -5.56
CA ASN P 93 26.13 22.58 -5.31
C ASN P 93 27.45 22.29 -6.00
N THR P 94 28.06 21.30 -5.73
CA THR P 94 29.39 21.00 -6.28
C THR P 94 29.21 20.25 -7.61
N PRO P 95 30.11 20.51 -8.58
CA PRO P 95 31.21 21.49 -8.51
C PRO P 95 30.68 22.91 -8.73
N PRO P 96 31.26 23.90 -8.04
CA PRO P 96 31.02 25.29 -8.42
C PRO P 96 31.19 25.46 -9.93
N THR P 97 30.29 26.22 -10.55
CA THR P 97 30.40 26.44 -11.99
C THR P 97 30.25 27.92 -12.31
N PHE P 98 30.84 28.34 -13.44
CA PHE P 98 30.93 29.73 -13.84
C PHE P 98 30.14 29.94 -15.13
N GLY P 99 29.59 31.14 -15.27
CA GLY P 99 29.13 31.60 -16.58
C GLY P 99 30.26 31.70 -17.58
N GLN P 100 29.90 31.77 -18.86
CA GLN P 100 30.96 31.84 -19.87
C GLN P 100 31.62 33.22 -19.96
N GLY P 101 31.10 34.22 -19.26
CA GLY P 101 31.76 35.50 -19.10
C GLY P 101 31.12 36.56 -20.00
N THR P 102 31.24 37.81 -19.57
CA THR P 102 30.79 38.95 -20.37
C THR P 102 31.93 39.94 -20.47
N LYS P 103 32.42 40.16 -21.67
CA LYS P 103 33.47 41.14 -21.92
C LYS P 103 32.88 42.54 -22.05
N VAL P 104 33.24 43.45 -21.15
CA VAL P 104 32.73 44.82 -21.18
C VAL P 104 33.80 45.70 -21.80
N GLU P 105 33.48 46.36 -22.92
CA GLU P 105 34.40 47.27 -23.59
C GLU P 105 33.89 48.68 -23.49
N ILE P 106 34.80 49.63 -23.44
CA ILE P 106 34.43 51.03 -23.28
C ILE P 106 34.40 51.72 -24.63
N LYS P 107 33.31 52.43 -24.91
CA LYS P 107 33.23 53.30 -26.08
C LYS P 107 33.75 54.66 -25.65
N ARG P 108 34.61 55.25 -26.49
CA ARG P 108 35.14 56.58 -26.21
C ARG P 108 35.24 57.29 -27.56
N THR P 109 35.75 58.53 -27.55
CA THR P 109 35.91 59.31 -28.77
C THR P 109 36.99 58.68 -29.66
N VAL P 110 36.88 58.97 -30.96
CA VAL P 110 37.87 58.51 -31.90
C VAL P 110 39.24 59.07 -31.55
N ALA P 111 40.26 58.22 -31.61
CA ALA P 111 41.63 58.63 -31.38
C ALA P 111 42.49 58.03 -32.49
N ALA P 112 43.15 58.88 -33.26
CA ALA P 112 44.00 58.42 -34.35
C ALA P 112 45.24 57.76 -33.77
N PRO P 113 45.78 56.74 -34.43
CA PRO P 113 47.02 56.14 -33.90
C PRO P 113 48.22 57.01 -34.22
N SER P 114 49.19 56.97 -33.33
CA SER P 114 50.54 57.43 -33.64
C SER P 114 51.30 56.28 -34.27
N VAL P 115 52.04 56.56 -35.33
CA VAL P 115 52.64 55.47 -36.08
C VAL P 115 54.15 55.57 -36.01
N PHE P 116 54.79 54.43 -35.81
CA PHE P 116 56.24 54.38 -35.77
C PHE P 116 56.68 53.15 -36.53
N ILE P 117 57.79 53.26 -37.24
CA ILE P 117 58.37 52.14 -37.95
C ILE P 117 59.79 51.94 -37.46
N PHE P 118 60.18 50.67 -37.32
CA PHE P 118 61.49 50.29 -36.79
C PHE P 118 62.15 49.38 -37.81
N PRO P 119 63.36 49.66 -38.27
CA PRO P 119 64.04 48.73 -39.17
C PRO P 119 64.59 47.55 -38.38
N PRO P 120 64.92 46.42 -39.03
CA PRO P 120 65.55 45.35 -38.26
C PRO P 120 66.92 45.76 -37.77
N SER P 121 67.26 45.30 -36.56
CA SER P 121 68.59 45.56 -36.02
C SER P 121 69.61 44.71 -36.76
N ASP P 122 70.83 45.24 -36.85
CA ASP P 122 71.92 44.50 -37.50
C ASP P 122 72.21 43.18 -36.80
N GLU P 123 72.04 43.13 -35.48
CA GLU P 123 72.28 41.89 -34.77
C GLU P 123 71.38 40.76 -35.29
N GLN P 124 70.10 41.04 -35.56
CA GLN P 124 69.23 39.99 -36.08
C GLN P 124 69.60 39.57 -37.51
N LEU P 125 70.04 40.53 -38.34
CA LEU P 125 70.34 40.15 -39.72
C LEU P 125 71.40 39.04 -39.79
N LYS P 126 72.35 39.00 -38.85
CA LYS P 126 73.28 37.87 -38.85
C LYS P 126 72.58 36.52 -38.70
N SER P 127 71.32 36.51 -38.27
CA SER P 127 70.57 35.27 -38.13
C SER P 127 69.91 34.84 -39.44
N GLY P 128 69.95 35.66 -40.48
CA GLY P 128 69.34 35.30 -41.73
C GLY P 128 67.91 35.76 -41.87
N THR P 129 67.39 36.47 -40.87
CA THR P 129 66.02 36.97 -40.86
C THR P 129 66.02 38.45 -40.56
N ALA P 130 65.08 39.17 -41.18
CA ALA P 130 64.88 40.59 -40.96
C ALA P 130 63.45 40.77 -40.52
N SER P 131 63.26 41.34 -39.33
CA SER P 131 61.93 41.70 -38.85
C SER P 131 61.77 43.21 -38.91
N VAL P 132 60.71 43.67 -39.57
CA VAL P 132 60.38 45.08 -39.62
C VAL P 132 59.10 45.27 -38.84
N VAL P 133 59.10 46.20 -37.89
CA VAL P 133 57.99 46.38 -36.97
C VAL P 133 57.38 47.75 -37.20
N CYS P 134 56.06 47.78 -37.22
CA CYS P 134 55.28 49.00 -37.25
C CYS P 134 54.41 49.05 -36.00
N LEU P 135 54.42 50.20 -35.33
CA LEU P 135 53.71 50.43 -34.08
C LEU P 135 52.60 51.42 -34.36
N LEU P 136 51.39 51.06 -33.98
CA LEU P 136 50.25 51.97 -33.96
C LEU P 136 49.86 52.16 -32.51
N ASN P 137 49.97 53.39 -32.02
CA ASN P 137 49.93 53.63 -30.58
C ASN P 137 48.67 54.40 -30.20
N ASN P 138 47.91 53.85 -29.25
CA ASN P 138 46.86 54.57 -28.54
C ASN P 138 45.75 55.07 -29.48
N PHE P 139 45.04 54.12 -30.08
CA PHE P 139 43.99 54.54 -31.00
C PHE P 139 42.65 53.97 -30.54
N TYR P 140 41.58 54.52 -31.10
CA TYR P 140 40.22 54.04 -30.90
C TYR P 140 39.42 54.49 -32.12
N PRO P 141 38.59 53.60 -32.68
CA PRO P 141 38.22 52.23 -32.35
C PRO P 141 39.27 51.24 -32.81
N ARG P 142 39.00 49.95 -32.61
CA ARG P 142 39.97 48.87 -32.78
C ARG P 142 40.42 48.70 -34.25
N GLU P 143 39.61 49.00 -35.25
CA GLU P 143 40.14 48.77 -36.60
C GLU P 143 41.22 49.68 -37.03
N ALA P 144 42.25 49.10 -37.47
CA ALA P 144 43.26 49.94 -38.01
C ALA P 144 43.71 48.84 -38.92
N LYS P 145 44.01 49.22 -40.12
CA LYS P 145 44.53 48.36 -41.15
C LYS P 145 45.97 48.75 -41.42
N VAL P 146 46.85 47.79 -41.49
CA VAL P 146 48.25 48.06 -41.72
C VAL P 146 48.64 47.32 -42.97
N GLN P 147 49.08 48.09 -43.96
CA GLN P 147 49.50 47.56 -45.24
C GLN P 147 51.00 47.82 -45.28
N TRP P 148 51.76 46.79 -45.63
CA TRP P 148 53.20 46.90 -45.83
C TRP P 148 53.51 47.11 -47.31
N LYS P 149 54.48 47.97 -47.58
CA LYS P 149 54.92 48.18 -48.95
C LYS P 149 56.43 48.18 -48.98
N VAL P 150 57.00 47.37 -49.88
CA VAL P 150 58.44 47.30 -50.06
C VAL P 150 58.73 47.70 -51.51
N ASP P 151 59.43 48.82 -51.70
CA ASP P 151 59.57 49.43 -53.03
C ASP P 151 58.23 49.52 -53.78
N ASN P 152 57.16 49.86 -53.04
CA ASN P 152 55.78 50.10 -53.46
C ASN P 152 55.03 48.86 -53.93
N ALA P 153 55.57 47.67 -53.72
CA ALA P 153 54.81 46.47 -53.96
C ALA P 153 54.10 46.09 -52.67
N LEU P 154 52.78 45.90 -52.73
CA LEU P 154 52.02 45.54 -51.55
C LEU P 154 52.42 44.13 -51.14
N GLN P 155 52.65 43.94 -49.86
CA GLN P 155 53.00 42.65 -49.31
C GLN P 155 51.75 41.94 -48.82
N SER P 156 51.76 40.62 -48.88
CA SER P 156 50.70 39.84 -48.26
C SER P 156 51.31 38.53 -47.82
N GLY P 157 50.85 38.02 -46.68
CA GLY P 157 51.26 36.71 -46.21
C GLY P 157 52.55 36.68 -45.44
N ASN P 158 53.27 37.78 -45.33
CA ASN P 158 54.57 37.74 -44.68
C ASN P 158 54.62 38.71 -43.48
N SER P 159 53.45 39.00 -42.90
CA SER P 159 53.35 39.82 -41.70
C SER P 159 52.32 39.27 -40.73
N GLN P 160 52.51 39.58 -39.44
CA GLN P 160 51.56 39.25 -38.39
C GLN P 160 51.30 40.44 -37.48
N GLU P 161 50.06 40.56 -37.01
CA GLU P 161 49.65 41.64 -36.13
C GLU P 161 49.38 41.15 -34.72
N SER P 162 49.48 42.08 -33.78
CA SER P 162 49.10 41.80 -32.40
C SER P 162 48.51 43.10 -31.85
N VAL P 163 47.43 43.00 -31.07
CA VAL P 163 46.74 44.15 -30.52
C VAL P 163 46.63 44.00 -29.01
N THR P 164 46.92 45.07 -28.29
CA THR P 164 46.72 45.05 -26.86
C THR P 164 45.24 45.06 -26.52
N GLU P 165 44.92 44.59 -25.32
CA GLU P 165 43.59 44.84 -24.77
C GLU P 165 43.40 46.33 -24.48
N GLN P 166 42.15 46.73 -24.38
CA GLN P 166 41.82 48.13 -24.14
C GLN P 166 42.46 48.64 -22.84
N ASP P 167 43.07 49.83 -22.95
CA ASP P 167 43.78 50.43 -21.84
C ASP P 167 42.84 50.83 -20.70
N SER P 168 43.27 50.55 -19.46
CA SER P 168 42.41 50.72 -18.29
C SER P 168 42.26 52.19 -17.87
N LYS P 169 43.06 53.10 -18.46
CA LYS P 169 42.92 54.51 -18.14
C LYS P 169 42.35 55.31 -19.30
N ASP P 170 42.88 55.18 -20.52
CA ASP P 170 42.37 55.95 -21.65
C ASP P 170 41.53 55.15 -22.62
N SER P 171 41.32 53.85 -22.38
CA SER P 171 40.42 53.01 -23.19
C SER P 171 40.86 52.91 -24.67
N THR P 172 42.13 53.10 -24.96
CA THR P 172 42.65 52.98 -26.32
C THR P 172 43.24 51.59 -26.51
N TYR P 173 43.59 51.30 -27.77
CA TYR P 173 44.28 50.10 -28.16
C TYR P 173 45.60 50.52 -28.76
N SER P 174 46.55 49.60 -28.74
CA SER P 174 47.76 49.72 -29.55
C SER P 174 47.98 48.43 -30.34
N LEU P 175 48.73 48.55 -31.43
CA LEU P 175 48.88 47.43 -32.35
C LEU P 175 50.28 47.43 -32.91
N SER P 176 50.86 46.24 -32.97
CA SER P 176 52.14 46.05 -33.63
C SER P 176 51.89 45.14 -34.82
N SER P 177 52.54 45.46 -35.93
CA SER P 177 52.62 44.61 -37.10
C SER P 177 54.09 44.35 -37.44
N THR P 178 54.43 43.09 -37.67
CA THR P 178 55.82 42.69 -37.90
C THR P 178 55.91 42.05 -39.28
N LEU P 179 56.72 42.65 -40.16
CA LEU P 179 56.94 42.12 -41.48
C LEU P 179 58.24 41.31 -41.42
N THR P 180 58.17 40.05 -41.79
CA THR P 180 59.33 39.16 -41.70
C THR P 180 59.81 38.74 -43.09
N LEU P 181 61.09 38.93 -43.34
CA LEU P 181 61.70 38.60 -44.61
C LEU P 181 63.00 37.88 -44.33
N SER P 182 63.42 37.04 -45.25
CA SER P 182 64.78 36.58 -45.15
C SER P 182 65.69 37.78 -45.37
N LYS P 183 66.85 37.75 -44.73
CA LYS P 183 67.84 38.78 -44.99
C LYS P 183 68.15 38.91 -46.47
N ALA P 184 68.24 37.78 -47.19
CA ALA P 184 68.55 37.85 -48.63
C ALA P 184 67.51 38.67 -49.39
N ASP P 185 66.22 38.41 -49.19
CA ASP P 185 65.20 39.25 -49.85
C ASP P 185 65.21 40.68 -49.31
N TYR P 186 65.49 40.85 -48.02
CA TYR P 186 65.48 42.20 -47.44
C TYR P 186 66.51 43.12 -48.09
N GLU P 187 67.69 42.61 -48.39
CA GLU P 187 68.69 43.50 -49.00
C GLU P 187 68.49 43.69 -50.50
N LYS P 188 67.59 42.92 -51.15
CA LYS P 188 67.34 43.09 -52.57
C LYS P 188 66.41 44.25 -52.83
N HIS P 189 65.83 44.84 -51.80
CA HIS P 189 64.85 45.90 -51.98
C HIS P 189 65.25 47.05 -51.07
N LYS P 190 64.69 48.21 -51.33
CA LYS P 190 65.14 49.43 -50.70
C LYS P 190 64.16 50.10 -49.76
N VAL P 191 62.94 50.42 -50.19
CA VAL P 191 62.06 51.31 -49.43
C VAL P 191 61.09 50.43 -48.66
N TYR P 192 61.04 50.64 -47.35
CA TYR P 192 60.17 49.87 -46.48
C TYR P 192 59.16 50.80 -45.86
N ALA P 193 57.87 50.49 -46.00
CA ALA P 193 56.83 51.43 -45.61
C ALA P 193 55.70 50.68 -44.94
N CYS P 194 55.14 51.30 -43.90
CA CYS P 194 53.94 50.83 -43.22
C CYS P 194 52.86 51.87 -43.47
N GLU P 195 51.73 51.44 -44.04
CA GLU P 195 50.60 52.30 -44.38
C GLU P 195 49.38 51.94 -43.54
N VAL P 196 48.83 52.94 -42.83
CA VAL P 196 47.82 52.76 -41.80
C VAL P 196 46.52 53.42 -42.22
N THR P 197 45.44 52.67 -42.23
CA THR P 197 44.12 53.23 -42.52
C THR P 197 43.27 53.08 -41.27
N HIS P 198 42.62 54.17 -40.85
CA HIS P 198 41.85 54.17 -39.58
C HIS P 198 40.86 55.32 -39.53
N GLN P 199 39.73 55.09 -38.82
CA GLN P 199 38.68 56.09 -38.75
C GLN P 199 39.21 57.44 -38.23
N GLY P 200 40.26 57.43 -37.39
CA GLY P 200 40.79 58.72 -36.94
C GLY P 200 41.73 59.48 -37.86
N LEU P 201 42.07 58.91 -39.02
CA LEU P 201 42.96 59.50 -40.01
C LEU P 201 42.09 59.87 -41.19
N SER P 202 42.11 61.15 -41.59
CA SER P 202 41.26 61.53 -42.71
C SER P 202 41.68 60.85 -44.01
N SER P 203 42.95 60.54 -44.18
CA SER P 203 43.44 59.70 -45.27
C SER P 203 44.58 58.86 -44.68
N PRO P 204 44.98 57.78 -45.34
CA PRO P 204 45.98 56.91 -44.70
C PRO P 204 47.34 57.60 -44.47
N VAL P 205 47.98 57.17 -43.37
CA VAL P 205 49.29 57.64 -42.93
C VAL P 205 50.38 56.61 -43.22
N THR P 206 51.48 57.04 -43.83
CA THR P 206 52.62 56.18 -44.15
C THR P 206 53.88 56.60 -43.40
N LYS P 207 54.48 55.65 -42.69
CA LYS P 207 55.81 55.83 -42.12
C LYS P 207 56.75 54.93 -42.89
N SER P 208 57.95 55.42 -43.20
CA SER P 208 58.84 54.58 -44.00
C SER P 208 60.28 54.85 -43.61
N PHE P 209 61.16 53.94 -44.00
CA PHE P 209 62.59 54.17 -43.91
C PHE P 209 63.29 53.64 -45.13
N ASN P 210 64.51 54.15 -45.34
CA ASN P 210 65.39 53.63 -46.37
C ASN P 210 66.47 52.70 -45.81
N ARG P 211 66.46 51.45 -46.29
CA ARG P 211 67.47 50.47 -45.90
C ARG P 211 68.87 50.99 -46.16
N GLY P 212 69.67 51.01 -45.10
CA GLY P 212 71.04 51.42 -45.16
C GLY P 212 71.26 52.92 -45.15
N GLU P 213 70.37 53.69 -44.51
CA GLU P 213 70.53 55.13 -44.31
C GLU P 213 70.27 55.49 -42.85
N GLN Q 1 39.10 -39.16 23.57
CA GLN Q 1 39.01 -37.90 24.29
C GLN Q 1 37.78 -37.81 25.21
N VAL Q 2 36.71 -38.56 24.94
CA VAL Q 2 35.63 -38.79 25.90
C VAL Q 2 35.11 -40.21 25.82
N GLN Q 3 34.76 -40.81 26.97
CA GLN Q 3 34.02 -42.06 27.00
C GLN Q 3 32.62 -41.90 27.61
N LEU Q 4 31.65 -42.60 27.04
CA LEU Q 4 30.23 -42.41 27.34
C LEU Q 4 29.55 -43.75 27.62
N GLU Q 5 29.25 -44.06 28.87
CA GLU Q 5 28.65 -45.33 29.33
C GLU Q 5 27.19 -45.13 29.79
N GLU Q 6 26.24 -45.79 29.13
CA GLU Q 6 24.82 -45.64 29.46
C GLU Q 6 24.41 -46.68 30.49
N SER Q 7 23.44 -46.31 31.34
CA SER Q 7 22.91 -47.17 32.41
C SER Q 7 21.44 -46.89 32.65
N GLY Q 8 20.75 -47.88 33.22
CA GLY Q 8 19.34 -47.76 33.46
C GLY Q 8 18.65 -49.10 33.47
N PRO Q 9 17.34 -49.10 33.74
CA PRO Q 9 16.72 -50.34 34.26
C PRO Q 9 16.81 -51.52 33.31
N GLY Q 10 16.44 -51.32 32.04
CA GLY Q 10 16.30 -52.37 31.10
C GLY Q 10 14.88 -52.84 30.92
N LEU Q 11 14.08 -52.79 31.97
CA LEU Q 11 12.67 -53.16 31.89
C LEU Q 11 11.87 -52.11 32.64
N VAL Q 12 10.87 -51.53 31.97
CA VAL Q 12 9.98 -50.55 32.59
C VAL Q 12 8.56 -50.97 32.25
N LYS Q 13 7.65 -50.81 33.22
CA LYS Q 13 6.29 -51.20 32.95
C LYS Q 13 5.54 -50.10 32.21
N PRO Q 14 4.56 -50.48 31.39
CA PRO Q 14 3.77 -49.48 30.65
C PRO Q 14 3.15 -48.46 31.57
N SER Q 15 3.14 -47.20 31.11
CA SER Q 15 2.63 -46.00 31.78
C SER Q 15 3.62 -45.48 32.83
N GLU Q 16 4.69 -46.20 33.13
CA GLU Q 16 5.66 -45.76 34.13
C GLU Q 16 6.70 -44.87 33.47
N THR Q 17 7.64 -44.37 34.27
CA THR Q 17 8.64 -43.43 33.82
C THR Q 17 9.96 -44.13 33.52
N LEU Q 18 10.52 -43.83 32.37
CA LEU Q 18 11.81 -44.35 31.96
C LEU Q 18 12.89 -43.34 32.36
N SER Q 19 13.91 -43.83 33.08
CA SER Q 19 15.04 -43.01 33.48
C SER Q 19 16.32 -43.67 33.01
N LEU Q 20 17.19 -42.89 32.37
CA LEU Q 20 18.49 -43.37 31.97
C LEU Q 20 19.60 -42.40 32.38
N THR Q 21 20.79 -42.93 32.59
CA THR Q 21 21.93 -42.08 32.94
C THR Q 21 23.09 -42.42 32.03
N CYS Q 22 23.90 -41.39 31.74
CA CYS Q 22 25.10 -41.50 30.93
C CYS Q 22 26.30 -41.06 31.75
N SER Q 23 27.18 -42.00 32.06
CA SER Q 23 28.39 -41.65 32.77
C SER Q 23 29.47 -41.19 31.77
N VAL Q 24 30.00 -40.01 32.00
CA VAL Q 24 30.93 -39.36 31.09
C VAL Q 24 32.32 -39.47 31.70
N SER Q 25 33.28 -39.92 30.89
CA SER Q 25 34.68 -39.90 31.31
C SER Q 25 35.52 -39.18 30.28
N GLY Q 26 36.49 -38.39 30.74
CA GLY Q 26 37.46 -37.77 29.87
C GLY Q 26 37.26 -36.28 29.67
N VAL Q 27 36.04 -35.79 29.86
CA VAL Q 27 35.74 -34.37 29.91
C VAL Q 27 34.73 -34.11 31.00
N SER Q 28 34.58 -32.84 31.31
CA SER Q 28 33.63 -32.37 32.30
C SER Q 28 32.34 -31.98 31.61
N VAL Q 29 31.23 -32.38 32.21
CA VAL Q 29 29.89 -31.96 31.78
C VAL Q 29 29.64 -30.47 32.03
N THR Q 30 30.55 -29.73 32.69
CA THR Q 30 30.39 -28.29 32.93
C THR Q 30 30.98 -27.36 31.85
N SER Q 31 31.49 -27.91 30.76
CA SER Q 31 32.08 -27.17 29.66
C SER Q 31 31.06 -26.42 28.82
N ASP Q 32 31.35 -25.15 28.56
CA ASP Q 32 30.53 -24.25 27.80
C ASP Q 32 30.23 -24.61 26.37
N ILE Q 33 31.04 -25.43 25.74
CA ILE Q 33 30.78 -25.75 24.34
C ILE Q 33 30.24 -27.10 24.00
N TYR Q 34 30.10 -28.00 24.95
CA TYR Q 34 29.61 -29.30 24.54
C TYR Q 34 28.15 -29.37 24.88
N TYR Q 35 27.45 -30.17 24.11
CA TYR Q 35 26.10 -30.55 24.45
C TYR Q 35 25.97 -32.05 24.48
N TRP Q 36 24.95 -32.50 25.19
CA TRP Q 36 24.77 -33.91 25.52
C TRP Q 36 23.40 -34.27 24.97
N THR Q 37 23.34 -35.41 24.27
CA THR Q 37 22.23 -35.78 23.41
C THR Q 37 21.81 -37.19 23.73
N TRP Q 38 20.52 -37.47 23.54
CA TRP Q 38 20.02 -38.82 23.49
C TRP Q 38 19.39 -39.08 22.13
N ILE Q 39 19.57 -40.30 21.64
CA ILE Q 39 18.99 -40.81 20.41
C ILE Q 39 18.48 -42.22 20.69
N ARG Q 40 17.49 -42.67 19.95
CA ARG Q 40 16.98 -44.02 20.18
C ARG Q 40 16.66 -44.69 18.84
N GLN Q 41 16.61 -46.01 18.91
CA GLN Q 41 16.29 -46.81 17.73
C GLN Q 41 15.45 -47.98 18.19
N PRO Q 42 14.15 -47.97 17.89
CA PRO Q 42 13.32 -49.16 18.13
C PRO Q 42 13.82 -50.32 17.36
N PRO Q 43 13.64 -51.58 17.87
CA PRO Q 43 14.01 -52.79 17.11
C PRO Q 43 13.57 -52.76 15.66
N GLY Q 44 14.52 -52.86 14.71
CA GLY Q 44 14.14 -52.93 13.32
C GLY Q 44 13.62 -51.65 12.73
N LYS Q 45 13.74 -50.52 13.44
CA LYS Q 45 13.29 -49.23 12.93
C LYS Q 45 14.47 -48.24 12.80
N GLY Q 46 14.14 -47.01 12.45
CA GLY Q 46 15.16 -46.02 12.23
C GLY Q 46 15.63 -45.34 13.51
N LEU Q 47 16.68 -44.54 13.37
CA LEU Q 47 17.16 -43.73 14.48
C LEU Q 47 16.27 -42.52 14.67
N GLU Q 48 15.97 -42.22 15.93
CA GLU Q 48 15.17 -41.07 16.28
C GLU Q 48 15.88 -40.20 17.33
N TRP Q 49 16.17 -38.96 16.95
CA TRP Q 49 16.81 -38.02 17.86
C TRP Q 49 15.82 -37.57 18.93
N ILE Q 50 16.28 -37.52 20.18
CA ILE Q 50 15.42 -37.17 21.31
C ILE Q 50 15.60 -35.73 21.74
N GLY Q 51 16.83 -35.30 21.96
CA GLY Q 51 17.08 -33.93 22.33
C GLY Q 51 18.53 -33.68 22.72
N TYR Q 52 18.82 -32.41 23.02
CA TYR Q 52 20.13 -32.02 23.52
C TYR Q 52 19.97 -31.15 24.76
N ILE Q 53 21.03 -31.13 25.58
CA ILE Q 53 21.10 -30.22 26.72
C ILE Q 53 22.52 -29.67 26.81
N PHE Q 54 22.60 -28.38 27.03
CA PHE Q 54 23.80 -27.64 27.36
C PHE Q 54 23.88 -27.35 28.85
N TYR Q 55 25.12 -27.28 29.35
CA TYR Q 55 25.32 -26.94 30.75
C TYR Q 55 24.62 -25.63 31.11
N ASN Q 56 24.64 -24.64 30.20
CA ASN Q 56 23.98 -23.36 30.51
C ASN Q 56 22.45 -23.45 30.59
N GLY Q 57 21.83 -24.60 30.35
CA GLY Q 57 20.41 -24.72 30.56
C GLY Q 57 19.65 -24.81 29.27
N ASP Q 58 20.27 -24.46 28.14
CA ASP Q 58 19.55 -24.53 26.87
C ASP Q 58 19.32 -25.97 26.47
N THR Q 59 18.07 -26.29 26.13
CA THR Q 59 17.63 -27.63 25.74
C THR Q 59 16.77 -27.54 24.49
N ASN Q 60 16.63 -28.66 23.82
CA ASN Q 60 15.71 -28.78 22.69
C ASN Q 60 15.33 -30.25 22.55
N TYR Q 61 14.04 -30.55 22.60
CA TYR Q 61 13.54 -31.90 22.51
C TYR Q 61 12.72 -32.10 21.25
N ASN Q 62 12.84 -33.29 20.66
CA ASN Q 62 12.02 -33.65 19.51
C ASN Q 62 10.54 -33.37 19.79
N PRO Q 63 9.84 -32.64 18.91
CA PRO Q 63 8.40 -32.39 19.16
C PRO Q 63 7.57 -33.65 19.29
N SER Q 64 8.01 -34.76 18.69
CA SER Q 64 7.31 -36.01 18.88
C SER Q 64 7.31 -36.46 20.34
N LEU Q 65 8.27 -35.99 21.13
CA LEU Q 65 8.50 -36.45 22.50
C LEU Q 65 8.53 -35.31 23.52
N LYS Q 66 8.53 -34.04 23.08
CA LYS Q 66 8.79 -32.91 23.97
C LYS Q 66 7.84 -32.83 25.16
N SER Q 67 6.59 -33.21 24.98
CA SER Q 67 5.67 -33.12 26.10
C SER Q 67 5.82 -34.28 27.08
N ARG Q 68 6.77 -35.19 26.83
CA ARG Q 68 7.04 -36.25 27.77
C ARG Q 68 8.49 -36.39 28.20
N VAL Q 69 9.42 -35.63 27.63
CA VAL Q 69 10.82 -35.91 27.88
C VAL Q 69 11.46 -34.71 28.58
N THR Q 70 12.37 -35.01 29.51
CA THR Q 70 13.31 -34.04 30.05
C THR Q 70 14.70 -34.65 30.17
N MET Q 71 15.70 -33.78 30.19
CA MET Q 71 17.09 -34.13 30.37
C MET Q 71 17.70 -33.23 31.42
N SER Q 72 18.75 -33.72 32.06
CA SER Q 72 19.47 -32.95 33.05
C SER Q 72 20.93 -33.38 33.01
N ILE Q 73 21.77 -32.53 33.59
CA ILE Q 73 23.20 -32.74 33.69
C ILE Q 73 23.49 -32.76 35.18
N ASP Q 74 24.22 -33.76 35.64
CA ASP Q 74 24.63 -33.83 37.05
C ASP Q 74 26.13 -33.49 37.10
N THR Q 75 26.44 -32.27 37.54
CA THR Q 75 27.83 -31.86 37.51
C THR Q 75 28.66 -32.59 38.56
N SER Q 76 28.06 -32.87 39.72
CA SER Q 76 28.77 -33.51 40.82
C SER Q 76 29.29 -34.90 40.47
N LYS Q 77 28.49 -35.67 39.70
CA LYS Q 77 28.76 -37.07 39.27
C LYS Q 77 29.31 -37.19 37.86
N ASN Q 78 29.44 -36.08 37.15
CA ASN Q 78 29.85 -36.03 35.77
C ASN Q 78 28.98 -36.96 34.94
N GLU Q 79 27.66 -36.76 35.06
CA GLU Q 79 26.67 -37.57 34.36
C GLU Q 79 25.65 -36.66 33.68
N PHE Q 80 24.91 -37.22 32.72
CA PHE Q 80 23.69 -36.54 32.29
C PHE Q 80 22.62 -37.60 32.10
N SER Q 81 21.35 -37.16 32.00
CA SER Q 81 20.27 -38.12 32.18
C SER Q 81 19.12 -37.82 31.27
N LEU Q 82 18.31 -38.85 31.08
CA LEU Q 82 17.10 -38.81 30.30
C LEU Q 82 15.95 -39.24 31.19
N ARG Q 83 14.85 -38.55 31.11
CA ARG Q 83 13.61 -38.91 31.79
C ARG Q 83 12.47 -38.88 30.80
N LEU Q 84 11.76 -40.00 30.66
CA LEU Q 84 10.70 -40.09 29.67
C LEU Q 84 9.46 -40.65 30.37
N THR Q 85 8.40 -39.86 30.44
CA THR Q 85 7.21 -40.26 31.20
C THR Q 85 6.23 -41.07 30.34
N SER Q 86 5.33 -41.80 31.03
CA SER Q 86 4.13 -42.44 30.46
C SER Q 86 4.46 -43.30 29.24
N VAL Q 87 5.39 -44.22 29.42
CA VAL Q 87 5.94 -45.00 28.31
C VAL Q 87 4.94 -46.06 27.85
N THR Q 88 5.08 -46.43 26.58
CA THR Q 88 4.33 -47.51 25.95
C THR Q 88 5.32 -48.38 25.20
N ALA Q 89 4.84 -49.43 24.54
CA ALA Q 89 5.69 -50.30 23.74
C ALA Q 89 6.41 -49.56 22.63
N ALA Q 90 5.87 -48.42 22.17
CA ALA Q 90 6.56 -47.63 21.16
C ALA Q 90 7.89 -47.08 21.67
N ASP Q 91 8.11 -47.05 22.98
CA ASP Q 91 9.33 -46.51 23.55
C ASP Q 91 10.38 -47.58 23.84
N THR Q 92 10.06 -48.85 23.61
CA THR Q 92 11.06 -49.91 23.63
C THR Q 92 12.05 -49.63 22.51
N ALA Q 93 13.32 -49.52 22.86
CA ALA Q 93 14.34 -49.08 21.91
C ALA Q 93 15.69 -49.22 22.57
N VAL Q 94 16.71 -49.19 21.72
CA VAL Q 94 18.06 -48.94 22.17
C VAL Q 94 18.20 -47.43 22.27
N TYR Q 95 18.66 -46.97 23.43
CA TYR Q 95 18.88 -45.56 23.73
C TYR Q 95 20.37 -45.32 23.77
N PHE Q 96 20.83 -44.35 22.98
CA PHE Q 96 22.22 -43.96 22.86
C PHE Q 96 22.39 -42.59 23.49
N CYS Q 97 23.39 -42.42 24.32
CA CYS Q 97 23.81 -41.08 24.70
C CYS Q 97 24.96 -40.63 23.81
N ALA Q 98 25.15 -39.31 23.70
CA ALA Q 98 26.18 -38.82 22.78
C ALA Q 98 26.59 -37.41 23.20
N ARG Q 99 27.81 -37.04 22.80
CA ARG Q 99 28.33 -35.68 22.97
C ARG Q 99 28.46 -35.01 21.62
N GLY Q 100 28.17 -33.72 21.52
CA GLY Q 100 28.57 -32.90 20.36
C GLY Q 100 29.22 -31.59 20.83
N THR Q 101 29.77 -30.87 19.88
CA THR Q 101 30.50 -29.61 20.14
C THR Q 101 29.79 -28.52 19.33
N GLU Q 102 29.30 -27.47 20.00
CA GLU Q 102 28.67 -26.31 19.31
C GLU Q 102 29.64 -25.83 18.20
N ASP Q 103 29.12 -25.69 16.98
CA ASP Q 103 29.90 -25.43 15.75
C ASP Q 103 28.99 -24.83 14.69
N LEU Q 104 28.52 -23.62 14.97
CA LEU Q 104 27.49 -22.90 14.18
C LEU Q 104 27.98 -22.54 12.78
N GLY Q 105 29.27 -22.62 12.49
CA GLY Q 105 29.74 -22.51 11.09
C GLY Q 105 29.33 -23.71 10.21
N TYR Q 106 28.94 -24.85 10.77
CA TYR Q 106 28.83 -26.10 9.98
C TYR Q 106 27.62 -26.95 10.42
N CYS Q 107 26.93 -26.53 11.46
CA CYS Q 107 25.91 -27.35 12.15
C CYS Q 107 24.89 -26.45 12.83
N SER Q 108 23.60 -26.81 12.83
CA SER Q 108 22.63 -26.07 13.70
C SER Q 108 23.04 -26.31 15.15
N SER Q 109 22.66 -25.40 16.05
CA SER Q 109 22.96 -25.56 17.49
C SER Q 109 22.51 -26.96 17.97
N GLY Q 110 23.39 -27.69 18.64
CA GLY Q 110 23.09 -28.95 19.34
C GLY Q 110 22.66 -30.09 18.42
N SER Q 111 23.04 -30.10 17.14
CA SER Q 111 22.42 -30.99 16.11
C SER Q 111 23.38 -31.99 15.48
N CYS Q 112 24.66 -32.16 16.04
CA CYS Q 112 25.67 -33.02 15.41
C CYS Q 112 26.39 -33.87 16.46
N PRO Q 113 25.68 -34.78 17.11
CA PRO Q 113 26.35 -35.64 18.12
C PRO Q 113 27.41 -36.50 17.47
N ASN Q 114 28.66 -36.33 17.89
CA ASN Q 114 29.74 -37.00 17.17
C ASN Q 114 30.54 -37.99 18.02
N HIS Q 115 30.20 -38.18 19.29
CA HIS Q 115 30.78 -39.24 20.10
C HIS Q 115 29.61 -39.90 20.80
N TRP Q 116 29.33 -41.15 20.42
CA TRP Q 116 28.19 -41.88 20.95
C TRP Q 116 28.63 -43.00 21.86
N GLY Q 117 27.77 -43.32 22.82
CA GLY Q 117 27.82 -44.55 23.58
C GLY Q 117 27.30 -45.72 22.76
N GLN Q 118 27.46 -46.92 23.30
CA GLN Q 118 27.06 -48.09 22.52
C GLN Q 118 25.57 -48.40 22.65
N GLY Q 119 24.86 -47.72 23.52
CA GLY Q 119 23.44 -47.88 23.57
C GLY Q 119 23.05 -48.88 24.65
N THR Q 120 21.87 -48.68 25.24
CA THR Q 120 21.35 -49.63 26.20
C THR Q 120 19.89 -49.91 25.81
N LEU Q 121 19.50 -51.18 25.81
CA LEU Q 121 18.15 -51.56 25.43
C LEU Q 121 17.19 -51.33 26.59
N VAL Q 122 16.06 -50.68 26.31
CA VAL Q 122 14.98 -50.58 27.27
C VAL Q 122 13.73 -51.25 26.70
N THR Q 123 13.18 -52.20 27.44
CA THR Q 123 11.97 -52.91 27.05
C THR Q 123 10.80 -52.45 27.90
N VAL Q 124 9.73 -52.01 27.27
CA VAL Q 124 8.52 -51.61 27.99
C VAL Q 124 7.62 -52.84 27.96
N SER Q 125 7.35 -53.41 29.14
CA SER Q 125 6.58 -54.65 29.27
C SER Q 125 6.06 -54.81 30.70
N SER Q 126 4.92 -55.48 30.80
CA SER Q 126 4.38 -55.86 32.09
C SER Q 126 4.95 -57.19 32.61
N ALA Q 127 5.68 -57.93 31.78
CA ALA Q 127 6.23 -59.23 32.20
C ALA Q 127 7.34 -59.04 33.22
N SER Q 128 7.53 -60.04 34.07
CA SER Q 128 8.57 -59.91 35.08
C SER Q 128 9.94 -60.33 34.56
N THR Q 129 10.97 -59.91 35.30
CA THR Q 129 12.36 -60.31 35.04
C THR Q 129 12.55 -61.79 35.27
N LYS Q 130 13.45 -62.39 34.48
CA LYS Q 130 13.80 -63.78 34.70
C LYS Q 130 15.25 -64.03 34.35
N GLY Q 131 16.01 -64.63 35.27
CA GLY Q 131 17.39 -64.92 34.99
C GLY Q 131 17.54 -66.19 34.17
N PRO Q 132 18.65 -66.31 33.44
CA PRO Q 132 18.81 -67.44 32.55
C PRO Q 132 19.22 -68.70 33.31
N SER Q 133 18.92 -69.82 32.69
CA SER Q 133 19.56 -71.07 33.04
C SER Q 133 20.64 -71.26 31.99
N VAL Q 134 21.78 -71.79 32.39
CA VAL Q 134 22.91 -71.81 31.47
C VAL Q 134 23.35 -73.25 31.38
N PHE Q 135 23.41 -73.79 30.16
CA PHE Q 135 23.78 -75.18 30.04
C PHE Q 135 24.98 -75.31 29.10
N PRO Q 136 25.82 -76.29 29.36
CA PRO Q 136 27.02 -76.54 28.52
C PRO Q 136 26.69 -77.17 27.17
N LEU Q 137 27.47 -76.76 26.17
CA LEU Q 137 27.57 -77.48 24.89
C LEU Q 137 28.87 -78.27 24.73
N ALA Q 138 28.84 -79.57 25.14
CA ALA Q 138 30.08 -80.34 25.24
C ALA Q 138 30.61 -80.80 23.86
N PRO Q 139 31.93 -80.89 23.72
CA PRO Q 139 32.55 -81.35 22.45
C PRO Q 139 32.38 -82.84 22.14
N SER Q 140 32.17 -83.14 20.86
CA SER Q 140 32.00 -84.53 20.35
C SER Q 140 33.20 -85.43 20.59
N GLY Q 146 38.32 -83.56 12.62
CA GLY Q 146 39.57 -83.58 11.89
C GLY Q 146 40.54 -82.48 12.32
N GLY Q 147 40.60 -82.22 13.63
CA GLY Q 147 41.58 -81.33 14.21
C GLY Q 147 41.01 -80.26 15.12
N THR Q 148 39.79 -79.79 14.83
CA THR Q 148 39.16 -78.70 15.56
C THR Q 148 37.85 -79.15 16.19
N ALA Q 149 37.67 -78.81 17.47
CA ALA Q 149 36.47 -79.11 18.20
C ALA Q 149 35.76 -77.80 18.51
N ALA Q 150 34.45 -77.86 18.63
CA ALA Q 150 33.61 -76.73 19.01
C ALA Q 150 32.94 -76.99 20.35
N LEU Q 151 32.79 -75.94 21.16
CA LEU Q 151 32.09 -76.08 22.43
C LEU Q 151 31.40 -74.75 22.69
N GLY Q 152 30.50 -74.76 23.65
CA GLY Q 152 29.77 -73.54 23.94
C GLY Q 152 28.93 -73.66 25.18
N CYS Q 153 28.12 -72.63 25.41
CA CYS Q 153 27.16 -72.64 26.51
C CYS Q 153 25.78 -72.15 26.03
N LEU Q 154 24.73 -72.85 26.42
CA LEU Q 154 23.35 -72.47 26.13
C LEU Q 154 22.70 -71.70 27.28
N VAL Q 155 22.17 -70.51 26.95
CA VAL Q 155 21.63 -69.54 27.91
C VAL Q 155 20.13 -69.47 27.65
N LYS Q 156 19.30 -70.14 28.45
CA LYS Q 156 17.91 -70.39 28.06
C LYS Q 156 16.95 -69.69 29.01
N ASP Q 157 15.88 -69.10 28.46
CA ASP Q 157 14.73 -68.67 29.27
C ASP Q 157 15.02 -67.48 30.19
N TYR Q 158 15.38 -66.34 29.60
CA TYR Q 158 15.58 -65.14 30.39
C TYR Q 158 14.70 -64.02 29.83
N PHE Q 159 14.52 -62.98 30.63
CA PHE Q 159 13.72 -61.84 30.21
C PHE Q 159 14.01 -60.60 31.09
N PRO Q 160 14.11 -59.42 30.48
CA PRO Q 160 14.14 -59.14 29.04
C PRO Q 160 15.57 -59.32 28.53
N GLU Q 161 15.84 -58.93 27.28
CA GLU Q 161 17.22 -58.86 26.78
C GLU Q 161 18.04 -57.73 27.40
N PRO Q 162 19.38 -57.81 27.35
CA PRO Q 162 20.35 -58.80 26.84
C PRO Q 162 21.04 -59.61 27.94
N VAL Q 163 21.71 -60.70 27.55
CA VAL Q 163 22.76 -61.36 28.35
C VAL Q 163 24.10 -61.03 27.70
N THR Q 164 25.17 -61.06 28.50
CA THR Q 164 26.54 -61.00 27.96
C THR Q 164 27.27 -62.30 28.29
N VAL Q 165 28.10 -62.75 27.36
CA VAL Q 165 28.86 -63.98 27.55
C VAL Q 165 30.35 -63.76 27.29
N SER Q 166 31.21 -64.19 28.22
CA SER Q 166 32.65 -64.29 27.97
C SER Q 166 33.04 -65.75 28.19
N TRP Q 167 34.27 -66.11 27.80
CA TRP Q 167 34.79 -67.46 27.96
C TRP Q 167 36.08 -67.49 28.78
N ASN Q 168 36.06 -67.97 29.99
CA ASN Q 168 37.30 -67.64 30.70
C ASN Q 168 37.43 -66.11 30.99
N GLY Q 170 36.85 -63.08 29.70
CA GLY Q 170 37.43 -62.13 28.77
C GLY Q 170 38.76 -62.55 28.20
N ALA Q 171 39.27 -63.70 28.64
CA ALA Q 171 40.53 -64.21 28.13
C ALA Q 171 40.38 -64.95 26.81
N LEU Q 172 39.62 -66.05 26.75
CA LEU Q 172 39.40 -66.65 25.45
C LEU Q 172 38.48 -65.76 24.63
N THR Q 173 39.00 -65.21 23.53
CA THR Q 173 38.19 -64.32 22.71
C THR Q 173 38.16 -64.63 21.22
N SER Q 174 39.25 -65.08 20.64
CA SER Q 174 39.29 -65.41 19.23
C SER Q 174 38.37 -66.60 18.94
N GLY Q 175 37.54 -66.52 17.91
CA GLY Q 175 36.70 -67.67 17.57
C GLY Q 175 35.37 -67.75 18.29
N VAL Q 176 34.99 -66.71 19.00
CA VAL Q 176 33.76 -66.69 19.78
C VAL Q 176 32.63 -66.24 18.88
N HIS Q 177 31.48 -66.92 18.94
CA HIS Q 177 30.25 -66.41 18.34
C HIS Q 177 29.15 -66.42 19.37
N THR Q 178 28.63 -65.25 19.71
CA THR Q 178 27.45 -65.15 20.56
C THR Q 178 26.25 -64.79 19.68
N PHE Q 179 25.30 -65.70 19.60
CA PHE Q 179 24.20 -65.58 18.67
C PHE Q 179 23.14 -64.60 19.15
N PRO Q 180 22.46 -63.94 18.21
CA PRO Q 180 21.27 -63.15 18.58
C PRO Q 180 20.25 -64.04 19.29
N ALA Q 181 19.59 -63.48 20.30
CA ALA Q 181 18.59 -64.19 21.06
C ALA Q 181 17.38 -64.52 20.19
N VAL Q 182 16.70 -65.64 20.50
CA VAL Q 182 15.44 -65.97 19.86
C VAL Q 182 14.34 -65.89 20.91
N LEU Q 183 13.21 -65.32 20.51
CA LEU Q 183 12.03 -65.29 21.36
C LEU Q 183 11.30 -66.62 21.24
N GLN Q 184 11.16 -67.32 22.35
CA GLN Q 184 10.47 -68.60 22.31
C GLN Q 184 8.95 -68.38 22.42
N SER Q 185 8.18 -69.42 22.10
CA SER Q 185 6.73 -69.30 22.18
C SER Q 185 6.28 -69.03 23.62
N SER Q 186 7.12 -69.32 24.60
CA SER Q 186 6.82 -69.03 25.99
C SER Q 186 6.95 -67.54 26.33
N GLY Q 187 7.46 -66.71 25.42
CA GLY Q 187 7.71 -65.32 25.70
C GLY Q 187 9.04 -65.01 26.36
N LEU Q 188 9.88 -66.01 26.56
CA LEU Q 188 11.20 -65.84 27.13
C LEU Q 188 12.26 -66.03 26.03
N TYR Q 189 13.44 -65.44 26.23
CA TYR Q 189 14.53 -65.50 25.26
C TYR Q 189 15.47 -66.65 25.52
N SER Q 190 16.21 -67.02 24.48
CA SER Q 190 17.26 -68.00 24.63
C SER Q 190 18.33 -67.68 23.60
N LEU Q 191 19.60 -67.96 23.93
CA LEU Q 191 20.67 -67.85 22.97
C LEU Q 191 21.77 -68.85 23.30
N SER Q 192 22.70 -69.02 22.37
CA SER Q 192 23.92 -69.78 22.57
C SER Q 192 25.17 -68.95 22.28
N SER Q 193 26.26 -69.24 22.99
CA SER Q 193 27.61 -68.74 22.69
C SER Q 193 28.53 -69.92 22.44
N VAL Q 194 29.29 -69.89 21.34
CA VAL Q 194 30.19 -70.98 20.99
C VAL Q 194 31.62 -70.47 20.77
N VAL Q 195 32.58 -71.40 20.84
CA VAL Q 195 33.98 -71.11 20.54
C VAL Q 195 34.62 -72.33 19.87
N THR Q 196 35.51 -72.08 18.90
CA THR Q 196 36.30 -73.17 18.32
C THR Q 196 37.70 -73.21 18.95
N VAL Q 197 38.12 -74.43 19.27
CA VAL Q 197 39.39 -74.74 19.97
C VAL Q 197 40.03 -76.01 19.43
N PRO Q 198 41.32 -76.23 19.72
CA PRO Q 198 41.94 -77.48 19.29
C PRO Q 198 41.30 -78.74 19.94
N SER Q 199 41.05 -79.75 19.10
CA SER Q 199 40.64 -81.02 19.70
C SER Q 199 41.70 -81.51 20.68
N SER Q 200 42.99 -81.28 20.35
CA SER Q 200 44.14 -81.70 21.17
C SER Q 200 44.14 -81.00 22.51
N SER Q 201 43.27 -80.02 22.63
CA SER Q 201 43.16 -79.25 23.84
C SER Q 201 42.11 -79.80 24.81
N LEU Q 202 41.22 -80.72 24.38
CA LEU Q 202 40.08 -81.09 25.21
C LEU Q 202 40.48 -81.86 26.47
N GLY Q 203 41.60 -82.61 26.41
CA GLY Q 203 42.04 -83.38 27.57
C GLY Q 203 42.68 -82.61 28.69
N THR Q 204 43.22 -81.41 28.42
CA THR Q 204 44.03 -80.74 29.43
C THR Q 204 43.67 -79.28 29.73
N GLN Q 205 43.01 -78.53 28.86
CA GLN Q 205 42.78 -77.08 29.19
C GLN Q 205 41.36 -76.56 29.51
N THR Q 206 41.27 -75.64 30.46
CA THR Q 206 40.00 -75.09 31.00
C THR Q 206 39.18 -74.01 30.27
N TYR Q 207 37.88 -74.28 30.15
CA TYR Q 207 36.93 -73.41 29.47
C TYR Q 207 35.68 -73.15 30.26
N ILE Q 208 35.47 -71.92 30.64
CA ILE Q 208 34.30 -71.64 31.41
C ILE Q 208 33.52 -70.52 30.79
N CYS Q 209 32.30 -70.79 30.40
CA CYS Q 209 31.58 -69.63 29.88
C CYS Q 209 30.97 -68.84 31.02
N ASN Q 210 30.99 -67.53 30.91
CA ASN Q 210 30.43 -66.69 31.93
C ASN Q 210 29.19 -66.04 31.36
N VAL Q 211 28.04 -66.34 31.93
CA VAL Q 211 26.80 -65.79 31.42
C VAL Q 211 26.29 -64.85 32.47
N ASN Q 212 26.19 -63.60 32.07
CA ASN Q 212 25.82 -62.54 32.98
C ASN Q 212 24.56 -61.84 32.46
N HIS Q 213 23.55 -61.67 33.32
CA HIS Q 213 22.26 -61.01 33.03
C HIS Q 213 21.91 -59.95 34.06
N LYS Q 214 22.22 -58.69 33.75
CA LYS Q 214 22.05 -57.64 34.75
C LYS Q 214 20.62 -57.43 35.25
N PRO Q 215 19.56 -57.47 34.43
CA PRO Q 215 18.22 -57.27 35.01
C PRO Q 215 17.86 -58.27 36.10
N SER Q 216 18.36 -59.51 36.05
CA SER Q 216 18.08 -60.50 37.08
C SER Q 216 19.23 -60.65 38.05
N ASN Q 217 20.23 -59.79 37.92
CA ASN Q 217 21.43 -59.78 38.74
C ASN Q 217 22.08 -61.16 38.84
N THR Q 218 22.13 -61.86 37.72
CA THR Q 218 22.62 -63.23 37.67
C THR Q 218 24.00 -63.36 37.04
N LYS Q 219 24.86 -64.18 37.67
CA LYS Q 219 26.11 -64.62 37.08
C LYS Q 219 26.16 -66.13 37.27
N VAL Q 220 26.36 -66.86 36.18
CA VAL Q 220 26.32 -68.32 36.22
C VAL Q 220 27.58 -68.73 35.46
N ASP Q 221 28.41 -69.61 36.05
CA ASP Q 221 29.56 -70.18 35.35
C ASP Q 221 29.41 -71.67 35.03
N LYS Q 222 29.61 -71.98 33.80
CA LYS Q 222 29.58 -73.32 33.44
C LYS Q 222 30.97 -73.58 32.88
N ARG Q 223 31.41 -74.77 33.17
CA ARG Q 223 32.67 -75.29 32.71
C ARG Q 223 32.26 -76.40 31.74
N VAL Q 224 32.98 -76.58 30.65
CA VAL Q 224 32.56 -77.58 29.67
C VAL Q 224 33.51 -78.79 29.42
N GLU Q 225 32.99 -80.01 29.20
CA GLU Q 225 33.94 -81.11 28.90
C GLU Q 225 33.16 -82.34 28.36
N PRO Q 226 33.87 -83.31 27.77
CA PRO Q 226 33.27 -84.52 27.23
C PRO Q 226 32.10 -85.02 28.08
N LYS Q 227 31.10 -85.62 27.43
CA LYS Q 227 29.92 -86.11 28.12
C LYS Q 227 30.31 -87.06 29.26
N ASP R 1 11.60 -33.02 11.00
CA ASP R 1 10.44 -32.95 10.13
C ASP R 1 10.96 -33.03 8.67
N ILE R 2 12.25 -32.74 8.47
CA ILE R 2 12.91 -33.06 7.20
C ILE R 2 13.03 -34.58 7.08
N VAL R 3 12.52 -35.13 5.97
CA VAL R 3 12.50 -36.58 5.75
C VAL R 3 13.74 -36.93 4.94
N MET R 4 14.51 -37.89 5.44
CA MET R 4 15.74 -38.35 4.78
C MET R 4 15.43 -39.68 4.10
N THR R 5 15.60 -39.75 2.79
CA THR R 5 15.37 -40.94 1.98
C THR R 5 16.72 -41.49 1.52
N GLN R 6 17.11 -42.60 2.10
CA GLN R 6 18.37 -43.26 1.83
C GLN R 6 18.08 -44.41 0.86
N SER R 7 19.03 -44.69 -0.03
CA SER R 7 18.83 -45.84 -0.93
C SER R 7 20.19 -46.40 -1.36
N PRO R 8 20.29 -47.73 -1.51
CA PRO R 8 19.21 -48.70 -1.31
C PRO R 8 19.04 -48.98 0.18
N SER R 9 18.00 -49.71 0.58
CA SER R 9 17.85 -50.08 1.99
C SER R 9 18.89 -51.11 2.39
N SER R 10 19.38 -51.90 1.43
CA SER R 10 20.32 -52.99 1.69
C SER R 10 21.09 -53.23 0.41
N LEU R 11 22.34 -53.67 0.57
CA LEU R 11 23.12 -54.07 -0.59
C LEU R 11 24.14 -55.11 -0.15
N SER R 12 24.57 -55.92 -1.09
CA SER R 12 25.63 -56.90 -0.90
C SER R 12 26.73 -56.67 -1.92
N ALA R 13 27.99 -56.74 -1.47
CA ALA R 13 29.07 -56.50 -2.41
C ALA R 13 30.29 -57.31 -2.01
N SER R 14 31.13 -57.62 -2.99
CA SER R 14 32.31 -58.43 -2.69
C SER R 14 33.42 -57.58 -2.08
N ILE R 15 34.34 -58.25 -1.37
CA ILE R 15 35.53 -57.60 -0.83
C ILE R 15 36.36 -56.98 -1.95
N GLY R 16 36.78 -55.74 -1.75
CA GLY R 16 37.50 -54.99 -2.74
C GLY R 16 36.65 -54.14 -3.64
N ASP R 17 35.34 -54.40 -3.70
CA ASP R 17 34.42 -53.65 -4.54
C ASP R 17 34.16 -52.23 -3.98
N ARG R 18 33.75 -51.36 -4.90
CA ARG R 18 33.31 -49.99 -4.60
C ARG R 18 31.80 -49.93 -4.32
N VAL R 19 31.41 -49.43 -3.15
CA VAL R 19 30.01 -49.36 -2.73
C VAL R 19 29.56 -47.90 -2.61
N THR R 20 28.33 -47.60 -3.03
CA THR R 20 27.79 -46.24 -3.06
C THR R 20 26.41 -46.25 -2.42
N ILE R 21 26.18 -45.35 -1.47
CA ILE R 21 24.90 -45.20 -0.81
C ILE R 21 24.48 -43.75 -0.99
N THR R 22 23.21 -43.55 -1.35
CA THR R 22 22.72 -42.21 -1.63
C THR R 22 21.71 -41.78 -0.57
N CYS R 23 21.68 -40.46 -0.37
CA CYS R 23 20.73 -39.87 0.57
C CYS R 23 20.12 -38.64 -0.07
N ARG R 24 18.78 -38.57 -0.02
CA ARG R 24 18.06 -37.46 -0.61
C ARG R 24 17.13 -36.89 0.46
N PRO R 25 17.43 -35.72 0.99
CA PRO R 25 16.54 -35.06 1.91
C PRO R 25 15.33 -34.50 1.18
N SER R 26 14.30 -34.25 1.96
CA SER R 26 13.04 -33.71 1.46
C SER R 26 13.09 -32.22 1.20
N GLN R 27 14.16 -31.54 1.60
CA GLN R 27 14.40 -30.17 1.20
C GLN R 27 15.90 -29.93 1.16
N ASN R 28 16.30 -28.82 0.54
CA ASN R 28 17.71 -28.55 0.38
C ASN R 28 18.34 -28.29 1.75
N ILE R 29 19.44 -28.97 2.06
CA ILE R 29 20.06 -28.81 3.37
C ILE R 29 21.51 -28.37 3.25
N ARG R 30 21.91 -27.87 2.07
CA ARG R 30 23.27 -27.36 1.87
C ARG R 30 24.27 -28.46 2.23
N SER R 31 25.23 -28.24 3.13
CA SER R 31 26.17 -29.30 3.52
C SER R 31 25.90 -29.83 4.93
N PHE R 32 24.72 -29.55 5.49
CA PHE R 32 24.49 -29.93 6.87
C PHE R 32 24.00 -31.38 6.88
N LEU R 33 24.93 -32.29 6.62
CA LEU R 33 24.61 -33.70 6.48
C LEU R 33 25.79 -34.51 6.99
N ASN R 34 25.50 -35.47 7.87
CA ASN R 34 26.46 -36.37 8.48
C ASN R 34 26.12 -37.82 8.13
N TRP R 35 27.13 -38.68 8.17
CA TRP R 35 26.99 -40.12 7.91
C TRP R 35 27.50 -40.89 9.11
N PHE R 36 26.70 -41.86 9.57
CA PHE R 36 27.03 -42.67 10.73
C PHE R 36 27.17 -44.12 10.28
N GLN R 37 28.02 -44.86 10.98
CA GLN R 37 28.19 -46.29 10.79
C GLN R 37 27.79 -47.00 12.07
N HIS R 38 27.03 -48.08 11.97
CA HIS R 38 26.63 -48.82 13.16
C HIS R 38 26.88 -50.32 12.96
N LYS R 39 27.94 -50.81 13.53
CA LYS R 39 28.34 -52.21 13.62
C LYS R 39 27.68 -52.89 14.80
N PRO R 40 27.37 -54.20 14.63
CA PRO R 40 26.56 -54.93 15.62
C PRO R 40 27.19 -54.85 16.99
N GLY R 41 26.38 -54.43 17.95
CA GLY R 41 26.73 -54.31 19.33
C GLY R 41 27.70 -53.19 19.67
N LYS R 42 28.15 -52.38 18.71
CA LYS R 42 29.00 -51.25 19.04
C LYS R 42 28.20 -49.95 18.96
N ALA R 43 28.80 -48.93 19.55
CA ALA R 43 28.26 -47.58 19.50
C ALA R 43 28.24 -47.09 18.05
N PRO R 44 27.14 -46.51 17.60
CA PRO R 44 27.17 -45.79 16.32
C PRO R 44 28.32 -44.77 16.31
N LYS R 45 28.97 -44.67 15.15
CA LYS R 45 30.18 -43.88 14.94
C LYS R 45 29.94 -42.85 13.84
N LEU R 46 30.29 -41.61 14.11
CA LEU R 46 30.22 -40.60 13.06
C LEU R 46 31.38 -40.85 12.11
N LEU R 47 31.08 -41.10 10.84
CA LEU R 47 32.13 -41.32 9.85
C LEU R 47 32.51 -40.06 9.10
N ILE R 48 31.50 -39.35 8.65
CA ILE R 48 31.65 -38.19 7.78
C ILE R 48 30.81 -37.12 8.40
N TYR R 49 31.40 -35.92 8.49
CA TYR R 49 30.69 -34.78 8.98
C TYR R 49 30.71 -33.71 7.94
N ALA R 50 29.64 -32.95 7.91
CA ALA R 50 29.44 -31.87 6.98
C ALA R 50 29.76 -32.32 5.56
N ALA R 51 29.04 -33.36 5.17
CA ALA R 51 29.07 -33.99 3.88
C ALA R 51 30.34 -34.63 3.40
N SER R 52 31.48 -34.11 3.78
CA SER R 52 32.68 -34.74 3.21
C SER R 52 33.86 -34.91 4.16
N ASN R 53 33.74 -34.55 5.43
CA ASN R 53 34.91 -34.59 6.31
C ASN R 53 35.02 -35.89 7.06
N LEU R 54 36.08 -36.63 6.75
CA LEU R 54 36.41 -37.89 7.41
C LEU R 54 36.83 -37.68 8.87
N GLN R 55 36.17 -38.41 9.76
CA GLN R 55 36.41 -38.44 11.20
C GLN R 55 37.67 -39.22 11.55
N SER R 56 38.22 -38.93 12.72
CA SER R 56 39.45 -39.55 13.15
C SER R 56 39.31 -41.06 13.25
N GLY R 57 40.31 -41.77 12.74
CA GLY R 57 40.28 -43.20 12.75
C GLY R 57 39.53 -43.83 11.60
N VAL R 58 38.84 -43.04 10.78
CA VAL R 58 38.11 -43.63 9.67
C VAL R 58 39.06 -43.82 8.50
N PRO R 59 39.09 -45.00 7.89
CA PRO R 59 39.99 -45.25 6.76
C PRO R 59 39.65 -44.41 5.53
N SER R 60 40.69 -44.05 4.79
CA SER R 60 40.47 -43.14 3.67
C SER R 60 39.71 -43.80 2.51
N ARG R 61 39.43 -45.11 2.56
CA ARG R 61 38.55 -45.67 1.54
C ARG R 61 37.11 -45.14 1.61
N PHE R 62 36.73 -44.49 2.72
CA PHE R 62 35.41 -43.88 2.93
C PHE R 62 35.44 -42.42 2.50
N SER R 63 34.46 -42.00 1.67
CA SER R 63 34.41 -40.60 1.23
C SER R 63 32.96 -40.17 1.08
N GLY R 64 32.67 -38.92 1.43
CA GLY R 64 31.34 -38.37 1.32
C GLY R 64 31.37 -37.25 0.30
N SER R 65 30.29 -37.11 -0.45
CA SER R 65 30.22 -36.06 -1.47
C SER R 65 28.79 -35.59 -1.60
N GLY R 66 28.61 -34.49 -2.32
CA GLY R 66 27.30 -33.95 -2.61
C GLY R 66 26.96 -32.79 -1.70
N SER R 67 25.86 -32.12 -2.06
CA SER R 67 25.29 -31.02 -1.29
C SER R 67 23.91 -30.70 -1.83
N GLY R 68 23.14 -30.00 -1.01
CA GLY R 68 21.84 -29.58 -1.48
C GLY R 68 20.80 -30.64 -1.23
N THR R 69 20.47 -31.42 -2.26
CA THR R 69 19.47 -32.45 -2.05
C THR R 69 19.94 -33.83 -2.46
N GLU R 70 21.22 -34.02 -2.74
CA GLU R 70 21.66 -35.38 -3.04
C GLU R 70 23.06 -35.56 -2.49
N PHE R 71 23.24 -36.60 -1.68
CA PHE R 71 24.50 -36.92 -1.02
C PHE R 71 24.86 -38.38 -1.23
N THR R 72 26.16 -38.63 -1.30
CA THR R 72 26.68 -39.96 -1.53
C THR R 72 27.77 -40.32 -0.54
N LEU R 73 27.63 -41.46 0.10
CA LEU R 73 28.72 -42.11 0.83
C LEU R 73 29.32 -43.18 -0.09
N THR R 74 30.62 -43.13 -0.33
CA THR R 74 31.27 -44.18 -1.13
C THR R 74 32.18 -44.97 -0.21
N ILE R 75 32.14 -46.29 -0.29
CA ILE R 75 33.20 -47.12 0.30
C ILE R 75 34.01 -47.74 -0.83
N ARG R 76 35.25 -47.27 -1.07
CA ARG R 76 35.94 -47.64 -2.33
C ARG R 76 36.47 -49.07 -2.41
N SER R 77 36.81 -49.75 -1.32
CA SER R 77 37.17 -51.15 -1.55
C SER R 77 36.80 -51.83 -0.24
N LEU R 78 35.63 -52.43 -0.30
CA LEU R 78 34.95 -53.01 0.84
C LEU R 78 35.80 -54.05 1.52
N GLN R 79 35.86 -53.95 2.83
CA GLN R 79 36.54 -54.88 3.72
C GLN R 79 35.53 -55.56 4.63
N PRO R 80 35.85 -56.74 5.14
CA PRO R 80 34.87 -57.45 5.99
C PRO R 80 34.43 -56.63 7.19
N GLU R 81 35.33 -55.83 7.76
CA GLU R 81 34.94 -55.04 8.91
C GLU R 81 33.96 -53.93 8.54
N ASP R 82 33.69 -53.70 7.26
CA ASP R 82 32.75 -52.66 6.91
C ASP R 82 31.31 -53.15 6.97
N PHE R 83 31.08 -54.41 7.30
CA PHE R 83 29.71 -54.86 7.54
C PHE R 83 29.08 -54.00 8.64
N ALA R 84 27.96 -53.37 8.33
CA ALA R 84 27.37 -52.43 9.27
C ALA R 84 26.10 -51.90 8.64
N THR R 85 25.33 -51.14 9.43
CA THR R 85 24.24 -50.34 8.88
C THR R 85 24.68 -48.88 8.90
N TYR R 86 24.53 -48.20 7.75
CA TYR R 86 24.96 -46.81 7.58
C TYR R 86 23.73 -45.93 7.54
N TYR R 87 23.82 -44.74 8.14
CA TYR R 87 22.73 -43.77 8.21
C TYR R 87 23.24 -42.41 7.82
N CYS R 88 22.44 -41.68 7.06
CA CYS R 88 22.65 -40.24 6.90
C CYS R 88 21.86 -39.49 7.97
N GLN R 89 22.30 -38.27 8.28
CA GLN R 89 21.64 -37.49 9.33
C GLN R 89 21.74 -36.03 8.98
N GLN R 90 20.59 -35.36 8.87
CA GLN R 90 20.61 -33.94 8.62
C GLN R 90 20.72 -33.11 9.90
N SER R 91 21.53 -32.05 9.85
CA SER R 91 21.78 -31.17 10.98
C SER R 91 21.37 -29.74 10.63
N TYR R 92 20.44 -29.62 9.70
CA TYR R 92 20.00 -28.36 9.12
C TYR R 92 18.90 -27.69 9.93
N ASN R 93 17.89 -28.44 10.39
CA ASN R 93 17.04 -27.82 11.36
C ASN R 93 16.55 -28.81 12.39
N THR R 94 15.99 -28.41 13.38
CA THR R 94 15.58 -29.31 14.46
C THR R 94 14.17 -29.83 14.16
N PRO R 95 13.89 -31.09 14.53
CA PRO R 95 14.84 -32.03 15.16
C PRO R 95 15.76 -32.65 14.11
N PRO R 96 17.02 -32.90 14.46
CA PRO R 96 17.87 -33.74 13.62
C PRO R 96 17.12 -35.00 13.22
N THR R 97 17.25 -35.41 11.96
CA THR R 97 16.56 -36.62 11.51
C THR R 97 17.52 -37.50 10.74
N PHE R 98 17.25 -38.81 10.74
CA PHE R 98 18.12 -39.83 10.17
C PHE R 98 17.43 -40.50 8.99
N GLY R 99 18.23 -40.93 8.02
CA GLY R 99 17.76 -41.88 7.03
C GLY R 99 17.37 -43.21 7.65
N GLN R 100 16.60 -44.01 6.91
CA GLN R 100 16.17 -45.29 7.48
C GLN R 100 17.28 -46.33 7.52
N GLY R 101 18.43 -46.06 6.92
CA GLY R 101 19.61 -46.89 7.08
C GLY R 101 19.85 -47.75 5.85
N THR R 102 21.11 -48.11 5.62
CA THR R 102 21.48 -49.03 4.56
C THR R 102 22.34 -50.13 5.16
N LYS R 103 21.84 -51.36 5.11
CA LYS R 103 22.60 -52.51 5.59
C LYS R 103 23.56 -53.01 4.52
N VAL R 104 24.86 -52.95 4.79
CA VAL R 104 25.87 -53.42 3.84
C VAL R 104 26.31 -54.82 4.24
N GLU R 105 26.11 -55.80 3.35
CA GLU R 105 26.53 -57.16 3.61
C GLU R 105 27.66 -57.54 2.67
N ILE R 106 28.55 -58.40 3.14
CA ILE R 106 29.71 -58.79 2.35
C ILE R 106 29.43 -60.10 1.63
N LYS R 107 29.71 -60.13 0.34
CA LYS R 107 29.68 -61.37 -0.43
C LYS R 107 31.08 -61.98 -0.35
N ARG R 108 31.16 -63.28 -0.08
CA ARG R 108 32.41 -63.98 -0.01
C ARG R 108 32.19 -65.36 -0.63
N THR R 109 33.23 -66.20 -0.62
CA THR R 109 33.14 -67.55 -1.17
C THR R 109 32.23 -68.41 -0.29
N VAL R 110 31.67 -69.46 -0.90
CA VAL R 110 30.83 -70.38 -0.17
C VAL R 110 31.65 -71.06 0.93
N ALA R 111 31.05 -71.17 2.11
CA ALA R 111 31.67 -71.85 3.24
C ALA R 111 30.63 -72.78 3.86
N ALA R 112 30.91 -74.08 3.86
CA ALA R 112 29.99 -75.04 4.42
C ALA R 112 29.96 -74.89 5.93
N PRO R 113 28.81 -75.13 6.57
CA PRO R 113 28.79 -75.04 8.04
C PRO R 113 29.43 -76.27 8.65
N SER R 114 30.04 -76.07 9.82
CA SER R 114 30.37 -77.16 10.71
C SER R 114 29.17 -77.41 11.61
N VAL R 115 28.84 -78.68 11.81
CA VAL R 115 27.60 -78.99 12.48
C VAL R 115 27.89 -79.70 13.80
N PHE R 116 27.17 -79.30 14.84
CA PHE R 116 27.32 -79.94 16.13
C PHE R 116 25.93 -80.10 16.72
N ILE R 117 25.73 -81.20 17.43
CA ILE R 117 24.48 -81.46 18.11
C ILE R 117 24.77 -81.68 19.59
N PHE R 118 23.90 -81.14 20.44
CA PHE R 118 24.07 -81.19 21.88
C PHE R 118 22.80 -81.79 22.47
N PRO R 119 22.90 -82.85 23.27
CA PRO R 119 21.69 -83.38 23.93
C PRO R 119 21.29 -82.49 25.09
N PRO R 120 20.06 -82.57 25.59
CA PRO R 120 19.73 -81.79 26.78
C PRO R 120 20.51 -82.28 27.99
N SER R 121 20.91 -81.33 28.83
CA SER R 121 21.59 -81.69 30.07
C SER R 121 20.59 -82.30 31.04
N ASP R 122 21.09 -83.21 31.88
CA ASP R 122 20.24 -83.83 32.90
C ASP R 122 19.65 -82.82 33.87
N GLU R 123 20.38 -81.75 34.15
CA GLU R 123 19.85 -80.74 35.04
C GLU R 123 18.55 -80.14 34.52
N GLN R 124 18.45 -79.87 33.21
CA GLN R 124 17.22 -79.33 32.67
C GLN R 124 16.08 -80.34 32.69
N LEU R 125 16.38 -81.62 32.45
CA LEU R 125 15.29 -82.59 32.40
C LEU R 125 14.49 -82.60 33.72
N LYS R 126 15.12 -82.35 34.86
CA LYS R 126 14.33 -82.23 36.09
C LYS R 126 13.28 -81.13 36.04
N SER R 127 13.39 -80.22 35.07
CA SER R 127 12.40 -79.17 34.90
C SER R 127 11.20 -79.59 34.08
N GLY R 128 11.23 -80.78 33.48
CA GLY R 128 10.12 -81.22 32.67
C GLY R 128 10.24 -80.87 31.21
N THR R 129 11.35 -80.24 30.82
CA THR R 129 11.59 -79.84 29.45
C THR R 129 12.96 -80.33 29.00
N ALA R 130 13.04 -80.69 27.72
CA ALA R 130 14.26 -81.13 27.09
C ALA R 130 14.53 -80.20 25.91
N SER R 131 15.66 -79.52 25.91
CA SER R 131 16.08 -78.71 24.78
C SER R 131 17.23 -79.42 24.06
N VAL R 132 17.08 -79.62 22.76
CA VAL R 132 18.12 -80.20 21.94
C VAL R 132 18.59 -79.10 21.00
N VAL R 133 19.90 -78.86 20.96
CA VAL R 133 20.47 -77.75 20.22
C VAL R 133 21.35 -78.30 19.12
N CYS R 134 21.21 -77.69 17.95
CA CYS R 134 22.07 -77.94 16.80
C CYS R 134 22.77 -76.64 16.43
N LEU R 135 24.08 -76.72 16.23
CA LEU R 135 24.92 -75.57 15.92
C LEU R 135 25.41 -75.74 14.50
N LEU R 136 25.23 -74.70 13.69
CA LEU R 136 25.83 -74.59 12.38
C LEU R 136 26.80 -73.44 12.43
N ASN R 137 28.08 -73.73 12.24
CA ASN R 137 29.14 -72.77 12.57
C ASN R 137 29.83 -72.28 11.31
N ASN R 138 29.87 -70.95 11.15
CA ASN R 138 30.76 -70.28 10.20
C ASN R 138 30.47 -70.68 8.74
N PHE R 139 29.27 -70.32 8.28
CA PHE R 139 28.94 -70.70 6.92
C PHE R 139 28.61 -69.45 6.12
N TYR R 140 28.59 -69.62 4.79
CA TYR R 140 28.17 -68.58 3.85
C TYR R 140 27.70 -69.32 2.60
N PRO R 141 26.57 -68.91 2.01
CA PRO R 141 25.64 -67.81 2.30
C PRO R 141 24.70 -68.18 3.44
N ARG R 142 23.76 -67.26 3.74
CA ARG R 142 22.92 -67.33 4.93
C ARG R 142 21.96 -68.54 4.91
N GLU R 143 21.50 -69.03 3.77
CA GLU R 143 20.57 -70.16 3.88
C GLU R 143 21.16 -71.43 4.35
N ALA R 144 20.54 -71.96 5.33
CA ALA R 144 21.00 -73.25 5.73
C ALA R 144 19.63 -73.58 6.22
N LYS R 145 19.25 -74.80 5.98
CA LYS R 145 18.01 -75.38 6.41
C LYS R 145 18.31 -76.45 7.43
N VAL R 146 17.61 -76.44 8.53
CA VAL R 146 17.85 -77.41 9.58
C VAL R 146 16.55 -78.15 9.79
N GLN R 147 16.61 -79.46 9.57
CA GLN R 147 15.48 -80.34 9.73
C GLN R 147 15.82 -81.22 10.93
N TRP R 148 14.89 -81.32 11.86
CA TRP R 148 15.01 -82.21 13.01
C TRP R 148 14.33 -83.54 12.73
N LYS R 149 14.95 -84.62 13.17
CA LYS R 149 14.35 -85.93 13.03
C LYS R 149 14.50 -86.68 14.34
N VAL R 150 13.40 -87.21 14.84
CA VAL R 150 13.39 -88.00 16.08
C VAL R 150 12.87 -89.40 15.71
N ASP R 151 13.71 -90.41 15.85
CA ASP R 151 13.41 -91.75 15.31
C ASP R 151 12.88 -91.70 13.87
N ASN R 152 13.48 -90.82 13.06
CA ASN R 152 13.26 -90.59 11.63
C ASN R 152 11.92 -89.97 11.28
N ALA R 153 11.17 -89.49 12.26
CA ALA R 153 9.97 -88.71 11.96
C ALA R 153 10.37 -87.24 11.89
N LEU R 154 10.04 -86.58 10.79
CA LEU R 154 10.38 -85.17 10.64
C LEU R 154 9.55 -84.39 11.64
N GLN R 155 10.19 -83.45 12.32
CA GLN R 155 9.54 -82.59 13.27
C GLN R 155 9.13 -81.30 12.60
N SER R 156 8.05 -80.70 13.08
CA SER R 156 7.68 -79.36 12.64
C SER R 156 6.98 -78.68 13.80
N GLY R 157 7.22 -77.38 13.96
CA GLY R 157 6.51 -76.60 14.94
C GLY R 157 7.08 -76.63 16.33
N ASN R 158 8.11 -77.44 16.58
CA ASN R 158 8.62 -77.55 17.94
C ASN R 158 10.10 -77.17 18.00
N SER R 159 10.55 -76.33 17.07
CA SER R 159 11.92 -75.81 17.07
C SER R 159 11.95 -74.34 16.69
N GLN R 160 12.98 -73.63 17.15
CA GLN R 160 13.25 -72.25 16.78
C GLN R 160 14.71 -72.05 16.40
N GLU R 161 14.94 -71.16 15.43
CA GLU R 161 16.28 -70.86 14.96
C GLU R 161 16.71 -69.45 15.36
N SER R 162 18.02 -69.27 15.40
CA SER R 162 18.59 -67.94 15.62
C SER R 162 19.88 -67.89 14.81
N VAL R 163 20.14 -66.75 14.15
CA VAL R 163 21.31 -66.59 13.30
C VAL R 163 22.08 -65.36 13.74
N THR R 164 23.39 -65.49 13.82
CA THR R 164 24.21 -64.34 14.13
C THR R 164 24.26 -63.40 12.94
N GLU R 165 24.58 -62.13 13.22
CA GLU R 165 24.95 -61.21 12.14
C GLU R 165 26.28 -61.64 11.52
N GLN R 166 26.52 -61.17 10.31
CA GLN R 166 27.74 -61.52 9.59
C GLN R 166 28.99 -61.12 10.36
N ASP R 167 29.93 -62.07 10.43
CA ASP R 167 31.16 -61.88 11.19
C ASP R 167 32.04 -60.80 10.59
N SER R 168 32.63 -59.96 11.47
CA SER R 168 33.36 -58.78 11.03
C SER R 168 34.75 -59.13 10.49
N LYS R 169 35.21 -60.36 10.66
CA LYS R 169 36.50 -60.77 10.13
C LYS R 169 36.38 -61.73 8.96
N ASP R 170 35.60 -62.80 9.09
CA ASP R 170 35.48 -63.77 7.99
C ASP R 170 34.16 -63.70 7.24
N SER R 171 33.26 -62.78 7.61
CA SER R 171 32.02 -62.55 6.88
C SER R 171 31.09 -63.78 6.81
N THR R 172 31.20 -64.69 7.77
CA THR R 172 30.35 -65.88 7.82
C THR R 172 29.20 -65.62 8.79
N TYR R 173 28.27 -66.57 8.79
CA TYR R 173 27.15 -66.59 9.72
C TYR R 173 27.28 -67.87 10.52
N SER R 174 26.66 -67.86 11.69
CA SER R 174 26.42 -69.08 12.45
C SER R 174 24.95 -69.13 12.86
N LEU R 175 24.45 -70.35 13.12
CA LEU R 175 23.04 -70.55 13.36
C LEU R 175 22.86 -71.62 14.41
N SER R 176 21.95 -71.35 15.34
CA SER R 176 21.55 -72.35 16.31
C SER R 176 20.09 -72.67 16.05
N SER R 177 19.75 -73.94 16.14
CA SER R 177 18.38 -74.43 16.16
C SER R 177 18.14 -75.24 17.41
N THR R 178 17.04 -74.97 18.10
CA THR R 178 16.75 -75.59 19.39
C THR R 178 15.42 -76.34 19.26
N LEU R 179 15.46 -77.65 19.47
CA LEU R 179 14.27 -78.48 19.42
C LEU R 179 13.82 -78.65 20.87
N THR R 180 12.58 -78.28 21.16
CA THR R 180 12.06 -78.33 22.52
C THR R 180 10.95 -79.36 22.66
N LEU R 181 11.11 -80.25 23.62
CA LEU R 181 10.14 -81.31 23.86
C LEU R 181 9.90 -81.37 25.35
N SER R 182 8.72 -81.83 25.74
CA SER R 182 8.58 -82.18 27.13
C SER R 182 9.49 -83.36 27.41
N LYS R 183 9.98 -83.43 28.64
CA LYS R 183 10.75 -84.60 29.04
C LYS R 183 10.00 -85.89 28.78
N ALA R 184 8.68 -85.91 29.05
CA ALA R 184 7.91 -87.14 28.84
C ALA R 184 7.97 -87.61 27.38
N ASP R 185 7.75 -86.71 26.41
CA ASP R 185 7.90 -87.12 25.00
C ASP R 185 9.35 -87.43 24.65
N TYR R 186 10.30 -86.70 25.25
CA TYR R 186 11.71 -86.92 24.93
C TYR R 186 12.16 -88.35 25.27
N GLU R 187 11.72 -88.89 26.41
CA GLU R 187 12.17 -90.23 26.77
C GLU R 187 11.40 -91.35 26.03
N LYS R 188 10.31 -91.01 25.32
CA LYS R 188 9.55 -92.01 24.58
C LYS R 188 10.21 -92.33 23.25
N HIS R 189 11.22 -91.58 22.86
CA HIS R 189 11.85 -91.76 21.56
C HIS R 189 13.35 -91.85 21.79
N LYS R 190 14.05 -92.33 20.78
CA LYS R 190 15.45 -92.69 20.92
C LYS R 190 16.43 -91.85 20.13
N VAL R 191 16.29 -91.76 18.81
CA VAL R 191 17.34 -91.21 17.95
C VAL R 191 17.00 -89.76 17.68
N TYR R 192 17.95 -88.88 17.97
CA TYR R 192 17.76 -87.45 17.78
C TYR R 192 18.77 -86.97 16.76
N ALA R 193 18.28 -86.31 15.70
CA ALA R 193 19.15 -85.99 14.58
C ALA R 193 18.81 -84.59 14.08
N CYS R 194 19.87 -83.87 13.69
CA CYS R 194 19.78 -82.57 13.04
C CYS R 194 20.33 -82.75 11.63
N GLU R 195 19.52 -82.42 10.62
CA GLU R 195 19.87 -82.55 9.21
C GLU R 195 19.95 -81.18 8.55
N VAL R 196 21.10 -80.88 7.93
CA VAL R 196 21.46 -79.55 7.45
C VAL R 196 21.59 -79.58 5.94
N THR R 197 20.87 -78.70 5.27
CA THR R 197 20.98 -78.57 3.81
C THR R 197 21.53 -77.18 3.53
N HIS R 198 22.57 -77.08 2.70
CA HIS R 198 23.24 -75.79 2.44
C HIS R 198 24.07 -75.84 1.16
N GLN R 199 24.19 -74.68 0.49
CA GLN R 199 24.90 -74.60 -0.78
C GLN R 199 26.34 -75.13 -0.64
N GLY R 200 26.96 -75.01 0.54
CA GLY R 200 28.31 -75.56 0.69
C GLY R 200 28.47 -77.06 0.93
N LEU R 201 27.36 -77.78 1.06
CA LEU R 201 27.33 -79.23 1.31
C LEU R 201 26.82 -79.85 0.02
N SER R 202 27.59 -80.79 -0.55
CA SER R 202 27.12 -81.38 -1.80
C SER R 202 25.85 -82.21 -1.61
N SER R 203 25.65 -82.78 -0.43
CA SER R 203 24.38 -83.41 -0.03
C SER R 203 24.21 -83.10 1.45
N PRO R 204 22.99 -83.24 1.98
CA PRO R 204 22.80 -82.84 3.39
C PRO R 204 23.64 -83.65 4.39
N VAL R 205 24.03 -82.95 5.45
CA VAL R 205 24.82 -83.47 6.57
C VAL R 205 23.95 -83.70 7.81
N THR R 206 24.05 -84.88 8.41
CA THR R 206 23.31 -85.22 9.61
C THR R 206 24.24 -85.49 10.80
N LYS R 207 23.98 -84.79 11.91
CA LYS R 207 24.60 -85.10 13.18
C LYS R 207 23.54 -85.66 14.10
N SER R 208 23.87 -86.69 14.86
CA SER R 208 22.83 -87.30 15.67
C SER R 208 23.44 -87.82 16.97
N PHE R 209 22.58 -88.08 17.94
CA PHE R 209 22.99 -88.81 19.13
C PHE R 209 21.91 -89.78 19.55
N ASN R 210 22.34 -90.76 20.35
CA ASN R 210 21.40 -91.68 20.99
C ASN R 210 21.13 -91.33 22.45
N ARG R 211 19.84 -91.07 22.75
CA ARG R 211 19.42 -90.79 24.12
C ARG R 211 19.83 -91.89 25.06
N GLY R 212 20.57 -91.51 26.09
CA GLY R 212 21.01 -92.41 27.12
C GLY R 212 22.23 -93.23 26.76
N GLU R 213 23.12 -92.72 25.92
CA GLU R 213 24.40 -93.35 25.58
C GLU R 213 25.54 -92.33 25.69
#